data_2H12
#
_entry.id   2H12
#
_cell.length_a   170.660
_cell.length_b   125.690
_cell.length_c   150.590
_cell.angle_alpha   90.00
_cell.angle_beta   90.00
_cell.angle_gamma   90.00
#
_symmetry.space_group_name_H-M   'P 21 21 21'
#
loop_
_entity.id
_entity.type
_entity.pdbx_description
1 polymer 'Citrate synthase'
2 non-polymer 'OXALOACETATE ION'
3 non-polymer 'SULFATE ION'
4 non-polymer 'CARBOXYMETHYLDETHIA COENZYME *A'
5 water water
#
_entity_poly.entity_id   1
_entity_poly.type   'polypeptide(L)'
_entity_poly.pdbx_seq_one_letter_code
;MSASQKEGKLSTATISVDGKSAEMPVLSGTLGPDVIDIRKLPAQLGVFTFDPGYGETAACNSKITFIDGDKGVLLHRGYP
IAQLAENASYEEVIYLLLNGELPNKAQYDTFTNTLTNHTLLHEQIRNFFNGFRRDAHPMAILCGTVGALSAFYPDANDIA
IPANRDLAAMRLIAKIPTIAAWAYKYTQGEAFIYPRNDLNYAENFLSMMFARMSEPYKVNPVLARAMNRILILHADHEQN
ASTSTVRLAGSTGANPFACIAAGIAALWGPAHGGANEAVLKMLARIGKKENIPAFIAQVKDKNSGVKLMGFGHRVYKNFD
PRAKIMQQTCHEVLTELGIKDDPLLDLAVELEKIALSDDYFVQRKLYPNVDFYSGIILKAMGIPTSMFTVLFAVARTTGW
VSQWKEMIEEPGQRISRPRQLYIGAPQRDYVPLAKR
;
_entity_poly.pdbx_strand_id   A,B,C,D,E,F
#
loop_
_chem_comp.id
_chem_comp.type
_chem_comp.name
_chem_comp.formula
CMX non-polymer 'CARBOXYMETHYLDETHIA COENZYME *A' 'C23 H38 N7 O18 P3'
OAA non-polymer 'OXALOACETATE ION' 'C4 H3 O5 -1'
SO4 non-polymer 'SULFATE ION' 'O4 S -2'
#
# COMPACT_ATOMS: atom_id res chain seq x y z
N SER A 11 3.94 17.45 -63.71
CA SER A 11 5.29 18.01 -64.06
C SER A 11 6.35 17.38 -63.17
N THR A 12 7.62 17.57 -63.53
CA THR A 12 8.72 16.99 -62.77
C THR A 12 9.87 17.95 -62.49
N ALA A 13 10.75 17.54 -61.59
CA ALA A 13 11.91 18.33 -61.24
C ALA A 13 13.07 17.48 -61.73
N THR A 14 14.19 18.10 -62.00
CA THR A 14 15.34 17.36 -62.46
C THR A 14 16.46 17.45 -61.44
N ILE A 15 17.07 16.32 -61.11
CA ILE A 15 18.18 16.36 -60.19
C ILE A 15 19.35 15.79 -60.95
N SER A 16 20.44 16.54 -60.98
CA SER A 16 21.65 16.12 -61.67
C SER A 16 22.76 16.01 -60.67
N VAL A 17 23.46 14.89 -60.66
CA VAL A 17 24.59 14.75 -59.76
C VAL A 17 25.67 13.85 -60.32
N ASP A 18 26.89 14.35 -60.22
CA ASP A 18 28.09 13.70 -60.70
C ASP A 18 27.89 12.90 -62.00
N GLY A 19 27.62 13.64 -63.08
CA GLY A 19 27.42 13.04 -64.40
C GLY A 19 26.00 12.66 -64.79
N LYS A 20 25.25 12.10 -63.83
CA LYS A 20 23.88 11.64 -64.07
C LYS A 20 22.71 12.59 -63.76
N SER A 21 21.61 12.38 -64.48
CA SER A 21 20.40 13.20 -64.33
C SER A 21 19.14 12.32 -64.23
N ALA A 22 18.20 12.73 -63.38
CA ALA A 22 16.95 11.98 -63.22
C ALA A 22 15.76 12.88 -62.92
N GLU A 23 14.59 12.42 -63.32
CA GLU A 23 13.35 13.17 -63.12
C GLU A 23 12.63 12.71 -61.85
N MET A 24 12.10 13.67 -61.10
CA MET A 24 11.38 13.43 -59.85
C MET A 24 9.98 14.00 -60.00
N PRO A 25 8.96 13.25 -59.58
CA PRO A 25 7.61 13.80 -59.69
C PRO A 25 7.47 15.03 -58.82
N VAL A 26 6.67 15.98 -59.25
CA VAL A 26 6.43 17.17 -58.46
C VAL A 26 4.96 17.08 -58.07
N LEU A 27 4.72 17.16 -56.77
CA LEU A 27 3.38 17.06 -56.22
C LEU A 27 2.90 18.41 -55.71
N SER A 28 1.61 18.68 -55.91
CA SER A 28 1.02 19.92 -55.46
C SER A 28 -0.13 19.58 -54.53
N GLY A 29 -0.44 20.48 -53.62
CA GLY A 29 -1.51 20.24 -52.68
C GLY A 29 -2.60 21.29 -52.78
N THR A 30 -3.45 21.34 -51.75
CA THR A 30 -4.54 22.30 -51.70
C THR A 30 -3.97 23.70 -51.53
N LEU A 31 -2.98 23.81 -50.65
CA LEU A 31 -2.30 25.07 -50.35
C LEU A 31 -0.86 24.73 -49.96
N GLY A 32 0.03 25.72 -49.94
CA GLY A 32 1.39 25.45 -49.55
C GLY A 32 2.33 25.12 -50.71
N PRO A 33 3.64 25.07 -50.47
CA PRO A 33 4.64 24.77 -51.50
C PRO A 33 4.49 23.40 -52.16
N ASP A 34 4.91 23.32 -53.42
CA ASP A 34 4.88 22.06 -54.15
C ASP A 34 6.04 21.29 -53.53
N VAL A 35 6.07 19.98 -53.72
CA VAL A 35 7.14 19.16 -53.19
C VAL A 35 7.71 18.21 -54.26
N ILE A 36 8.99 17.87 -54.13
CA ILE A 36 9.67 16.98 -55.08
C ILE A 36 9.74 15.58 -54.49
N ASP A 37 9.10 14.62 -55.16
CA ASP A 37 9.08 13.22 -54.71
C ASP A 37 10.43 12.55 -54.94
N ILE A 38 11.14 12.27 -53.84
CA ILE A 38 12.46 11.64 -53.93
C ILE A 38 12.47 10.18 -53.48
N ARG A 39 11.33 9.53 -53.45
CA ARG A 39 11.29 8.14 -53.01
C ARG A 39 12.09 7.18 -53.87
N LYS A 40 12.38 7.57 -55.12
CA LYS A 40 13.16 6.70 -56.00
C LYS A 40 14.58 7.23 -56.25
N LEU A 41 14.95 8.29 -55.53
CA LEU A 41 16.27 8.91 -55.67
C LEU A 41 17.49 7.97 -55.57
N PRO A 42 17.52 7.06 -54.59
CA PRO A 42 18.67 6.15 -54.48
C PRO A 42 18.79 5.25 -55.69
N ALA A 43 17.67 4.73 -56.16
CA ALA A 43 17.69 3.86 -57.32
C ALA A 43 18.12 4.63 -58.55
N GLN A 44 17.63 5.87 -58.67
CA GLN A 44 17.92 6.75 -59.80
C GLN A 44 19.30 7.38 -59.86
N LEU A 45 19.79 7.89 -58.73
CA LEU A 45 21.08 8.56 -58.73
C LEU A 45 22.13 8.09 -57.71
N GLY A 46 21.78 7.08 -56.92
CA GLY A 46 22.72 6.54 -55.94
C GLY A 46 23.08 7.43 -54.74
N VAL A 47 22.27 8.43 -54.44
CA VAL A 47 22.51 9.31 -53.30
C VAL A 47 21.23 9.49 -52.48
N PHE A 48 21.36 10.11 -51.31
CA PHE A 48 20.23 10.40 -50.43
C PHE A 48 20.31 11.91 -50.34
N THR A 49 19.29 12.54 -49.77
CA THR A 49 19.36 13.97 -49.59
C THR A 49 19.93 14.04 -48.19
N PHE A 50 20.33 15.23 -47.75
CA PHE A 50 20.88 15.42 -46.41
C PHE A 50 20.08 16.57 -45.83
N ASP A 51 19.31 16.30 -44.78
CA ASP A 51 18.48 17.34 -44.21
C ASP A 51 18.31 17.25 -42.69
N PRO A 52 19.40 17.43 -41.94
CA PRO A 52 19.28 17.35 -40.48
C PRO A 52 18.28 18.41 -40.03
N GLY A 53 17.35 18.03 -39.16
CA GLY A 53 16.34 18.97 -38.71
C GLY A 53 15.03 18.76 -39.45
N TYR A 54 15.13 18.12 -40.61
CA TYR A 54 13.98 17.82 -41.49
C TYR A 54 13.15 19.03 -41.94
N GLY A 55 13.64 20.24 -41.70
CA GLY A 55 12.89 21.43 -42.07
C GLY A 55 12.57 21.66 -43.56
N GLU A 56 13.27 20.92 -44.42
CA GLU A 56 13.10 21.04 -45.85
C GLU A 56 12.53 19.75 -46.47
N THR A 57 12.03 18.85 -45.62
CA THR A 57 11.48 17.57 -46.05
C THR A 57 10.01 17.37 -45.63
N ALA A 58 9.12 17.16 -46.60
CA ALA A 58 7.72 16.91 -46.27
C ALA A 58 7.65 15.41 -45.97
N ALA A 59 7.23 15.11 -44.75
CA ALA A 59 7.15 13.74 -44.24
C ALA A 59 5.88 12.97 -44.55
N CYS A 60 4.82 13.68 -44.94
CA CYS A 60 3.57 13.02 -45.20
C CYS A 60 2.60 13.93 -45.91
N ASN A 61 1.48 13.35 -46.31
CA ASN A 61 0.39 14.08 -46.93
C ASN A 61 -0.49 14.20 -45.71
N SER A 62 -1.29 15.26 -45.62
CA SER A 62 -2.21 15.39 -44.51
C SER A 62 -3.38 16.28 -44.88
N LYS A 63 -4.53 15.99 -44.30
CA LYS A 63 -5.74 16.76 -44.55
C LYS A 63 -6.16 17.41 -43.25
N ILE A 64 -5.41 17.19 -42.18
CA ILE A 64 -5.81 17.75 -40.89
C ILE A 64 -5.63 19.25 -40.67
N THR A 65 -4.39 19.72 -40.77
CA THR A 65 -4.07 21.12 -40.51
C THR A 65 -3.16 21.75 -41.59
N PHE A 66 -3.39 23.02 -41.89
CA PHE A 66 -2.55 23.73 -42.83
C PHE A 66 -1.98 24.96 -42.16
N ILE A 67 -0.71 25.22 -42.39
CA ILE A 67 -0.05 26.39 -41.83
C ILE A 67 0.65 27.09 -42.98
N ASP A 68 0.48 28.41 -43.10
CA ASP A 68 1.25 29.14 -44.11
C ASP A 68 2.15 29.95 -43.21
N GLY A 69 3.39 29.52 -43.07
CA GLY A 69 4.32 30.21 -42.18
C GLY A 69 4.61 31.68 -42.47
N ASP A 70 4.78 32.01 -43.75
CA ASP A 70 5.08 33.37 -44.13
C ASP A 70 3.90 34.32 -43.91
N LYS A 71 2.69 33.82 -44.09
CA LYS A 71 1.49 34.64 -43.92
C LYS A 71 0.91 34.58 -42.51
N GLY A 72 1.35 33.62 -41.70
CA GLY A 72 0.83 33.53 -40.34
C GLY A 72 -0.60 33.03 -40.33
N VAL A 73 -0.87 32.05 -41.18
CA VAL A 73 -2.20 31.45 -41.33
C VAL A 73 -2.23 30.03 -40.74
N LEU A 74 -3.31 29.70 -40.03
CA LEU A 74 -3.49 28.38 -39.44
C LEU A 74 -4.92 27.92 -39.64
N LEU A 75 -5.09 26.79 -40.33
CA LEU A 75 -6.41 26.24 -40.59
C LEU A 75 -6.50 24.81 -40.08
N HIS A 76 -7.66 24.42 -39.55
CA HIS A 76 -7.86 23.05 -39.12
C HIS A 76 -9.01 22.58 -39.99
N ARG A 77 -8.72 21.63 -40.88
CA ARG A 77 -9.72 21.12 -41.80
C ARG A 77 -10.33 22.30 -42.58
N GLY A 78 -9.49 23.29 -42.91
CA GLY A 78 -9.95 24.45 -43.65
C GLY A 78 -10.46 25.64 -42.86
N TYR A 79 -10.86 25.41 -41.62
CA TYR A 79 -11.37 26.49 -40.77
C TYR A 79 -10.26 27.27 -40.06
N PRO A 80 -10.25 28.61 -40.19
CA PRO A 80 -9.24 29.46 -39.55
C PRO A 80 -9.27 29.30 -38.04
N ILE A 81 -8.10 29.22 -37.41
CA ILE A 81 -8.03 29.07 -35.96
C ILE A 81 -8.80 30.16 -35.21
N ALA A 82 -8.75 31.41 -35.68
CA ALA A 82 -9.48 32.47 -35.00
C ALA A 82 -10.98 32.22 -34.98
N GLN A 83 -11.53 31.70 -36.07
CA GLN A 83 -12.96 31.43 -36.13
C GLN A 83 -13.33 30.30 -35.18
N LEU A 84 -12.50 29.27 -35.12
CA LEU A 84 -12.76 28.14 -34.24
C LEU A 84 -12.63 28.54 -32.77
N ALA A 85 -11.56 29.24 -32.43
CA ALA A 85 -11.34 29.68 -31.04
C ALA A 85 -12.42 30.63 -30.55
N GLU A 86 -12.98 31.41 -31.46
CA GLU A 86 -14.01 32.37 -31.08
C GLU A 86 -15.44 31.83 -31.08
N ASN A 87 -15.69 30.77 -31.85
CA ASN A 87 -17.05 30.23 -31.94
C ASN A 87 -17.31 28.82 -31.45
N ALA A 88 -16.32 27.94 -31.59
CA ALA A 88 -16.53 26.56 -31.24
C ALA A 88 -16.26 26.11 -29.81
N SER A 89 -16.86 24.98 -29.44
CA SER A 89 -16.65 24.39 -28.13
C SER A 89 -15.43 23.53 -28.39
N TYR A 90 -14.67 23.22 -27.36
CA TYR A 90 -13.48 22.41 -27.54
C TYR A 90 -13.86 21.07 -28.19
N GLU A 91 -14.97 20.50 -27.74
CA GLU A 91 -15.43 19.21 -28.25
C GLU A 91 -15.71 19.24 -29.76
N GLU A 92 -16.20 20.36 -30.28
CA GLU A 92 -16.46 20.47 -31.71
C GLU A 92 -15.13 20.43 -32.46
N VAL A 93 -14.12 21.07 -31.89
CA VAL A 93 -12.80 21.08 -32.51
C VAL A 93 -12.17 19.70 -32.42
N ILE A 94 -12.38 19.00 -31.31
CA ILE A 94 -11.83 17.65 -31.17
C ILE A 94 -12.45 16.77 -32.26
N TYR A 95 -13.77 16.87 -32.42
CA TYR A 95 -14.47 16.09 -33.45
C TYR A 95 -13.95 16.45 -34.84
N LEU A 96 -13.78 17.75 -35.09
CA LEU A 96 -13.28 18.24 -36.36
C LEU A 96 -11.90 17.68 -36.69
N LEU A 97 -10.98 17.77 -35.74
CA LEU A 97 -9.63 17.27 -35.97
C LEU A 97 -9.61 15.75 -36.15
N LEU A 98 -10.40 15.03 -35.37
CA LEU A 98 -10.41 13.57 -35.46
C LEU A 98 -11.09 13.03 -36.71
N ASN A 99 -12.24 13.63 -37.05
CA ASN A 99 -13.04 13.18 -38.18
C ASN A 99 -13.05 13.94 -39.51
N GLY A 100 -12.73 15.23 -39.51
CA GLY A 100 -12.69 15.98 -40.76
C GLY A 100 -13.73 17.06 -41.00
N GLU A 101 -14.85 17.02 -40.27
CA GLU A 101 -15.91 18.01 -40.44
C GLU A 101 -16.46 18.46 -39.09
N LEU A 102 -17.13 19.61 -39.05
CA LEU A 102 -17.74 20.07 -37.80
C LEU A 102 -18.95 19.15 -37.65
N PRO A 103 -19.24 18.70 -36.43
CA PRO A 103 -20.36 17.80 -36.18
C PRO A 103 -21.76 18.43 -36.17
N ASN A 104 -22.76 17.73 -36.70
CA ASN A 104 -24.10 18.30 -36.64
C ASN A 104 -24.58 17.98 -35.23
N LYS A 105 -25.76 18.43 -34.82
CA LYS A 105 -26.21 18.19 -33.45
C LYS A 105 -26.23 16.71 -33.02
N ALA A 106 -26.74 15.84 -33.87
CA ALA A 106 -26.81 14.41 -33.55
C ALA A 106 -25.41 13.82 -33.39
N GLN A 107 -24.49 14.19 -34.29
CA GLN A 107 -23.13 13.67 -34.22
C GLN A 107 -22.44 14.21 -32.97
N TYR A 108 -22.71 15.46 -32.65
CA TYR A 108 -22.10 16.09 -31.47
C TYR A 108 -22.55 15.40 -30.20
N ASP A 109 -23.84 15.16 -30.06
CA ASP A 109 -24.36 14.51 -28.86
C ASP A 109 -23.81 13.07 -28.68
N THR A 110 -23.68 12.32 -29.76
CA THR A 110 -23.15 10.95 -29.71
C THR A 110 -21.66 11.01 -29.31
N PHE A 111 -20.96 11.95 -29.91
CA PHE A 111 -19.52 12.16 -29.65
C PHE A 111 -19.22 12.47 -28.20
N THR A 112 -19.90 13.47 -27.64
CA THR A 112 -19.65 13.83 -26.25
C THR A 112 -20.09 12.74 -25.29
N ASN A 113 -21.09 11.97 -25.68
CA ASN A 113 -21.53 10.88 -24.81
C ASN A 113 -20.41 9.86 -24.76
N THR A 114 -19.80 9.57 -25.91
CA THR A 114 -18.71 8.62 -25.94
C THR A 114 -17.55 9.08 -25.06
N LEU A 115 -17.20 10.35 -25.12
CA LEU A 115 -16.11 10.85 -24.29
C LEU A 115 -16.43 10.68 -22.80
N THR A 116 -17.61 11.10 -22.37
CA THR A 116 -17.93 10.96 -20.95
C THR A 116 -17.94 9.50 -20.50
N ASN A 117 -18.10 8.58 -21.45
CA ASN A 117 -18.13 7.17 -21.12
C ASN A 117 -16.74 6.59 -20.93
N HIS A 118 -15.74 7.41 -21.17
CA HIS A 118 -14.37 6.93 -21.05
C HIS A 118 -13.44 7.78 -20.19
N THR A 119 -13.99 8.80 -19.52
CA THR A 119 -13.18 9.67 -18.68
C THR A 119 -12.64 8.99 -17.41
N LEU A 120 -13.31 7.95 -16.91
CA LEU A 120 -12.85 7.28 -15.69
C LEU A 120 -11.65 6.35 -15.94
N LEU A 121 -10.69 6.37 -15.02
CA LEU A 121 -9.50 5.55 -15.13
C LEU A 121 -9.65 4.26 -14.34
N HIS A 122 -8.91 3.23 -14.75
CA HIS A 122 -8.95 1.95 -14.03
C HIS A 122 -8.35 2.28 -12.68
N GLU A 123 -9.02 1.90 -11.60
CA GLU A 123 -8.53 2.22 -10.26
C GLU A 123 -7.12 1.75 -9.91
N GLN A 124 -6.64 0.69 -10.56
CA GLN A 124 -5.30 0.21 -10.27
C GLN A 124 -4.26 1.29 -10.60
N ILE A 125 -4.65 2.18 -11.52
CA ILE A 125 -3.77 3.27 -11.96
C ILE A 125 -3.35 4.19 -10.79
N ARG A 126 -4.17 4.23 -9.74
CA ARG A 126 -3.84 5.05 -8.57
C ARG A 126 -2.47 4.69 -8.01
N ASN A 127 -2.14 3.40 -8.10
CA ASN A 127 -0.85 2.92 -7.59
C ASN A 127 0.33 3.50 -8.36
N PHE A 128 0.14 3.79 -9.65
CA PHE A 128 1.21 4.37 -10.47
C PHE A 128 1.68 5.67 -9.87
N PHE A 129 0.73 6.50 -9.47
CA PHE A 129 1.08 7.79 -8.91
C PHE A 129 1.97 7.66 -7.67
N ASN A 130 1.77 6.61 -6.88
CA ASN A 130 2.56 6.41 -5.68
C ASN A 130 4.01 6.06 -5.96
N GLY A 131 4.34 5.82 -7.22
CA GLY A 131 5.71 5.50 -7.56
C GLY A 131 6.52 6.78 -7.63
N PHE A 132 5.83 7.92 -7.70
CA PHE A 132 6.50 9.22 -7.78
C PHE A 132 6.67 9.94 -6.46
N ARG A 133 7.73 10.73 -6.35
CA ARG A 133 7.93 11.52 -5.14
C ARG A 133 6.92 12.62 -5.36
N ARG A 134 6.47 13.25 -4.28
CA ARG A 134 5.48 14.31 -4.38
C ARG A 134 6.04 15.53 -5.12
N ASP A 135 7.35 15.62 -5.22
CA ASP A 135 7.94 16.76 -5.92
C ASP A 135 8.24 16.48 -7.39
N ALA A 136 7.69 15.38 -7.92
CA ALA A 136 7.91 15.03 -9.31
C ALA A 136 7.29 16.06 -10.26
N HIS A 137 7.94 16.32 -11.38
CA HIS A 137 7.41 17.28 -12.33
C HIS A 137 6.20 16.62 -12.97
N PRO A 138 5.07 17.34 -13.03
CA PRO A 138 3.88 16.73 -13.62
C PRO A 138 4.05 16.14 -15.03
N MET A 139 4.97 16.66 -15.83
CA MET A 139 5.15 16.11 -17.18
C MET A 139 5.76 14.71 -17.09
N ALA A 140 6.58 14.47 -16.06
CA ALA A 140 7.18 13.15 -15.88
C ALA A 140 6.07 12.19 -15.49
N ILE A 141 5.18 12.63 -14.61
CA ILE A 141 4.07 11.82 -14.17
C ILE A 141 3.16 11.51 -15.36
N LEU A 142 2.89 12.52 -16.19
CA LEU A 142 2.02 12.34 -17.36
C LEU A 142 2.63 11.35 -18.34
N CYS A 143 3.91 11.53 -18.64
CA CYS A 143 4.59 10.66 -19.58
C CYS A 143 4.59 9.20 -19.09
N GLY A 144 5.02 8.98 -17.86
CA GLY A 144 5.07 7.62 -17.34
C GLY A 144 3.70 6.97 -17.21
N THR A 145 2.74 7.72 -16.69
CA THR A 145 1.41 7.16 -16.49
C THR A 145 0.68 6.86 -17.80
N VAL A 146 0.82 7.73 -18.80
CA VAL A 146 0.17 7.47 -20.08
C VAL A 146 0.84 6.25 -20.73
N GLY A 147 2.16 6.15 -20.59
CA GLY A 147 2.85 5.01 -21.17
C GLY A 147 2.34 3.74 -20.50
N ALA A 148 2.22 3.80 -19.18
CA ALA A 148 1.74 2.67 -18.40
C ALA A 148 0.33 2.27 -18.83
N LEU A 149 -0.49 3.26 -19.14
CA LEU A 149 -1.86 2.99 -19.55
C LEU A 149 -1.93 2.05 -20.77
N SER A 150 -0.87 1.99 -21.55
CA SER A 150 -0.84 1.12 -22.73
C SER A 150 -1.06 -0.33 -22.30
N ALA A 151 -0.64 -0.66 -21.08
CA ALA A 151 -0.78 -2.02 -20.56
C ALA A 151 -2.23 -2.45 -20.41
N PHE A 152 -3.12 -1.50 -20.17
CA PHE A 152 -4.53 -1.80 -19.98
C PHE A 152 -5.32 -1.97 -21.27
N TYR A 153 -4.71 -1.56 -22.38
CA TYR A 153 -5.35 -1.65 -23.69
C TYR A 153 -4.45 -2.32 -24.71
N PRO A 154 -4.19 -3.62 -24.52
CA PRO A 154 -3.32 -4.31 -25.48
C PRO A 154 -3.95 -4.42 -26.86
N ALA A 163 -7.87 -3.29 -33.92
CA ALA A 163 -8.85 -2.94 -34.93
C ALA A 163 -9.46 -1.55 -34.78
N ASN A 164 -10.05 -1.27 -33.62
CA ASN A 164 -10.71 0.01 -33.39
C ASN A 164 -9.82 1.21 -33.02
N ARG A 165 -9.38 1.92 -34.05
CA ARG A 165 -8.55 3.09 -33.89
C ARG A 165 -9.33 4.27 -33.29
N ASP A 166 -10.61 4.43 -33.68
CA ASP A 166 -11.41 5.51 -33.14
C ASP A 166 -11.56 5.36 -31.61
N LEU A 167 -11.80 4.13 -31.14
CA LEU A 167 -11.97 3.89 -29.70
C LEU A 167 -10.67 4.23 -28.95
N ALA A 168 -9.53 3.84 -29.51
CA ALA A 168 -8.26 4.16 -28.86
C ALA A 168 -8.13 5.68 -28.75
N ALA A 169 -8.44 6.37 -29.85
CA ALA A 169 -8.36 7.83 -29.88
C ALA A 169 -9.25 8.47 -28.82
N MET A 170 -10.50 8.04 -28.77
CA MET A 170 -11.46 8.56 -27.81
C MET A 170 -11.02 8.28 -26.38
N ARG A 171 -10.45 7.11 -26.14
CA ARG A 171 -10.01 6.77 -24.80
C ARG A 171 -8.88 7.70 -24.36
N LEU A 172 -7.95 7.99 -25.26
CA LEU A 172 -6.84 8.88 -24.92
C LEU A 172 -7.33 10.31 -24.67
N ILE A 173 -8.21 10.80 -25.53
CA ILE A 173 -8.75 12.15 -25.37
C ILE A 173 -9.58 12.26 -24.09
N ALA A 174 -10.37 11.24 -23.78
CA ALA A 174 -11.18 11.26 -22.58
C ALA A 174 -10.40 11.04 -21.28
N LYS A 175 -9.34 10.25 -21.36
CA LYS A 175 -8.56 9.97 -20.16
C LYS A 175 -7.39 10.89 -19.82
N ILE A 176 -6.78 11.53 -20.82
CA ILE A 176 -5.64 12.37 -20.51
C ILE A 176 -5.96 13.50 -19.51
N PRO A 177 -7.16 14.10 -19.56
CA PRO A 177 -7.46 15.17 -18.59
C PRO A 177 -7.51 14.65 -17.15
N THR A 178 -8.03 13.43 -16.99
CA THR A 178 -8.14 12.84 -15.67
C THR A 178 -6.76 12.51 -15.15
N ILE A 179 -5.92 11.95 -16.01
CA ILE A 179 -4.56 11.62 -15.59
C ILE A 179 -3.80 12.90 -15.22
N ALA A 180 -3.94 13.94 -16.03
CA ALA A 180 -3.28 15.22 -15.76
C ALA A 180 -3.74 15.82 -14.45
N ALA A 181 -5.05 15.81 -14.22
CA ALA A 181 -5.58 16.36 -12.98
C ALA A 181 -5.10 15.57 -11.77
N TRP A 182 -5.10 14.24 -11.87
CA TRP A 182 -4.64 13.41 -10.77
C TRP A 182 -3.15 13.65 -10.50
N ALA A 183 -2.36 13.87 -11.55
CA ALA A 183 -0.94 14.12 -11.38
C ALA A 183 -0.79 15.42 -10.57
N TYR A 184 -1.58 16.43 -10.93
CA TYR A 184 -1.50 17.69 -10.20
C TYR A 184 -1.90 17.48 -8.75
N LYS A 185 -3.05 16.85 -8.52
CA LYS A 185 -3.52 16.60 -7.16
C LYS A 185 -2.45 15.85 -6.36
N TYR A 186 -1.83 14.85 -6.99
CA TYR A 186 -0.80 14.09 -6.31
C TYR A 186 0.33 15.01 -5.84
N THR A 187 0.77 15.91 -6.70
CA THR A 187 1.86 16.81 -6.32
C THR A 187 1.48 17.76 -5.16
N GLN A 188 0.19 18.00 -5.00
CA GLN A 188 -0.33 18.89 -3.95
C GLN A 188 -0.72 18.15 -2.68
N GLY A 189 -0.72 16.82 -2.76
CA GLY A 189 -1.11 16.04 -1.61
C GLY A 189 -2.60 16.15 -1.41
N GLU A 190 -3.32 16.47 -2.46
CA GLU A 190 -4.78 16.60 -2.38
C GLU A 190 -5.50 15.36 -2.88
N ALA A 191 -6.72 15.13 -2.38
CA ALA A 191 -7.49 13.97 -2.78
C ALA A 191 -7.85 14.06 -4.26
N PHE A 192 -7.83 12.93 -4.93
CA PHE A 192 -8.15 12.88 -6.36
C PHE A 192 -9.64 13.20 -6.54
N ILE A 193 -9.94 14.03 -7.53
CA ILE A 193 -11.33 14.40 -7.84
C ILE A 193 -11.71 13.70 -9.14
N TYR A 194 -12.86 13.05 -9.14
CA TYR A 194 -13.34 12.31 -10.30
C TYR A 194 -14.00 13.15 -11.38
N PRO A 195 -14.00 12.65 -12.63
CA PRO A 195 -14.65 13.41 -13.69
C PRO A 195 -16.15 13.43 -13.38
N ARG A 196 -16.85 14.42 -13.91
CA ARG A 196 -18.29 14.59 -13.69
C ARG A 196 -18.99 14.64 -15.05
N ASN A 197 -19.94 13.76 -15.29
CA ASN A 197 -20.64 13.76 -16.57
C ASN A 197 -21.44 15.02 -16.88
N ASP A 198 -21.80 15.78 -15.85
CA ASP A 198 -22.59 16.99 -16.08
C ASP A 198 -21.74 18.21 -16.44
N LEU A 199 -20.43 18.01 -16.58
CA LEU A 199 -19.53 19.09 -16.94
C LEU A 199 -18.94 18.84 -18.32
N ASN A 200 -18.73 19.90 -19.10
CA ASN A 200 -18.15 19.72 -20.42
C ASN A 200 -16.63 19.55 -20.26
N TYR A 201 -15.93 19.32 -21.37
CA TYR A 201 -14.49 19.08 -21.32
C TYR A 201 -13.70 20.15 -20.54
N ALA A 202 -13.88 21.42 -20.87
CA ALA A 202 -13.17 22.50 -20.20
C ALA A 202 -13.55 22.63 -18.72
N GLU A 203 -14.85 22.60 -18.42
CA GLU A 203 -15.31 22.72 -17.02
C GLU A 203 -14.82 21.55 -16.18
N ASN A 204 -14.86 20.35 -16.75
CA ASN A 204 -14.44 19.17 -16.02
C ASN A 204 -12.97 19.21 -15.66
N PHE A 205 -12.13 19.71 -16.55
CA PHE A 205 -10.71 19.78 -16.26
C PHE A 205 -10.48 20.75 -15.10
N LEU A 206 -11.20 21.87 -15.07
CA LEU A 206 -11.06 22.83 -13.98
C LEU A 206 -11.48 22.18 -12.67
N SER A 207 -12.62 21.48 -12.70
CA SER A 207 -13.12 20.79 -11.51
C SER A 207 -12.14 19.72 -11.01
N MET A 208 -11.65 18.86 -11.90
CA MET A 208 -10.72 17.83 -11.46
C MET A 208 -9.42 18.44 -10.93
N MET A 209 -9.02 19.57 -11.46
CA MET A 209 -7.79 20.18 -10.99
C MET A 209 -7.97 20.96 -9.70
N PHE A 210 -9.08 21.69 -9.59
CA PHE A 210 -9.27 22.52 -8.40
C PHE A 210 -10.31 22.19 -7.32
N ALA A 211 -11.19 21.23 -7.53
CA ALA A 211 -12.17 20.90 -6.50
C ALA A 211 -11.48 20.41 -5.22
N ARG A 212 -12.05 20.77 -4.07
CA ARG A 212 -11.54 20.36 -2.76
C ARG A 212 -12.57 19.46 -2.10
N MET A 213 -12.13 18.60 -1.19
CA MET A 213 -13.04 17.69 -0.51
C MET A 213 -13.93 18.37 0.52
N SER A 214 -13.57 19.60 0.87
CA SER A 214 -14.29 20.36 1.91
C SER A 214 -15.49 21.24 1.53
N GLU A 215 -15.79 21.38 0.25
CA GLU A 215 -16.92 22.21 -0.18
C GLU A 215 -17.18 21.90 -1.64
N PRO A 216 -18.41 22.12 -2.11
CA PRO A 216 -18.69 21.83 -3.52
C PRO A 216 -17.98 22.84 -4.40
N TYR A 217 -17.41 22.35 -5.50
CA TYR A 217 -16.70 23.23 -6.42
C TYR A 217 -17.69 23.94 -7.34
N LYS A 218 -17.51 25.25 -7.48
CA LYS A 218 -18.37 26.05 -8.35
C LYS A 218 -17.51 26.50 -9.52
N VAL A 219 -17.83 26.00 -10.70
CA VAL A 219 -17.10 26.35 -11.91
C VAL A 219 -17.32 27.82 -12.27
N ASN A 220 -16.25 28.58 -12.43
CA ASN A 220 -16.35 29.99 -12.77
C ASN A 220 -16.48 30.02 -14.30
N PRO A 221 -17.61 30.52 -14.81
CA PRO A 221 -17.80 30.55 -16.26
C PRO A 221 -16.71 31.32 -17.02
N VAL A 222 -16.14 32.33 -16.37
CA VAL A 222 -15.07 33.12 -16.97
C VAL A 222 -13.86 32.21 -17.22
N LEU A 223 -13.51 31.41 -16.23
CA LEU A 223 -12.38 30.50 -16.37
C LEU A 223 -12.72 29.34 -17.33
N ALA A 224 -13.97 28.91 -17.34
CA ALA A 224 -14.38 27.83 -18.23
C ALA A 224 -14.28 28.29 -19.69
N ARG A 225 -14.71 29.52 -19.95
CA ARG A 225 -14.63 30.05 -21.31
C ARG A 225 -13.17 30.20 -21.75
N ALA A 226 -12.31 30.63 -20.83
CA ALA A 226 -10.89 30.79 -21.13
C ALA A 226 -10.24 29.43 -21.38
N MET A 227 -10.58 28.45 -20.55
CA MET A 227 -10.02 27.11 -20.71
C MET A 227 -10.45 26.53 -22.07
N ASN A 228 -11.71 26.73 -22.42
CA ASN A 228 -12.22 26.24 -23.69
C ASN A 228 -11.37 26.77 -24.84
N ARG A 229 -11.07 28.07 -24.80
CA ARG A 229 -10.27 28.69 -25.83
C ARG A 229 -8.84 28.19 -25.84
N ILE A 230 -8.24 28.10 -24.67
CA ILE A 230 -6.86 27.64 -24.56
C ILE A 230 -6.67 26.23 -25.09
N LEU A 231 -7.61 25.37 -24.77
CA LEU A 231 -7.49 24.02 -25.24
C LEU A 231 -7.57 24.01 -26.78
N ILE A 232 -8.48 24.79 -27.35
CA ILE A 232 -8.60 24.85 -28.81
C ILE A 232 -7.29 25.36 -29.44
N LEU A 233 -6.68 26.37 -28.84
CA LEU A 233 -5.45 26.94 -29.38
C LEU A 233 -4.23 26.01 -29.35
N HIS A 234 -4.29 24.97 -28.53
CA HIS A 234 -3.19 24.01 -28.42
C HIS A 234 -3.54 22.63 -28.98
N ALA A 235 -4.73 22.48 -29.56
CA ALA A 235 -5.17 21.18 -30.06
C ALA A 235 -4.31 20.46 -31.10
N ASP A 236 -3.88 21.18 -32.15
CA ASP A 236 -3.05 20.55 -33.17
C ASP A 236 -2.22 21.58 -33.89
N HIS A 237 -1.02 21.19 -34.31
CA HIS A 237 -0.24 22.13 -35.08
C HIS A 237 0.63 21.48 -36.14
N GLU A 238 -0.02 20.66 -36.96
CA GLU A 238 0.66 20.05 -38.08
C GLU A 238 1.84 19.14 -37.70
N GLN A 239 2.94 19.16 -38.46
CA GLN A 239 4.05 18.26 -38.14
C GLN A 239 5.15 18.76 -37.19
N ASN A 240 4.72 19.26 -36.03
CA ASN A 240 5.65 19.75 -35.02
C ASN A 240 6.43 18.56 -34.45
N ALA A 241 7.45 18.82 -33.64
CA ALA A 241 8.27 17.75 -33.10
C ALA A 241 7.50 16.64 -32.37
N SER A 242 6.58 16.99 -31.47
CA SER A 242 5.87 15.93 -30.76
C SER A 242 4.94 15.12 -31.67
N THR A 243 4.22 15.78 -32.57
CA THR A 243 3.35 15.04 -33.48
C THR A 243 4.24 14.15 -34.35
N SER A 244 5.38 14.68 -34.76
CA SER A 244 6.29 13.91 -35.59
C SER A 244 6.83 12.68 -34.85
N THR A 245 6.99 12.81 -33.54
CA THR A 245 7.47 11.71 -32.69
C THR A 245 6.35 10.66 -32.59
N VAL A 246 5.12 11.11 -32.43
CA VAL A 246 3.97 10.20 -32.35
C VAL A 246 3.86 9.42 -33.67
N ARG A 247 4.01 10.11 -34.79
CA ARG A 247 3.92 9.46 -36.10
C ARG A 247 5.05 8.46 -36.32
N LEU A 248 6.27 8.81 -35.90
CA LEU A 248 7.41 7.92 -36.07
C LEU A 248 7.23 6.64 -35.24
N ALA A 249 6.90 6.80 -33.96
CA ALA A 249 6.70 5.64 -33.09
C ALA A 249 5.51 4.84 -33.62
N GLY A 250 4.46 5.55 -34.00
CA GLY A 250 3.28 4.88 -34.52
C GLY A 250 3.52 4.15 -35.82
N SER A 251 4.50 4.58 -36.60
CA SER A 251 4.79 3.96 -37.90
C SER A 251 5.25 2.51 -37.79
N THR A 252 5.69 2.10 -36.60
CA THR A 252 6.15 0.72 -36.40
C THR A 252 4.99 -0.20 -36.03
N GLY A 253 3.81 0.38 -35.82
CA GLY A 253 2.64 -0.42 -35.45
C GLY A 253 2.43 -0.46 -33.94
N ALA A 254 3.24 0.31 -33.23
CA ALA A 254 3.21 0.39 -31.78
C ALA A 254 1.88 0.88 -31.20
N ASN A 255 1.57 0.37 -30.01
CA ASN A 255 0.37 0.71 -29.25
C ASN A 255 0.23 2.23 -29.19
N PRO A 256 -0.94 2.78 -29.59
CA PRO A 256 -1.16 4.24 -29.57
C PRO A 256 -0.96 4.94 -28.23
N PHE A 257 -1.25 4.26 -27.13
CA PHE A 257 -1.05 4.88 -25.83
C PHE A 257 0.44 5.11 -25.63
N ALA A 258 1.26 4.13 -26.01
CA ALA A 258 2.70 4.29 -25.87
C ALA A 258 3.18 5.40 -26.81
N CYS A 259 2.57 5.52 -27.98
CA CYS A 259 2.96 6.58 -28.91
C CYS A 259 2.65 7.95 -28.31
N ILE A 260 1.55 8.07 -27.58
CA ILE A 260 1.24 9.37 -26.97
C ILE A 260 2.27 9.66 -25.88
N ALA A 261 2.71 8.63 -25.16
CA ALA A 261 3.71 8.83 -24.13
C ALA A 261 4.95 9.42 -24.81
N ALA A 262 5.24 8.92 -26.01
CA ALA A 262 6.40 9.40 -26.77
C ALA A 262 6.21 10.88 -27.14
N GLY A 263 4.99 11.23 -27.52
CA GLY A 263 4.71 12.61 -27.87
C GLY A 263 4.87 13.53 -26.66
N ILE A 264 4.45 13.05 -25.49
CA ILE A 264 4.57 13.83 -24.27
C ILE A 264 6.06 14.07 -23.97
N ALA A 265 6.89 13.05 -24.17
CA ALA A 265 8.32 13.20 -23.93
C ALA A 265 8.90 14.33 -24.78
N ALA A 266 8.56 14.31 -26.06
CA ALA A 266 9.04 15.33 -26.99
C ALA A 266 8.53 16.73 -26.64
N LEU A 267 7.24 16.82 -26.30
CA LEU A 267 6.63 18.11 -25.98
C LEU A 267 7.29 18.79 -24.77
N TRP A 268 7.76 17.99 -23.83
CA TRP A 268 8.38 18.48 -22.60
C TRP A 268 9.64 19.35 -22.83
N GLY A 269 10.38 19.07 -23.91
CA GLY A 269 11.59 19.84 -24.19
C GLY A 269 11.37 21.35 -24.23
N PRO A 270 12.31 22.16 -23.72
CA PRO A 270 12.18 23.63 -23.72
C PRO A 270 12.08 24.25 -25.11
N ALA A 271 12.58 23.57 -26.14
CA ALA A 271 12.51 24.13 -27.48
C ALA A 271 11.11 23.90 -28.07
N HIS A 272 10.33 23.02 -27.45
CA HIS A 272 8.98 22.70 -27.90
C HIS A 272 7.99 23.20 -26.82
N GLY A 273 7.04 22.37 -26.40
CA GLY A 273 6.06 22.79 -25.40
C GLY A 273 6.59 23.27 -24.05
N GLY A 274 7.76 22.78 -23.67
CA GLY A 274 8.36 23.17 -22.40
C GLY A 274 8.63 24.66 -22.37
N ALA A 275 8.62 25.27 -23.53
CA ALA A 275 8.86 26.69 -23.64
C ALA A 275 7.85 27.51 -22.85
N ASN A 276 6.61 27.02 -22.69
CA ASN A 276 5.66 27.84 -21.95
C ASN A 276 6.03 28.00 -20.46
N GLU A 277 6.63 26.97 -19.87
CA GLU A 277 7.06 27.07 -18.48
C GLU A 277 8.32 27.95 -18.46
N ALA A 278 9.18 27.76 -19.46
CA ALA A 278 10.42 28.52 -19.58
C ALA A 278 10.19 30.03 -19.75
N VAL A 279 9.12 30.41 -20.43
CA VAL A 279 8.81 31.82 -20.64
C VAL A 279 8.57 32.51 -19.28
N LEU A 280 7.81 31.86 -18.41
CA LEU A 280 7.58 32.48 -17.11
C LEU A 280 8.84 32.55 -16.27
N LYS A 281 9.73 31.56 -16.39
CA LYS A 281 10.97 31.62 -15.62
C LYS A 281 11.82 32.77 -16.17
N MET A 282 11.81 32.94 -17.49
CA MET A 282 12.55 34.02 -18.13
C MET A 282 12.04 35.39 -17.67
N LEU A 283 10.72 35.58 -17.68
CA LEU A 283 10.12 36.84 -17.26
C LEU A 283 10.35 37.15 -15.78
N ALA A 284 10.30 36.13 -14.94
CA ALA A 284 10.53 36.32 -13.51
C ALA A 284 11.97 36.74 -13.29
N ARG A 285 12.89 36.15 -14.06
CA ARG A 285 14.31 36.49 -13.93
C ARG A 285 14.58 37.92 -14.41
N ILE A 286 13.92 38.33 -15.49
CA ILE A 286 14.11 39.69 -15.99
C ILE A 286 13.59 40.62 -14.88
N GLY A 287 12.44 40.28 -14.33
CA GLY A 287 11.88 41.07 -13.24
C GLY A 287 11.17 42.37 -13.53
N LYS A 288 11.84 43.31 -14.20
CA LYS A 288 11.22 44.59 -14.52
C LYS A 288 11.70 45.08 -15.89
N LYS A 289 10.92 45.92 -16.54
CA LYS A 289 11.28 46.40 -17.87
C LYS A 289 12.71 46.91 -18.05
N GLU A 290 13.24 47.62 -17.05
CA GLU A 290 14.60 48.15 -17.16
C GLU A 290 15.68 47.08 -17.32
N ASN A 291 15.36 45.82 -17.03
CA ASN A 291 16.34 44.75 -17.15
C ASN A 291 16.22 44.03 -18.51
N ILE A 292 15.28 44.48 -19.33
CA ILE A 292 15.09 43.86 -20.64
C ILE A 292 16.30 44.04 -21.55
N PRO A 293 16.84 45.28 -21.68
CA PRO A 293 18.00 45.43 -22.57
C PRO A 293 19.17 44.46 -22.31
N ALA A 294 19.48 44.22 -21.04
CA ALA A 294 20.58 43.32 -20.69
C ALA A 294 20.28 41.89 -21.14
N PHE A 295 19.02 41.49 -21.03
CA PHE A 295 18.62 40.15 -21.43
C PHE A 295 18.71 40.03 -22.95
N ILE A 296 18.24 41.06 -23.65
CA ILE A 296 18.27 41.06 -25.09
C ILE A 296 19.73 40.99 -25.56
N ALA A 297 20.62 41.65 -24.82
CA ALA A 297 22.04 41.62 -25.17
C ALA A 297 22.56 40.18 -25.07
N GLN A 298 22.11 39.46 -24.04
CA GLN A 298 22.55 38.06 -23.89
C GLN A 298 22.00 37.24 -25.06
N VAL A 299 20.76 37.50 -25.44
CA VAL A 299 20.14 36.79 -26.54
C VAL A 299 20.89 36.98 -27.86
N LYS A 300 21.35 38.20 -28.13
CA LYS A 300 22.09 38.50 -29.36
C LYS A 300 23.54 38.02 -29.36
N ASP A 301 24.04 37.68 -28.18
CA ASP A 301 25.41 37.20 -27.96
C ASP A 301 25.59 35.78 -28.52
N LYS A 302 26.37 35.65 -29.59
CA LYS A 302 26.61 34.36 -30.24
C LYS A 302 27.09 33.24 -29.32
N ASN A 303 27.81 33.59 -28.27
CA ASN A 303 28.34 32.58 -27.37
C ASN A 303 27.56 32.30 -26.08
N SER A 304 26.35 32.84 -25.95
CA SER A 304 25.57 32.64 -24.72
C SER A 304 24.62 31.45 -24.61
N GLY A 305 24.07 30.99 -25.73
CA GLY A 305 23.14 29.87 -25.68
C GLY A 305 21.76 30.37 -25.32
N VAL A 306 21.70 31.54 -24.69
CA VAL A 306 20.46 32.16 -24.26
C VAL A 306 19.51 32.55 -25.41
N LYS A 307 18.24 32.20 -25.26
CA LYS A 307 17.25 32.51 -26.27
C LYS A 307 16.03 33.21 -25.68
N LEU A 308 15.33 33.96 -26.51
CA LEU A 308 14.13 34.66 -26.09
C LEU A 308 13.06 33.60 -26.19
N MET A 309 12.72 32.97 -25.07
CA MET A 309 11.72 31.92 -25.06
C MET A 309 10.36 32.49 -25.44
N GLY A 310 9.59 31.75 -26.24
CA GLY A 310 8.30 32.25 -26.64
C GLY A 310 8.39 33.01 -27.97
N PHE A 311 9.58 33.03 -28.57
CA PHE A 311 9.80 33.67 -29.86
C PHE A 311 10.41 32.63 -30.78
N GLY A 312 10.14 32.76 -32.07
CA GLY A 312 10.70 31.84 -33.02
C GLY A 312 9.81 30.66 -33.37
N HIS A 313 10.01 30.11 -34.56
CA HIS A 313 9.20 28.99 -34.99
C HIS A 313 9.81 28.37 -36.24
N ARG A 314 9.71 27.05 -36.38
CA ARG A 314 10.27 26.41 -37.55
C ARG A 314 9.52 26.83 -38.80
N VAL A 315 8.20 26.94 -38.69
CA VAL A 315 7.36 27.32 -39.82
C VAL A 315 6.97 28.81 -39.88
N TYR A 316 6.40 29.36 -38.81
CA TYR A 316 6.03 30.79 -38.84
C TYR A 316 7.22 31.72 -38.98
N LYS A 317 7.13 32.66 -39.91
CA LYS A 317 8.15 33.65 -40.15
C LYS A 317 7.34 34.95 -40.20
N ASN A 318 6.38 34.99 -39.27
CA ASN A 318 5.44 36.10 -39.12
C ASN A 318 4.79 35.82 -37.77
N PHE A 319 3.83 36.65 -37.37
CA PHE A 319 3.14 36.43 -36.11
C PHE A 319 2.38 35.11 -36.14
N ASP A 320 2.44 34.38 -35.04
CA ASP A 320 1.76 33.11 -34.86
C ASP A 320 0.33 33.53 -34.55
N PRO A 321 -0.66 33.10 -35.37
CA PRO A 321 -2.04 33.52 -35.11
C PRO A 321 -2.57 33.16 -33.71
N ARG A 322 -2.05 32.08 -33.14
CA ARG A 322 -2.48 31.65 -31.80
C ARG A 322 -1.98 32.62 -30.73
N ALA A 323 -0.82 33.21 -30.96
CA ALA A 323 -0.25 34.16 -30.00
C ALA A 323 -1.12 35.41 -29.87
N LYS A 324 -1.63 35.89 -31.01
CA LYS A 324 -2.48 37.08 -31.05
C LYS A 324 -3.75 36.81 -30.26
N ILE A 325 -4.36 35.65 -30.52
CA ILE A 325 -5.58 35.26 -29.84
C ILE A 325 -5.29 35.05 -28.33
N MET A 326 -4.11 34.51 -28.02
CA MET A 326 -3.74 34.27 -26.62
C MET A 326 -3.68 35.58 -25.85
N GLN A 327 -3.04 36.58 -26.45
CA GLN A 327 -2.88 37.90 -25.84
C GLN A 327 -4.23 38.54 -25.58
N GLN A 328 -5.12 38.44 -26.56
CA GLN A 328 -6.45 38.99 -26.44
C GLN A 328 -7.21 38.26 -25.35
N THR A 329 -7.06 36.95 -25.30
CA THR A 329 -7.76 36.19 -24.28
C THR A 329 -7.24 36.61 -22.90
N CYS A 330 -5.96 36.97 -22.82
CA CYS A 330 -5.33 37.43 -21.56
C CYS A 330 -6.12 38.62 -21.03
N HIS A 331 -6.26 39.64 -21.88
CA HIS A 331 -6.98 40.86 -21.52
C HIS A 331 -8.44 40.61 -21.16
N GLU A 332 -9.11 39.78 -21.95
CA GLU A 332 -10.51 39.48 -21.68
C GLU A 332 -10.68 38.85 -20.30
N VAL A 333 -9.85 37.88 -19.98
CA VAL A 333 -9.92 37.20 -18.68
C VAL A 333 -9.66 38.18 -17.52
N LEU A 334 -8.55 38.90 -17.56
CA LEU A 334 -8.23 39.87 -16.51
C LEU A 334 -9.38 40.84 -16.34
N THR A 335 -9.90 41.30 -17.46
CA THR A 335 -10.99 42.25 -17.44
C THR A 335 -12.17 41.56 -16.73
N GLU A 336 -12.61 40.42 -17.26
CA GLU A 336 -13.74 39.70 -16.66
C GLU A 336 -13.58 39.32 -15.18
N LEU A 337 -12.33 39.15 -14.74
CA LEU A 337 -12.04 38.80 -13.35
C LEU A 337 -11.84 40.06 -12.51
N GLY A 338 -11.95 41.23 -13.14
CA GLY A 338 -11.79 42.46 -12.39
C GLY A 338 -10.38 42.78 -11.90
N ILE A 339 -9.38 42.39 -12.69
CA ILE A 339 -7.98 42.65 -12.38
C ILE A 339 -7.62 43.76 -13.35
N LYS A 340 -7.35 44.95 -12.82
CA LYS A 340 -7.03 46.10 -13.66
C LYS A 340 -5.62 46.12 -14.24
N ASP A 341 -4.69 45.45 -13.56
CA ASP A 341 -3.32 45.39 -14.05
C ASP A 341 -2.65 44.08 -13.70
N ASP A 342 -1.85 43.57 -14.64
CA ASP A 342 -1.11 42.32 -14.50
C ASP A 342 0.34 42.67 -14.88
N PRO A 343 1.20 42.89 -13.88
CA PRO A 343 2.61 43.24 -14.10
C PRO A 343 3.36 42.30 -15.03
N LEU A 344 3.05 41.02 -14.92
CA LEU A 344 3.71 40.02 -15.74
C LEU A 344 3.35 40.20 -17.22
N LEU A 345 2.07 40.48 -17.48
CA LEU A 345 1.62 40.70 -18.86
C LEU A 345 2.30 41.95 -19.39
N ASP A 346 2.33 42.99 -18.56
CA ASP A 346 2.95 44.25 -18.96
C ASP A 346 4.42 44.06 -19.32
N LEU A 347 5.08 43.20 -18.56
CA LEU A 347 6.49 42.92 -18.80
C LEU A 347 6.67 42.18 -20.13
N ALA A 348 5.82 41.19 -20.38
CA ALA A 348 5.88 40.42 -21.63
C ALA A 348 5.64 41.32 -22.83
N VAL A 349 4.65 42.19 -22.71
CA VAL A 349 4.32 43.12 -23.77
C VAL A 349 5.53 44.02 -24.10
N GLU A 350 6.21 44.51 -23.07
CA GLU A 350 7.40 45.36 -23.27
C GLU A 350 8.53 44.57 -23.92
N LEU A 351 8.71 43.34 -23.48
CA LEU A 351 9.75 42.48 -24.02
C LEU A 351 9.50 42.25 -25.50
N GLU A 352 8.25 41.98 -25.85
CA GLU A 352 7.87 41.74 -27.24
C GLU A 352 8.16 42.98 -28.08
N LYS A 353 7.81 44.14 -27.54
CA LYS A 353 8.01 45.41 -28.23
C LYS A 353 9.49 45.65 -28.59
N ILE A 354 10.34 45.56 -27.58
CA ILE A 354 11.78 45.75 -27.76
C ILE A 354 12.36 44.73 -28.74
N ALA A 355 12.03 43.46 -28.57
CA ALA A 355 12.54 42.43 -29.48
C ALA A 355 12.11 42.68 -30.94
N LEU A 356 10.83 42.95 -31.16
CA LEU A 356 10.35 43.17 -32.52
C LEU A 356 10.95 44.40 -33.22
N SER A 357 11.52 45.32 -32.45
CA SER A 357 12.12 46.52 -33.04
C SER A 357 13.62 46.38 -33.20
N ASP A 358 14.18 45.27 -32.73
CA ASP A 358 15.61 45.01 -32.82
C ASP A 358 15.92 44.19 -34.09
N ASP A 359 16.89 44.66 -34.88
CA ASP A 359 17.24 44.00 -36.13
C ASP A 359 17.68 42.53 -36.04
N TYR A 360 18.12 42.08 -34.86
CA TYR A 360 18.52 40.69 -34.73
C TYR A 360 17.31 39.81 -34.98
N PHE A 361 16.17 40.23 -34.42
CA PHE A 361 14.93 39.47 -34.57
C PHE A 361 14.24 39.75 -35.91
N VAL A 362 14.33 40.99 -36.38
CA VAL A 362 13.70 41.30 -37.66
C VAL A 362 14.34 40.51 -38.80
N GLN A 363 15.67 40.47 -38.87
CA GLN A 363 16.35 39.75 -39.95
C GLN A 363 16.10 38.23 -39.93
N ARG A 364 15.92 37.68 -38.73
CA ARG A 364 15.68 36.25 -38.55
C ARG A 364 14.19 35.91 -38.52
N LYS A 365 13.35 36.93 -38.74
CA LYS A 365 11.91 36.75 -38.76
C LYS A 365 11.38 36.01 -37.53
N LEU A 366 11.84 36.47 -36.35
CA LEU A 366 11.44 35.89 -35.07
C LEU A 366 10.32 36.72 -34.45
N TYR A 367 9.20 36.06 -34.21
CA TYR A 367 8.00 36.68 -33.64
C TYR A 367 7.47 35.85 -32.46
N PRO A 368 6.53 36.41 -31.69
CA PRO A 368 5.99 35.63 -30.56
C PRO A 368 5.34 34.36 -31.07
N ASN A 369 5.46 33.26 -30.33
CA ASN A 369 4.78 32.04 -30.74
C ASN A 369 3.73 31.74 -29.68
N VAL A 370 3.01 30.65 -29.83
CA VAL A 370 1.94 30.29 -28.90
C VAL A 370 2.32 30.27 -27.41
N ASP A 371 3.58 29.99 -27.10
CA ASP A 371 4.05 29.92 -25.70
C ASP A 371 4.37 31.24 -25.02
N PHE A 372 4.45 32.31 -25.77
CA PHE A 372 4.80 33.60 -25.19
C PHE A 372 3.77 34.14 -24.20
N TYR A 373 2.48 34.00 -24.50
CA TYR A 373 1.42 34.51 -23.62
C TYR A 373 0.54 33.46 -22.92
N SER A 374 0.73 32.18 -23.23
CA SER A 374 -0.10 31.15 -22.62
C SER A 374 0.07 31.02 -21.11
N GLY A 375 1.32 31.02 -20.63
CA GLY A 375 1.55 30.90 -19.21
C GLY A 375 0.92 32.05 -18.43
N ILE A 376 0.96 33.25 -19.01
CA ILE A 376 0.39 34.41 -18.35
C ILE A 376 -1.11 34.20 -18.12
N ILE A 377 -1.84 33.67 -19.11
CA ILE A 377 -3.28 33.43 -18.95
C ILE A 377 -3.53 32.33 -17.92
N LEU A 378 -2.84 31.21 -18.10
CA LEU A 378 -2.97 30.06 -17.22
C LEU A 378 -2.74 30.46 -15.76
N LYS A 379 -1.75 31.33 -15.54
CA LYS A 379 -1.45 31.79 -14.19
C LYS A 379 -2.64 32.59 -13.66
N ALA A 380 -3.13 33.51 -14.48
CA ALA A 380 -4.27 34.33 -14.10
C ALA A 380 -5.49 33.45 -13.78
N MET A 381 -5.51 32.26 -14.36
CA MET A 381 -6.59 31.30 -14.15
C MET A 381 -6.33 30.42 -12.93
N GLY A 382 -5.18 30.60 -12.30
CA GLY A 382 -4.87 29.80 -11.13
C GLY A 382 -4.13 28.50 -11.37
N ILE A 383 -3.70 28.25 -12.60
CA ILE A 383 -2.96 27.04 -12.92
C ILE A 383 -1.49 27.29 -12.60
N PRO A 384 -0.86 26.38 -11.83
CA PRO A 384 0.55 26.54 -11.48
C PRO A 384 1.48 26.34 -12.66
N THR A 385 2.65 26.97 -12.57
CA THR A 385 3.64 26.87 -13.62
C THR A 385 3.99 25.42 -13.91
N SER A 386 3.97 24.58 -12.88
CA SER A 386 4.30 23.15 -13.00
C SER A 386 3.33 22.39 -13.90
N MET A 387 2.21 23.02 -14.21
CA MET A 387 1.20 22.38 -15.04
C MET A 387 1.01 22.96 -16.45
N PHE A 388 1.74 24.02 -16.79
CA PHE A 388 1.60 24.63 -18.11
C PHE A 388 1.80 23.65 -19.27
N THR A 389 2.91 22.92 -19.27
CA THR A 389 3.16 22.00 -20.37
C THR A 389 2.20 20.80 -20.33
N VAL A 390 1.76 20.40 -19.14
CA VAL A 390 0.81 19.30 -19.03
C VAL A 390 -0.50 19.73 -19.68
N LEU A 391 -0.91 20.98 -19.47
CA LEU A 391 -2.15 21.48 -20.06
C LEU A 391 -2.01 21.45 -21.57
N PHE A 392 -0.81 21.81 -22.05
CA PHE A 392 -0.53 21.80 -23.49
C PHE A 392 -0.73 20.35 -23.96
N ALA A 393 -0.14 19.41 -23.22
CA ALA A 393 -0.25 17.99 -23.59
C ALA A 393 -1.70 17.50 -23.61
N VAL A 394 -2.49 17.93 -22.63
CA VAL A 394 -3.89 17.51 -22.57
C VAL A 394 -4.58 17.93 -23.86
N ALA A 395 -4.43 19.19 -24.24
CA ALA A 395 -5.05 19.71 -25.44
C ALA A 395 -4.49 19.08 -26.72
N ARG A 396 -3.17 18.98 -26.82
CA ARG A 396 -2.54 18.42 -28.01
C ARG A 396 -2.79 16.92 -28.22
N THR A 397 -3.23 16.22 -27.18
CA THR A 397 -3.51 14.79 -27.34
C THR A 397 -4.52 14.62 -28.46
N THR A 398 -5.40 15.59 -28.62
CA THR A 398 -6.40 15.54 -29.68
C THR A 398 -5.69 15.52 -31.03
N GLY A 399 -4.75 16.44 -31.22
CA GLY A 399 -4.02 16.48 -32.47
C GLY A 399 -3.17 15.23 -32.65
N TRP A 400 -2.52 14.79 -31.58
CA TRP A 400 -1.67 13.61 -31.66
C TRP A 400 -2.45 12.38 -32.11
N VAL A 401 -3.61 12.08 -31.51
CA VAL A 401 -4.33 10.90 -31.93
C VAL A 401 -4.96 11.08 -33.30
N SER A 402 -5.29 12.31 -33.67
CA SER A 402 -5.85 12.58 -34.98
C SER A 402 -4.79 12.33 -36.06
N GLN A 403 -3.57 12.78 -35.77
CA GLN A 403 -2.45 12.61 -36.69
C GLN A 403 -2.05 11.13 -36.76
N TRP A 404 -2.05 10.46 -35.61
CA TRP A 404 -1.71 9.04 -35.57
C TRP A 404 -2.74 8.25 -36.40
N LYS A 405 -4.01 8.56 -36.22
CA LYS A 405 -5.09 7.87 -36.93
C LYS A 405 -4.94 8.04 -38.44
N GLU A 406 -4.68 9.27 -38.88
CA GLU A 406 -4.52 9.56 -40.29
C GLU A 406 -3.32 8.79 -40.84
N MET A 407 -2.23 8.80 -40.09
CA MET A 407 -1.01 8.11 -40.50
C MET A 407 -1.22 6.61 -40.61
N ILE A 408 -1.75 6.00 -39.56
CA ILE A 408 -1.94 4.56 -39.52
C ILE A 408 -3.00 3.99 -40.49
N GLU A 409 -3.99 4.80 -40.86
CA GLU A 409 -5.05 4.36 -41.78
C GLU A 409 -4.71 4.50 -43.26
N GLU A 410 -3.57 5.12 -43.55
CA GLU A 410 -3.17 5.28 -44.94
C GLU A 410 -2.73 3.96 -45.53
N PRO A 411 -3.28 3.60 -46.70
CA PRO A 411 -2.90 2.35 -47.35
C PRO A 411 -1.45 2.52 -47.73
N GLY A 412 -0.65 1.49 -47.69
CA GLY A 412 0.74 1.65 -48.06
C GLY A 412 1.56 2.45 -47.06
N GLN A 413 1.08 2.55 -45.82
CA GLN A 413 1.83 3.26 -44.79
C GLN A 413 3.05 2.41 -44.55
N ARG A 414 4.22 3.05 -44.44
CA ARG A 414 5.47 2.32 -44.22
C ARG A 414 6.17 2.82 -42.97
N ILE A 415 7.07 2.02 -42.42
CA ILE A 415 7.80 2.41 -41.21
C ILE A 415 8.66 3.63 -41.53
N SER A 416 8.84 4.51 -40.55
CA SER A 416 9.67 5.70 -40.77
C SER A 416 11.05 5.24 -40.36
N ARG A 417 11.98 5.29 -41.30
CA ARG A 417 13.33 4.83 -41.04
C ARG A 417 14.26 5.58 -41.97
N PRO A 418 14.83 6.69 -41.48
CA PRO A 418 15.74 7.52 -42.28
C PRO A 418 17.14 6.94 -42.39
N ARG A 419 17.98 7.65 -43.13
CA ARG A 419 19.35 7.24 -43.34
C ARG A 419 20.25 8.25 -42.62
N GLN A 420 21.55 8.21 -42.88
CA GLN A 420 22.49 9.13 -42.25
C GLN A 420 23.69 9.31 -43.13
N LEU A 421 24.59 10.20 -42.74
CA LEU A 421 25.83 10.43 -43.44
C LEU A 421 26.84 9.98 -42.42
N TYR A 422 27.50 8.86 -42.70
CA TYR A 422 28.49 8.31 -41.78
C TYR A 422 29.82 9.01 -41.97
N ILE A 423 30.30 9.63 -40.90
CA ILE A 423 31.57 10.35 -40.95
C ILE A 423 32.49 9.86 -39.83
N GLY A 424 32.29 8.61 -39.42
CA GLY A 424 33.09 8.03 -38.37
C GLY A 424 34.34 7.32 -38.86
N ALA A 425 34.89 6.46 -38.02
CA ALA A 425 36.11 5.71 -38.33
C ALA A 425 35.95 4.71 -39.47
N PRO A 426 37.01 4.50 -40.26
CA PRO A 426 36.89 3.51 -41.34
C PRO A 426 37.03 2.16 -40.69
N GLN A 427 36.77 1.08 -41.44
CA GLN A 427 36.86 -0.27 -40.89
C GLN A 427 38.22 -0.57 -40.26
N ARG A 428 38.18 -1.22 -39.11
CA ARG A 428 39.39 -1.59 -38.38
C ARG A 428 39.14 -2.89 -37.62
N ASP A 429 40.21 -3.61 -37.30
CA ASP A 429 40.08 -4.86 -36.56
C ASP A 429 40.08 -4.67 -35.05
N TYR A 430 39.30 -5.52 -34.38
CA TYR A 430 39.18 -5.51 -32.93
C TYR A 430 40.57 -5.70 -32.34
N VAL A 431 40.83 -5.03 -31.23
CA VAL A 431 42.10 -5.09 -30.53
C VAL A 431 41.81 -5.59 -29.11
N PRO A 432 42.50 -6.67 -28.66
CA PRO A 432 42.26 -7.17 -27.30
C PRO A 432 42.61 -6.06 -26.32
N LEU A 433 41.96 -6.08 -25.16
CA LEU A 433 42.19 -5.07 -24.15
C LEU A 433 43.66 -4.69 -23.87
N ALA A 434 44.53 -5.67 -23.67
CA ALA A 434 45.93 -5.38 -23.36
C ALA A 434 46.76 -4.63 -24.41
N LYS A 435 46.30 -4.58 -25.66
CA LYS A 435 47.02 -3.89 -26.72
C LYS A 435 46.54 -2.44 -26.86
N ARG A 436 45.46 -2.11 -26.16
CA ARG A 436 44.89 -0.76 -26.22
C ARG A 436 45.65 0.27 -25.39
N SER B 11 32.08 19.42 -54.80
CA SER B 11 31.11 19.28 -55.91
C SER B 11 29.69 19.62 -55.44
N THR B 12 28.79 19.77 -56.41
CA THR B 12 27.41 20.12 -56.13
C THR B 12 26.47 19.32 -57.01
N ALA B 13 25.19 19.41 -56.71
CA ALA B 13 24.18 18.74 -57.52
C ALA B 13 23.30 19.88 -57.99
N THR B 14 22.59 19.67 -59.07
CA THR B 14 21.72 20.72 -59.55
C THR B 14 20.30 20.21 -59.48
N ILE B 15 19.40 21.06 -58.97
CA ILE B 15 17.99 20.73 -58.89
C ILE B 15 17.29 21.84 -59.67
N SER B 16 16.35 21.45 -60.51
CA SER B 16 15.60 22.39 -61.33
C SER B 16 14.09 22.11 -61.29
N VAL B 17 13.30 23.18 -61.14
CA VAL B 17 11.83 23.11 -61.11
C VAL B 17 11.33 24.42 -61.72
N ASP B 18 10.22 24.38 -62.45
CA ASP B 18 9.71 25.62 -63.04
C ASP B 18 10.76 26.30 -63.90
N GLY B 19 11.61 25.54 -64.56
CA GLY B 19 12.61 26.21 -65.37
C GLY B 19 13.48 27.11 -64.51
N LYS B 20 13.70 26.71 -63.25
CA LYS B 20 14.57 27.47 -62.35
C LYS B 20 15.52 26.43 -61.79
N SER B 21 16.80 26.77 -61.70
CA SER B 21 17.81 25.83 -61.21
C SER B 21 18.59 26.36 -60.01
N ALA B 22 19.13 25.45 -59.21
CA ALA B 22 19.94 25.84 -58.04
C ALA B 22 20.92 24.73 -57.69
N GLU B 23 22.09 25.12 -57.20
CA GLU B 23 23.11 24.14 -56.83
C GLU B 23 23.01 23.77 -55.35
N MET B 24 23.18 22.48 -55.07
CA MET B 24 23.13 21.95 -53.70
C MET B 24 24.47 21.31 -53.40
N PRO B 25 25.03 21.57 -52.23
CA PRO B 25 26.33 20.96 -51.89
C PRO B 25 26.21 19.44 -51.84
N VAL B 26 27.23 18.73 -52.31
CA VAL B 26 27.20 17.27 -52.24
C VAL B 26 28.21 16.93 -51.16
N LEU B 27 27.79 16.13 -50.17
CA LEU B 27 28.65 15.76 -49.06
C LEU B 27 28.98 14.27 -49.11
N SER B 28 30.22 13.91 -48.77
CA SER B 28 30.60 12.51 -48.77
C SER B 28 31.01 12.10 -47.37
N GLY B 29 30.77 10.85 -47.04
CA GLY B 29 31.11 10.35 -45.72
C GLY B 29 32.35 9.48 -45.79
N THR B 30 32.68 8.86 -44.66
CA THR B 30 33.84 7.97 -44.58
C THR B 30 33.56 6.76 -45.43
N LEU B 31 32.30 6.32 -45.39
CA LEU B 31 31.82 5.17 -46.14
C LEU B 31 30.38 5.46 -46.49
N GLY B 32 29.80 4.69 -47.41
CA GLY B 32 28.41 4.91 -47.77
C GLY B 32 28.18 5.93 -48.89
N PRO B 33 26.93 6.09 -49.35
CA PRO B 33 26.54 7.01 -50.42
C PRO B 33 26.80 8.48 -50.15
N ASP B 34 26.93 9.25 -51.24
CA ASP B 34 27.11 10.69 -51.10
C ASP B 34 25.69 11.20 -50.82
N VAL B 35 25.57 12.41 -50.31
CA VAL B 35 24.26 12.97 -50.04
C VAL B 35 24.16 14.39 -50.57
N ILE B 36 22.95 14.80 -50.95
CA ILE B 36 22.71 16.14 -51.46
C ILE B 36 22.12 17.00 -50.35
N ASP B 37 22.87 18.03 -49.94
CA ASP B 37 22.44 18.93 -48.89
C ASP B 37 21.32 19.85 -49.38
N ILE B 38 20.10 19.63 -48.88
CA ILE B 38 18.94 20.43 -49.28
C ILE B 38 18.48 21.45 -48.24
N ARG B 39 19.32 21.78 -47.27
CA ARG B 39 18.91 22.73 -46.26
C ARG B 39 18.49 24.11 -46.76
N LYS B 40 18.98 24.50 -47.93
CA LYS B 40 18.61 25.80 -48.48
C LYS B 40 17.64 25.67 -49.67
N LEU B 41 17.14 24.46 -49.91
CA LEU B 41 16.21 24.22 -51.03
C LEU B 41 14.98 25.13 -51.09
N PRO B 42 14.25 25.31 -49.98
CA PRO B 42 13.07 26.19 -50.02
C PRO B 42 13.42 27.64 -50.38
N ALA B 43 14.51 28.14 -49.83
CA ALA B 43 14.92 29.50 -50.11
C ALA B 43 15.29 29.66 -51.58
N GLN B 44 15.94 28.65 -52.13
CA GLN B 44 16.39 28.67 -53.52
C GLN B 44 15.34 28.36 -54.59
N LEU B 45 14.50 27.35 -54.36
CA LEU B 45 13.51 26.96 -55.36
C LEU B 45 12.03 26.96 -54.91
N GLY B 46 11.78 27.31 -53.65
CA GLY B 46 10.43 27.36 -53.14
C GLY B 46 9.66 26.04 -52.99
N VAL B 47 10.37 24.93 -52.88
CA VAL B 47 9.73 23.62 -52.72
C VAL B 47 10.42 22.84 -51.61
N PHE B 48 9.80 21.75 -51.18
CA PHE B 48 10.37 20.88 -50.14
C PHE B 48 10.51 19.57 -50.88
N THR B 49 11.21 18.61 -50.28
CA THR B 49 11.28 17.31 -50.93
C THR B 49 10.07 16.63 -50.31
N PHE B 50 9.68 15.48 -50.84
CA PHE B 50 8.56 14.71 -50.31
C PHE B 50 9.14 13.30 -50.11
N ASP B 51 9.22 12.84 -48.86
CA ASP B 51 9.79 11.53 -48.60
C ASP B 51 9.16 10.76 -47.44
N PRO B 52 7.86 10.42 -47.55
CA PRO B 52 7.19 9.68 -46.47
C PRO B 52 7.97 8.41 -46.19
N GLY B 53 8.26 8.15 -44.92
CA GLY B 53 9.02 6.97 -44.56
C GLY B 53 10.48 7.32 -44.34
N TYR B 54 10.88 8.49 -44.85
CA TYR B 54 12.24 9.02 -44.74
C TYR B 54 13.37 8.14 -45.29
N GLY B 55 13.03 7.06 -45.98
CA GLY B 55 14.06 6.15 -46.48
C GLY B 55 15.12 6.67 -47.44
N GLU B 56 14.90 7.86 -47.99
CA GLU B 56 15.82 8.44 -48.96
C GLU B 56 16.44 9.74 -48.41
N THR B 57 16.22 9.99 -47.12
CA THR B 57 16.71 11.18 -46.45
C THR B 57 17.69 10.88 -45.33
N ALA B 58 18.89 11.45 -45.41
CA ALA B 58 19.89 11.27 -44.36
C ALA B 58 19.50 12.32 -43.34
N ALA B 59 19.14 11.86 -42.15
CA ALA B 59 18.68 12.70 -41.05
C ALA B 59 19.74 13.35 -40.19
N CYS B 60 20.97 12.87 -40.29
CA CYS B 60 22.03 13.41 -39.46
C CYS B 60 23.39 12.88 -39.85
N ASN B 61 24.41 13.43 -39.21
CA ASN B 61 25.77 12.98 -39.41
C ASN B 61 25.90 12.05 -38.25
N SER B 62 26.74 11.03 -38.36
CA SER B 62 26.97 10.16 -37.21
C SER B 62 28.29 9.45 -37.36
N LYS B 63 28.92 9.19 -36.22
CA LYS B 63 30.20 8.52 -36.17
C LYS B 63 30.06 7.22 -35.42
N ILE B 64 28.85 6.92 -34.97
CA ILE B 64 28.60 5.72 -34.19
C ILE B 64 28.62 4.38 -34.91
N THR B 65 27.69 4.20 -35.86
CA THR B 65 27.56 2.94 -36.56
C THR B 65 27.45 3.13 -38.08
N PHE B 66 27.98 2.18 -38.84
CA PHE B 66 27.88 2.24 -40.29
C PHE B 66 27.25 0.95 -40.79
N ILE B 67 26.33 1.08 -41.74
CA ILE B 67 25.67 -0.08 -42.34
C ILE B 67 25.78 0.06 -43.85
N ASP B 68 26.18 -1.01 -44.53
CA ASP B 68 26.20 -1.00 -45.98
C ASP B 68 25.13 -2.02 -46.25
N GLY B 69 23.92 -1.52 -46.56
CA GLY B 69 22.79 -2.38 -46.81
C GLY B 69 22.93 -3.36 -47.94
N ASP B 70 23.53 -2.93 -49.05
CA ASP B 70 23.69 -3.82 -50.19
C ASP B 70 24.72 -4.91 -49.96
N LYS B 71 25.75 -4.63 -49.15
CA LYS B 71 26.79 -5.62 -48.88
C LYS B 71 26.61 -6.41 -47.57
N GLY B 72 25.64 -6.00 -46.75
CA GLY B 72 25.40 -6.69 -45.50
C GLY B 72 26.53 -6.49 -44.51
N VAL B 73 27.01 -5.25 -44.44
CA VAL B 73 28.09 -4.91 -43.54
C VAL B 73 27.61 -4.05 -42.37
N LEU B 74 28.09 -4.35 -41.16
CA LEU B 74 27.72 -3.60 -39.97
C LEU B 74 28.97 -3.31 -39.16
N LEU B 75 29.28 -2.03 -38.97
CA LEU B 75 30.45 -1.62 -38.20
C LEU B 75 30.05 -0.73 -37.04
N HIS B 76 30.69 -0.89 -35.88
CA HIS B 76 30.43 -0.03 -34.73
C HIS B 76 31.75 0.67 -34.45
N ARG B 77 31.77 1.98 -34.72
CA ARG B 77 32.97 2.78 -34.53
C ARG B 77 34.10 2.15 -35.35
N GLY B 78 33.74 1.61 -36.51
CA GLY B 78 34.71 0.99 -37.39
C GLY B 78 34.94 -0.50 -37.24
N TYR B 79 34.58 -1.05 -36.09
CA TYR B 79 34.75 -2.48 -35.82
C TYR B 79 33.61 -3.37 -36.33
N PRO B 80 33.92 -4.37 -37.17
CA PRO B 80 32.89 -5.28 -37.70
C PRO B 80 32.09 -5.96 -36.58
N ILE B 81 30.78 -6.09 -36.75
CA ILE B 81 29.96 -6.71 -35.71
C ILE B 81 30.41 -8.12 -35.34
N ALA B 82 30.82 -8.92 -36.33
CA ALA B 82 31.29 -10.28 -36.05
C ALA B 82 32.48 -10.33 -35.08
N GLN B 83 33.41 -9.39 -35.24
CA GLN B 83 34.57 -9.38 -34.35
C GLN B 83 34.18 -8.98 -32.93
N LEU B 84 33.25 -8.04 -32.78
CA LEU B 84 32.81 -7.62 -31.46
C LEU B 84 32.00 -8.71 -30.77
N ALA B 85 31.08 -9.34 -31.50
CA ALA B 85 30.25 -10.40 -30.93
C ALA B 85 31.13 -11.59 -30.52
N GLU B 86 32.18 -11.86 -31.26
CA GLU B 86 33.05 -12.99 -30.93
C GLU B 86 34.03 -12.71 -29.80
N ASN B 87 34.60 -11.52 -29.77
CA ASN B 87 35.63 -11.18 -28.79
C ASN B 87 35.38 -10.20 -27.63
N ALA B 88 34.45 -9.27 -27.79
CA ALA B 88 34.20 -8.25 -26.78
C ALA B 88 33.20 -8.56 -25.68
N SER B 89 33.38 -7.93 -24.52
CA SER B 89 32.42 -8.12 -23.44
C SER B 89 31.39 -7.08 -23.80
N TYR B 90 30.16 -7.28 -23.35
CA TYR B 90 29.10 -6.32 -23.65
C TYR B 90 29.51 -4.92 -23.19
N GLU B 91 30.08 -4.84 -21.99
CA GLU B 91 30.49 -3.55 -21.44
C GLU B 91 31.50 -2.81 -22.33
N GLU B 92 32.38 -3.56 -22.98
CA GLU B 92 33.36 -2.96 -23.88
C GLU B 92 32.62 -2.32 -25.05
N VAL B 93 31.58 -3.00 -25.54
CA VAL B 93 30.80 -2.46 -26.66
C VAL B 93 29.97 -1.26 -26.20
N ILE B 94 29.49 -1.29 -24.95
CA ILE B 94 28.71 -0.16 -24.45
C ILE B 94 29.64 1.05 -24.43
N TYR B 95 30.84 0.88 -23.88
CA TYR B 95 31.82 1.97 -23.82
C TYR B 95 32.13 2.46 -25.24
N LEU B 96 32.34 1.51 -26.15
CA LEU B 96 32.66 1.85 -27.53
C LEU B 96 31.58 2.72 -28.18
N LEU B 97 30.33 2.28 -28.10
CA LEU B 97 29.24 3.02 -28.71
C LEU B 97 29.05 4.40 -28.08
N LEU B 98 29.19 4.49 -26.76
CA LEU B 98 29.01 5.76 -26.06
C LEU B 98 30.16 6.74 -26.25
N ASN B 99 31.40 6.25 -26.19
CA ASN B 99 32.57 7.11 -26.29
C ASN B 99 33.36 7.22 -27.60
N GLY B 100 33.33 6.19 -28.43
CA GLY B 100 34.04 6.27 -29.70
C GLY B 100 35.23 5.33 -29.87
N GLU B 101 35.77 4.82 -28.77
CA GLU B 101 36.92 3.93 -28.84
C GLU B 101 36.79 2.76 -27.87
N LEU B 102 37.59 1.72 -28.10
CA LEU B 102 37.56 0.58 -27.19
C LEU B 102 38.32 1.08 -25.96
N PRO B 103 37.86 0.69 -24.77
CA PRO B 103 38.50 1.14 -23.52
C PRO B 103 39.78 0.41 -23.12
N ASN B 104 40.74 1.13 -22.54
CA ASN B 104 41.95 0.44 -22.08
C ASN B 104 41.48 -0.05 -20.72
N LYS B 105 42.34 -0.73 -19.96
CA LYS B 105 41.92 -1.27 -18.66
C LYS B 105 41.48 -0.25 -17.61
N ALA B 106 42.20 0.85 -17.49
CA ALA B 106 41.84 1.88 -16.52
C ALA B 106 40.46 2.43 -16.86
N GLN B 107 40.26 2.75 -18.15
CA GLN B 107 38.97 3.27 -18.60
C GLN B 107 37.85 2.26 -18.39
N TYR B 108 38.15 0.99 -18.67
CA TYR B 108 37.18 -0.07 -18.52
C TYR B 108 36.72 -0.20 -17.06
N ASP B 109 37.68 -0.17 -16.14
CA ASP B 109 37.37 -0.30 -14.71
C ASP B 109 36.51 0.87 -14.21
N THR B 110 36.88 2.08 -14.62
CA THR B 110 36.14 3.28 -14.21
C THR B 110 34.70 3.20 -14.72
N PHE B 111 34.57 2.81 -16.00
CA PHE B 111 33.28 2.68 -16.66
C PHE B 111 32.38 1.67 -15.96
N THR B 112 32.89 0.45 -15.77
CA THR B 112 32.10 -0.58 -15.11
C THR B 112 31.82 -0.28 -13.64
N ASN B 113 32.72 0.43 -12.97
CA ASN B 113 32.48 0.78 -11.58
C ASN B 113 31.31 1.76 -11.54
N THR B 114 31.28 2.69 -12.49
CA THR B 114 30.19 3.65 -12.56
C THR B 114 28.86 2.93 -12.83
N LEU B 115 28.85 1.96 -13.74
CA LEU B 115 27.62 1.23 -14.01
C LEU B 115 27.11 0.50 -12.75
N THR B 116 27.98 -0.22 -12.04
CA THR B 116 27.53 -0.94 -10.85
C THR B 116 27.01 0.01 -9.78
N ASN B 117 27.55 1.22 -9.75
CA ASN B 117 27.17 2.23 -8.77
C ASN B 117 25.83 2.87 -9.09
N HIS B 118 25.20 2.44 -10.17
CA HIS B 118 23.91 3.02 -10.55
C HIS B 118 22.84 1.99 -10.91
N THR B 119 23.12 0.71 -10.70
CA THR B 119 22.16 -0.35 -11.02
C THR B 119 20.95 -0.41 -10.08
N LEU B 120 21.11 0.06 -8.84
CA LEU B 120 20.00 0.04 -7.88
C LEU B 120 18.97 1.14 -8.16
N LEU B 121 17.69 0.81 -8.01
CA LEU B 121 16.63 1.78 -8.25
C LEU B 121 16.14 2.40 -6.95
N HIS B 122 15.57 3.60 -7.07
CA HIS B 122 15.03 4.28 -5.91
C HIS B 122 13.83 3.43 -5.53
N GLU B 123 13.78 2.98 -4.28
CA GLU B 123 12.72 2.11 -3.81
C GLU B 123 11.27 2.55 -4.03
N GLN B 124 11.04 3.86 -4.17
CA GLN B 124 9.68 4.37 -4.40
C GLN B 124 9.15 3.79 -5.72
N ILE B 125 10.08 3.45 -6.60
CA ILE B 125 9.81 2.86 -7.91
C ILE B 125 9.02 1.55 -7.84
N ARG B 126 9.16 0.85 -6.72
CA ARG B 126 8.43 -0.40 -6.53
C ARG B 126 6.95 -0.17 -6.68
N ASN B 127 6.49 0.97 -6.20
CA ASN B 127 5.07 1.27 -6.27
C ASN B 127 4.54 1.40 -7.69
N PHE B 128 5.40 1.82 -8.61
CA PHE B 128 4.96 1.98 -9.99
C PHE B 128 4.54 0.63 -10.58
N PHE B 129 5.27 -0.43 -10.24
CA PHE B 129 4.93 -1.74 -10.77
C PHE B 129 3.51 -2.14 -10.37
N ASN B 130 3.12 -1.77 -9.15
CA ASN B 130 1.80 -2.09 -8.64
C ASN B 130 0.67 -1.42 -9.37
N GLY B 131 1.00 -0.50 -10.27
CA GLY B 131 -0.03 0.18 -11.02
C GLY B 131 -0.45 -0.70 -12.17
N PHE B 132 0.34 -1.73 -12.46
CA PHE B 132 0.03 -2.65 -13.55
C PHE B 132 -0.69 -3.93 -13.13
N ARG B 133 -1.49 -4.49 -14.02
CA ARG B 133 -2.17 -5.75 -13.72
C ARG B 133 -1.03 -6.73 -13.92
N ARG B 134 -1.11 -7.90 -13.28
CA ARG B 134 -0.07 -8.91 -13.40
C ARG B 134 0.06 -9.46 -14.82
N ASP B 135 -0.97 -9.29 -15.63
CA ASP B 135 -0.94 -9.78 -17.01
C ASP B 135 -0.53 -8.70 -18.00
N ALA B 136 0.00 -7.59 -17.49
CA ALA B 136 0.44 -6.49 -18.35
C ALA B 136 1.61 -6.96 -19.22
N HIS B 137 1.69 -6.47 -20.44
CA HIS B 137 2.79 -6.84 -21.31
C HIS B 137 4.03 -6.14 -20.79
N PRO B 138 5.13 -6.88 -20.63
CA PRO B 138 6.37 -6.30 -20.12
C PRO B 138 6.85 -5.03 -20.83
N MET B 139 6.58 -4.87 -22.12
CA MET B 139 7.01 -3.66 -22.82
C MET B 139 6.24 -2.45 -22.31
N ALA B 140 4.98 -2.65 -21.92
CA ALA B 140 4.16 -1.56 -21.39
C ALA B 140 4.76 -1.16 -20.04
N ILE B 141 5.19 -2.16 -19.26
CA ILE B 141 5.77 -1.88 -17.96
C ILE B 141 7.10 -1.15 -18.16
N LEU B 142 7.88 -1.60 -19.13
CA LEU B 142 9.17 -0.95 -19.38
C LEU B 142 8.96 0.50 -19.85
N CYS B 143 8.07 0.70 -20.81
CA CYS B 143 7.81 2.05 -21.32
C CYS B 143 7.38 3.02 -20.22
N GLY B 144 6.33 2.67 -19.50
CA GLY B 144 5.85 3.53 -18.44
C GLY B 144 6.81 3.77 -17.29
N THR B 145 7.47 2.72 -16.83
CA THR B 145 8.38 2.85 -15.71
C THR B 145 9.63 3.66 -16.07
N VAL B 146 10.14 3.52 -17.29
CA VAL B 146 11.31 4.30 -17.68
C VAL B 146 10.85 5.74 -17.82
N GLY B 147 9.65 5.95 -18.35
CA GLY B 147 9.14 7.30 -18.48
C GLY B 147 9.03 7.92 -17.10
N ALA B 148 8.54 7.14 -16.16
CA ALA B 148 8.38 7.60 -14.77
C ALA B 148 9.73 7.94 -14.16
N LEU B 149 10.74 7.14 -14.48
CA LEU B 149 12.09 7.35 -13.96
C LEU B 149 12.56 8.79 -14.23
N SER B 150 12.04 9.43 -15.28
CA SER B 150 12.46 10.80 -15.59
C SER B 150 12.15 11.75 -14.43
N ALA B 151 11.15 11.42 -13.62
CA ALA B 151 10.77 12.26 -12.49
C ALA B 151 11.87 12.32 -11.43
N PHE B 152 12.64 11.25 -11.31
CA PHE B 152 13.70 11.19 -10.31
C PHE B 152 14.96 11.93 -10.69
N TYR B 153 15.03 12.39 -11.93
CA TYR B 153 16.20 13.11 -12.40
C TYR B 153 15.79 14.41 -13.09
N PRO B 154 15.23 15.35 -12.32
CA PRO B 154 14.77 16.65 -12.83
C PRO B 154 15.86 17.53 -13.41
N ASP B 155 17.09 17.34 -12.97
CA ASP B 155 18.18 18.15 -13.50
C ASP B 155 18.41 17.77 -14.95
N ALA B 156 17.92 16.60 -15.35
CA ALA B 156 18.06 16.14 -16.72
C ALA B 156 17.00 16.79 -17.61
N ASN B 157 15.96 17.36 -17.02
CA ASN B 157 14.90 18.01 -17.79
C ASN B 157 15.45 18.99 -18.85
N ASP B 158 16.55 19.66 -18.49
CA ASP B 158 17.21 20.65 -19.36
C ASP B 158 18.71 20.62 -19.04
N ILE B 159 19.49 19.82 -19.77
CA ILE B 159 20.94 19.69 -19.52
C ILE B 159 21.86 20.60 -20.35
N ALA B 160 22.87 21.21 -19.70
CA ALA B 160 23.82 22.07 -20.38
C ALA B 160 25.23 21.52 -20.23
N ILE B 161 25.54 21.01 -19.04
CA ILE B 161 26.85 20.45 -18.73
C ILE B 161 27.10 19.03 -19.29
N PRO B 162 28.21 18.86 -20.01
CA PRO B 162 28.59 17.59 -20.65
C PRO B 162 28.72 16.39 -19.70
N ALA B 163 29.22 16.64 -18.49
CA ALA B 163 29.40 15.57 -17.51
C ALA B 163 28.02 15.05 -17.10
N ASN B 164 27.03 15.93 -17.16
CA ASN B 164 25.68 15.57 -16.79
C ASN B 164 25.02 14.68 -17.85
N ARG B 165 25.42 14.84 -19.11
CA ARG B 165 24.85 14.00 -20.16
C ARG B 165 25.41 12.59 -19.98
N ASP B 166 26.71 12.48 -19.66
CA ASP B 166 27.31 11.17 -19.44
C ASP B 166 26.62 10.44 -18.30
N LEU B 167 26.37 11.16 -17.20
CA LEU B 167 25.73 10.54 -16.04
C LEU B 167 24.31 10.08 -16.36
N ALA B 168 23.59 10.84 -17.17
CA ALA B 168 22.23 10.43 -17.53
C ALA B 168 22.33 9.15 -18.37
N ALA B 169 23.25 9.13 -19.32
CA ALA B 169 23.42 7.95 -20.18
C ALA B 169 23.78 6.73 -19.35
N MET B 170 24.72 6.90 -18.42
CA MET B 170 25.16 5.82 -17.57
C MET B 170 24.03 5.31 -16.65
N ARG B 171 23.21 6.22 -16.14
CA ARG B 171 22.10 5.80 -15.28
C ARG B 171 21.08 4.98 -16.06
N LEU B 172 20.83 5.38 -17.31
CA LEU B 172 19.87 4.64 -18.11
C LEU B 172 20.40 3.24 -18.45
N ILE B 173 21.66 3.15 -18.84
CA ILE B 173 22.28 1.86 -19.19
C ILE B 173 22.34 0.94 -17.96
N ALA B 174 22.61 1.52 -16.79
CA ALA B 174 22.71 0.75 -15.56
C ALA B 174 21.36 0.30 -14.98
N LYS B 175 20.36 1.17 -15.10
CA LYS B 175 19.04 0.87 -14.54
C LYS B 175 18.06 0.09 -15.41
N ILE B 176 18.14 0.23 -16.72
CA ILE B 176 17.18 -0.48 -17.58
C ILE B 176 17.15 -2.00 -17.34
N PRO B 177 18.30 -2.64 -17.06
CA PRO B 177 18.21 -4.09 -16.83
C PRO B 177 17.46 -4.38 -15.53
N THR B 178 17.66 -3.54 -14.53
CA THR B 178 16.99 -3.76 -13.25
C THR B 178 15.48 -3.57 -13.44
N ILE B 179 15.08 -2.53 -14.18
CA ILE B 179 13.67 -2.29 -14.43
C ILE B 179 13.04 -3.45 -15.21
N ALA B 180 13.76 -3.91 -16.23
CA ALA B 180 13.32 -5.02 -17.07
C ALA B 180 13.11 -6.31 -16.29
N ALA B 181 14.07 -6.64 -15.44
CA ALA B 181 13.98 -7.86 -14.63
C ALA B 181 12.85 -7.77 -13.62
N TRP B 182 12.69 -6.60 -13.01
CA TRP B 182 11.62 -6.41 -12.03
C TRP B 182 10.26 -6.50 -12.72
N ALA B 183 10.20 -6.02 -13.96
CA ALA B 183 8.97 -6.10 -14.73
C ALA B 183 8.65 -7.58 -14.94
N TYR B 184 9.65 -8.35 -15.32
CA TYR B 184 9.45 -9.78 -15.51
C TYR B 184 8.99 -10.44 -14.22
N LYS B 185 9.71 -10.22 -13.13
CA LYS B 185 9.34 -10.80 -11.85
C LYS B 185 7.90 -10.39 -11.47
N TYR B 186 7.55 -9.13 -11.74
CA TYR B 186 6.22 -8.68 -11.41
C TYR B 186 5.17 -9.52 -12.15
N THR B 187 5.37 -9.76 -13.44
CA THR B 187 4.39 -10.53 -14.19
C THR B 187 4.29 -11.99 -13.72
N GLN B 188 5.37 -12.50 -13.11
CA GLN B 188 5.40 -13.88 -12.63
C GLN B 188 4.98 -14.02 -11.16
N GLY B 189 4.76 -12.89 -10.50
CA GLY B 189 4.38 -12.94 -9.10
C GLY B 189 5.55 -13.36 -8.24
N GLU B 190 6.76 -13.17 -8.75
CA GLU B 190 7.98 -13.55 -8.04
C GLU B 190 8.64 -12.35 -7.37
N ALA B 191 9.32 -12.58 -6.25
CA ALA B 191 9.98 -11.50 -5.53
C ALA B 191 11.07 -10.87 -6.39
N PHE B 192 11.21 -9.55 -6.25
CA PHE B 192 12.22 -8.81 -7.00
C PHE B 192 13.61 -9.20 -6.48
N ILE B 193 14.55 -9.40 -7.41
CA ILE B 193 15.91 -9.75 -7.08
C ILE B 193 16.76 -8.54 -7.43
N TYR B 194 17.61 -8.13 -6.48
CA TYR B 194 18.47 -6.97 -6.65
C TYR B 194 19.71 -7.25 -7.48
N PRO B 195 20.29 -6.18 -8.05
CA PRO B 195 21.51 -6.36 -8.85
C PRO B 195 22.66 -6.76 -7.91
N ARG B 196 23.66 -7.45 -8.44
CA ARG B 196 24.80 -7.89 -7.66
C ARG B 196 26.08 -7.30 -8.26
N ASN B 197 26.86 -6.58 -7.45
CA ASN B 197 28.08 -5.97 -7.96
C ASN B 197 29.13 -6.98 -8.42
N ASP B 198 29.07 -8.20 -7.90
CA ASP B 198 30.04 -9.23 -8.28
C ASP B 198 29.71 -9.92 -9.60
N LEU B 199 28.60 -9.53 -10.22
CA LEU B 199 28.19 -10.11 -11.50
C LEU B 199 28.36 -9.09 -12.61
N ASN B 200 28.76 -9.54 -13.80
CA ASN B 200 28.93 -8.58 -14.88
C ASN B 200 27.56 -8.29 -15.50
N TYR B 201 27.51 -7.37 -16.46
CA TYR B 201 26.23 -6.97 -17.08
C TYR B 201 25.34 -8.14 -17.54
N ALA B 202 25.90 -9.08 -18.29
CA ALA B 202 25.13 -10.23 -18.78
C ALA B 202 24.73 -11.19 -17.65
N GLU B 203 25.68 -11.50 -16.76
CA GLU B 203 25.39 -12.41 -15.65
C GLU B 203 24.38 -11.79 -14.70
N ASN B 204 24.51 -10.51 -14.45
CA ASN B 204 23.59 -9.86 -13.54
C ASN B 204 22.17 -9.84 -14.09
N PHE B 205 22.02 -9.71 -15.41
CA PHE B 205 20.66 -9.70 -15.96
C PHE B 205 20.03 -11.07 -15.79
N LEU B 206 20.80 -12.12 -15.98
CA LEU B 206 20.26 -13.47 -15.83
C LEU B 206 19.85 -13.72 -14.37
N SER B 207 20.68 -13.29 -13.43
CA SER B 207 20.39 -13.46 -12.01
C SER B 207 19.11 -12.72 -11.60
N MET B 208 19.02 -11.45 -12.00
CA MET B 208 17.84 -10.66 -11.65
C MET B 208 16.59 -11.24 -12.30
N MET B 209 16.70 -11.84 -13.47
CA MET B 209 15.51 -12.39 -14.07
C MET B 209 15.14 -13.76 -13.52
N PHE B 210 16.12 -14.60 -13.23
CA PHE B 210 15.83 -15.96 -12.77
C PHE B 210 16.09 -16.44 -11.33
N ALA B 211 16.78 -15.67 -10.51
CA ALA B 211 17.03 -16.11 -9.14
C ALA B 211 15.69 -16.25 -8.40
N ARG B 212 15.59 -17.26 -7.53
CA ARG B 212 14.38 -17.49 -6.74
C ARG B 212 14.76 -17.27 -5.29
N MET B 213 13.76 -17.03 -4.44
CA MET B 213 14.03 -16.79 -3.02
C MET B 213 14.32 -18.05 -2.20
N SER B 214 14.09 -19.20 -2.80
CA SER B 214 14.29 -20.51 -2.15
C SER B 214 15.66 -21.18 -2.21
N GLU B 215 16.57 -20.67 -3.02
CA GLU B 215 17.91 -21.28 -3.13
C GLU B 215 18.86 -20.30 -3.78
N PRO B 216 20.17 -20.50 -3.61
CA PRO B 216 21.12 -19.57 -4.24
C PRO B 216 21.06 -19.76 -5.74
N TYR B 217 21.17 -18.66 -6.50
CA TYR B 217 21.14 -18.77 -7.94
C TYR B 217 22.54 -19.04 -8.45
N LYS B 218 22.65 -19.98 -9.37
CA LYS B 218 23.94 -20.32 -9.96
C LYS B 218 23.91 -19.89 -11.42
N VAL B 219 24.75 -18.93 -11.77
CA VAL B 219 24.80 -18.46 -13.14
C VAL B 219 25.48 -19.51 -14.02
N ASN B 220 24.80 -19.93 -15.08
CA ASN B 220 25.34 -20.93 -16.01
C ASN B 220 26.22 -20.14 -16.98
N PRO B 221 27.53 -20.41 -17.02
CA PRO B 221 28.41 -19.66 -17.93
C PRO B 221 28.02 -19.77 -19.42
N VAL B 222 27.33 -20.85 -19.78
CA VAL B 222 26.90 -21.05 -21.17
C VAL B 222 25.88 -19.97 -21.50
N LEU B 223 24.92 -19.78 -20.61
CA LEU B 223 23.88 -18.77 -20.81
C LEU B 223 24.45 -17.36 -20.69
N ALA B 224 25.40 -17.17 -19.78
CA ALA B 224 26.01 -15.86 -19.59
C ALA B 224 26.79 -15.47 -20.85
N ARG B 225 27.47 -16.43 -21.46
CA ARG B 225 28.21 -16.12 -22.69
C ARG B 225 27.24 -15.79 -23.82
N ALA B 226 26.13 -16.52 -23.89
CA ALA B 226 25.12 -16.28 -24.92
C ALA B 226 24.46 -14.91 -24.71
N MET B 227 24.13 -14.61 -23.45
CA MET B 227 23.51 -13.33 -23.13
C MET B 227 24.47 -12.20 -23.54
N ASN B 228 25.74 -12.37 -23.23
CA ASN B 228 26.73 -11.36 -23.59
C ASN B 228 26.64 -11.05 -25.07
N ARG B 229 26.59 -12.10 -25.88
CA ARG B 229 26.50 -11.97 -27.33
C ARG B 229 25.23 -11.34 -27.84
N ILE B 230 24.11 -11.81 -27.29
CA ILE B 230 22.80 -11.31 -27.66
C ILE B 230 22.71 -9.80 -27.41
N LEU B 231 23.21 -9.36 -26.26
CA LEU B 231 23.17 -7.95 -25.92
C LEU B 231 23.99 -7.12 -26.94
N ILE B 232 25.16 -7.62 -27.30
CA ILE B 232 26.02 -6.94 -28.28
C ILE B 232 25.35 -6.83 -29.65
N LEU B 233 24.67 -7.90 -30.06
CA LEU B 233 23.99 -7.93 -31.36
C LEU B 233 22.81 -6.97 -31.46
N HIS B 234 22.24 -6.59 -30.32
CA HIS B 234 21.09 -5.67 -30.32
C HIS B 234 21.44 -4.26 -29.83
N ALA B 235 22.69 -4.02 -29.48
CA ALA B 235 23.10 -2.72 -28.93
C ALA B 235 22.81 -1.43 -29.74
N ASP B 236 23.13 -1.43 -31.02
CA ASP B 236 22.88 -0.24 -31.84
C ASP B 236 22.71 -0.59 -33.30
N HIS B 237 21.83 0.12 -33.99
CA HIS B 237 21.71 -0.14 -35.41
C HIS B 237 21.40 1.09 -36.22
N GLU B 238 22.24 2.10 -36.01
CA GLU B 238 22.12 3.31 -36.79
C GLU B 238 20.76 4.04 -36.64
N GLN B 239 20.24 4.60 -37.73
CA GLN B 239 18.99 5.35 -37.63
C GLN B 239 17.66 4.60 -37.81
N ASN B 240 17.52 3.51 -37.07
CA ASN B 240 16.30 2.71 -37.12
C ASN B 240 15.17 3.54 -36.50
N ALA B 241 13.94 3.06 -36.60
CA ALA B 241 12.79 3.81 -36.08
C ALA B 241 12.85 4.24 -34.61
N SER B 242 13.24 3.34 -33.71
CA SER B 242 13.30 3.72 -32.30
C SER B 242 14.41 4.73 -32.02
N THR B 243 15.59 4.54 -32.62
CA THR B 243 16.67 5.51 -32.41
C THR B 243 16.28 6.86 -33.03
N SER B 244 15.55 6.82 -34.13
CA SER B 244 15.12 8.04 -34.79
C SER B 244 14.07 8.76 -33.91
N THR B 245 13.29 7.98 -33.20
CA THR B 245 12.27 8.52 -32.29
C THR B 245 12.99 9.16 -31.09
N VAL B 246 14.03 8.50 -30.59
CA VAL B 246 14.79 9.02 -29.47
C VAL B 246 15.44 10.35 -29.86
N ARG B 247 16.03 10.39 -31.07
CA ARG B 247 16.65 11.60 -31.56
C ARG B 247 15.64 12.72 -31.77
N LEU B 248 14.48 12.38 -32.32
CA LEU B 248 13.46 13.39 -32.55
C LEU B 248 12.96 13.98 -31.23
N ALA B 249 12.62 13.12 -30.27
CA ALA B 249 12.15 13.60 -28.97
C ALA B 249 13.27 14.36 -28.27
N GLY B 250 14.48 13.86 -28.42
CA GLY B 250 15.62 14.49 -27.80
C GLY B 250 15.98 15.86 -28.37
N SER B 251 15.72 16.05 -29.67
CA SER B 251 16.06 17.31 -30.34
C SER B 251 15.39 18.56 -29.75
N THR B 252 14.32 18.38 -28.97
CA THR B 252 13.61 19.51 -28.36
C THR B 252 14.24 19.86 -27.01
N GLY B 253 15.25 19.09 -26.62
CA GLY B 253 15.91 19.33 -25.35
C GLY B 253 15.26 18.55 -24.21
N ALA B 254 14.35 17.65 -24.57
CA ALA B 254 13.63 16.84 -23.60
C ALA B 254 14.50 15.92 -22.73
N ASN B 255 14.04 15.70 -21.50
CA ASN B 255 14.69 14.86 -20.51
C ASN B 255 15.05 13.53 -21.17
N PRO B 256 16.33 13.13 -21.14
CA PRO B 256 16.71 11.85 -21.78
C PRO B 256 15.99 10.59 -21.30
N PHE B 257 15.56 10.54 -20.05
CA PHE B 257 14.87 9.35 -19.57
C PHE B 257 13.52 9.22 -20.29
N ALA B 258 12.85 10.35 -20.53
CA ALA B 258 11.58 10.35 -21.24
C ALA B 258 11.83 9.99 -22.71
N CYS B 259 12.99 10.41 -23.23
CA CYS B 259 13.32 10.10 -24.62
C CYS B 259 13.51 8.60 -24.82
N ILE B 260 14.11 7.93 -23.85
CA ILE B 260 14.27 6.48 -23.99
C ILE B 260 12.89 5.80 -23.87
N ALA B 261 11.99 6.37 -23.08
CA ALA B 261 10.65 5.77 -22.98
C ALA B 261 9.99 5.87 -24.37
N ALA B 262 10.25 6.95 -25.08
CA ALA B 262 9.70 7.14 -26.42
C ALA B 262 10.32 6.09 -27.35
N GLY B 263 11.61 5.82 -27.16
CA GLY B 263 12.27 4.82 -27.99
C GLY B 263 11.68 3.44 -27.74
N ILE B 264 11.37 3.15 -26.48
CA ILE B 264 10.78 1.88 -26.10
C ILE B 264 9.42 1.73 -26.79
N ALA B 265 8.64 2.81 -26.82
CA ALA B 265 7.34 2.78 -27.48
C ALA B 265 7.47 2.39 -28.96
N ALA B 266 8.39 3.05 -29.66
CA ALA B 266 8.60 2.75 -31.07
C ALA B 266 9.10 1.32 -31.28
N LEU B 267 10.05 0.87 -30.46
CA LEU B 267 10.59 -0.48 -30.60
C LEU B 267 9.54 -1.58 -30.46
N TRP B 268 8.53 -1.33 -29.64
CA TRP B 268 7.46 -2.29 -29.36
C TRP B 268 6.66 -2.70 -30.60
N GLY B 269 6.49 -1.79 -31.56
CA GLY B 269 5.74 -2.09 -32.76
C GLY B 269 6.21 -3.34 -33.48
N PRO B 270 5.28 -4.17 -34.01
CA PRO B 270 5.67 -5.40 -34.71
C PRO B 270 6.53 -5.27 -35.96
N ALA B 271 6.55 -4.09 -36.57
CA ALA B 271 7.37 -3.88 -37.76
C ALA B 271 8.79 -3.58 -37.32
N HIS B 272 8.97 -3.30 -36.03
CA HIS B 272 10.28 -2.99 -35.49
C HIS B 272 10.70 -4.12 -34.54
N GLY B 273 11.16 -3.78 -33.33
CA GLY B 273 11.60 -4.82 -32.39
C GLY B 273 10.56 -5.86 -32.01
N GLY B 274 9.29 -5.47 -32.03
CA GLY B 274 8.22 -6.39 -31.68
C GLY B 274 8.17 -7.58 -32.59
N ALA B 275 8.89 -7.50 -33.71
CA ALA B 275 8.92 -8.59 -34.67
C ALA B 275 9.49 -9.86 -34.03
N ASN B 276 10.38 -9.72 -33.04
CA ASN B 276 10.93 -10.93 -32.46
C ASN B 276 9.90 -11.79 -31.72
N GLU B 277 8.91 -11.16 -31.11
CA GLU B 277 7.85 -11.90 -30.43
C GLU B 277 6.95 -12.47 -31.51
N ALA B 278 6.71 -11.68 -32.54
CA ALA B 278 5.85 -12.10 -33.65
C ALA B 278 6.41 -13.30 -34.42
N VAL B 279 7.72 -13.40 -34.53
CA VAL B 279 8.35 -14.52 -35.24
C VAL B 279 8.02 -15.84 -34.55
N LEU B 280 8.07 -15.87 -33.22
CA LEU B 280 7.77 -17.10 -32.52
C LEU B 280 6.31 -17.52 -32.66
N LYS B 281 5.41 -16.53 -32.63
CA LYS B 281 3.98 -16.81 -32.78
C LYS B 281 3.73 -17.37 -34.19
N MET B 282 4.39 -16.78 -35.18
CA MET B 282 4.25 -17.22 -36.57
C MET B 282 4.74 -18.66 -36.72
N LEU B 283 5.91 -18.95 -36.16
CA LEU B 283 6.45 -20.31 -36.25
C LEU B 283 5.54 -21.32 -35.54
N ALA B 284 4.99 -20.94 -34.39
CA ALA B 284 4.11 -21.85 -33.67
C ALA B 284 2.85 -22.13 -34.51
N ARG B 285 2.31 -21.12 -35.17
CA ARG B 285 1.13 -21.31 -36.00
C ARG B 285 1.45 -22.19 -37.22
N ILE B 286 2.63 -22.04 -37.79
CA ILE B 286 3.03 -22.87 -38.95
C ILE B 286 3.12 -24.31 -38.44
N GLY B 287 3.80 -24.50 -37.31
CA GLY B 287 3.92 -25.81 -36.68
C GLY B 287 4.82 -26.90 -37.23
N LYS B 288 4.59 -27.30 -38.48
CA LYS B 288 5.38 -28.35 -39.15
C LYS B 288 5.86 -27.89 -40.52
N LYS B 289 6.98 -28.43 -40.97
CA LYS B 289 7.57 -28.10 -42.26
C LYS B 289 6.60 -28.22 -43.43
N GLU B 290 5.74 -29.24 -43.41
CA GLU B 290 4.77 -29.47 -44.48
C GLU B 290 3.84 -28.27 -44.67
N ASN B 291 3.76 -27.40 -43.67
CA ASN B 291 2.87 -26.24 -43.77
C ASN B 291 3.55 -24.96 -44.27
N ILE B 292 4.85 -25.02 -44.54
CA ILE B 292 5.56 -23.84 -45.02
C ILE B 292 5.13 -23.34 -46.42
N PRO B 293 5.01 -24.23 -47.41
CA PRO B 293 4.60 -23.75 -48.73
C PRO B 293 3.29 -22.94 -48.71
N ALA B 294 2.29 -23.40 -47.98
CA ALA B 294 1.02 -22.69 -47.91
C ALA B 294 1.19 -21.34 -47.22
N PHE B 295 2.08 -21.28 -46.23
CA PHE B 295 2.31 -20.00 -45.56
C PHE B 295 3.00 -19.07 -46.55
N ILE B 296 3.99 -19.58 -47.27
CA ILE B 296 4.70 -18.75 -48.23
C ILE B 296 3.69 -18.21 -49.25
N ALA B 297 2.71 -19.01 -49.64
CA ALA B 297 1.69 -18.55 -50.59
C ALA B 297 0.93 -17.33 -50.05
N GLN B 298 0.55 -17.37 -48.78
CA GLN B 298 -0.18 -16.25 -48.15
C GLN B 298 0.68 -14.99 -48.13
N VAL B 299 1.95 -15.16 -47.77
CA VAL B 299 2.87 -14.05 -47.70
C VAL B 299 2.97 -13.44 -49.10
N LYS B 300 2.91 -14.30 -50.12
CA LYS B 300 3.00 -13.86 -51.51
C LYS B 300 1.68 -13.31 -52.08
N ASP B 301 0.57 -13.60 -51.40
CA ASP B 301 -0.75 -13.13 -51.83
C ASP B 301 -0.91 -11.65 -51.45
N LYS B 302 -1.01 -10.81 -52.47
CA LYS B 302 -1.14 -9.36 -52.30
C LYS B 302 -2.28 -8.90 -51.40
N ASN B 303 -3.37 -9.68 -51.33
CA ASN B 303 -4.54 -9.35 -50.54
C ASN B 303 -4.55 -9.87 -49.09
N SER B 304 -3.61 -10.75 -48.76
CA SER B 304 -3.54 -11.35 -47.42
C SER B 304 -3.14 -10.52 -46.20
N GLY B 305 -2.21 -9.60 -46.38
CA GLY B 305 -1.77 -8.77 -45.25
C GLY B 305 -0.79 -9.53 -44.39
N VAL B 306 -0.45 -10.75 -44.78
CA VAL B 306 0.50 -11.58 -44.04
C VAL B 306 1.95 -11.34 -44.46
N LYS B 307 2.84 -11.12 -43.50
CA LYS B 307 4.24 -10.90 -43.81
C LYS B 307 5.06 -12.02 -43.19
N LEU B 308 6.23 -12.28 -43.76
CA LEU B 308 7.09 -13.31 -43.22
C LEU B 308 7.84 -12.51 -42.16
N MET B 309 7.38 -12.60 -40.91
CA MET B 309 8.02 -11.86 -39.82
C MET B 309 9.48 -12.26 -39.66
N GLY B 310 10.36 -11.29 -39.46
CA GLY B 310 11.76 -11.64 -39.31
C GLY B 310 12.52 -11.64 -40.63
N PHE B 311 11.87 -11.22 -41.70
CA PHE B 311 12.50 -11.12 -43.02
C PHE B 311 12.29 -9.69 -43.42
N GLY B 312 13.19 -9.17 -44.24
CA GLY B 312 13.04 -7.80 -44.69
C GLY B 312 13.76 -6.77 -43.83
N HIS B 313 14.10 -5.63 -44.44
CA HIS B 313 14.81 -4.58 -43.75
C HIS B 313 14.79 -3.31 -44.60
N ARG B 314 14.75 -2.15 -43.94
CA ARG B 314 14.76 -0.89 -44.67
C ARG B 314 16.11 -0.68 -45.34
N VAL B 315 17.17 -1.05 -44.64
CA VAL B 315 18.52 -0.88 -45.16
C VAL B 315 19.16 -2.11 -45.81
N TYR B 316 19.16 -3.24 -45.10
CA TYR B 316 19.75 -4.46 -45.65
C TYR B 316 18.98 -4.99 -46.85
N LYS B 317 19.71 -5.24 -47.92
CA LYS B 317 19.20 -5.79 -49.18
C LYS B 317 20.12 -6.98 -49.40
N ASN B 318 20.44 -7.64 -48.30
CA ASN B 318 21.33 -8.79 -48.29
C ASN B 318 21.15 -9.39 -46.90
N PHE B 319 21.93 -10.42 -46.58
CA PHE B 319 21.83 -11.04 -45.27
C PHE B 319 22.20 -10.00 -44.20
N ASP B 320 21.49 -10.06 -43.07
CA ASP B 320 21.74 -9.18 -41.94
C ASP B 320 22.89 -9.88 -41.20
N PRO B 321 24.07 -9.25 -41.10
CA PRO B 321 25.19 -9.92 -40.42
C PRO B 321 24.87 -10.42 -39.00
N ARG B 322 23.91 -9.75 -38.35
CA ARG B 322 23.51 -10.13 -37.00
C ARG B 322 22.72 -11.45 -37.01
N ALA B 323 21.96 -11.68 -38.07
CA ALA B 323 21.16 -12.92 -38.19
C ALA B 323 22.07 -14.13 -38.37
N LYS B 324 23.15 -13.95 -39.11
CA LYS B 324 24.08 -15.06 -39.33
C LYS B 324 24.70 -15.44 -37.99
N ILE B 325 25.09 -14.46 -37.19
CA ILE B 325 25.68 -14.73 -35.88
C ILE B 325 24.63 -15.30 -34.92
N MET B 326 23.42 -14.78 -35.02
CA MET B 326 22.31 -15.23 -34.18
C MET B 326 22.03 -16.72 -34.41
N GLN B 327 22.00 -17.14 -35.68
CA GLN B 327 21.75 -18.55 -35.98
C GLN B 327 22.89 -19.43 -35.49
N GLN B 328 24.12 -19.00 -35.75
CA GLN B 328 25.32 -19.72 -35.32
C GLN B 328 25.26 -19.83 -33.79
N THR B 329 24.78 -18.78 -33.15
CA THR B 329 24.67 -18.79 -31.69
C THR B 329 23.59 -19.77 -31.24
N CYS B 330 22.50 -19.87 -31.99
CA CYS B 330 21.45 -20.82 -31.63
C CYS B 330 22.06 -22.21 -31.55
N HIS B 331 22.76 -22.59 -32.62
CA HIS B 331 23.39 -23.89 -32.71
C HIS B 331 24.44 -24.15 -31.62
N GLU B 332 25.35 -23.21 -31.42
CA GLU B 332 26.39 -23.35 -30.41
C GLU B 332 25.80 -23.50 -29.00
N VAL B 333 24.78 -22.71 -28.69
CA VAL B 333 24.16 -22.77 -27.37
C VAL B 333 23.39 -24.08 -27.10
N LEU B 334 22.57 -24.51 -28.05
CA LEU B 334 21.84 -25.76 -27.86
C LEU B 334 22.85 -26.90 -27.72
N THR B 335 23.91 -26.87 -28.51
CA THR B 335 24.93 -27.91 -28.41
C THR B 335 25.49 -27.90 -26.99
N GLU B 336 25.98 -26.75 -26.55
CA GLU B 336 26.54 -26.60 -25.21
C GLU B 336 25.57 -26.92 -24.07
N LEU B 337 24.27 -26.82 -24.33
CA LEU B 337 23.27 -27.12 -23.31
C LEU B 337 22.85 -28.58 -23.41
N GLY B 338 23.40 -29.28 -24.39
CA GLY B 338 23.07 -30.68 -24.56
C GLY B 338 21.67 -30.95 -25.09
N ILE B 339 21.23 -30.11 -26.02
CA ILE B 339 19.91 -30.26 -26.64
C ILE B 339 20.23 -30.76 -28.04
N LYS B 340 19.81 -31.97 -28.37
CA LYS B 340 20.09 -32.52 -29.69
C LYS B 340 19.08 -32.09 -30.75
N ASP B 341 17.87 -31.74 -30.32
CA ASP B 341 16.90 -31.25 -31.29
C ASP B 341 16.00 -30.13 -30.79
N ASP B 342 15.95 -29.07 -31.59
CA ASP B 342 15.09 -27.93 -31.31
C ASP B 342 14.23 -27.87 -32.55
N PRO B 343 13.06 -28.51 -32.52
CA PRO B 343 12.07 -28.58 -33.60
C PRO B 343 11.82 -27.20 -34.15
N LEU B 344 11.72 -26.24 -33.24
CA LEU B 344 11.47 -24.88 -33.61
C LEU B 344 12.61 -24.31 -34.44
N LEU B 345 13.83 -24.51 -34.01
CA LEU B 345 14.97 -24.00 -34.79
C LEU B 345 14.89 -24.69 -36.15
N ASP B 346 14.62 -26.00 -36.15
CA ASP B 346 14.52 -26.73 -37.42
C ASP B 346 13.51 -26.08 -38.36
N LEU B 347 12.35 -25.74 -37.81
CA LEU B 347 11.29 -25.13 -38.59
C LEU B 347 11.71 -23.78 -39.21
N ALA B 348 12.38 -22.93 -38.42
CA ALA B 348 12.83 -21.63 -38.92
C ALA B 348 13.90 -21.78 -40.00
N VAL B 349 14.82 -22.72 -39.79
CA VAL B 349 15.88 -22.95 -40.76
C VAL B 349 15.30 -23.39 -42.11
N GLU B 350 14.25 -24.20 -42.07
CA GLU B 350 13.60 -24.67 -43.28
C GLU B 350 12.81 -23.53 -43.93
N LEU B 351 12.19 -22.68 -43.11
CA LEU B 351 11.43 -21.54 -43.62
C LEU B 351 12.37 -20.58 -44.33
N GLU B 352 13.58 -20.38 -43.77
CA GLU B 352 14.55 -19.50 -44.39
C GLU B 352 15.02 -20.13 -45.70
N LYS B 353 15.27 -21.44 -45.67
CA LYS B 353 15.72 -22.15 -46.86
C LYS B 353 14.73 -21.99 -48.01
N ILE B 354 13.45 -22.22 -47.73
CA ILE B 354 12.41 -22.11 -48.74
C ILE B 354 12.18 -20.66 -49.18
N ALA B 355 12.03 -19.74 -48.24
CA ALA B 355 11.81 -18.35 -48.61
C ALA B 355 12.95 -17.79 -49.47
N LEU B 356 14.20 -18.05 -49.10
CA LEU B 356 15.33 -17.53 -49.88
C LEU B 356 15.41 -18.10 -51.30
N SER B 357 14.74 -19.23 -51.51
CA SER B 357 14.73 -19.89 -52.83
C SER B 357 13.55 -19.46 -53.67
N ASP B 358 12.60 -18.77 -53.05
CA ASP B 358 11.40 -18.31 -53.71
C ASP B 358 11.62 -16.93 -54.36
N ASP B 359 11.26 -16.86 -55.64
CA ASP B 359 11.43 -15.66 -56.44
C ASP B 359 10.82 -14.37 -55.87
N TYR B 360 9.73 -14.47 -55.11
CA TYR B 360 9.12 -13.28 -54.52
C TYR B 360 10.15 -12.59 -53.62
N PHE B 361 10.83 -13.38 -52.80
CA PHE B 361 11.83 -12.83 -51.88
C PHE B 361 13.16 -12.52 -52.56
N VAL B 362 13.53 -13.31 -53.57
CA VAL B 362 14.78 -13.07 -54.30
C VAL B 362 14.71 -11.69 -54.94
N GLN B 363 13.61 -11.45 -55.65
CA GLN B 363 13.35 -10.20 -56.35
C GLN B 363 13.31 -8.96 -55.44
N ARG B 364 12.71 -9.11 -54.26
CA ARG B 364 12.59 -8.01 -53.31
C ARG B 364 13.76 -7.91 -52.33
N LYS B 365 14.76 -8.78 -52.51
CA LYS B 365 15.96 -8.82 -51.66
C LYS B 365 15.61 -8.87 -50.18
N LEU B 366 14.71 -9.80 -49.85
CA LEU B 366 14.26 -10.01 -48.49
C LEU B 366 15.04 -11.18 -47.90
N TYR B 367 15.70 -10.92 -46.78
CA TYR B 367 16.52 -11.91 -46.08
C TYR B 367 16.19 -11.91 -44.61
N PRO B 368 16.70 -12.91 -43.86
CA PRO B 368 16.39 -12.89 -42.43
C PRO B 368 17.00 -11.64 -41.81
N ASN B 369 16.36 -11.10 -40.78
CA ASN B 369 16.91 -9.95 -40.10
C ASN B 369 17.19 -10.40 -38.66
N VAL B 370 17.71 -9.52 -37.83
CA VAL B 370 18.06 -9.82 -36.45
C VAL B 370 16.96 -10.55 -35.64
N ASP B 371 15.70 -10.28 -35.95
CA ASP B 371 14.60 -10.91 -35.21
C ASP B 371 14.20 -12.33 -35.60
N PHE B 372 14.75 -12.86 -36.69
CA PHE B 372 14.35 -14.20 -37.11
C PHE B 372 14.78 -15.33 -36.18
N TYR B 373 16.01 -15.27 -35.68
CA TYR B 373 16.55 -16.31 -34.80
C TYR B 373 16.74 -15.92 -33.34
N SER B 374 16.50 -14.67 -33.01
CA SER B 374 16.71 -14.24 -31.63
C SER B 374 15.79 -14.90 -30.62
N GLY B 375 14.49 -14.93 -30.89
CA GLY B 375 13.56 -15.54 -29.97
C GLY B 375 13.90 -16.98 -29.69
N ILE B 376 14.37 -17.70 -30.70
CA ILE B 376 14.71 -19.10 -30.50
C ILE B 376 15.84 -19.25 -29.46
N ILE B 377 16.87 -18.41 -29.55
CA ILE B 377 17.98 -18.48 -28.57
C ILE B 377 17.44 -18.09 -27.19
N LEU B 378 16.73 -16.97 -27.14
CA LEU B 378 16.18 -16.48 -25.88
C LEU B 378 15.31 -17.53 -25.18
N LYS B 379 14.49 -18.23 -25.97
CA LYS B 379 13.63 -19.26 -25.40
C LYS B 379 14.50 -20.36 -24.80
N ALA B 380 15.58 -20.70 -25.49
CA ALA B 380 16.49 -21.73 -24.99
C ALA B 380 17.13 -21.30 -23.67
N MET B 381 17.21 -19.99 -23.45
CA MET B 381 17.80 -19.46 -22.23
C MET B 381 16.76 -19.30 -21.12
N GLY B 382 15.53 -19.73 -21.40
CA GLY B 382 14.49 -19.62 -20.40
C GLY B 382 13.71 -18.32 -20.39
N ILE B 383 14.06 -17.40 -21.29
CA ILE B 383 13.36 -16.12 -21.35
C ILE B 383 12.04 -16.37 -22.07
N PRO B 384 10.91 -15.91 -21.48
CA PRO B 384 9.61 -16.13 -22.12
C PRO B 384 9.35 -15.17 -23.28
N THR B 385 8.46 -15.56 -24.19
CA THR B 385 8.18 -14.71 -25.34
C THR B 385 7.71 -13.30 -24.99
N SER B 386 7.08 -13.15 -23.83
CA SER B 386 6.59 -11.84 -23.38
C SER B 386 7.74 -10.89 -23.06
N MET B 387 8.94 -11.44 -22.98
CA MET B 387 10.13 -10.66 -22.65
C MET B 387 11.13 -10.44 -23.79
N PHE B 388 10.90 -11.04 -24.96
CA PHE B 388 11.82 -10.87 -26.08
C PHE B 388 12.10 -9.42 -26.47
N THR B 389 11.06 -8.60 -26.63
CA THR B 389 11.29 -7.22 -27.04
C THR B 389 11.88 -6.38 -25.89
N VAL B 390 11.56 -6.75 -24.65
CA VAL B 390 12.12 -6.05 -23.51
C VAL B 390 13.62 -6.29 -23.50
N LEU B 391 14.05 -7.52 -23.82
CA LEU B 391 15.48 -7.82 -23.86
C LEU B 391 16.15 -6.98 -24.94
N PHE B 392 15.47 -6.83 -26.07
CA PHE B 392 15.96 -6.02 -27.18
C PHE B 392 16.17 -4.60 -26.65
N ALA B 393 15.15 -4.07 -25.97
CA ALA B 393 15.21 -2.72 -25.42
C ALA B 393 16.35 -2.52 -24.40
N VAL B 394 16.61 -3.54 -23.57
CA VAL B 394 17.69 -3.44 -22.58
C VAL B 394 19.02 -3.24 -23.31
N ALA B 395 19.24 -4.07 -24.34
CA ALA B 395 20.47 -3.96 -25.12
C ALA B 395 20.53 -2.65 -25.89
N ARG B 396 19.44 -2.32 -26.60
CA ARG B 396 19.37 -1.11 -27.41
C ARG B 396 19.42 0.22 -26.66
N THR B 397 19.18 0.21 -25.35
CA THR B 397 19.24 1.43 -24.57
C THR B 397 20.65 2.01 -24.75
N THR B 398 21.65 1.13 -24.91
CA THR B 398 23.02 1.58 -25.10
C THR B 398 23.13 2.42 -26.38
N GLY B 399 22.61 1.89 -27.47
CA GLY B 399 22.64 2.63 -28.72
C GLY B 399 21.80 3.89 -28.62
N TRP B 400 20.61 3.78 -28.02
CA TRP B 400 19.75 4.96 -27.90
C TRP B 400 20.42 6.10 -27.14
N VAL B 401 21.04 5.83 -26.00
CA VAL B 401 21.67 6.92 -25.27
C VAL B 401 22.93 7.41 -25.98
N SER B 402 23.61 6.51 -26.69
CA SER B 402 24.81 6.89 -27.44
C SER B 402 24.42 7.83 -28.58
N GLN B 403 23.32 7.51 -29.25
CA GLN B 403 22.82 8.32 -30.35
C GLN B 403 22.28 9.64 -29.81
N TRP B 404 21.57 9.60 -28.69
CA TRP B 404 21.03 10.82 -28.10
C TRP B 404 22.16 11.76 -27.74
N LYS B 405 23.19 11.23 -27.09
CA LYS B 405 24.34 12.04 -26.68
C LYS B 405 25.04 12.66 -27.89
N GLU B 406 25.22 11.88 -28.95
CA GLU B 406 25.88 12.41 -30.14
C GLU B 406 25.02 13.53 -30.72
N MET B 407 23.72 13.31 -30.79
CA MET B 407 22.80 14.31 -31.33
C MET B 407 22.79 15.62 -30.55
N ILE B 408 22.61 15.52 -29.24
CA ILE B 408 22.53 16.71 -28.38
C ILE B 408 23.87 17.48 -28.22
N GLU B 409 25.01 16.80 -28.38
CA GLU B 409 26.31 17.48 -28.23
C GLU B 409 26.88 18.03 -29.53
N GLU B 410 26.23 17.74 -30.64
CA GLU B 410 26.69 18.21 -31.93
C GLU B 410 26.55 19.71 -32.13
N PRO B 411 27.65 20.39 -32.52
CA PRO B 411 27.54 21.82 -32.74
C PRO B 411 26.47 22.04 -33.80
N GLY B 412 25.66 23.06 -33.64
CA GLY B 412 24.63 23.33 -34.63
C GLY B 412 23.37 22.49 -34.58
N GLN B 413 23.18 21.72 -33.50
CA GLN B 413 22.00 20.88 -33.34
C GLN B 413 20.76 21.75 -33.33
N ARG B 414 19.75 21.33 -34.08
CA ARG B 414 18.48 22.06 -34.17
C ARG B 414 17.33 21.09 -33.90
N ILE B 415 16.16 21.62 -33.62
CA ILE B 415 15.00 20.78 -33.35
C ILE B 415 14.62 20.03 -34.63
N SER B 416 14.05 18.82 -34.50
CA SER B 416 13.64 18.07 -35.68
C SER B 416 12.19 18.44 -35.86
N ARG B 417 11.88 19.06 -37.00
CA ARG B 417 10.54 19.52 -37.28
C ARG B 417 10.35 19.50 -38.79
N PRO B 418 9.75 18.43 -39.32
CA PRO B 418 9.53 18.29 -40.76
C PRO B 418 8.33 19.08 -41.27
N ARG B 419 8.11 19.01 -42.57
CA ARG B 419 6.98 19.71 -43.20
C ARG B 419 6.01 18.66 -43.72
N GLN B 420 5.03 19.08 -44.52
CA GLN B 420 4.05 18.15 -45.08
C GLN B 420 3.50 18.72 -46.37
N LEU B 421 2.65 17.94 -47.04
CA LEU B 421 1.98 18.41 -48.25
C LEU B 421 0.54 18.40 -47.80
N TYR B 422 -0.06 19.58 -47.73
CA TYR B 422 -1.44 19.69 -47.31
C TYR B 422 -2.37 19.40 -48.48
N ILE B 423 -3.24 18.39 -48.32
CA ILE B 423 -4.19 18.02 -49.37
C ILE B 423 -5.64 18.02 -48.85
N GLY B 424 -5.88 18.76 -47.77
CA GLY B 424 -7.21 18.83 -47.19
C GLY B 424 -8.12 19.92 -47.75
N ALA B 425 -9.13 20.31 -46.99
CA ALA B 425 -10.07 21.33 -47.42
C ALA B 425 -9.48 22.72 -47.59
N PRO B 426 -9.97 23.47 -48.58
CA PRO B 426 -9.49 24.84 -48.81
C PRO B 426 -10.07 25.64 -47.67
N GLN B 427 -9.64 26.89 -47.49
CA GLN B 427 -10.19 27.71 -46.41
C GLN B 427 -11.70 27.86 -46.52
N ARG B 428 -12.37 27.75 -45.37
CA ARG B 428 -13.83 27.89 -45.32
C ARG B 428 -14.24 28.51 -43.99
N ASP B 429 -15.31 29.30 -44.01
CA ASP B 429 -15.80 29.96 -42.81
C ASP B 429 -16.56 29.04 -41.88
N TYR B 430 -16.46 29.32 -40.58
CA TYR B 430 -17.14 28.55 -39.55
C TYR B 430 -18.63 28.46 -39.86
N VAL B 431 -19.21 27.29 -39.65
CA VAL B 431 -20.63 27.09 -39.89
C VAL B 431 -21.29 26.84 -38.53
N PRO B 432 -22.29 27.68 -38.15
CA PRO B 432 -22.97 27.50 -36.87
C PRO B 432 -23.62 26.12 -36.80
N LEU B 433 -23.66 25.52 -35.61
CA LEU B 433 -24.23 24.18 -35.43
C LEU B 433 -25.53 23.87 -36.17
N ALA B 434 -26.49 24.79 -36.08
CA ALA B 434 -27.80 24.63 -36.72
C ALA B 434 -27.82 24.55 -38.25
N LYS B 435 -26.73 24.95 -38.89
CA LYS B 435 -26.67 24.94 -40.35
C LYS B 435 -25.82 23.79 -40.92
N ARG B 436 -25.36 22.89 -40.06
CA ARG B 436 -24.52 21.77 -40.47
C ARG B 436 -25.27 20.52 -40.92
N SER C 11 11.49 46.99 44.18
CA SER C 11 11.30 46.12 45.37
C SER C 11 12.41 45.06 45.41
N THR C 12 12.89 44.74 46.60
CA THR C 12 13.94 43.74 46.75
C THR C 12 13.68 42.76 47.90
N ALA C 13 14.36 41.62 47.84
CA ALA C 13 14.25 40.60 48.86
C ALA C 13 15.69 40.29 49.23
N THR C 14 15.90 39.70 50.40
CA THR C 14 17.25 39.38 50.81
C THR C 14 17.38 37.89 51.03
N ILE C 15 18.44 37.32 50.50
CA ILE C 15 18.69 35.90 50.69
C ILE C 15 20.07 35.84 51.32
N SER C 16 20.16 35.15 52.44
CA SER C 16 21.40 35.01 53.16
C SER C 16 21.72 33.53 53.27
N VAL C 17 22.97 33.17 52.97
CA VAL C 17 23.40 31.79 53.10
C VAL C 17 24.86 31.84 53.53
N ASP C 18 25.25 30.89 54.38
CA ASP C 18 26.65 30.83 54.80
C ASP C 18 27.14 32.19 55.34
N GLY C 19 26.29 32.91 56.07
CA GLY C 19 26.67 34.20 56.64
C GLY C 19 26.70 35.38 55.69
N LYS C 20 26.63 35.08 54.39
CA LYS C 20 26.67 36.09 53.34
C LYS C 20 25.27 36.36 52.76
N SER C 21 24.96 37.61 52.43
CA SER C 21 23.65 37.93 51.88
C SER C 21 23.68 38.75 50.59
N ALA C 22 22.58 38.68 49.84
CA ALA C 22 22.47 39.40 48.59
C ALA C 22 21.01 39.80 48.37
N GLU C 23 20.81 40.89 47.64
CA GLU C 23 19.47 41.38 47.36
C GLU C 23 19.04 40.87 46.00
N MET C 24 17.77 40.48 45.91
CA MET C 24 17.18 39.96 44.68
C MET C 24 16.01 40.86 44.32
N PRO C 25 15.82 41.12 43.03
CA PRO C 25 14.69 41.98 42.68
C PRO C 25 13.39 41.25 42.98
N VAL C 26 12.33 41.98 43.35
CA VAL C 26 11.05 41.34 43.57
C VAL C 26 10.16 41.95 42.52
N LEU C 27 9.46 41.11 41.76
CA LEU C 27 8.60 41.57 40.69
C LEU C 27 7.13 41.32 41.06
N SER C 28 6.25 42.24 40.65
CA SER C 28 4.83 42.14 40.93
C SER C 28 4.08 41.91 39.61
N GLY C 29 3.00 41.13 39.67
CA GLY C 29 2.22 40.89 38.47
C GLY C 29 0.95 41.71 38.52
N THR C 30 0.14 41.62 37.47
CA THR C 30 -1.13 42.34 37.38
C THR C 30 -2.03 41.81 38.49
N LEU C 31 -1.93 40.51 38.69
CA LEU C 31 -2.67 39.77 39.69
C LEU C 31 -1.74 38.64 40.14
N GLY C 32 -2.05 38.03 41.28
CA GLY C 32 -1.22 36.94 41.76
C GLY C 32 -0.10 37.35 42.69
N PRO C 33 0.62 36.38 43.27
CA PRO C 33 1.73 36.63 44.20
C PRO C 33 2.89 37.37 43.57
N ASP C 34 3.75 37.93 44.42
CA ASP C 34 4.95 38.62 43.97
C ASP C 34 5.94 37.50 43.77
N VAL C 35 7.03 37.75 43.04
CA VAL C 35 8.05 36.72 42.83
C VAL C 35 9.45 37.25 43.01
N ILE C 36 10.34 36.38 43.51
CA ILE C 36 11.72 36.74 43.73
C ILE C 36 12.60 36.31 42.57
N ASP C 37 13.17 37.28 41.87
CA ASP C 37 14.05 37.06 40.73
C ASP C 37 15.40 36.52 41.19
N ILE C 38 15.63 35.23 40.96
CA ILE C 38 16.88 34.60 41.37
C ILE C 38 17.88 34.38 40.24
N ARG C 39 17.71 35.07 39.12
CA ARG C 39 18.61 34.88 38.00
C ARG C 39 20.10 35.11 38.27
N LYS C 40 20.41 35.94 39.26
CA LYS C 40 21.82 36.21 39.59
C LYS C 40 22.23 35.51 40.87
N LEU C 41 21.37 34.64 41.40
CA LEU C 41 21.68 33.93 42.64
C LEU C 41 23.02 33.20 42.68
N PRO C 42 23.37 32.41 41.63
CA PRO C 42 24.67 31.72 41.71
C PRO C 42 25.85 32.69 41.75
N ALA C 43 25.79 33.74 40.93
CA ALA C 43 26.86 34.71 40.90
C ALA C 43 26.96 35.43 42.24
N GLN C 44 25.82 35.68 42.88
CA GLN C 44 25.77 36.39 44.15
C GLN C 44 26.08 35.60 45.42
N LEU C 45 25.55 34.38 45.53
CA LEU C 45 25.75 33.56 46.73
C LEU C 45 26.32 32.15 46.49
N GLY C 46 26.63 31.84 45.24
CA GLY C 46 27.19 30.54 44.93
C GLY C 46 26.28 29.33 45.10
N VAL C 47 24.96 29.53 45.10
CA VAL C 47 24.02 28.41 45.23
C VAL C 47 22.89 28.48 44.21
N PHE C 48 22.09 27.42 44.15
CA PHE C 48 20.93 27.36 43.25
C PHE C 48 19.80 27.13 44.22
N THR C 49 18.57 27.19 43.75
CA THR C 49 17.44 26.88 44.62
C THR C 49 17.23 25.42 44.32
N PHE C 50 16.41 24.75 45.12
CA PHE C 50 16.10 23.33 44.92
C PHE C 50 14.59 23.27 44.93
N ASP C 51 13.99 22.95 43.78
CA ASP C 51 12.53 22.91 43.69
C ASP C 51 11.99 21.81 42.78
N PRO C 52 12.23 20.54 43.13
CA PRO C 52 11.72 19.42 42.30
C PRO C 52 10.21 19.57 42.17
N GLY C 53 9.70 19.44 40.95
CA GLY C 53 8.27 19.60 40.74
C GLY C 53 7.97 21.00 40.24
N TYR C 54 8.91 21.91 40.49
CA TYR C 54 8.80 23.33 40.08
C TYR C 54 7.62 24.12 40.66
N GLY C 55 6.87 23.52 41.58
CA GLY C 55 5.69 24.16 42.14
C GLY C 55 5.83 25.52 42.83
N GLU C 56 7.06 25.90 43.15
CA GLU C 56 7.31 27.16 43.85
C GLU C 56 8.16 28.11 43.00
N THR C 57 8.33 27.77 41.72
CA THR C 57 9.12 28.54 40.78
C THR C 57 8.29 29.10 39.60
N ALA C 58 8.30 30.41 39.39
CA ALA C 58 7.57 30.99 38.26
C ALA C 58 8.57 30.85 37.11
N ALA C 59 8.18 30.08 36.09
CA ALA C 59 9.04 29.81 34.95
C ALA C 59 9.00 30.85 33.85
N CYS C 60 8.04 31.75 33.91
CA CYS C 60 7.92 32.74 32.85
C CYS C 60 6.93 33.82 33.18
N ASN C 61 6.89 34.81 32.30
CA ASN C 61 5.95 35.91 32.40
C ASN C 61 4.89 35.40 31.45
N SER C 62 3.65 35.84 31.63
CA SER C 62 2.59 35.46 30.68
C SER C 62 1.43 36.42 30.81
N LYS C 63 0.72 36.60 29.71
CA LYS C 63 -0.43 37.51 29.69
C LYS C 63 -1.64 36.77 29.19
N ILE C 64 -1.48 35.47 28.99
CA ILE C 64 -2.57 34.66 28.46
C ILE C 64 -3.68 34.27 29.45
N THR C 65 -3.30 33.56 30.49
CA THR C 65 -4.24 33.06 31.47
C THR C 65 -3.82 33.36 32.92
N PHE C 66 -4.78 33.72 33.77
CA PHE C 66 -4.49 33.96 35.17
C PHE C 66 -5.29 32.98 35.98
N ILE C 67 -4.67 32.39 37.00
CA ILE C 67 -5.36 31.48 37.88
C ILE C 67 -5.10 31.90 39.32
N ASP C 68 -6.15 32.03 40.12
CA ASP C 68 -5.96 32.31 41.53
C ASP C 68 -6.40 31.00 42.11
N GLY C 69 -5.42 30.18 42.47
CA GLY C 69 -5.70 28.86 43.00
C GLY C 69 -6.44 28.79 44.33
N ASP C 70 -6.13 29.71 45.23
CA ASP C 70 -6.79 29.71 46.52
C ASP C 70 -8.25 30.17 46.39
N LYS C 71 -8.52 31.09 45.47
CA LYS C 71 -9.89 31.59 45.26
C LYS C 71 -10.67 30.80 44.19
N GLY C 72 -9.97 29.97 43.43
CA GLY C 72 -10.64 29.20 42.40
C GLY C 72 -11.14 30.06 41.26
N VAL C 73 -10.29 30.97 40.80
CA VAL C 73 -10.61 31.88 39.71
C VAL C 73 -9.77 31.57 38.47
N LEU C 74 -10.39 31.62 37.30
CA LEU C 74 -9.68 31.36 36.05
C LEU C 74 -10.07 32.44 35.04
N LEU C 75 -9.06 33.12 34.50
CA LEU C 75 -9.29 34.16 33.52
C LEU C 75 -8.45 33.92 32.27
N HIS C 76 -9.01 34.22 31.11
CA HIS C 76 -8.30 34.08 29.85
C HIS C 76 -8.31 35.50 29.29
N ARG C 77 -7.13 36.11 29.24
CA ARG C 77 -6.96 37.47 28.77
C ARG C 77 -7.89 38.41 29.54
N GLY C 78 -8.05 38.11 30.83
CA GLY C 78 -8.89 38.92 31.69
C GLY C 78 -10.34 38.47 31.82
N TYR C 79 -10.82 37.69 30.86
CA TYR C 79 -12.20 37.22 30.87
C TYR C 79 -12.41 35.94 31.70
N PRO C 80 -13.37 35.96 32.64
CA PRO C 80 -13.66 34.79 33.48
C PRO C 80 -14.10 33.60 32.64
N ILE C 81 -13.66 32.39 33.00
CA ILE C 81 -14.03 31.22 32.21
C ILE C 81 -15.55 31.00 32.11
N ALA C 82 -16.29 31.26 33.18
CA ALA C 82 -17.75 31.07 33.13
C ALA C 82 -18.40 31.96 32.06
N GLN C 83 -17.91 33.19 31.90
CA GLN C 83 -18.50 34.08 30.90
C GLN C 83 -18.16 33.65 29.47
N LEU C 84 -16.97 33.09 29.27
CA LEU C 84 -16.57 32.64 27.95
C LEU C 84 -17.32 31.35 27.60
N ALA C 85 -17.40 30.44 28.56
CA ALA C 85 -18.09 29.17 28.37
C ALA C 85 -19.58 29.39 28.08
N GLU C 86 -20.16 30.40 28.73
CA GLU C 86 -21.56 30.69 28.56
C GLU C 86 -21.91 31.44 27.28
N ASN C 87 -21.05 32.37 26.88
CA ASN C 87 -21.35 33.21 25.72
C ASN C 87 -20.54 33.13 24.43
N ALA C 88 -19.28 32.73 24.52
CA ALA C 88 -18.41 32.70 23.35
C ALA C 88 -18.40 31.44 22.47
N SER C 89 -18.03 31.62 21.21
CA SER C 89 -17.94 30.48 20.30
C SER C 89 -16.51 30.05 20.57
N TYR C 90 -16.20 28.78 20.38
CA TYR C 90 -14.84 28.34 20.65
C TYR C 90 -13.82 29.10 19.78
N GLU C 91 -14.20 29.45 18.55
CA GLU C 91 -13.27 30.17 17.68
C GLU C 91 -12.93 31.55 18.24
N GLU C 92 -13.89 32.17 18.94
CA GLU C 92 -13.66 33.47 19.55
C GLU C 92 -12.62 33.30 20.64
N VAL C 93 -12.73 32.19 21.38
CA VAL C 93 -11.80 31.90 22.45
C VAL C 93 -10.42 31.53 21.89
N ILE C 94 -10.38 30.89 20.72
CA ILE C 94 -9.10 30.55 20.11
C ILE C 94 -8.41 31.86 19.72
N TYR C 95 -9.15 32.75 19.06
CA TYR C 95 -8.60 34.05 18.65
C TYR C 95 -8.11 34.83 19.86
N LEU C 96 -8.90 34.82 20.92
CA LEU C 96 -8.56 35.51 22.16
C LEU C 96 -7.24 35.02 22.75
N LEU C 97 -7.10 33.70 22.89
CA LEU C 97 -5.89 33.13 23.46
C LEU C 97 -4.66 33.39 22.59
N LEU C 98 -4.83 33.32 21.27
CA LEU C 98 -3.71 33.56 20.35
C LEU C 98 -3.28 35.01 20.27
N ASN C 99 -4.27 35.88 20.14
CA ASN C 99 -4.01 37.29 19.95
C ASN C 99 -4.08 38.28 21.12
N GLY C 100 -4.95 38.05 22.10
CA GLY C 100 -5.00 38.97 23.23
C GLY C 100 -6.33 39.69 23.45
N GLU C 101 -7.17 39.74 22.42
CA GLU C 101 -8.46 40.41 22.52
C GLU C 101 -9.53 39.63 21.76
N LEU C 102 -10.80 39.89 22.09
CA LEU C 102 -11.89 39.22 21.38
C LEU C 102 -11.90 39.87 20.01
N PRO C 103 -12.18 39.09 18.97
CA PRO C 103 -12.20 39.63 17.60
C PRO C 103 -13.47 40.40 17.25
N ASN C 104 -13.35 41.44 16.41
CA ASN C 104 -14.56 42.16 16.01
C ASN C 104 -15.05 41.33 14.83
N LYS C 105 -16.18 41.69 14.23
CA LYS C 105 -16.71 40.89 13.12
C LYS C 105 -15.76 40.62 11.95
N ALA C 106 -15.06 41.66 11.47
CA ALA C 106 -14.14 41.50 10.37
C ALA C 106 -12.97 40.58 10.75
N GLN C 107 -12.45 40.74 11.96
CA GLN C 107 -11.35 39.90 12.41
C GLN C 107 -11.79 38.45 12.56
N TYR C 108 -12.97 38.26 13.11
CA TYR C 108 -13.53 36.92 13.30
C TYR C 108 -13.69 36.22 11.95
N ASP C 109 -14.26 36.92 10.99
CA ASP C 109 -14.47 36.33 9.68
C ASP C 109 -13.14 35.97 9.01
N THR C 110 -12.14 36.85 9.11
CA THR C 110 -10.84 36.58 8.51
C THR C 110 -10.17 35.38 9.19
N PHE C 111 -10.26 35.34 10.51
CA PHE C 111 -9.69 34.28 11.33
C PHE C 111 -10.30 32.91 11.02
N THR C 112 -11.62 32.83 11.07
CA THR C 112 -12.27 31.56 10.80
C THR C 112 -12.09 31.13 9.34
N ASN C 113 -11.92 32.08 8.42
CA ASN C 113 -11.71 31.71 7.02
C ASN C 113 -10.35 31.05 6.90
N THR C 114 -9.36 31.59 7.61
CA THR C 114 -8.01 31.01 7.57
C THR C 114 -8.00 29.60 8.13
N LEU C 115 -8.69 29.40 9.24
CA LEU C 115 -8.74 28.08 9.84
C LEU C 115 -9.37 27.09 8.87
N THR C 116 -10.52 27.44 8.30
CA THR C 116 -11.17 26.52 7.38
C THR C 116 -10.30 26.20 6.16
N ASN C 117 -9.45 27.15 5.78
CA ASN C 117 -8.59 26.95 4.62
C ASN C 117 -7.40 26.04 4.92
N HIS C 118 -7.28 25.59 6.18
CA HIS C 118 -6.16 24.71 6.56
C HIS C 118 -6.56 23.42 7.25
N THR C 119 -7.85 23.08 7.21
CA THR C 119 -8.32 21.86 7.87
C THR C 119 -7.95 20.57 7.15
N LEU C 120 -7.73 20.64 5.84
CA LEU C 120 -7.38 19.44 5.07
C LEU C 120 -5.93 19.01 5.26
N LEU C 121 -5.72 17.69 5.37
CA LEU C 121 -4.39 17.12 5.56
C LEU C 121 -3.81 16.63 4.25
N HIS C 122 -2.48 16.63 4.17
CA HIS C 122 -1.79 16.14 2.98
C HIS C 122 -2.17 14.66 2.93
N GLU C 123 -2.65 14.18 1.78
CA GLU C 123 -3.07 12.79 1.67
C GLU C 123 -2.02 11.72 2.01
N GLN C 124 -0.75 12.06 1.93
CA GLN C 124 0.29 11.08 2.24
C GLN C 124 0.20 10.69 3.70
N ILE C 125 -0.43 11.56 4.49
CA ILE C 125 -0.58 11.32 5.93
C ILE C 125 -1.45 10.09 6.20
N ARG C 126 -2.21 9.64 5.21
CA ARG C 126 -3.02 8.44 5.38
C ARG C 126 -2.11 7.25 5.68
N ASN C 127 -0.96 7.22 5.04
CA ASN C 127 -0.02 6.12 5.24
C ASN C 127 0.45 6.03 6.70
N PHE C 128 0.53 7.17 7.38
CA PHE C 128 0.94 7.20 8.79
C PHE C 128 0.00 6.35 9.62
N PHE C 129 -1.28 6.61 9.43
CA PHE C 129 -2.28 5.87 10.19
C PHE C 129 -2.14 4.36 9.99
N ASN C 130 -1.74 3.94 8.80
CA ASN C 130 -1.59 2.51 8.53
C ASN C 130 -0.40 1.89 9.26
N GLY C 131 0.41 2.72 9.92
CA GLY C 131 1.55 2.20 10.63
C GLY C 131 1.14 1.69 12.00
N PHE C 132 -0.09 2.03 12.39
CA PHE C 132 -0.65 1.62 13.67
C PHE C 132 -1.54 0.41 13.60
N ARG C 133 -1.60 -0.36 14.68
CA ARG C 133 -2.49 -1.50 14.73
C ARG C 133 -3.81 -0.80 15.01
N ARG C 134 -4.91 -1.44 14.63
CA ARG C 134 -6.24 -0.88 14.83
C ARG C 134 -6.58 -0.72 16.31
N ASP C 135 -5.91 -1.48 17.18
CA ASP C 135 -6.17 -1.39 18.61
C ASP C 135 -5.26 -0.39 19.30
N ALA C 136 -4.60 0.47 18.51
CA ALA C 136 -3.71 1.47 19.08
C ALA C 136 -4.48 2.53 19.85
N HIS C 137 -3.91 3.02 20.94
CA HIS C 137 -4.57 4.04 21.74
C HIS C 137 -4.53 5.33 20.92
N PRO C 138 -5.67 6.01 20.78
CA PRO C 138 -5.70 7.24 19.99
C PRO C 138 -4.69 8.32 20.37
N MET C 139 -4.25 8.38 21.62
CA MET C 139 -3.27 9.40 22.01
C MET C 139 -1.92 9.09 21.35
N ALA C 140 -1.62 7.81 21.20
CA ALA C 140 -0.36 7.44 20.57
C ALA C 140 -0.44 7.83 19.09
N ILE C 141 -1.60 7.60 18.49
CA ILE C 141 -1.76 7.95 17.08
C ILE C 141 -1.59 9.46 16.94
N LEU C 142 -2.23 10.22 17.82
CA LEU C 142 -2.15 11.66 17.79
C LEU C 142 -0.72 12.17 17.99
N CYS C 143 -0.05 11.66 19.01
CA CYS C 143 1.32 12.08 19.30
C CYS C 143 2.24 11.81 18.11
N GLY C 144 2.23 10.57 17.63
CA GLY C 144 3.07 10.21 16.51
C GLY C 144 2.77 10.95 15.23
N THR C 145 1.51 11.07 14.91
CA THR C 145 1.11 11.74 13.67
C THR C 145 1.37 13.25 13.69
N VAL C 146 1.19 13.91 14.84
CA VAL C 146 1.46 15.34 14.89
C VAL C 146 2.97 15.55 14.78
N GLY C 147 3.75 14.68 15.41
CA GLY C 147 5.19 14.80 15.33
C GLY C 147 5.64 14.64 13.89
N ALA C 148 5.06 13.65 13.22
CA ALA C 148 5.37 13.37 11.82
C ALA C 148 5.02 14.56 10.92
N LEU C 149 3.95 15.24 11.27
CA LEU C 149 3.48 16.40 10.51
C LEU C 149 4.54 17.50 10.42
N SER C 150 5.47 17.53 11.38
CA SER C 150 6.53 18.55 11.37
C SER C 150 7.35 18.42 10.09
N ALA C 151 7.39 17.23 9.52
CA ALA C 151 8.16 16.96 8.30
C ALA C 151 7.60 17.68 7.08
N PHE C 152 6.29 17.89 7.08
CA PHE C 152 5.65 18.55 5.95
C PHE C 152 5.83 20.06 5.92
N TYR C 153 6.33 20.60 7.02
CA TYR C 153 6.53 22.04 7.09
C TYR C 153 7.96 22.41 7.48
N PRO C 154 8.91 22.15 6.58
CA PRO C 154 10.32 22.48 6.88
C PRO C 154 10.54 23.95 7.23
N ASP C 155 9.70 24.84 6.71
CA ASP C 155 9.84 26.25 7.01
C ASP C 155 9.58 26.54 8.47
N ALA C 156 8.86 25.65 9.15
CA ALA C 156 8.59 25.87 10.56
C ALA C 156 9.82 25.56 11.39
N ASN C 157 10.90 25.12 10.74
CA ASN C 157 12.12 24.81 11.48
C ASN C 157 12.82 26.13 11.75
N ASP C 158 12.39 27.18 11.07
CA ASP C 158 12.97 28.48 11.32
C ASP C 158 11.89 29.37 11.90
N ILE C 159 11.80 29.30 13.23
CA ILE C 159 10.82 30.04 13.98
C ILE C 159 11.13 31.55 14.06
N ALA C 160 12.26 31.97 13.47
CA ALA C 160 12.60 33.40 13.50
C ALA C 160 11.76 34.26 12.55
N ILE C 161 11.08 33.65 11.58
CA ILE C 161 10.25 34.41 10.65
C ILE C 161 8.78 34.43 11.12
N PRO C 162 8.21 35.62 11.36
CA PRO C 162 6.82 35.75 11.81
C PRO C 162 5.82 34.96 10.97
N ALA C 163 5.93 35.06 9.65
CA ALA C 163 5.01 34.36 8.77
C ALA C 163 5.01 32.85 9.04
N ASN C 164 6.19 32.30 9.28
CA ASN C 164 6.34 30.87 9.57
C ASN C 164 5.64 30.52 10.89
N ARG C 165 5.77 31.39 11.88
CA ARG C 165 5.14 31.14 13.18
C ARG C 165 3.63 31.26 13.09
N ASP C 166 3.15 32.27 12.37
CA ASP C 166 1.71 32.46 12.24
C ASP C 166 1.03 31.29 11.54
N LEU C 167 1.62 30.85 10.44
CA LEU C 167 1.07 29.75 9.65
C LEU C 167 1.13 28.42 10.42
N ALA C 168 2.22 28.21 11.15
CA ALA C 168 2.35 26.98 11.93
C ALA C 168 1.27 26.95 13.00
N ALA C 169 1.01 28.09 13.63
CA ALA C 169 -0.02 28.15 14.66
C ALA C 169 -1.41 27.85 14.11
N MET C 170 -1.76 28.48 13.00
CA MET C 170 -3.07 28.25 12.41
C MET C 170 -3.21 26.85 11.84
N ARG C 171 -2.14 26.32 11.27
CA ARG C 171 -2.17 24.98 10.72
C ARG C 171 -2.36 23.95 11.83
N LEU C 172 -1.70 24.16 12.96
CA LEU C 172 -1.83 23.23 14.07
C LEU C 172 -3.25 23.23 14.63
N ILE C 173 -3.82 24.42 14.85
CA ILE C 173 -5.17 24.52 15.38
C ILE C 173 -6.22 24.02 14.37
N ALA C 174 -5.98 24.23 13.09
CA ALA C 174 -6.92 23.79 12.05
C ALA C 174 -6.84 22.30 11.76
N LYS C 175 -5.63 21.74 11.77
CA LYS C 175 -5.46 20.33 11.47
C LYS C 175 -5.62 19.32 12.62
N ILE C 176 -5.40 19.75 13.87
CA ILE C 176 -5.51 18.80 14.97
C ILE C 176 -6.88 18.10 15.06
N PRO C 177 -7.99 18.80 14.75
CA PRO C 177 -9.26 18.07 14.86
C PRO C 177 -9.41 17.00 13.77
N THR C 178 -8.84 17.27 12.60
CA THR C 178 -8.92 16.32 11.49
C THR C 178 -8.07 15.10 11.82
N ILE C 179 -6.88 15.32 12.38
CA ILE C 179 -6.00 14.22 12.75
C ILE C 179 -6.67 13.38 13.84
N ALA C 180 -7.26 14.06 14.83
CA ALA C 180 -7.93 13.37 15.92
C ALA C 180 -9.09 12.51 15.42
N ALA C 181 -9.90 13.07 14.52
CA ALA C 181 -11.05 12.36 13.97
C ALA C 181 -10.61 11.17 13.13
N TRP C 182 -9.58 11.37 12.31
CA TRP C 182 -9.08 10.31 11.47
C TRP C 182 -8.50 9.20 12.35
N ALA C 183 -7.89 9.57 13.46
CA ALA C 183 -7.32 8.60 14.40
C ALA C 183 -8.47 7.75 14.94
N TYR C 184 -9.56 8.41 15.31
CA TYR C 184 -10.71 7.69 15.82
C TYR C 184 -11.32 6.77 14.76
N LYS C 185 -11.50 7.28 13.55
CA LYS C 185 -12.07 6.47 12.47
C LYS C 185 -11.19 5.25 12.22
N TYR C 186 -9.88 5.46 12.23
CA TYR C 186 -8.96 4.36 12.00
C TYR C 186 -9.18 3.25 13.02
N THR C 187 -9.23 3.60 14.31
CA THR C 187 -9.43 2.58 15.36
C THR C 187 -10.76 1.83 15.21
N GLN C 188 -11.72 2.48 14.55
CA GLN C 188 -13.04 1.87 14.35
C GLN C 188 -13.16 1.12 13.02
N GLY C 189 -12.19 1.30 12.13
CA GLY C 189 -12.25 0.62 10.86
C GLY C 189 -13.27 1.30 9.96
N GLU C 190 -13.53 2.57 10.24
CA GLU C 190 -14.48 3.38 9.49
C GLU C 190 -13.78 4.30 8.48
N ALA C 191 -14.42 4.59 7.35
CA ALA C 191 -13.81 5.45 6.34
C ALA C 191 -13.60 6.85 6.91
N PHE C 192 -12.49 7.48 6.52
CA PHE C 192 -12.16 8.82 6.97
C PHE C 192 -13.16 9.82 6.40
N ILE C 193 -13.64 10.73 7.24
CA ILE C 193 -14.58 11.76 6.82
C ILE C 193 -13.82 13.06 6.76
N TYR C 194 -13.98 13.77 5.65
CA TYR C 194 -13.29 15.05 5.44
C TYR C 194 -13.93 16.23 6.13
N PRO C 195 -13.14 17.28 6.40
CA PRO C 195 -13.70 18.47 7.05
C PRO C 195 -14.64 19.15 6.07
N ARG C 196 -15.61 19.90 6.59
CA ARG C 196 -16.59 20.61 5.77
C ARG C 196 -16.51 22.10 6.06
N ASN C 197 -16.29 22.92 5.03
CA ASN C 197 -16.20 24.36 5.25
C ASN C 197 -17.51 25.00 5.75
N ASP C 198 -18.65 24.35 5.51
CA ASP C 198 -19.92 24.90 5.94
C ASP C 198 -20.24 24.64 7.41
N LEU C 199 -19.36 23.91 8.10
CA LEU C 199 -19.54 23.61 9.51
C LEU C 199 -18.53 24.36 10.37
N ASN C 200 -18.94 24.84 11.54
CA ASN C 200 -17.99 25.55 12.39
C ASN C 200 -17.08 24.55 13.10
N TYR C 201 -16.11 25.06 13.88
CA TYR C 201 -15.14 24.20 14.57
C TYR C 201 -15.76 23.04 15.35
N ALA C 202 -16.72 23.33 16.22
CA ALA C 202 -17.35 22.28 17.01
C ALA C 202 -18.17 21.31 16.15
N GLU C 203 -18.98 21.85 15.25
CA GLU C 203 -19.80 21.01 14.38
C GLU C 203 -18.96 20.13 13.48
N ASN C 204 -17.89 20.72 12.94
CA ASN C 204 -17.03 19.96 12.05
C ASN C 204 -16.36 18.79 12.74
N PHE C 205 -15.92 18.97 13.99
CA PHE C 205 -15.28 17.88 14.71
C PHE C 205 -16.29 16.75 14.91
N LEU C 206 -17.54 17.08 15.25
CA LEU C 206 -18.57 16.06 15.46
C LEU C 206 -18.80 15.28 14.16
N SER C 207 -18.89 16.00 13.05
CA SER C 207 -19.09 15.39 11.75
C SER C 207 -17.94 14.45 11.38
N MET C 208 -16.70 14.92 11.51
CA MET C 208 -15.56 14.08 11.17
C MET C 208 -15.46 12.85 12.07
N MET C 209 -15.91 12.94 13.31
CA MET C 209 -15.85 11.80 14.18
C MET C 209 -16.97 10.81 13.96
N PHE C 210 -18.19 11.32 13.82
CA PHE C 210 -19.35 10.44 13.67
C PHE C 210 -20.05 10.19 12.33
N ALA C 211 -19.74 10.96 11.30
CA ALA C 211 -20.40 10.74 10.01
C ALA C 211 -20.08 9.34 9.45
N ARG C 212 -21.07 8.75 8.78
CA ARG C 212 -20.95 7.42 8.18
C ARG C 212 -21.05 7.57 6.67
N MET C 213 -20.44 6.63 5.94
CA MET C 213 -20.47 6.67 4.48
C MET C 213 -21.83 6.34 3.89
N SER C 214 -22.68 5.71 4.71
CA SER C 214 -24.01 5.28 4.27
C SER C 214 -25.20 6.26 4.34
N GLU C 215 -25.01 7.43 4.93
CA GLU C 215 -26.11 8.40 5.02
C GLU C 215 -25.55 9.78 5.37
N PRO C 216 -26.27 10.84 5.00
CA PRO C 216 -25.79 12.19 5.31
C PRO C 216 -25.80 12.42 6.82
N TYR C 217 -24.77 13.07 7.33
CA TYR C 217 -24.70 13.31 8.77
C TYR C 217 -25.50 14.55 9.15
N LYS C 218 -26.33 14.41 10.17
CA LYS C 218 -27.12 15.54 10.63
C LYS C 218 -26.51 16.00 11.94
N VAL C 219 -25.95 17.19 11.97
CA VAL C 219 -25.35 17.68 13.19
C VAL C 219 -26.46 18.09 14.14
N ASN C 220 -26.41 17.53 15.35
CA ASN C 220 -27.39 17.80 16.40
C ASN C 220 -26.94 19.08 17.09
N PRO C 221 -27.73 20.17 16.97
CA PRO C 221 -27.33 21.43 17.60
C PRO C 221 -27.02 21.31 19.11
N VAL C 222 -27.67 20.37 19.78
CA VAL C 222 -27.47 20.17 21.20
C VAL C 222 -26.04 19.66 21.44
N LEU C 223 -25.60 18.73 20.59
CA LEU C 223 -24.25 18.20 20.72
C LEU C 223 -23.22 19.24 20.30
N ALA C 224 -23.56 20.03 19.29
CA ALA C 224 -22.65 21.07 18.81
C ALA C 224 -22.41 22.10 19.92
N ARG C 225 -23.47 22.47 20.63
CA ARG C 225 -23.33 23.43 21.71
C ARG C 225 -22.52 22.82 22.86
N ALA C 226 -22.70 21.52 23.11
CA ALA C 226 -21.95 20.86 24.18
C ALA C 226 -20.47 20.79 23.79
N MET C 227 -20.20 20.47 22.53
CA MET C 227 -18.84 20.39 22.06
C MET C 227 -18.16 21.76 22.19
N ASN C 228 -18.88 22.80 21.79
CA ASN C 228 -18.37 24.17 21.84
C ASN C 228 -17.91 24.52 23.25
N ARG C 229 -18.71 24.16 24.24
CA ARG C 229 -18.38 24.43 25.64
C ARG C 229 -17.19 23.63 26.12
N ILE C 230 -17.20 22.34 25.80
CA ILE C 230 -16.13 21.46 26.22
C ILE C 230 -14.79 21.93 25.67
N LEU C 231 -14.75 22.36 24.42
CA LEU C 231 -13.52 22.85 23.83
C LEU C 231 -13.04 24.11 24.58
N ILE C 232 -13.95 25.02 24.87
CA ILE C 232 -13.56 26.24 25.59
C ILE C 232 -13.00 25.92 26.98
N LEU C 233 -13.65 25.00 27.68
CA LEU C 233 -13.22 24.61 29.02
C LEU C 233 -11.85 23.93 29.10
N HIS C 234 -11.36 23.41 27.97
CA HIS C 234 -10.06 22.75 27.94
C HIS C 234 -8.99 23.50 27.12
N ALA C 235 -9.35 24.64 26.54
CA ALA C 235 -8.43 25.41 25.68
C ALA C 235 -7.07 25.80 26.28
N ASP C 236 -7.05 26.34 27.49
CA ASP C 236 -5.78 26.74 28.10
C ASP C 236 -5.83 26.70 29.61
N HIS C 237 -4.70 26.41 30.23
CA HIS C 237 -4.67 26.45 31.68
C HIS C 237 -3.31 26.80 32.23
N GLU C 238 -2.81 27.94 31.76
CA GLU C 238 -1.57 28.46 32.28
C GLU C 238 -0.38 27.49 32.16
N GLN C 239 0.48 27.45 33.17
CA GLN C 239 1.67 26.59 33.08
C GLN C 239 1.59 25.13 33.55
N ASN C 240 0.57 24.42 33.09
CA ASN C 240 0.39 23.01 33.42
C ASN C 240 1.55 22.22 32.82
N ALA C 241 1.63 20.94 33.15
CA ALA C 241 2.72 20.13 32.65
C ALA C 241 2.87 20.05 31.13
N SER C 242 1.78 19.90 30.38
CA SER C 242 1.93 19.81 28.93
C SER C 242 2.35 21.15 28.31
N THR C 243 1.79 22.25 28.80
CA THR C 243 2.16 23.56 28.28
C THR C 243 3.62 23.82 28.64
N SER C 244 4.03 23.37 29.82
CA SER C 244 5.42 23.57 30.23
C SER C 244 6.39 22.76 29.36
N THR C 245 5.93 21.60 28.89
CA THR C 245 6.74 20.74 28.02
C THR C 245 6.88 21.40 26.64
N VAL C 246 5.78 21.96 26.16
CA VAL C 246 5.75 22.65 24.87
C VAL C 246 6.73 23.82 24.94
N ARG C 247 6.66 24.58 26.04
CA ARG C 247 7.55 25.71 26.21
C ARG C 247 9.02 25.31 26.32
N LEU C 248 9.29 24.21 27.02
CA LEU C 248 10.65 23.73 27.19
C LEU C 248 11.24 23.29 25.84
N ALA C 249 10.50 22.48 25.08
CA ALA C 249 10.99 22.03 23.78
C ALA C 249 11.09 23.22 22.83
N GLY C 250 10.11 24.11 22.89
CA GLY C 250 10.13 25.27 22.01
C GLY C 250 11.27 26.21 22.29
N SER C 251 11.75 26.25 23.54
CA SER C 251 12.83 27.15 23.92
C SER C 251 14.16 26.90 23.19
N THR C 252 14.30 25.72 22.60
CA THR C 252 15.54 25.38 21.88
C THR C 252 15.45 25.86 20.42
N GLY C 253 14.29 26.36 20.04
CA GLY C 253 14.09 26.82 18.67
C GLY C 253 13.50 25.73 17.80
N ALA C 254 13.04 24.65 18.43
CA ALA C 254 12.46 23.51 17.72
C ALA C 254 11.15 23.78 16.98
N ASN C 255 10.95 23.03 15.90
CA ASN C 255 9.76 23.11 15.05
C ASN C 255 8.51 23.02 15.96
N PRO C 256 7.56 23.97 15.85
CA PRO C 256 6.37 23.94 16.70
C PRO C 256 5.48 22.69 16.59
N PHE C 257 5.47 22.05 15.43
CA PHE C 257 4.67 20.85 15.25
C PHE C 257 5.24 19.77 16.18
N ALA C 258 6.57 19.67 16.24
CA ALA C 258 7.20 18.67 17.11
C ALA C 258 6.96 19.07 18.57
N CYS C 259 6.93 20.37 18.83
CA CYS C 259 6.69 20.84 20.19
C CYS C 259 5.30 20.44 20.67
N ILE C 260 4.31 20.51 19.78
CA ILE C 260 2.95 20.11 20.14
C ILE C 260 2.91 18.60 20.37
N ALA C 261 3.72 17.85 19.61
CA ALA C 261 3.76 16.40 19.80
C ALA C 261 4.25 16.12 21.22
N ALA C 262 5.22 16.91 21.67
CA ALA C 262 5.78 16.77 23.02
C ALA C 262 4.71 17.07 24.05
N GLY C 263 3.88 18.07 23.78
CA GLY C 263 2.82 18.43 24.69
C GLY C 263 1.80 17.31 24.79
N ILE C 264 1.51 16.69 23.64
CA ILE C 264 0.54 15.60 23.61
C ILE C 264 1.08 14.44 24.46
N ALA C 265 2.38 14.19 24.38
CA ALA C 265 3.00 13.13 25.18
C ALA C 265 2.78 13.41 26.66
N ALA C 266 3.08 14.64 27.09
CA ALA C 266 2.90 14.97 28.49
C ALA C 266 1.44 14.91 28.94
N LEU C 267 0.52 15.39 28.10
CA LEU C 267 -0.91 15.38 28.46
C LEU C 267 -1.45 13.96 28.70
N TRP C 268 -0.91 13.00 27.96
CA TRP C 268 -1.34 11.61 28.03
C TRP C 268 -1.21 10.97 29.43
N GLY C 269 -0.22 11.41 30.20
CA GLY C 269 -0.03 10.85 31.53
C GLY C 269 -1.28 10.91 32.40
N PRO C 270 -1.56 9.86 33.18
CA PRO C 270 -2.75 9.79 34.06
C PRO C 270 -2.81 10.89 35.13
N ALA C 271 -1.68 11.52 35.43
CA ALA C 271 -1.66 12.58 36.44
C ALA C 271 -2.04 13.92 35.82
N HIS C 272 -2.08 13.96 34.48
CA HIS C 272 -2.42 15.18 33.75
C HIS C 272 -3.72 14.88 32.97
N GLY C 273 -3.76 15.16 31.68
CA GLY C 273 -4.98 14.92 30.90
C GLY C 273 -5.51 13.49 30.85
N GLY C 274 -4.63 12.51 31.05
CA GLY C 274 -5.05 11.13 31.02
C GLY C 274 -5.98 10.83 32.18
N ALA C 275 -6.06 11.76 33.13
CA ALA C 275 -6.92 11.55 34.27
C ALA C 275 -8.38 11.50 33.83
N ASN C 276 -8.73 12.12 32.70
CA ASN C 276 -10.14 12.03 32.36
C ASN C 276 -10.56 10.61 31.98
N GLU C 277 -9.66 9.84 31.39
CA GLU C 277 -9.96 8.45 31.03
C GLU C 277 -9.92 7.60 32.30
N ALA C 278 -8.97 7.91 33.18
CA ALA C 278 -8.80 7.19 34.44
C ALA C 278 -9.99 7.36 35.39
N VAL C 279 -10.61 8.54 35.35
CA VAL C 279 -11.78 8.83 36.20
C VAL C 279 -12.95 7.92 35.83
N LEU C 280 -13.21 7.79 34.54
CA LEU C 280 -14.33 6.94 34.14
C LEU C 280 -14.04 5.48 34.47
N LYS C 281 -12.79 5.05 34.38
CA LYS C 281 -12.45 3.66 34.72
C LYS C 281 -12.61 3.44 36.22
N MET C 282 -12.21 4.44 37.00
CA MET C 282 -12.31 4.38 38.45
C MET C 282 -13.78 4.29 38.88
N LEU C 283 -14.62 5.14 38.32
CA LEU C 283 -16.04 5.14 38.65
C LEU C 283 -16.67 3.80 38.31
N ALA C 284 -16.33 3.28 37.13
CA ALA C 284 -16.86 1.99 36.68
C ALA C 284 -16.42 0.87 37.63
N ARG C 285 -15.15 0.91 38.04
CA ARG C 285 -14.60 -0.09 38.94
C ARG C 285 -15.30 -0.05 40.31
N ILE C 286 -15.60 1.16 40.80
CA ILE C 286 -16.29 1.31 42.08
C ILE C 286 -17.71 0.79 41.88
N GLY C 287 -18.34 1.20 40.77
CA GLY C 287 -19.67 0.75 40.44
C GLY C 287 -20.93 1.21 41.17
N LYS C 288 -20.95 1.04 42.48
CA LYS C 288 -22.08 1.45 43.29
C LYS C 288 -21.54 2.00 44.58
N LYS C 289 -22.42 2.73 45.27
CA LYS C 289 -22.07 3.35 46.52
C LYS C 289 -21.40 2.39 47.51
N GLU C 290 -21.94 1.18 47.62
CA GLU C 290 -21.40 0.19 48.56
C GLU C 290 -19.88 -0.04 48.48
N ASN C 291 -19.27 0.25 47.34
CA ASN C 291 -17.83 0.05 47.18
C ASN C 291 -16.98 1.28 47.42
N ILE C 292 -17.62 2.39 47.76
CA ILE C 292 -16.90 3.62 48.03
C ILE C 292 -16.04 3.55 49.30
N PRO C 293 -16.60 3.03 50.42
CA PRO C 293 -15.78 2.97 51.63
C PRO C 293 -14.43 2.28 51.38
N ALA C 294 -14.48 1.07 50.84
CA ALA C 294 -13.25 0.36 50.57
C ALA C 294 -12.35 1.24 49.71
N PHE C 295 -12.92 1.97 48.76
CA PHE C 295 -12.11 2.84 47.91
C PHE C 295 -11.51 4.05 48.64
N ILE C 296 -12.34 4.83 49.33
CA ILE C 296 -11.85 6.00 50.06
C ILE C 296 -10.81 5.59 51.10
N ALA C 297 -10.95 4.40 51.67
CA ALA C 297 -9.98 3.92 52.65
C ALA C 297 -8.64 3.64 51.95
N GLN C 298 -8.71 3.16 50.70
CA GLN C 298 -7.48 2.89 49.96
C GLN C 298 -6.76 4.19 49.63
N VAL C 299 -7.53 5.19 49.24
CA VAL C 299 -6.99 6.51 48.89
C VAL C 299 -6.26 7.11 50.09
N LYS C 300 -6.84 6.97 51.27
CA LYS C 300 -6.27 7.49 52.51
C LYS C 300 -5.05 6.71 52.97
N ASP C 301 -5.01 5.44 52.60
CA ASP C 301 -3.91 4.55 52.99
C ASP C 301 -2.60 4.98 52.33
N LYS C 302 -1.74 5.60 53.14
CA LYS C 302 -0.44 6.11 52.69
C LYS C 302 0.44 5.10 51.96
N ASN C 303 0.11 3.82 52.02
CA ASN C 303 0.90 2.79 51.37
C ASN C 303 0.37 2.25 50.04
N SER C 304 -0.88 2.52 49.71
CA SER C 304 -1.49 1.99 48.47
C SER C 304 -1.21 2.66 47.11
N GLY C 305 -0.92 3.95 47.10
CA GLY C 305 -0.65 4.59 45.83
C GLY C 305 -1.93 4.74 45.02
N VAL C 306 -3.08 4.54 45.65
CA VAL C 306 -4.36 4.69 44.99
C VAL C 306 -4.78 6.14 45.20
N LYS C 307 -5.17 6.82 44.14
CA LYS C 307 -5.57 8.23 44.23
C LYS C 307 -7.02 8.41 43.77
N LEU C 308 -7.68 9.46 44.26
CA LEU C 308 -9.05 9.75 43.84
C LEU C 308 -8.84 10.54 42.56
N MET C 309 -8.89 9.86 41.42
CA MET C 309 -8.68 10.53 40.13
C MET C 309 -9.73 11.63 39.95
N GLY C 310 -9.34 12.74 39.34
CA GLY C 310 -10.29 13.81 39.13
C GLY C 310 -10.35 14.76 40.32
N PHE C 311 -9.53 14.50 41.34
CA PHE C 311 -9.46 15.35 42.53
C PHE C 311 -8.02 15.84 42.66
N GLY C 312 -7.84 17.02 43.23
CA GLY C 312 -6.52 17.56 43.40
C GLY C 312 -6.03 18.43 42.25
N HIS C 313 -5.06 19.28 42.53
CA HIS C 313 -4.51 20.18 41.53
C HIS C 313 -3.25 20.82 42.09
N ARG C 314 -2.29 21.14 41.23
CA ARG C 314 -1.07 21.78 41.70
C ARG C 314 -1.38 23.19 42.15
N VAL C 315 -2.26 23.85 41.42
CA VAL C 315 -2.62 25.22 41.72
C VAL C 315 -3.93 25.44 42.51
N TYR C 316 -5.05 24.89 42.06
CA TYR C 316 -6.30 25.08 42.79
C TYR C 316 -6.28 24.42 44.17
N LYS C 317 -6.67 25.18 45.18
CA LYS C 317 -6.77 24.68 46.55
C LYS C 317 -8.19 25.11 46.94
N ASN C 318 -9.10 24.91 45.98
CA ASN C 318 -10.52 25.27 46.09
C ASN C 318 -11.19 24.60 44.89
N PHE C 319 -12.49 24.83 44.71
CA PHE C 319 -13.19 24.24 43.58
C PHE C 319 -12.56 24.77 42.28
N ASP C 320 -12.43 23.89 41.29
CA ASP C 320 -11.89 24.24 39.98
C ASP C 320 -13.09 24.88 39.30
N PRO C 321 -12.97 26.13 38.82
CA PRO C 321 -14.13 26.74 38.17
C PRO C 321 -14.63 26.01 36.92
N ARG C 322 -13.76 25.21 36.31
CA ARG C 322 -14.15 24.46 35.12
C ARG C 322 -14.96 23.23 35.56
N ALA C 323 -14.62 22.69 36.72
CA ALA C 323 -15.33 21.53 37.25
C ALA C 323 -16.75 21.93 37.66
N LYS C 324 -16.90 23.17 38.14
CA LYS C 324 -18.20 23.70 38.57
C LYS C 324 -19.09 23.78 37.33
N ILE C 325 -18.55 24.32 36.25
CA ILE C 325 -19.26 24.48 34.98
C ILE C 325 -19.50 23.11 34.34
N MET C 326 -18.51 22.23 34.45
CA MET C 326 -18.59 20.89 33.88
C MET C 326 -19.78 20.14 34.46
N GLN C 327 -19.97 20.20 35.78
CA GLN C 327 -21.09 19.51 36.38
C GLN C 327 -22.40 20.12 35.86
N GLN C 328 -22.48 21.44 35.88
CA GLN C 328 -23.68 22.12 35.38
C GLN C 328 -23.96 21.65 33.95
N THR C 329 -22.90 21.58 33.16
CA THR C 329 -23.03 21.15 31.76
C THR C 329 -23.47 19.69 31.67
N CYS C 330 -23.14 18.90 32.68
CA CYS C 330 -23.55 17.49 32.69
C CYS C 330 -25.06 17.38 32.81
N HIS C 331 -25.63 18.21 33.68
CA HIS C 331 -27.06 18.20 33.91
C HIS C 331 -27.86 18.78 32.74
N GLU C 332 -27.38 19.91 32.20
CA GLU C 332 -28.04 20.56 31.08
C GLU C 332 -28.01 19.66 29.84
N VAL C 333 -26.84 19.12 29.51
CA VAL C 333 -26.68 18.25 28.35
C VAL C 333 -27.48 16.96 28.39
N LEU C 334 -27.44 16.22 29.49
CA LEU C 334 -28.19 14.99 29.54
C LEU C 334 -29.68 15.38 29.46
N THR C 335 -30.06 16.51 30.07
CA THR C 335 -31.47 16.98 30.05
C THR C 335 -31.96 17.26 28.61
N GLU C 336 -31.11 17.93 27.85
CA GLU C 336 -31.43 18.27 26.47
C GLU C 336 -31.52 17.10 25.50
N LEU C 337 -30.72 16.07 25.73
CA LEU C 337 -30.71 14.88 24.87
C LEU C 337 -31.78 13.90 25.32
N GLY C 338 -32.44 14.22 26.42
CA GLY C 338 -33.47 13.34 26.92
C GLY C 338 -32.92 12.09 27.56
N ILE C 339 -31.60 12.07 27.78
CA ILE C 339 -30.95 10.94 28.43
C ILE C 339 -31.20 11.18 29.89
N LYS C 340 -32.16 10.45 30.41
CA LYS C 340 -32.62 10.55 31.79
C LYS C 340 -31.76 9.74 32.73
N ASP C 341 -31.13 8.71 32.18
CA ASP C 341 -30.32 7.77 32.93
C ASP C 341 -28.78 7.89 32.88
N ASP C 342 -28.15 8.33 33.95
CA ASP C 342 -26.69 8.39 33.98
C ASP C 342 -26.14 7.93 35.33
N PRO C 343 -25.92 6.61 35.48
CA PRO C 343 -25.41 6.00 36.71
C PRO C 343 -24.04 6.50 37.18
N LEU C 344 -23.06 6.49 36.29
CA LEU C 344 -21.72 6.94 36.66
C LEU C 344 -21.73 8.39 37.13
N LEU C 345 -22.68 9.21 36.65
CA LEU C 345 -22.75 10.60 37.11
C LEU C 345 -23.32 10.60 38.52
N ASP C 346 -24.28 9.70 38.76
CA ASP C 346 -24.89 9.58 40.08
C ASP C 346 -23.80 9.21 41.09
N LEU C 347 -23.01 8.20 40.73
CA LEU C 347 -21.92 7.73 41.58
C LEU C 347 -20.88 8.83 41.81
N ALA C 348 -20.57 9.59 40.77
CA ALA C 348 -19.59 10.66 40.89
C ALA C 348 -20.04 11.80 41.81
N VAL C 349 -21.29 12.21 41.69
CA VAL C 349 -21.80 13.28 42.54
C VAL C 349 -21.73 12.87 44.01
N GLU C 350 -21.97 11.58 44.29
CA GLU C 350 -21.91 11.05 45.65
C GLU C 350 -20.45 10.95 46.11
N LEU C 351 -19.58 10.42 45.26
CA LEU C 351 -18.16 10.30 45.60
C LEU C 351 -17.62 11.68 45.96
N GLU C 352 -17.99 12.71 45.20
CA GLU C 352 -17.53 14.07 45.50
C GLU C 352 -18.02 14.48 46.88
N LYS C 353 -19.31 14.29 47.12
CA LYS C 353 -19.91 14.64 48.41
C LYS C 353 -19.17 13.98 49.59
N ILE C 354 -18.97 12.68 49.51
CA ILE C 354 -18.28 11.91 50.55
C ILE C 354 -16.83 12.35 50.75
N ALA C 355 -16.07 12.48 49.67
CA ALA C 355 -14.69 12.92 49.81
C ALA C 355 -14.60 14.34 50.36
N LEU C 356 -15.44 15.25 49.86
CA LEU C 356 -15.41 16.63 50.35
C LEU C 356 -15.71 16.79 51.85
N SER C 357 -16.33 15.79 52.46
CA SER C 357 -16.60 15.90 53.89
C SER C 357 -15.70 14.99 54.72
N ASP C 358 -14.65 14.46 54.09
CA ASP C 358 -13.68 13.60 54.77
C ASP C 358 -12.44 14.45 55.04
N ASP C 359 -12.01 14.51 56.31
CA ASP C 359 -10.87 15.33 56.70
C ASP C 359 -9.59 15.18 55.88
N TYR C 360 -9.33 13.98 55.37
CA TYR C 360 -8.14 13.76 54.57
C TYR C 360 -8.13 14.76 53.42
N PHE C 361 -9.26 14.90 52.74
CA PHE C 361 -9.36 15.83 51.62
C PHE C 361 -9.51 17.29 52.05
N VAL C 362 -10.26 17.52 53.13
CA VAL C 362 -10.45 18.87 53.63
C VAL C 362 -9.08 19.45 53.99
N GLN C 363 -8.29 18.65 54.71
CA GLN C 363 -6.97 19.07 55.16
C GLN C 363 -6.00 19.37 54.01
N ARG C 364 -6.07 18.53 52.98
CA ARG C 364 -5.20 18.67 51.83
C ARG C 364 -5.74 19.58 50.73
N LYS C 365 -6.87 20.22 50.99
CA LYS C 365 -7.52 21.11 50.05
C LYS C 365 -7.64 20.48 48.66
N LEU C 366 -8.16 19.27 48.65
CA LEU C 366 -8.38 18.50 47.43
C LEU C 366 -9.86 18.57 47.04
N TYR C 367 -10.10 19.03 45.81
CA TYR C 367 -11.43 19.21 45.25
C TYR C 367 -11.50 18.65 43.84
N PRO C 368 -12.72 18.57 43.26
CA PRO C 368 -12.78 18.05 41.89
C PRO C 368 -12.03 18.98 40.95
N ASN C 369 -11.40 18.41 39.94
CA ASN C 369 -10.71 19.22 38.94
C ASN C 369 -11.45 18.99 37.62
N VAL C 370 -11.00 19.66 36.56
CA VAL C 370 -11.64 19.56 35.25
C VAL C 370 -11.95 18.14 34.75
N ASP C 371 -11.13 17.17 35.13
CA ASP C 371 -11.31 15.80 34.68
C ASP C 371 -12.36 14.94 35.41
N PHE C 372 -12.87 15.42 36.53
CA PHE C 372 -13.84 14.64 37.28
C PHE C 372 -15.18 14.43 36.55
N TYR C 373 -15.70 15.47 35.92
CA TYR C 373 -16.99 15.37 35.20
C TYR C 373 -16.92 15.40 33.69
N SER C 374 -15.74 15.63 33.12
CA SER C 374 -15.66 15.71 31.66
C SER C 374 -16.01 14.41 30.92
N GLY C 375 -15.48 13.29 31.38
CA GLY C 375 -15.76 12.03 30.71
C GLY C 375 -17.23 11.71 30.63
N ILE C 376 -17.97 12.04 31.69
CA ILE C 376 -19.40 11.78 31.71
C ILE C 376 -20.11 12.51 30.57
N ILE C 377 -19.76 13.79 30.37
CA ILE C 377 -20.35 14.60 29.31
C ILE C 377 -19.94 14.05 27.94
N LEU C 378 -18.65 13.74 27.79
CA LEU C 378 -18.15 13.21 26.53
C LEU C 378 -18.83 11.89 26.17
N LYS C 379 -19.08 11.06 27.18
CA LYS C 379 -19.73 9.78 26.94
C LYS C 379 -21.15 10.04 26.39
N ALA C 380 -21.84 11.01 26.97
CA ALA C 380 -23.20 11.37 26.54
C ALA C 380 -23.22 11.91 25.11
N MET C 381 -22.07 12.40 24.65
CA MET C 381 -21.94 12.96 23.30
C MET C 381 -21.57 11.86 22.33
N GLY C 382 -21.44 10.65 22.85
CA GLY C 382 -21.10 9.52 22.01
C GLY C 382 -19.61 9.31 21.78
N ILE C 383 -18.78 10.07 22.49
CA ILE C 383 -17.34 9.94 22.36
C ILE C 383 -16.88 8.81 23.26
N PRO C 384 -16.12 7.85 22.72
CA PRO C 384 -15.63 6.72 23.52
C PRO C 384 -14.53 7.11 24.48
N THR C 385 -14.39 6.31 25.53
CA THR C 385 -13.39 6.53 26.56
C THR C 385 -11.99 6.68 25.95
N SER C 386 -11.70 5.90 24.92
CA SER C 386 -10.39 5.92 24.26
C SER C 386 -10.08 7.28 23.61
N MET C 387 -11.09 8.14 23.51
CA MET C 387 -10.92 9.45 22.88
C MET C 387 -11.03 10.64 23.83
N PHE C 388 -11.27 10.40 25.11
CA PHE C 388 -11.40 11.52 26.05
C PHE C 388 -10.15 12.41 26.10
N THR C 389 -8.98 11.81 26.23
CA THR C 389 -7.78 12.62 26.31
C THR C 389 -7.44 13.24 24.95
N VAL C 390 -7.81 12.58 23.85
CA VAL C 390 -7.54 13.16 22.54
C VAL C 390 -8.38 14.43 22.39
N LEU C 391 -9.63 14.41 22.88
CA LEU C 391 -10.48 15.60 22.77
C LEU C 391 -9.84 16.73 23.58
N PHE C 392 -9.28 16.39 24.75
CA PHE C 392 -8.60 17.36 25.62
C PHE C 392 -7.47 17.97 24.78
N ALA C 393 -6.69 17.11 24.11
CA ALA C 393 -5.58 17.56 23.28
C ALA C 393 -6.00 18.45 22.11
N VAL C 394 -7.15 18.16 21.50
CA VAL C 394 -7.63 18.96 20.38
C VAL C 394 -7.92 20.39 20.88
N ALA C 395 -8.58 20.49 22.03
CA ALA C 395 -8.90 21.79 22.61
C ALA C 395 -7.66 22.54 23.10
N ARG C 396 -6.81 21.83 23.83
CA ARG C 396 -5.59 22.40 24.41
C ARG C 396 -4.52 22.81 23.40
N THR C 397 -4.59 22.30 22.17
CA THR C 397 -3.61 22.67 21.16
C THR C 397 -3.65 24.20 21.01
N THR C 398 -4.83 24.78 21.21
CA THR C 398 -4.99 26.23 21.11
C THR C 398 -4.14 26.89 22.19
N GLY C 399 -4.26 26.42 23.42
CA GLY C 399 -3.47 26.98 24.50
C GLY C 399 -1.98 26.71 24.28
N TRP C 400 -1.63 25.50 23.85
CA TRP C 400 -0.22 25.17 23.63
C TRP C 400 0.41 26.08 22.59
N VAL C 401 -0.30 26.26 21.48
CA VAL C 401 0.19 27.11 20.40
C VAL C 401 0.29 28.57 20.88
N SER C 402 -0.69 29.02 21.64
CA SER C 402 -0.67 30.40 22.15
C SER C 402 0.49 30.63 23.12
N GLN C 403 0.75 29.64 23.97
CA GLN C 403 1.83 29.71 24.94
C GLN C 403 3.19 29.64 24.24
N TRP C 404 3.29 28.78 23.23
CA TRP C 404 4.54 28.66 22.48
C TRP C 404 4.84 29.99 21.80
N LYS C 405 3.83 30.57 21.16
CA LYS C 405 4.01 31.84 20.46
C LYS C 405 4.48 32.94 21.42
N GLU C 406 3.82 33.06 22.58
CA GLU C 406 4.21 34.07 23.55
C GLU C 406 5.66 33.83 23.97
N MET C 407 6.01 32.58 24.24
CA MET C 407 7.36 32.24 24.67
C MET C 407 8.43 32.61 23.66
N ILE C 408 8.25 32.15 22.42
CA ILE C 408 9.24 32.38 21.39
C ILE C 408 9.36 33.83 20.90
N GLU C 409 8.31 34.63 21.05
CA GLU C 409 8.35 36.02 20.61
C GLU C 409 8.75 37.02 21.70
N GLU C 410 9.03 36.53 22.90
CA GLU C 410 9.38 37.42 24.01
C GLU C 410 10.82 37.92 23.96
N PRO C 411 11.03 39.23 24.21
CA PRO C 411 12.38 39.77 24.21
C PRO C 411 13.10 39.05 25.34
N GLY C 412 14.36 38.72 25.16
CA GLY C 412 15.08 38.04 26.22
C GLY C 412 14.85 36.54 26.36
N GLN C 413 14.13 35.95 25.41
CA GLN C 413 13.88 34.51 25.46
C GLN C 413 15.19 33.74 25.39
N ARG C 414 15.30 32.74 26.25
CA ARG C 414 16.49 31.89 26.33
C ARG C 414 16.09 30.43 26.41
N ILE C 415 17.05 29.55 26.20
CA ILE C 415 16.78 28.12 26.25
C ILE C 415 16.43 27.77 27.70
N SER C 416 15.59 26.75 27.89
CA SER C 416 15.21 26.31 29.24
C SER C 416 16.19 25.19 29.54
N ARG C 417 16.95 25.36 30.61
CA ARG C 417 17.97 24.39 30.98
C ARG C 417 18.22 24.51 32.49
N PRO C 418 17.57 23.67 33.30
CA PRO C 418 17.71 23.67 34.76
C PRO C 418 19.01 23.05 35.25
N ARG C 419 19.19 23.07 36.57
CA ARG C 419 20.37 22.48 37.17
C ARG C 419 19.88 21.29 38.00
N GLN C 420 20.73 20.78 38.90
CA GLN C 420 20.35 19.63 39.73
C GLN C 420 21.23 19.57 40.96
N LEU C 421 20.95 18.62 41.85
CA LEU C 421 21.81 18.42 43.01
C LEU C 421 22.35 17.03 42.76
N TYR C 422 23.66 16.93 42.56
CA TYR C 422 24.28 15.65 42.31
C TYR C 422 24.53 14.94 43.63
N ILE C 423 23.89 13.78 43.81
CA ILE C 423 24.07 13.01 45.04
C ILE C 423 24.63 11.62 44.75
N GLY C 424 25.26 11.47 43.58
CA GLY C 424 25.83 10.20 43.19
C GLY C 424 27.27 9.93 43.62
N ALA C 425 27.90 8.98 42.94
CA ALA C 425 29.28 8.57 43.24
C ALA C 425 30.35 9.64 43.10
N PRO C 426 31.28 9.70 44.07
CA PRO C 426 32.37 10.67 44.02
C PRO C 426 33.15 10.25 42.82
N GLN C 427 34.07 11.08 42.36
CA GLN C 427 34.86 10.71 41.20
C GLN C 427 35.64 9.41 41.45
N ARG C 428 35.70 8.54 40.45
CA ARG C 428 36.41 7.27 40.55
C ARG C 428 36.99 6.88 39.20
N ASP C 429 38.09 6.13 39.21
CA ASP C 429 38.70 5.73 37.95
C ASP C 429 38.04 4.51 37.32
N TYR C 430 38.10 4.48 35.99
CA TYR C 430 37.52 3.40 35.22
C TYR C 430 38.09 2.05 35.68
N VAL C 431 37.25 1.03 35.70
CA VAL C 431 37.66 -0.31 36.10
C VAL C 431 37.52 -1.23 34.89
N PRO C 432 38.58 -1.95 34.53
CA PRO C 432 38.51 -2.88 33.39
C PRO C 432 37.47 -3.94 33.68
N LEU C 433 36.82 -4.45 32.64
CA LEU C 433 35.77 -5.46 32.79
C LEU C 433 36.03 -6.64 33.75
N ALA C 434 37.20 -7.28 33.65
CA ALA C 434 37.52 -8.43 34.51
C ALA C 434 37.63 -8.16 36.02
N LYS C 435 37.84 -6.91 36.39
CA LYS C 435 37.99 -6.54 37.79
C LYS C 435 36.72 -6.08 38.49
N ARG C 436 35.59 -6.15 37.79
CA ARG C 436 34.32 -5.72 38.35
C ARG C 436 33.58 -6.82 39.10
N SER D 11 22.05 23.21 58.50
CA SER D 11 22.06 24.68 58.32
C SER D 11 21.01 25.14 57.30
N THR D 12 20.66 26.41 57.42
CA THR D 12 19.63 27.02 56.59
C THR D 12 20.03 28.34 55.94
N ALA D 13 19.16 28.81 55.06
CA ALA D 13 19.35 30.08 54.39
C ALA D 13 18.16 30.91 54.84
N THR D 14 18.33 32.23 54.89
CA THR D 14 17.23 33.06 55.31
C THR D 14 16.73 33.84 54.11
N ILE D 15 15.41 33.89 53.94
CA ILE D 15 14.84 34.65 52.84
C ILE D 15 13.92 35.65 53.52
N SER D 16 14.11 36.92 53.21
CA SER D 16 13.31 37.98 53.77
C SER D 16 12.66 38.71 52.61
N VAL D 17 11.35 38.90 52.68
CA VAL D 17 10.61 39.61 51.65
C VAL D 17 9.30 40.10 52.23
N ASP D 18 8.90 41.30 51.83
CA ASP D 18 7.65 41.89 52.29
C ASP D 18 7.39 41.87 53.80
N GLY D 19 8.37 42.32 54.59
CA GLY D 19 8.21 42.37 56.03
C GLY D 19 8.25 41.05 56.79
N LYS D 20 8.65 39.96 56.13
CA LYS D 20 8.74 38.66 56.78
C LYS D 20 10.05 37.96 56.49
N SER D 21 10.41 37.02 57.36
CA SER D 21 11.64 36.28 57.21
C SER D 21 11.35 34.79 57.44
N ALA D 22 12.08 33.92 56.75
CA ALA D 22 11.89 32.48 56.90
C ALA D 22 13.16 31.72 56.56
N GLU D 23 13.34 30.59 57.23
CA GLU D 23 14.51 29.76 57.01
C GLU D 23 14.20 28.66 56.01
N MET D 24 15.14 28.42 55.11
CA MET D 24 15.01 27.39 54.08
C MET D 24 16.14 26.40 54.28
N PRO D 25 15.85 25.09 54.15
CA PRO D 25 16.93 24.12 54.33
C PRO D 25 17.99 24.27 53.25
N VAL D 26 19.25 24.07 53.60
CA VAL D 26 20.31 24.13 52.59
C VAL D 26 20.73 22.68 52.45
N LEU D 27 20.73 22.19 51.21
CA LEU D 27 21.10 20.81 50.94
C LEU D 27 22.44 20.78 50.22
N SER D 28 23.23 19.73 50.45
CA SER D 28 24.52 19.61 49.78
C SER D 28 24.58 18.24 49.14
N GLY D 29 25.37 18.12 48.09
CA GLY D 29 25.48 16.85 47.42
C GLY D 29 26.90 16.32 47.45
N THR D 30 27.18 15.40 46.55
CA THR D 30 28.49 14.78 46.44
C THR D 30 29.51 15.79 45.94
N LEU D 31 29.08 16.57 44.94
CA LEU D 31 29.90 17.61 44.33
C LEU D 31 28.96 18.69 43.84
N GLY D 32 29.51 19.85 43.48
CA GLY D 32 28.67 20.93 42.99
C GLY D 32 28.12 21.85 44.08
N PRO D 33 27.51 22.97 43.70
CA PRO D 33 26.96 23.93 44.66
C PRO D 33 25.87 23.37 45.57
N ASP D 34 25.73 24.03 46.71
CA ASP D 34 24.70 23.67 47.67
C ASP D 34 23.46 24.28 47.07
N VAL D 35 22.30 23.88 47.58
CA VAL D 35 21.04 24.42 47.07
C VAL D 35 20.09 24.79 48.21
N ILE D 36 19.25 25.78 47.97
CA ILE D 36 18.27 26.24 48.94
C ILE D 36 16.91 25.63 48.64
N ASP D 37 16.42 24.78 49.54
CA ASP D 37 15.13 24.13 49.37
C ASP D 37 13.98 25.12 49.53
N ILE D 38 13.31 25.45 48.43
CA ILE D 38 12.20 26.40 48.45
C ILE D 38 10.83 25.75 48.32
N ARG D 39 10.74 24.45 48.54
CA ARG D 39 9.45 23.78 48.43
C ARG D 39 8.35 24.33 49.34
N LYS D 40 8.72 24.99 50.42
CA LYS D 40 7.72 25.56 51.32
C LYS D 40 7.63 27.08 51.24
N LEU D 41 8.33 27.66 50.26
CA LEU D 41 8.35 29.13 50.11
C LEU D 41 6.98 29.83 50.12
N PRO D 42 6.01 29.37 49.30
CA PRO D 42 4.70 30.04 49.32
C PRO D 42 4.03 30.04 50.69
N ALA D 43 4.06 28.90 51.37
CA ALA D 43 3.44 28.77 52.69
C ALA D 43 4.13 29.67 53.70
N GLN D 44 5.46 29.74 53.59
CA GLN D 44 6.28 30.54 54.49
C GLN D 44 6.24 32.06 54.25
N LEU D 45 6.42 32.46 53.00
CA LEU D 45 6.48 33.88 52.65
C LEU D 45 5.48 34.45 51.62
N GLY D 46 4.59 33.61 51.11
CA GLY D 46 3.59 34.07 50.14
C GLY D 46 4.09 34.43 48.75
N VAL D 47 5.28 33.95 48.37
CA VAL D 47 5.85 34.23 47.05
C VAL D 47 6.44 32.99 46.37
N PHE D 48 6.76 33.15 45.09
CA PHE D 48 7.39 32.09 44.29
C PHE D 48 8.71 32.72 43.93
N THR D 49 9.62 31.94 43.36
CA THR D 49 10.88 32.51 42.89
C THR D 49 10.52 32.80 41.45
N PHE D 50 11.37 33.52 40.74
CA PHE D 50 11.13 33.84 39.33
C PHE D 50 12.44 33.46 38.65
N ASP D 51 12.40 32.48 37.77
CA ASP D 51 13.62 32.06 37.11
C ASP D 51 13.41 31.59 35.69
N PRO D 52 12.95 32.47 34.80
CA PRO D 52 12.75 32.02 33.43
C PRO D 52 14.06 31.43 32.90
N GLY D 53 13.98 30.28 32.24
CA GLY D 53 15.18 29.64 31.74
C GLY D 53 15.67 28.53 32.67
N TYR D 54 15.19 28.58 33.91
CA TYR D 54 15.52 27.60 34.95
C TYR D 54 17.01 27.48 35.29
N GLY D 55 17.84 28.33 34.71
CA GLY D 55 19.28 28.27 34.94
C GLY D 55 19.81 28.32 36.36
N GLU D 56 18.99 28.79 37.30
CA GLU D 56 19.42 28.91 38.68
C GLU D 56 18.59 28.00 39.61
N THR D 57 17.78 27.12 39.02
CA THR D 57 16.92 26.21 39.77
C THR D 57 17.33 24.73 39.63
N ALA D 58 17.58 24.06 40.76
CA ALA D 58 17.93 22.63 40.68
C ALA D 58 16.60 21.89 40.63
N ALA D 59 16.36 21.24 39.49
CA ALA D 59 15.13 20.52 39.21
C ALA D 59 14.95 19.16 39.88
N CYS D 60 16.06 18.52 40.25
CA CYS D 60 15.98 17.20 40.84
C CYS D 60 17.29 16.82 41.49
N ASN D 61 17.27 15.66 42.16
CA ASN D 61 18.47 15.10 42.77
C ASN D 61 18.79 14.09 41.70
N SER D 62 20.06 13.85 41.42
CA SER D 62 20.42 12.84 40.43
C SER D 62 21.73 12.21 40.80
N LYS D 63 21.91 10.95 40.39
CA LYS D 63 23.13 10.21 40.66
C LYS D 63 23.73 9.82 39.33
N ILE D 64 23.07 10.22 38.24
CA ILE D 64 23.54 9.84 36.92
C ILE D 64 24.80 10.54 36.40
N THR D 65 24.74 11.86 36.23
CA THR D 65 25.88 12.58 35.69
C THR D 65 26.22 13.82 36.51
N PHE D 66 27.51 14.15 36.59
CA PHE D 66 27.93 15.35 37.30
C PHE D 66 28.71 16.23 36.35
N ILE D 67 28.43 17.53 36.38
CA ILE D 67 29.14 18.49 35.54
C ILE D 67 29.61 19.64 36.43
N ASP D 68 30.88 20.01 36.34
CA ASP D 68 31.33 21.19 37.08
C ASP D 68 31.60 22.12 35.91
N GLY D 69 30.69 23.08 35.71
CA GLY D 69 30.81 23.99 34.59
C GLY D 69 32.01 24.92 34.57
N ASP D 70 32.39 25.42 35.74
CA ASP D 70 33.51 26.32 35.84
C ASP D 70 34.84 25.59 35.64
N LYS D 71 34.93 24.34 36.07
CA LYS D 71 36.15 23.55 35.94
C LYS D 71 36.18 22.73 34.63
N GLY D 72 35.03 22.62 33.98
CA GLY D 72 34.97 21.84 32.74
C GLY D 72 35.12 20.36 33.02
N VAL D 73 34.44 19.88 34.05
CA VAL D 73 34.49 18.47 34.44
C VAL D 73 33.16 17.75 34.14
N LEU D 74 33.24 16.55 33.58
CA LEU D 74 32.06 15.75 33.27
C LEU D 74 32.26 14.31 33.76
N LEU D 75 31.38 13.85 34.64
CA LEU D 75 31.45 12.50 35.17
C LEU D 75 30.13 11.79 34.95
N HIS D 76 30.18 10.48 34.69
CA HIS D 76 28.98 9.67 34.52
C HIS D 76 29.12 8.60 35.60
N ARG D 77 28.22 8.62 36.57
CA ARG D 77 28.23 7.69 37.69
C ARG D 77 29.62 7.72 38.36
N GLY D 78 30.23 8.90 38.34
CA GLY D 78 31.53 9.08 38.96
C GLY D 78 32.74 8.96 38.05
N TYR D 79 32.58 8.29 36.91
CA TYR D 79 33.68 8.09 35.96
C TYR D 79 33.88 9.26 34.98
N PRO D 80 35.12 9.79 34.89
CA PRO D 80 35.40 10.90 33.97
C PRO D 80 35.12 10.54 32.53
N ILE D 81 34.55 11.47 31.77
CA ILE D 81 34.22 11.21 30.37
C ILE D 81 35.42 10.78 29.53
N ALA D 82 36.59 11.34 29.77
CA ALA D 82 37.77 10.96 28.99
C ALA D 82 38.13 9.48 29.17
N GLN D 83 38.01 9.00 30.41
CA GLN D 83 38.33 7.61 30.69
C GLN D 83 37.34 6.68 30.00
N LEU D 84 36.07 7.04 30.06
CA LEU D 84 35.04 6.25 29.42
C LEU D 84 35.21 6.27 27.89
N ALA D 85 35.36 7.46 27.32
CA ALA D 85 35.54 7.57 25.87
C ALA D 85 36.78 6.82 25.39
N GLU D 86 37.83 6.82 26.20
CA GLU D 86 39.08 6.17 25.84
C GLU D 86 39.03 4.66 25.94
N ASN D 87 38.42 4.16 27.00
CA ASN D 87 38.36 2.72 27.29
C ASN D 87 37.10 1.86 27.18
N ALA D 88 35.93 2.46 27.37
CA ALA D 88 34.69 1.70 27.34
C ALA D 88 34.02 1.46 25.99
N SER D 89 33.22 0.41 25.92
CA SER D 89 32.48 0.12 24.71
C SER D 89 31.23 0.94 25.00
N TYR D 90 30.51 1.35 23.95
CA TYR D 90 29.31 2.14 24.18
C TYR D 90 28.31 1.38 25.05
N GLU D 91 28.21 0.07 24.84
CA GLU D 91 27.30 -0.75 25.63
C GLU D 91 27.61 -0.70 27.13
N GLU D 92 28.89 -0.58 27.48
CA GLU D 92 29.27 -0.50 28.89
C GLU D 92 28.76 0.80 29.45
N VAL D 93 28.88 1.86 28.65
CA VAL D 93 28.42 3.17 29.07
C VAL D 93 26.89 3.20 29.16
N ILE D 94 26.22 2.47 28.27
CA ILE D 94 24.77 2.43 28.31
C ILE D 94 24.34 1.77 29.62
N TYR D 95 24.95 0.63 29.94
CA TYR D 95 24.64 -0.08 31.17
C TYR D 95 24.92 0.81 32.39
N LEU D 96 26.06 1.48 32.38
CA LEU D 96 26.47 2.38 33.46
C LEU D 96 25.45 3.49 33.71
N LEU D 97 25.07 4.19 32.64
CA LEU D 97 24.11 5.27 32.79
C LEU D 97 22.75 4.77 33.23
N LEU D 98 22.30 3.65 32.67
CA LEU D 98 20.99 3.10 33.02
C LEU D 98 20.89 2.47 34.41
N ASN D 99 21.92 1.72 34.78
CA ASN D 99 21.93 1.00 36.05
C ASN D 99 22.76 1.53 37.23
N GLY D 100 23.76 2.36 36.97
CA GLY D 100 24.56 2.92 38.07
C GLY D 100 26.00 2.46 38.26
N GLU D 101 26.35 1.32 37.67
CA GLU D 101 27.71 0.79 37.81
C GLU D 101 28.14 0.17 36.49
N LEU D 102 29.44 -0.04 36.34
CA LEU D 102 29.96 -0.68 35.14
C LEU D 102 29.56 -2.14 35.32
N PRO D 103 29.19 -2.83 34.24
CA PRO D 103 28.79 -4.23 34.36
C PRO D 103 29.93 -5.25 34.42
N ASN D 104 29.74 -6.32 35.18
CA ASN D 104 30.78 -7.35 35.20
C ASN D 104 30.46 -8.18 33.98
N LYS D 105 31.31 -9.15 33.64
CA LYS D 105 31.11 -9.97 32.45
C LYS D 105 29.71 -10.57 32.30
N ALA D 106 29.21 -11.22 33.34
CA ALA D 106 27.90 -11.85 33.30
C ALA D 106 26.79 -10.82 33.05
N GLN D 107 26.88 -9.67 33.72
CA GLN D 107 25.87 -8.64 33.54
C GLN D 107 25.96 -8.07 32.13
N TYR D 108 27.17 -7.90 31.63
CA TYR D 108 27.38 -7.35 30.29
C TYR D 108 26.82 -8.25 29.21
N ASP D 109 27.08 -9.55 29.31
CA ASP D 109 26.58 -10.47 28.31
C ASP D 109 25.05 -10.52 28.31
N THR D 110 24.47 -10.56 29.50
CA THR D 110 23.01 -10.59 29.67
C THR D 110 22.43 -9.32 29.06
N PHE D 111 23.07 -8.20 29.37
CA PHE D 111 22.65 -6.89 28.89
C PHE D 111 22.72 -6.79 27.36
N THR D 112 23.85 -7.14 26.75
CA THR D 112 23.92 -7.05 25.30
C THR D 112 23.00 -8.07 24.63
N ASN D 113 22.74 -9.19 25.30
CA ASN D 113 21.83 -10.18 24.72
C ASN D 113 20.43 -9.58 24.69
N THR D 114 20.06 -8.89 25.75
CA THR D 114 18.74 -8.28 25.79
C THR D 114 18.64 -7.22 24.69
N LEU D 115 19.68 -6.42 24.52
CA LEU D 115 19.64 -5.41 23.47
C LEU D 115 19.44 -6.03 22.09
N THR D 116 20.25 -7.03 21.73
CA THR D 116 20.09 -7.64 20.40
C THR D 116 18.73 -8.26 20.24
N ASN D 117 18.09 -8.60 21.35
CA ASN D 117 16.78 -9.22 21.28
C ASN D 117 15.64 -8.27 21.07
N HIS D 118 15.94 -6.98 21.00
CA HIS D 118 14.87 -6.01 20.83
C HIS D 118 15.17 -5.01 19.71
N THR D 119 16.22 -5.27 18.93
CA THR D 119 16.60 -4.38 17.84
C THR D 119 15.64 -4.39 16.65
N LEU D 120 14.93 -5.49 16.45
CA LEU D 120 13.98 -5.60 15.34
C LEU D 120 12.69 -4.82 15.61
N LEU D 121 12.17 -4.16 14.57
CA LEU D 121 10.95 -3.36 14.68
C LEU D 121 9.74 -4.12 14.18
N HIS D 122 8.57 -3.83 14.74
CA HIS D 122 7.35 -4.48 14.29
C HIS D 122 7.22 -4.02 12.83
N GLU D 123 7.00 -4.97 11.91
CA GLU D 123 6.92 -4.64 10.48
C GLU D 123 5.84 -3.64 10.04
N GLN D 124 4.77 -3.50 10.82
CA GLN D 124 3.70 -2.57 10.45
C GLN D 124 4.29 -1.15 10.41
N ILE D 125 5.40 -0.98 11.12
CA ILE D 125 6.08 0.32 11.21
C ILE D 125 6.59 0.84 9.86
N ARG D 126 6.75 -0.05 8.88
CA ARG D 126 7.20 0.35 7.54
C ARG D 126 6.17 1.30 6.96
N ASN D 127 4.90 1.09 7.30
CA ASN D 127 3.85 1.94 6.79
C ASN D 127 4.01 3.35 7.31
N PHE D 128 4.50 3.50 8.55
CA PHE D 128 4.66 4.84 9.08
C PHE D 128 5.67 5.64 8.26
N PHE D 129 6.78 4.99 7.87
CA PHE D 129 7.77 5.68 7.08
C PHE D 129 7.16 6.17 5.75
N ASN D 130 6.22 5.41 5.20
CA ASN D 130 5.59 5.79 3.94
C ASN D 130 4.68 7.02 4.04
N GLY D 131 4.44 7.47 5.26
CA GLY D 131 3.60 8.64 5.45
C GLY D 131 4.44 9.89 5.21
N PHE D 132 5.75 9.73 5.15
CA PHE D 132 6.64 10.87 4.92
C PHE D 132 7.02 11.08 3.46
N ARG D 133 7.28 12.32 3.09
CA ARG D 133 7.73 12.61 1.74
C ARG D 133 9.18 12.20 1.85
N ARG D 134 9.81 11.87 0.72
CA ARG D 134 11.20 11.47 0.73
C ARG D 134 12.14 12.60 1.15
N ASP D 135 11.67 13.84 1.01
CA ASP D 135 12.49 14.99 1.39
C ASP D 135 12.32 15.41 2.85
N ALA D 136 11.65 14.58 3.64
CA ALA D 136 11.42 14.89 5.04
C ALA D 136 12.75 14.94 5.82
N HIS D 137 12.85 15.82 6.80
CA HIS D 137 14.07 15.91 7.59
C HIS D 137 14.07 14.68 8.49
N PRO D 138 15.20 13.96 8.56
CA PRO D 138 15.25 12.76 9.40
C PRO D 138 14.84 12.94 10.86
N MET D 139 15.03 14.13 11.42
CA MET D 139 14.64 14.34 12.81
C MET D 139 13.12 14.28 12.94
N ALA D 140 12.40 14.74 11.91
CA ALA D 140 10.95 14.70 11.94
C ALA D 140 10.50 13.24 11.86
N ILE D 141 11.17 12.46 11.02
CA ILE D 141 10.84 11.04 10.88
C ILE D 141 11.09 10.33 12.22
N LEU D 142 12.22 10.65 12.87
CA LEU D 142 12.55 10.04 14.15
C LEU D 142 11.51 10.40 15.21
N CYS D 143 11.21 11.69 15.35
CA CYS D 143 10.23 12.16 16.33
C CYS D 143 8.88 11.48 16.17
N GLY D 144 8.34 11.54 14.96
CA GLY D 144 7.04 10.93 14.70
C GLY D 144 6.99 9.42 14.85
N THR D 145 7.99 8.73 14.30
CA THR D 145 8.02 7.28 14.38
C THR D 145 8.24 6.80 15.82
N VAL D 146 9.07 7.48 16.60
CA VAL D 146 9.25 7.05 17.98
C VAL D 146 7.95 7.32 18.75
N GLY D 147 7.34 8.46 18.51
CA GLY D 147 6.08 8.75 19.18
C GLY D 147 5.04 7.69 18.85
N ALA D 148 5.03 7.27 17.59
CA ALA D 148 4.10 6.25 17.11
C ALA D 148 4.33 4.90 17.79
N LEU D 149 5.60 4.59 18.05
CA LEU D 149 5.96 3.33 18.68
C LEU D 149 5.29 3.15 20.05
N SER D 150 4.89 4.24 20.69
CA SER D 150 4.24 4.15 22.00
C SER D 150 2.96 3.33 21.88
N ALA D 151 2.40 3.27 20.68
CA ALA D 151 1.18 2.54 20.41
C ALA D 151 1.38 1.03 20.54
N PHE D 152 2.58 0.59 20.20
CA PHE D 152 2.90 -0.83 20.25
C PHE D 152 3.25 -1.33 21.65
N TYR D 153 3.46 -0.40 22.57
CA TYR D 153 3.80 -0.75 23.94
C TYR D 153 2.92 -0.05 24.97
N PRO D 154 1.63 -0.39 24.99
CA PRO D 154 0.67 0.22 25.92
C PRO D 154 1.01 -0.04 27.38
N ASN D 164 8.78 -3.39 34.65
CA ASN D 164 8.58 -3.11 33.24
C ASN D 164 9.30 -1.85 32.77
N ARG D 165 9.86 -1.08 33.70
CA ARG D 165 10.56 0.13 33.31
C ARG D 165 11.90 -0.18 32.63
N ASP D 166 12.62 -1.19 33.14
CA ASP D 166 13.89 -1.57 32.51
C ASP D 166 13.61 -2.08 31.09
N LEU D 167 12.51 -2.81 30.90
CA LEU D 167 12.21 -3.31 29.56
C LEU D 167 11.88 -2.18 28.59
N ALA D 168 11.19 -1.15 29.06
CA ALA D 168 10.85 -0.02 28.20
C ALA D 168 12.16 0.66 27.80
N ALA D 169 13.04 0.84 28.78
CA ALA D 169 14.33 1.48 28.53
C ALA D 169 15.14 0.74 27.49
N MET D 170 15.27 -0.58 27.67
CA MET D 170 16.02 -1.41 26.74
C MET D 170 15.41 -1.41 25.33
N ARG D 171 14.10 -1.46 25.25
CA ARG D 171 13.43 -1.44 23.95
C ARG D 171 13.76 -0.15 23.22
N LEU D 172 13.70 0.97 23.93
CA LEU D 172 14.00 2.24 23.30
C LEU D 172 15.47 2.32 22.88
N ILE D 173 16.38 1.87 23.74
CA ILE D 173 17.81 1.90 23.42
C ILE D 173 18.10 0.98 22.23
N ALA D 174 17.44 -0.17 22.21
CA ALA D 174 17.63 -1.17 21.16
C ALA D 174 17.01 -0.79 19.81
N LYS D 175 15.87 -0.12 19.84
CA LYS D 175 15.17 0.25 18.61
C LYS D 175 15.49 1.59 17.96
N ILE D 176 15.91 2.58 18.75
CA ILE D 176 16.18 3.89 18.17
C ILE D 176 17.18 3.85 17.00
N PRO D 177 18.23 3.02 17.08
CA PRO D 177 19.19 2.98 15.96
C PRO D 177 18.56 2.40 14.68
N THR D 178 17.67 1.42 14.84
CA THR D 178 17.02 0.82 13.68
C THR D 178 16.07 1.85 13.07
N ILE D 179 15.35 2.59 13.91
CA ILE D 179 14.42 3.59 13.41
C ILE D 179 15.22 4.67 12.68
N ALA D 180 16.33 5.10 13.29
CA ALA D 180 17.17 6.14 12.72
C ALA D 180 17.77 5.72 11.38
N ALA D 181 18.26 4.49 11.30
CA ALA D 181 18.86 4.01 10.04
C ALA D 181 17.78 3.88 8.96
N TRP D 182 16.60 3.37 9.33
CA TRP D 182 15.53 3.24 8.36
C TRP D 182 15.08 4.63 7.88
N ALA D 183 15.10 5.62 8.77
CA ALA D 183 14.71 6.97 8.38
C ALA D 183 15.69 7.43 7.32
N TYR D 184 16.98 7.18 7.55
CA TYR D 184 18.01 7.55 6.60
C TYR D 184 17.79 6.86 5.26
N LYS D 185 17.69 5.53 5.27
CA LYS D 185 17.48 4.78 4.05
C LYS D 185 16.24 5.30 3.32
N TYR D 186 15.18 5.61 4.08
CA TYR D 186 13.96 6.11 3.45
C TYR D 186 14.24 7.40 2.66
N THR D 187 14.92 8.35 3.27
CA THR D 187 15.20 9.62 2.59
C THR D 187 16.07 9.43 1.35
N GLN D 188 16.82 8.33 1.31
CA GLN D 188 17.70 8.04 0.18
C GLN D 188 17.06 7.17 -0.87
N GLY D 189 15.92 6.56 -0.53
CA GLY D 189 15.27 5.69 -1.47
C GLY D 189 16.00 4.37 -1.54
N GLU D 190 16.67 4.01 -0.46
CA GLU D 190 17.42 2.75 -0.40
C GLU D 190 16.68 1.71 0.43
N ALA D 191 16.87 0.44 0.12
CA ALA D 191 16.21 -0.63 0.85
C ALA D 191 16.63 -0.63 2.30
N PHE D 192 15.68 -0.89 3.20
CA PHE D 192 15.95 -0.93 4.62
C PHE D 192 16.85 -2.14 4.91
N ILE D 193 17.85 -1.94 5.76
CA ILE D 193 18.79 -3.00 6.14
C ILE D 193 18.49 -3.36 7.59
N TYR D 194 18.37 -4.66 7.85
CA TYR D 194 18.05 -5.14 9.18
C TYR D 194 19.22 -5.18 10.15
N PRO D 195 18.93 -5.13 11.47
CA PRO D 195 20.03 -5.19 12.43
C PRO D 195 20.61 -6.59 12.36
N ARG D 196 21.89 -6.74 12.70
CA ARG D 196 22.58 -8.02 12.68
C ARG D 196 23.06 -8.37 14.08
N ASN D 197 22.68 -9.53 14.59
CA ASN D 197 23.10 -9.91 15.93
C ASN D 197 24.62 -10.10 16.08
N ASP D 198 25.33 -10.33 14.98
CA ASP D 198 26.77 -10.53 15.06
C ASP D 198 27.57 -9.22 15.09
N LEU D 199 26.88 -8.10 15.09
CA LEU D 199 27.54 -6.79 15.14
C LEU D 199 27.21 -6.08 16.45
N ASN D 200 28.17 -5.32 16.98
CA ASN D 200 27.93 -4.60 18.23
C ASN D 200 27.15 -3.32 17.95
N TYR D 201 26.83 -2.54 18.98
CA TYR D 201 26.04 -1.32 18.81
C TYR D 201 26.55 -0.36 17.74
N ALA D 202 27.84 0.00 17.80
CA ALA D 202 28.41 0.91 16.82
C ALA D 202 28.48 0.32 15.42
N GLU D 203 28.96 -0.92 15.29
CA GLU D 203 29.08 -1.56 13.97
C GLU D 203 27.71 -1.72 13.32
N ASN D 204 26.74 -2.14 14.12
CA ASN D 204 25.40 -2.37 13.59
C ASN D 204 24.77 -1.09 13.04
N PHE D 205 24.98 0.03 13.72
CA PHE D 205 24.40 1.28 13.23
C PHE D 205 25.06 1.64 11.89
N LEU D 206 26.37 1.45 11.77
CA LEU D 206 27.06 1.75 10.51
C LEU D 206 26.51 0.85 9.40
N SER D 207 26.32 -0.43 9.71
CA SER D 207 25.79 -1.38 8.72
C SER D 207 24.37 -1.01 8.31
N MET D 208 23.50 -0.74 9.28
CA MET D 208 22.13 -0.39 8.94
C MET D 208 22.09 0.92 8.15
N MET D 209 23.01 1.84 8.41
CA MET D 209 22.98 3.08 7.66
C MET D 209 23.57 2.97 6.26
N PHE D 210 24.68 2.26 6.14
CA PHE D 210 25.35 2.19 4.85
C PHE D 210 25.35 0.94 3.96
N ALA D 211 24.88 -0.18 4.47
CA ALA D 211 24.85 -1.40 3.68
C ALA D 211 23.96 -1.24 2.45
N ARG D 212 24.40 -1.84 1.35
CA ARG D 212 23.70 -1.81 0.07
C ARG D 212 23.17 -3.20 -0.25
N MET D 213 22.11 -3.27 -1.04
CA MET D 213 21.52 -4.56 -1.40
C MET D 213 22.34 -5.32 -2.45
N SER D 214 23.26 -4.61 -3.10
CA SER D 214 24.09 -5.19 -4.15
C SER D 214 25.44 -5.81 -3.79
N GLU D 215 25.84 -5.72 -2.52
CA GLU D 215 27.13 -6.29 -2.10
C GLU D 215 27.17 -6.40 -0.58
N PRO D 216 27.97 -7.35 -0.06
CA PRO D 216 28.10 -7.53 1.40
C PRO D 216 28.73 -6.27 1.97
N TYR D 217 28.25 -5.79 3.09
CA TYR D 217 28.81 -4.60 3.69
C TYR D 217 30.02 -4.96 4.54
N LYS D 218 31.14 -4.25 4.38
CA LYS D 218 32.30 -4.54 5.20
C LYS D 218 32.48 -3.41 6.21
N VAL D 219 32.32 -3.73 7.49
CA VAL D 219 32.46 -2.72 8.54
C VAL D 219 33.91 -2.31 8.69
N ASN D 220 34.19 -1.02 8.53
CA ASN D 220 35.54 -0.48 8.65
C ASN D 220 35.81 -0.28 10.14
N PRO D 221 36.77 -1.03 10.71
CA PRO D 221 37.06 -0.88 12.15
C PRO D 221 37.40 0.55 12.58
N VAL D 222 38.00 1.31 11.67
CA VAL D 222 38.35 2.69 11.96
C VAL D 222 37.06 3.48 12.19
N LEU D 223 36.05 3.26 11.35
CA LEU D 223 34.79 3.96 11.53
C LEU D 223 34.01 3.40 12.72
N ALA D 224 34.15 2.11 12.98
CA ALA D 224 33.44 1.50 14.11
C ALA D 224 33.95 2.05 15.44
N ARG D 225 35.26 2.23 15.55
CA ARG D 225 35.83 2.78 16.77
C ARG D 225 35.43 4.25 16.91
N ALA D 226 35.39 4.97 15.79
CA ALA D 226 35.00 6.38 15.84
C ALA D 226 33.54 6.50 16.28
N MET D 227 32.68 5.65 15.74
CA MET D 227 31.26 5.65 16.09
C MET D 227 31.08 5.32 17.57
N ASN D 228 31.85 4.37 18.08
CA ASN D 228 31.76 3.97 19.49
C ASN D 228 32.03 5.17 20.38
N ARG D 229 33.05 5.95 20.03
CA ARG D 229 33.40 7.13 20.81
C ARG D 229 32.36 8.22 20.70
N ILE D 230 31.90 8.47 19.49
CA ILE D 230 30.92 9.50 19.29
C ILE D 230 29.65 9.25 20.08
N LEU D 231 29.20 8.01 20.08
CA LEU D 231 28.00 7.68 20.82
C LEU D 231 28.23 7.91 22.34
N ILE D 232 29.39 7.51 22.86
CA ILE D 232 29.69 7.70 24.28
C ILE D 232 29.68 9.19 24.64
N LEU D 233 30.27 10.01 23.78
CA LEU D 233 30.35 11.44 24.02
C LEU D 233 29.00 12.18 23.99
N HIS D 234 27.98 11.55 23.42
CA HIS D 234 26.65 12.17 23.35
C HIS D 234 25.61 11.45 24.21
N ALA D 235 26.02 10.38 24.89
CA ALA D 235 25.09 9.58 25.69
C ALA D 235 24.23 10.32 26.74
N ASP D 236 24.84 11.18 27.54
CA ASP D 236 24.08 11.89 28.56
C ASP D 236 24.75 13.17 28.95
N HIS D 237 23.97 14.16 29.35
CA HIS D 237 24.58 15.38 29.82
C HIS D 237 23.75 16.10 30.84
N GLU D 238 23.37 15.35 31.87
CA GLU D 238 22.66 15.93 32.97
C GLU D 238 21.31 16.60 32.58
N GLN D 239 20.95 17.71 33.21
CA GLN D 239 19.65 18.34 32.92
C GLN D 239 19.56 19.33 31.73
N ASN D 240 20.04 18.88 30.57
CA ASN D 240 19.99 19.70 29.36
C ASN D 240 18.52 19.83 28.96
N ALA D 241 18.23 20.70 27.98
CA ALA D 241 16.86 20.91 27.56
C ALA D 241 16.05 19.66 27.18
N SER D 242 16.61 18.79 26.35
CA SER D 242 15.86 17.60 25.94
C SER D 242 15.60 16.62 27.10
N THR D 243 16.60 16.42 27.95
CA THR D 243 16.42 15.53 29.10
C THR D 243 15.38 16.13 30.03
N SER D 244 15.38 17.45 30.15
CA SER D 244 14.41 18.13 31.00
C SER D 244 12.99 17.96 30.45
N THR D 245 12.87 17.96 29.13
CA THR D 245 11.60 17.78 28.45
C THR D 245 11.12 16.33 28.69
N VAL D 246 12.04 15.38 28.60
CA VAL D 246 11.69 13.98 28.83
C VAL D 246 11.19 13.79 30.27
N ARG D 247 11.89 14.42 31.22
CA ARG D 247 11.50 14.35 32.63
C ARG D 247 10.16 15.04 32.88
N LEU D 248 9.94 16.19 32.24
CA LEU D 248 8.70 16.93 32.42
C LEU D 248 7.52 16.11 31.91
N ALA D 249 7.60 15.60 30.69
CA ALA D 249 6.50 14.80 30.15
C ALA D 249 6.37 13.52 30.97
N GLY D 250 7.51 12.95 31.34
CA GLY D 250 7.47 11.72 32.12
C GLY D 250 6.85 11.89 33.50
N SER D 251 6.95 13.08 34.06
CA SER D 251 6.43 13.33 35.40
C SER D 251 4.91 13.17 35.53
N THR D 252 4.20 13.16 34.41
CA THR D 252 2.74 13.01 34.44
C THR D 252 2.37 11.52 34.40
N GLY D 253 3.38 10.68 34.23
CA GLY D 253 3.15 9.25 34.16
C GLY D 253 2.98 8.78 32.72
N ALA D 254 3.32 9.67 31.79
CA ALA D 254 3.19 9.40 30.35
C ALA D 254 4.08 8.26 29.81
N ASN D 255 3.55 7.54 28.83
CA ASN D 255 4.25 6.43 28.19
C ASN D 255 5.68 6.87 27.85
N PRO D 256 6.71 6.11 28.27
CA PRO D 256 8.09 6.50 27.97
C PRO D 256 8.48 6.65 26.50
N PHE D 257 7.84 5.91 25.61
CA PHE D 257 8.16 6.03 24.20
C PHE D 257 7.73 7.43 23.73
N ALA D 258 6.60 7.90 24.25
CA ALA D 258 6.09 9.22 23.90
C ALA D 258 7.01 10.30 24.48
N CYS D 259 7.55 10.03 25.67
CA CYS D 259 8.45 10.97 26.33
C CYS D 259 9.74 11.12 25.53
N ILE D 260 10.23 10.04 24.94
CA ILE D 260 11.45 10.16 24.17
C ILE D 260 11.15 10.95 22.89
N ALA D 261 9.92 10.84 22.37
CA ALA D 261 9.55 11.62 21.18
C ALA D 261 9.65 13.09 21.58
N ALA D 262 9.23 13.41 22.80
CA ALA D 262 9.28 14.80 23.28
C ALA D 262 10.74 15.26 23.35
N GLY D 263 11.61 14.37 23.82
CA GLY D 263 13.02 14.72 23.91
C GLY D 263 13.60 14.98 22.54
N ILE D 264 13.22 14.15 21.57
CA ILE D 264 13.71 14.32 20.21
C ILE D 264 13.29 15.69 19.68
N ALA D 265 12.04 16.08 19.94
CA ALA D 265 11.55 17.38 19.49
C ALA D 265 12.43 18.50 20.05
N ALA D 266 12.72 18.43 21.36
CA ALA D 266 13.56 19.45 21.99
C ALA D 266 14.97 19.46 21.43
N LEU D 267 15.57 18.29 21.25
CA LEU D 267 16.93 18.18 20.73
C LEU D 267 17.09 18.79 19.35
N TRP D 268 16.04 18.68 18.53
CA TRP D 268 16.06 19.19 17.17
C TRP D 268 16.36 20.70 17.07
N GLY D 269 15.92 21.48 18.06
CA GLY D 269 16.15 22.91 18.05
C GLY D 269 17.61 23.31 17.85
N PRO D 270 17.91 24.35 17.04
CA PRO D 270 19.30 24.74 16.83
C PRO D 270 20.08 25.26 18.05
N ALA D 271 19.38 25.62 19.11
CA ALA D 271 20.06 26.08 20.32
C ALA D 271 20.49 24.85 21.13
N HIS D 272 19.99 23.68 20.74
CA HIS D 272 20.31 22.42 21.42
C HIS D 272 21.05 21.50 20.42
N GLY D 273 20.60 20.26 20.27
CA GLY D 273 21.27 19.33 19.35
C GLY D 273 21.34 19.75 17.88
N GLY D 274 20.36 20.53 17.44
CA GLY D 274 20.34 20.98 16.06
C GLY D 274 21.55 21.84 15.72
N ALA D 275 22.31 22.21 16.74
CA ALA D 275 23.49 23.02 16.52
C ALA D 275 24.57 22.27 15.74
N ASN D 276 24.64 20.94 15.86
CA ASN D 276 25.71 20.28 15.13
C ASN D 276 25.51 20.37 13.61
N GLU D 277 24.25 20.39 13.15
CA GLU D 277 23.98 20.53 11.73
C GLU D 277 24.26 21.99 11.35
N ALA D 278 23.84 22.90 12.23
CA ALA D 278 24.03 24.33 12.01
C ALA D 278 25.49 24.75 11.90
N VAL D 279 26.37 24.12 12.69
CA VAL D 279 27.80 24.42 12.67
C VAL D 279 28.43 24.19 11.29
N LEU D 280 28.13 23.06 10.65
CA LEU D 280 28.72 22.79 9.35
C LEU D 280 28.18 23.77 8.30
N LYS D 281 26.92 24.17 8.42
CA LYS D 281 26.29 25.12 7.50
C LYS D 281 26.96 26.49 7.68
N MET D 282 27.31 26.80 8.93
CA MET D 282 27.98 28.06 9.24
C MET D 282 29.39 28.07 8.67
N LEU D 283 30.14 26.98 8.90
CA LEU D 283 31.50 26.90 8.39
C LEU D 283 31.53 26.99 6.85
N ALA D 284 30.55 26.37 6.19
CA ALA D 284 30.46 26.41 4.74
C ALA D 284 30.22 27.84 4.27
N ARG D 285 29.37 28.55 4.99
CA ARG D 285 29.09 29.94 4.64
C ARG D 285 30.32 30.83 4.80
N ILE D 286 31.06 30.64 5.89
CA ILE D 286 32.27 31.43 6.10
C ILE D 286 33.20 31.10 4.94
N GLY D 287 33.27 29.81 4.60
CA GLY D 287 34.08 29.37 3.48
C GLY D 287 35.60 29.40 3.65
N LYS D 288 36.15 30.58 3.89
CA LYS D 288 37.59 30.71 4.05
C LYS D 288 37.97 31.53 5.26
N LYS D 289 39.20 31.33 5.69
CA LYS D 289 39.79 31.99 6.84
C LYS D 289 39.56 33.51 6.82
N GLU D 290 39.75 34.12 5.65
CA GLU D 290 39.60 35.56 5.46
C GLU D 290 38.21 36.12 5.72
N ASN D 291 37.21 35.24 5.78
CA ASN D 291 35.84 35.68 6.02
C ASN D 291 35.43 35.63 7.49
N ILE D 292 36.31 35.12 8.34
CA ILE D 292 36.01 35.02 9.77
C ILE D 292 35.76 36.38 10.44
N PRO D 293 36.64 37.38 10.25
CA PRO D 293 36.40 38.68 10.89
C PRO D 293 35.00 39.25 10.64
N ALA D 294 34.54 39.19 9.40
CA ALA D 294 33.21 39.71 9.07
C ALA D 294 32.10 38.92 9.76
N PHE D 295 32.32 37.62 9.94
CA PHE D 295 31.31 36.79 10.60
C PHE D 295 31.31 37.10 12.10
N ILE D 296 32.50 37.26 12.67
CA ILE D 296 32.62 37.58 14.08
C ILE D 296 31.93 38.91 14.36
N ALA D 297 32.08 39.86 13.44
CA ALA D 297 31.45 41.17 13.58
C ALA D 297 29.93 41.04 13.68
N GLN D 298 29.36 40.16 12.86
CA GLN D 298 27.91 39.94 12.86
C GLN D 298 27.49 39.28 14.18
N VAL D 299 28.32 38.36 14.65
CA VAL D 299 28.03 37.64 15.89
C VAL D 299 28.01 38.64 17.05
N LYS D 300 28.84 39.69 16.93
CA LYS D 300 28.92 40.74 17.94
C LYS D 300 27.88 41.82 17.71
N ASP D 301 27.54 42.05 16.45
CA ASP D 301 26.55 43.05 16.09
C ASP D 301 25.21 42.66 16.69
N LYS D 302 24.78 43.44 17.67
CA LYS D 302 23.51 43.21 18.35
C LYS D 302 22.34 43.03 17.37
N ASN D 303 22.42 43.74 16.25
CA ASN D 303 21.37 43.72 15.21
C ASN D 303 21.46 42.58 14.19
N SER D 304 21.96 41.41 14.59
CA SER D 304 22.14 40.30 13.66
C SER D 304 21.26 39.04 13.70
N GLY D 305 21.09 38.47 14.88
CA GLY D 305 20.30 37.26 15.03
C GLY D 305 21.24 36.10 14.76
N VAL D 306 22.53 36.44 14.66
CA VAL D 306 23.60 35.48 14.37
C VAL D 306 24.50 35.07 15.55
N LYS D 307 24.63 33.76 15.77
CA LYS D 307 25.44 33.21 16.87
C LYS D 307 26.63 32.40 16.33
N LEU D 308 27.67 32.24 17.15
CA LEU D 308 28.81 31.44 16.74
C LEU D 308 28.33 30.05 17.15
N MET D 309 27.73 29.33 16.20
CA MET D 309 27.22 28.00 16.53
C MET D 309 28.35 27.08 17.00
N GLY D 310 28.06 26.25 18.00
CA GLY D 310 29.08 25.36 18.51
C GLY D 310 29.88 25.97 19.65
N PHE D 311 29.50 27.18 20.06
CA PHE D 311 30.16 27.86 21.17
C PHE D 311 29.09 28.18 22.19
N GLY D 312 29.52 28.32 23.45
CA GLY D 312 28.58 28.65 24.51
C GLY D 312 27.93 27.43 25.16
N HIS D 313 27.51 27.61 26.41
CA HIS D 313 26.85 26.54 27.14
C HIS D 313 26.22 27.10 28.40
N ARG D 314 25.06 26.56 28.76
CA ARG D 314 24.37 27.02 29.95
C ARG D 314 25.20 26.70 31.18
N VAL D 315 25.85 25.55 31.17
CA VAL D 315 26.65 25.13 32.32
C VAL D 315 28.16 25.38 32.20
N TYR D 316 28.79 24.94 31.11
CA TYR D 316 30.24 25.16 30.97
C TYR D 316 30.59 26.63 30.79
N LYS D 317 31.54 27.10 31.57
CA LYS D 317 32.03 28.47 31.46
C LYS D 317 33.53 28.24 31.40
N ASN D 318 33.88 27.21 30.63
CA ASN D 318 35.24 26.75 30.41
C ASN D 318 35.15 25.78 29.23
N PHE D 319 36.28 25.19 28.85
CA PHE D 319 36.28 24.23 27.76
C PHE D 319 35.37 23.06 28.14
N ASP D 320 34.65 22.54 27.15
CA ASP D 320 33.74 21.41 27.30
C ASP D 320 34.67 20.20 27.14
N PRO D 321 34.74 19.30 28.15
CA PRO D 321 35.65 18.16 27.99
C PRO D 321 35.36 17.25 26.79
N ARG D 322 34.11 17.23 26.35
CA ARG D 322 33.70 16.42 25.21
C ARG D 322 34.25 17.04 23.93
N ALA D 323 34.32 18.37 23.91
CA ALA D 323 34.84 19.06 22.73
C ALA D 323 36.34 18.77 22.62
N LYS D 324 37.05 18.72 23.75
CA LYS D 324 38.47 18.42 23.70
C LYS D 324 38.67 17.06 23.03
N ILE D 325 37.93 16.06 23.50
CA ILE D 325 38.01 14.70 22.95
C ILE D 325 37.56 14.67 21.49
N MET D 326 36.52 15.43 21.16
CA MET D 326 35.99 15.47 19.80
C MET D 326 37.06 15.94 18.83
N GLN D 327 37.76 17.01 19.17
CA GLN D 327 38.80 17.49 18.27
C GLN D 327 39.92 16.44 18.15
N GLN D 328 40.31 15.84 19.27
CA GLN D 328 41.34 14.81 19.26
C GLN D 328 40.93 13.73 18.27
N THR D 329 39.69 13.30 18.39
CA THR D 329 39.11 12.26 17.55
C THR D 329 39.12 12.68 16.07
N CYS D 330 38.88 13.95 15.80
CA CYS D 330 38.89 14.44 14.42
C CYS D 330 40.25 14.13 13.81
N HIS D 331 41.29 14.46 14.54
CA HIS D 331 42.66 14.25 14.09
C HIS D 331 43.06 12.77 13.96
N GLU D 332 42.70 11.97 14.96
CA GLU D 332 43.03 10.55 14.93
C GLU D 332 42.27 9.82 13.80
N VAL D 333 41.01 10.16 13.58
CA VAL D 333 40.24 9.50 12.53
C VAL D 333 40.67 9.91 11.12
N LEU D 334 40.87 11.20 10.88
CA LEU D 334 41.31 11.66 9.57
C LEU D 334 42.68 11.05 9.24
N THR D 335 43.53 10.96 10.25
CA THR D 335 44.86 10.38 10.07
C THR D 335 44.67 8.90 9.72
N GLU D 336 44.02 8.14 10.61
CA GLU D 336 43.78 6.72 10.37
C GLU D 336 43.16 6.38 9.00
N LEU D 337 42.40 7.32 8.43
CA LEU D 337 41.77 7.12 7.13
C LEU D 337 42.66 7.66 6.01
N GLY D 338 43.89 8.00 6.36
CA GLY D 338 44.80 8.50 5.36
C GLY D 338 44.29 9.79 4.78
N ILE D 339 43.45 10.49 5.53
CA ILE D 339 42.95 11.77 5.07
C ILE D 339 43.90 12.84 5.48
N LYS D 340 44.39 13.36 4.41
CA LYS D 340 45.41 14.40 4.25
C LYS D 340 45.12 15.74 4.91
N ASP D 341 44.05 16.38 4.46
CA ASP D 341 43.67 17.69 4.95
C ASP D 341 42.17 17.71 4.95
N ASP D 342 41.62 18.51 5.84
CA ASP D 342 40.20 18.68 5.97
C ASP D 342 40.04 20.18 6.15
N PRO D 343 39.76 20.91 5.05
CA PRO D 343 39.58 22.36 5.05
C PRO D 343 38.59 22.89 6.09
N LEU D 344 37.48 22.19 6.26
CA LEU D 344 36.50 22.66 7.24
C LEU D 344 37.07 22.51 8.66
N LEU D 345 37.88 21.48 8.92
CA LEU D 345 38.47 21.34 10.25
C LEU D 345 39.44 22.51 10.46
N ASP D 346 40.28 22.77 9.46
CA ASP D 346 41.24 23.87 9.55
C ASP D 346 40.54 25.20 9.82
N LEU D 347 39.41 25.42 9.14
CA LEU D 347 38.64 26.64 9.31
C LEU D 347 38.04 26.69 10.71
N ALA D 348 37.56 25.55 11.19
CA ALA D 348 36.98 25.49 12.53
C ALA D 348 38.03 25.81 13.59
N VAL D 349 39.22 25.23 13.45
CA VAL D 349 40.29 25.47 14.42
C VAL D 349 40.70 26.95 14.41
N GLU D 350 40.69 27.56 13.24
CA GLU D 350 41.05 28.98 13.12
C GLU D 350 39.95 29.87 13.69
N LEU D 351 38.70 29.41 13.58
CA LEU D 351 37.58 30.20 14.12
C LEU D 351 37.65 30.12 15.64
N GLU D 352 37.95 28.94 16.18
CA GLU D 352 38.06 28.79 17.64
C GLU D 352 39.15 29.72 18.16
N LYS D 353 40.28 29.74 17.46
CA LYS D 353 41.41 30.58 17.84
C LYS D 353 41.02 32.05 17.95
N ILE D 354 40.49 32.60 16.86
CA ILE D 354 40.07 33.99 16.80
C ILE D 354 39.00 34.35 17.85
N ALA D 355 37.94 33.56 17.95
CA ALA D 355 36.89 33.83 18.91
C ALA D 355 37.39 33.78 20.36
N LEU D 356 38.22 32.79 20.69
CA LEU D 356 38.74 32.66 22.05
C LEU D 356 39.65 33.81 22.45
N SER D 357 40.26 34.48 21.48
CA SER D 357 41.11 35.62 21.81
C SER D 357 40.35 36.93 21.64
N ASP D 358 39.04 36.84 21.37
CA ASP D 358 38.20 38.05 21.21
C ASP D 358 37.52 38.34 22.56
N ASP D 359 37.60 39.58 23.01
CA ASP D 359 37.02 39.96 24.30
C ASP D 359 35.52 39.67 24.48
N TYR D 360 34.76 39.68 23.41
CA TYR D 360 33.32 39.39 23.50
C TYR D 360 33.14 38.00 24.09
N PHE D 361 33.88 37.05 23.55
CA PHE D 361 33.80 35.67 24.01
C PHE D 361 34.48 35.43 25.36
N VAL D 362 35.59 36.11 25.64
CA VAL D 362 36.29 35.96 26.92
C VAL D 362 35.37 36.42 28.05
N GLN D 363 34.81 37.62 27.91
CA GLN D 363 33.91 38.18 28.92
C GLN D 363 32.66 37.33 29.18
N ARG D 364 32.19 36.65 28.16
CA ARG D 364 31.00 35.82 28.29
C ARG D 364 31.30 34.36 28.62
N LYS D 365 32.59 34.03 28.72
CA LYS D 365 33.08 32.68 29.02
C LYS D 365 32.50 31.66 28.07
N LEU D 366 32.58 31.99 26.78
CA LEU D 366 32.07 31.14 25.72
C LEU D 366 33.24 30.37 25.09
N TYR D 367 33.10 29.04 25.04
CA TYR D 367 34.11 28.15 24.49
C TYR D 367 33.42 27.12 23.57
N PRO D 368 34.21 26.35 22.81
CA PRO D 368 33.57 25.35 21.94
C PRO D 368 32.78 24.38 22.80
N ASN D 369 31.65 23.89 22.30
CA ASN D 369 30.86 22.90 23.03
C ASN D 369 30.91 21.62 22.20
N VAL D 370 30.23 20.57 22.65
CA VAL D 370 30.24 19.28 21.96
C VAL D 370 29.92 19.31 20.45
N ASP D 371 29.10 20.27 20.01
CA ASP D 371 28.72 20.37 18.61
C ASP D 371 29.70 21.07 17.66
N PHE D 372 30.73 21.73 18.19
CA PHE D 372 31.66 22.44 17.33
C PHE D 372 32.49 21.53 16.41
N TYR D 373 32.91 20.37 16.92
CA TYR D 373 33.72 19.46 16.11
C TYR D 373 33.07 18.14 15.71
N SER D 374 31.88 17.87 16.22
CA SER D 374 31.23 16.60 15.90
C SER D 374 30.89 16.42 14.41
N GLY D 375 30.30 17.44 13.80
CA GLY D 375 29.95 17.34 12.39
C GLY D 375 31.13 16.99 11.50
N ILE D 376 32.29 17.54 11.81
CA ILE D 376 33.49 17.26 11.03
C ILE D 376 33.81 15.76 11.06
N ILE D 377 33.79 15.13 12.23
CA ILE D 377 34.07 13.68 12.31
C ILE D 377 32.96 12.92 11.58
N LEU D 378 31.71 13.27 11.89
CA LEU D 378 30.57 12.60 11.28
C LEU D 378 30.63 12.63 9.75
N LYS D 379 31.00 13.77 9.19
CA LYS D 379 31.09 13.90 7.74
C LYS D 379 32.21 13.01 7.20
N ALA D 380 33.33 12.96 7.93
CA ALA D 380 34.47 12.14 7.52
C ALA D 380 34.10 10.66 7.58
N MET D 381 33.05 10.33 8.34
CA MET D 381 32.60 8.94 8.47
C MET D 381 31.54 8.61 7.42
N GLY D 382 31.18 9.58 6.60
CA GLY D 382 30.18 9.34 5.57
C GLY D 382 28.74 9.68 5.92
N ILE D 383 28.50 10.20 7.12
CA ILE D 383 27.15 10.56 7.58
C ILE D 383 26.77 11.94 7.03
N PRO D 384 25.59 12.05 6.40
CA PRO D 384 25.15 13.35 5.86
C PRO D 384 24.77 14.32 6.97
N THR D 385 24.83 15.62 6.68
CA THR D 385 24.50 16.62 7.66
C THR D 385 23.03 16.48 8.11
N SER D 386 22.19 15.92 7.25
CA SER D 386 20.76 15.71 7.56
C SER D 386 20.60 14.68 8.67
N MET D 387 21.67 13.96 8.96
CA MET D 387 21.64 12.93 9.98
C MET D 387 22.44 13.24 11.26
N PHE D 388 23.10 14.39 11.31
CA PHE D 388 23.89 14.76 12.48
C PHE D 388 23.10 14.78 13.80
N THR D 389 21.96 15.47 13.81
CA THR D 389 21.19 15.54 15.03
C THR D 389 20.52 14.20 15.33
N VAL D 390 20.22 13.43 14.30
CA VAL D 390 19.61 12.12 14.53
C VAL D 390 20.65 11.22 15.23
N LEU D 391 21.91 11.32 14.83
CA LEU D 391 22.95 10.49 15.47
C LEU D 391 23.03 10.89 16.95
N PHE D 392 22.90 12.19 17.22
CA PHE D 392 22.94 12.73 18.59
C PHE D 392 21.78 12.07 19.34
N ALA D 393 20.59 12.08 18.73
CA ALA D 393 19.41 11.49 19.37
C ALA D 393 19.59 9.99 19.66
N VAL D 394 20.18 9.26 18.74
CA VAL D 394 20.41 7.82 18.92
C VAL D 394 21.26 7.60 20.18
N ALA D 395 22.33 8.36 20.30
CA ALA D 395 23.23 8.26 21.45
C ALA D 395 22.57 8.72 22.74
N ARG D 396 21.95 9.90 22.68
CA ARG D 396 21.30 10.50 23.83
C ARG D 396 20.07 9.76 24.34
N THR D 397 19.50 8.86 23.54
CA THR D 397 18.33 8.10 24.00
C THR D 397 18.72 7.36 25.27
N THR D 398 19.98 6.93 25.34
CA THR D 398 20.46 6.23 26.52
C THR D 398 20.33 7.15 27.74
N GLY D 399 20.80 8.38 27.63
CA GLY D 399 20.69 9.30 28.74
C GLY D 399 19.23 9.60 29.06
N TRP D 400 18.43 9.82 28.02
CA TRP D 400 17.02 10.11 28.22
C TRP D 400 16.31 9.02 29.00
N VAL D 401 16.45 7.75 28.59
CA VAL D 401 15.75 6.71 29.33
C VAL D 401 16.34 6.53 30.74
N SER D 402 17.64 6.76 30.90
CA SER D 402 18.26 6.63 32.22
C SER D 402 17.70 7.69 33.17
N GLN D 403 17.57 8.91 32.66
CA GLN D 403 17.04 10.03 33.44
C GLN D 403 15.56 9.80 33.74
N TRP D 404 14.81 9.34 32.75
CA TRP D 404 13.39 9.05 32.93
C TRP D 404 13.21 8.00 34.02
N LYS D 405 13.98 6.92 33.92
CA LYS D 405 13.92 5.81 34.88
C LYS D 405 14.17 6.32 36.30
N GLU D 406 15.23 7.10 36.47
CA GLU D 406 15.58 7.65 37.77
C GLU D 406 14.45 8.52 38.31
N MET D 407 13.94 9.39 37.45
CA MET D 407 12.86 10.30 37.82
C MET D 407 11.61 9.54 38.26
N ILE D 408 11.16 8.60 37.43
CA ILE D 408 9.94 7.85 37.73
C ILE D 408 10.04 6.86 38.91
N GLU D 409 11.25 6.43 39.26
CA GLU D 409 11.40 5.50 40.38
C GLU D 409 11.57 6.16 41.74
N GLU D 410 11.74 7.48 41.77
CA GLU D 410 11.89 8.16 43.06
C GLU D 410 10.58 8.14 43.83
N PRO D 411 10.61 7.69 45.10
CA PRO D 411 9.40 7.65 45.91
C PRO D 411 8.93 9.10 46.04
N GLY D 412 7.64 9.39 45.94
CA GLY D 412 7.26 10.78 46.10
C GLY D 412 7.62 11.67 44.93
N GLN D 413 7.73 11.07 43.75
CA GLN D 413 8.02 11.80 42.54
C GLN D 413 6.72 12.53 42.35
N ARG D 414 6.76 13.79 41.94
CA ARG D 414 5.54 14.56 41.74
C ARG D 414 5.54 15.13 40.34
N ILE D 415 4.38 15.55 39.87
CA ILE D 415 4.28 16.11 38.53
C ILE D 415 5.07 17.43 38.47
N SER D 416 5.66 17.72 37.31
CA SER D 416 6.41 18.97 37.11
C SER D 416 5.37 19.94 36.62
N ARG D 417 5.11 20.98 37.41
CA ARG D 417 4.10 21.96 37.08
C ARG D 417 4.53 23.29 37.72
N PRO D 418 5.21 24.14 36.95
CA PRO D 418 5.68 25.43 37.47
C PRO D 418 4.58 26.49 37.57
N ARG D 419 4.96 27.68 38.02
CA ARG D 419 4.02 28.78 38.15
C ARG D 419 4.45 29.82 37.12
N GLN D 420 3.87 31.01 37.21
CA GLN D 420 4.20 32.09 36.29
C GLN D 420 4.03 33.43 36.97
N LEU D 421 4.43 34.49 36.28
CA LEU D 421 4.25 35.83 36.79
C LEU D 421 3.24 36.35 35.80
N TYR D 422 2.01 36.55 36.25
CA TYR D 422 0.96 37.04 35.38
C TYR D 422 1.03 38.55 35.25
N ILE D 423 1.23 39.03 34.03
CA ILE D 423 1.30 40.46 33.78
C ILE D 423 0.35 40.89 32.67
N GLY D 424 -0.77 40.16 32.54
CA GLY D 424 -1.76 40.47 31.53
C GLY D 424 -2.88 41.38 31.99
N ALA D 425 -4.01 41.34 31.31
CA ALA D 425 -5.15 42.19 31.63
C ALA D 425 -5.85 41.80 32.93
N PRO D 426 -6.39 42.80 33.65
CA PRO D 426 -7.10 42.52 34.90
C PRO D 426 -8.45 41.95 34.52
N GLN D 427 -9.22 41.50 35.49
CA GLN D 427 -10.52 40.94 35.17
C GLN D 427 -11.42 41.94 34.45
N ARG D 428 -12.13 41.46 33.44
CA ARG D 428 -13.06 42.26 32.65
C ARG D 428 -14.21 41.39 32.16
N ASP D 429 -15.37 42.02 31.95
CA ASP D 429 -16.54 41.30 31.49
C ASP D 429 -16.57 41.07 29.99
N TYR D 430 -17.11 39.92 29.61
CA TYR D 430 -17.22 39.56 28.20
C TYR D 430 -18.03 40.60 27.44
N VAL D 431 -17.62 40.88 26.20
CA VAL D 431 -18.30 41.86 25.36
C VAL D 431 -18.86 41.20 24.11
N PRO D 432 -20.18 41.34 23.87
CA PRO D 432 -20.84 40.77 22.69
C PRO D 432 -20.13 41.23 21.41
N LEU D 433 -20.11 40.37 20.38
CA LEU D 433 -19.46 40.66 19.09
C LEU D 433 -19.74 42.07 18.54
N ALA D 434 -21.01 42.43 18.47
CA ALA D 434 -21.44 43.73 17.93
C ALA D 434 -20.91 44.95 18.68
N LYS D 435 -20.71 44.79 19.99
CA LYS D 435 -20.22 45.88 20.83
C LYS D 435 -18.70 45.99 20.86
N ARG D 436 -18.00 45.12 20.13
CA ARG D 436 -16.54 45.17 20.10
C ARG D 436 -16.00 46.18 19.10
N SER E 11 -45.00 -46.73 15.72
CA SER E 11 -44.67 -47.78 14.72
C SER E 11 -43.18 -47.85 14.42
N THR E 12 -42.76 -49.03 13.97
CA THR E 12 -41.36 -49.33 13.66
C THR E 12 -41.15 -49.98 12.30
N ALA E 13 -39.88 -50.18 11.97
CA ALA E 13 -39.52 -50.85 10.73
C ALA E 13 -38.61 -51.95 11.24
N THR E 14 -38.48 -53.01 10.46
CA THR E 14 -37.62 -54.10 10.87
C THR E 14 -36.49 -54.22 9.87
N ILE E 15 -35.28 -54.34 10.40
CA ILE E 15 -34.13 -54.54 9.53
C ILE E 15 -33.55 -55.87 9.97
N SER E 16 -33.33 -56.75 9.00
CA SER E 16 -32.79 -58.07 9.26
C SER E 16 -31.52 -58.23 8.43
N VAL E 17 -30.44 -58.62 9.07
CA VAL E 17 -29.18 -58.84 8.37
C VAL E 17 -28.39 -59.93 9.11
N ASP E 18 -27.83 -60.86 8.33
CA ASP E 18 -27.03 -61.98 8.86
C ASP E 18 -27.75 -62.77 9.97
N GLY E 19 -29.02 -63.09 9.78
CA GLY E 19 -29.78 -63.87 10.76
C GLY E 19 -30.46 -63.08 11.86
N LYS E 20 -29.90 -61.92 12.21
CA LYS E 20 -30.45 -61.07 13.26
C LYS E 20 -31.45 -60.02 12.78
N SER E 21 -32.38 -59.67 13.66
CA SER E 21 -33.40 -58.66 13.37
C SER E 21 -33.49 -57.64 14.48
N ALA E 22 -33.85 -56.41 14.12
CA ALA E 22 -33.99 -55.34 15.10
C ALA E 22 -35.00 -54.32 14.60
N GLU E 23 -35.73 -53.73 15.54
CA GLU E 23 -36.73 -52.72 15.25
C GLU E 23 -36.12 -51.34 15.24
N MET E 24 -36.52 -50.51 14.29
CA MET E 24 -36.04 -49.14 14.16
C MET E 24 -37.23 -48.22 14.23
N PRO E 25 -37.11 -47.10 14.94
CA PRO E 25 -38.26 -46.18 15.01
C PRO E 25 -38.59 -45.60 13.64
N VAL E 26 -39.87 -45.35 13.37
CA VAL E 26 -40.29 -44.74 12.10
C VAL E 26 -40.86 -43.39 12.52
N LEU E 27 -40.29 -42.32 11.99
CA LEU E 27 -40.71 -40.97 12.30
C LEU E 27 -41.44 -40.37 11.10
N SER E 28 -42.40 -39.49 11.35
CA SER E 28 -43.12 -38.86 10.25
C SER E 28 -43.02 -37.35 10.44
N GLY E 29 -43.03 -36.62 9.33
CA GLY E 29 -42.93 -35.17 9.42
C GLY E 29 -44.26 -34.50 9.20
N THR E 30 -44.25 -33.20 9.02
CA THR E 30 -45.49 -32.46 8.78
C THR E 30 -45.94 -32.83 7.37
N LEU E 31 -44.95 -32.95 6.49
CA LEU E 31 -45.15 -33.31 5.10
C LEU E 31 -43.95 -34.13 4.68
N GLY E 32 -44.06 -34.81 3.54
CA GLY E 32 -42.95 -35.61 3.06
C GLY E 32 -42.93 -37.05 3.55
N PRO E 33 -42.00 -37.88 3.06
CA PRO E 33 -41.86 -39.29 3.43
C PRO E 33 -41.53 -39.56 4.90
N ASP E 34 -41.92 -40.75 5.36
CA ASP E 34 -41.61 -41.16 6.73
C ASP E 34 -40.14 -41.53 6.66
N VAL E 35 -39.45 -41.58 7.79
CA VAL E 35 -38.05 -41.95 7.80
C VAL E 35 -37.77 -43.01 8.86
N ILE E 36 -36.75 -43.85 8.62
CA ILE E 36 -36.39 -44.92 9.55
C ILE E 36 -35.18 -44.46 10.37
N ASP E 37 -35.36 -44.27 11.67
CA ASP E 37 -34.29 -43.82 12.57
C ASP E 37 -33.26 -44.96 12.74
N ILE E 38 -32.06 -44.78 12.17
CA ILE E 38 -31.00 -45.79 12.28
C ILE E 38 -29.90 -45.45 13.27
N ARG E 39 -30.16 -44.51 14.17
CA ARG E 39 -29.14 -44.12 15.14
C ARG E 39 -28.60 -45.23 16.03
N LYS E 40 -29.33 -46.32 16.21
CA LYS E 40 -28.84 -47.42 17.02
C LYS E 40 -28.51 -48.63 16.16
N LEU E 41 -28.52 -48.47 14.83
CA LEU E 41 -28.24 -49.60 13.94
C LEU E 41 -26.95 -50.40 14.23
N PRO E 42 -25.81 -49.72 14.46
CA PRO E 42 -24.58 -50.50 14.73
C PRO E 42 -24.64 -51.29 16.03
N ALA E 43 -25.29 -50.73 17.05
CA ALA E 43 -25.39 -51.41 18.34
C ALA E 43 -26.32 -52.61 18.23
N GLN E 44 -27.36 -52.47 17.42
CA GLN E 44 -28.34 -53.53 17.23
C GLN E 44 -27.93 -54.62 16.24
N LEU E 45 -27.38 -54.23 15.10
CA LEU E 45 -27.02 -55.20 14.08
C LEU E 45 -25.55 -55.27 13.62
N GLY E 46 -24.70 -54.39 14.17
CA GLY E 46 -23.29 -54.42 13.81
C GLY E 46 -22.94 -54.00 12.37
N VAL E 47 -23.79 -53.18 11.76
CA VAL E 47 -23.56 -52.70 10.39
C VAL E 47 -23.90 -51.22 10.29
N PHE E 48 -23.51 -50.61 9.17
CA PHE E 48 -23.81 -49.20 8.91
C PHE E 48 -24.63 -49.27 7.63
N THR E 49 -25.24 -48.17 7.23
CA THR E 49 -25.96 -48.18 5.98
C THR E 49 -24.86 -47.71 5.04
N PHE E 50 -25.09 -47.78 3.73
CA PHE E 50 -24.11 -47.34 2.75
C PHE E 50 -24.91 -46.46 1.80
N ASP E 51 -24.59 -45.17 1.76
CA ASP E 51 -25.34 -44.27 0.92
C ASP E 51 -24.50 -43.15 0.34
N PRO E 52 -23.52 -43.49 -0.52
CA PRO E 52 -22.71 -42.39 -1.08
C PRO E 52 -23.63 -41.43 -1.82
N GLY E 53 -23.42 -40.13 -1.60
CA GLY E 53 -24.26 -39.14 -2.23
C GLY E 53 -25.33 -38.66 -1.27
N TYR E 54 -25.57 -39.44 -0.22
CA TYR E 54 -26.56 -39.13 0.82
C TYR E 54 -28.01 -38.96 0.36
N GLY E 55 -28.31 -39.21 -0.90
CA GLY E 55 -29.65 -39.03 -1.43
C GLY E 55 -30.82 -39.77 -0.79
N GLU E 56 -30.52 -40.77 0.03
CA GLU E 56 -31.55 -41.58 0.68
C GLU E 56 -31.48 -41.47 2.21
N THR E 57 -30.68 -40.53 2.70
CA THR E 57 -30.49 -40.31 4.13
C THR E 57 -31.01 -38.94 4.58
N ALA E 58 -31.92 -38.91 5.55
CA ALA E 58 -32.42 -37.63 6.05
C ALA E 58 -31.37 -37.27 7.10
N ALA E 59 -30.67 -36.17 6.86
CA ALA E 59 -29.59 -35.72 7.73
C ALA E 59 -29.98 -34.86 8.94
N CYS E 60 -31.21 -34.37 8.95
CA CYS E 60 -31.60 -33.52 10.05
C CYS E 60 -33.09 -33.26 10.04
N ASN E 61 -33.54 -32.66 11.13
CA ASN E 61 -34.92 -32.26 11.28
C ASN E 61 -34.84 -30.81 10.84
N SER E 62 -35.88 -30.28 10.23
CA SER E 62 -35.86 -28.87 9.85
C SER E 62 -37.27 -28.33 9.76
N LYS E 63 -37.43 -27.05 10.10
CA LYS E 63 -38.71 -26.38 10.05
C LYS E 63 -38.63 -25.25 9.04
N ILE E 64 -37.47 -25.09 8.42
CA ILE E 64 -37.29 -24.00 7.49
C ILE E 64 -37.98 -24.11 6.11
N THR E 65 -37.58 -25.11 5.34
CA THR E 65 -38.10 -25.29 3.99
C THR E 65 -38.58 -26.71 3.72
N PHE E 66 -39.64 -26.85 2.93
CA PHE E 66 -40.17 -28.16 2.55
C PHE E 66 -40.17 -28.26 1.04
N ILE E 67 -39.76 -29.41 0.52
CA ILE E 67 -39.77 -29.66 -0.92
C ILE E 67 -40.42 -31.01 -1.17
N ASP E 68 -41.36 -31.05 -2.11
CA ASP E 68 -41.96 -32.32 -2.49
C ASP E 68 -41.41 -32.39 -3.90
N GLY E 69 -40.40 -33.24 -4.07
CA GLY E 69 -39.75 -33.36 -5.37
C GLY E 69 -40.61 -33.92 -6.49
N ASP E 70 -41.41 -34.92 -6.17
CA ASP E 70 -42.28 -35.54 -7.16
C ASP E 70 -43.41 -34.60 -7.58
N LYS E 71 -43.93 -33.80 -6.65
CA LYS E 71 -45.01 -32.87 -6.98
C LYS E 71 -44.51 -31.48 -7.44
N GLY E 72 -43.22 -31.21 -7.21
CA GLY E 72 -42.67 -29.92 -7.61
C GLY E 72 -43.20 -28.79 -6.74
N VAL E 73 -43.24 -29.04 -5.43
CA VAL E 73 -43.72 -28.08 -4.45
C VAL E 73 -42.57 -27.56 -3.58
N LEU E 74 -42.54 -26.24 -3.37
CA LEU E 74 -41.49 -25.63 -2.52
C LEU E 74 -42.15 -24.65 -1.56
N LEU E 75 -41.93 -24.86 -0.26
CA LEU E 75 -42.51 -23.97 0.75
C LEU E 75 -41.42 -23.44 1.69
N HIS E 76 -41.55 -22.18 2.12
CA HIS E 76 -40.61 -21.61 3.08
C HIS E 76 -41.48 -21.28 4.29
N ARG E 77 -41.22 -21.97 5.39
CA ARG E 77 -41.98 -21.82 6.64
C ARG E 77 -43.47 -21.98 6.32
N GLY E 78 -43.78 -22.91 5.43
CA GLY E 78 -45.17 -23.15 5.05
C GLY E 78 -45.72 -22.38 3.87
N TYR E 79 -45.08 -21.27 3.52
CA TYR E 79 -45.53 -20.44 2.41
C TYR E 79 -44.99 -20.85 1.04
N PRO E 80 -45.87 -21.08 0.06
CA PRO E 80 -45.45 -21.48 -1.29
C PRO E 80 -44.52 -20.44 -1.91
N ILE E 81 -43.47 -20.90 -2.62
CA ILE E 81 -42.54 -19.96 -3.22
C ILE E 81 -43.20 -18.96 -4.20
N ALA E 82 -44.21 -19.40 -4.96
CA ALA E 82 -44.88 -18.49 -5.89
C ALA E 82 -45.50 -17.29 -5.18
N GLN E 83 -46.13 -17.54 -4.04
CA GLN E 83 -46.76 -16.47 -3.29
C GLN E 83 -45.73 -15.48 -2.74
N LEU E 84 -44.60 -15.99 -2.27
CA LEU E 84 -43.54 -15.11 -1.74
C LEU E 84 -42.88 -14.32 -2.86
N ALA E 85 -42.61 -14.97 -3.98
CA ALA E 85 -41.99 -14.29 -5.10
C ALA E 85 -42.92 -13.22 -5.69
N GLU E 86 -44.22 -13.46 -5.65
CA GLU E 86 -45.17 -12.51 -6.20
C GLU E 86 -45.47 -11.33 -5.30
N ASN E 87 -45.64 -11.62 -4.02
CA ASN E 87 -46.02 -10.63 -3.03
C ASN E 87 -45.02 -10.00 -2.04
N ALA E 88 -44.04 -10.79 -1.60
CA ALA E 88 -43.09 -10.33 -0.59
C ALA E 88 -41.85 -9.53 -1.00
N SER E 89 -41.30 -8.79 -0.04
CA SER E 89 -40.08 -8.05 -0.31
C SER E 89 -39.03 -9.05 0.10
N TYR E 90 -37.82 -8.92 -0.43
CA TYR E 90 -36.77 -9.85 -0.05
C TYR E 90 -36.55 -9.83 1.47
N GLU E 91 -36.57 -8.65 2.07
CA GLU E 91 -36.37 -8.57 3.52
C GLU E 91 -37.39 -9.38 4.32
N GLU E 92 -38.64 -9.40 3.87
CA GLU E 92 -39.67 -10.17 4.58
C GLU E 92 -39.30 -11.64 4.54
N VAL E 93 -38.81 -12.09 3.40
CA VAL E 93 -38.42 -13.49 3.24
C VAL E 93 -37.18 -13.81 4.07
N ILE E 94 -36.28 -12.84 4.21
CA ILE E 94 -35.07 -13.06 5.01
C ILE E 94 -35.50 -13.25 6.47
N TYR E 95 -36.39 -12.37 6.95
CA TYR E 95 -36.88 -12.45 8.32
C TYR E 95 -37.57 -13.80 8.53
N LEU E 96 -38.41 -14.18 7.59
CA LEU E 96 -39.15 -15.43 7.63
C LEU E 96 -38.24 -16.67 7.74
N LEU E 97 -37.26 -16.75 6.85
CA LEU E 97 -36.36 -17.90 6.87
C LEU E 97 -35.54 -17.93 8.16
N LEU E 98 -35.12 -16.78 8.63
CA LEU E 98 -34.31 -16.73 9.85
C LEU E 98 -35.09 -16.97 11.13
N ASN E 99 -36.28 -16.39 11.24
CA ASN E 99 -37.08 -16.50 12.45
C ASN E 99 -38.27 -17.47 12.54
N GLY E 100 -38.87 -17.80 11.40
CA GLY E 100 -39.99 -18.74 11.43
C GLY E 100 -41.37 -18.21 11.06
N GLU E 101 -41.54 -16.90 11.12
CA GLU E 101 -42.83 -16.27 10.80
C GLU E 101 -42.58 -14.99 10.00
N LEU E 102 -43.62 -14.52 9.31
CA LEU E 102 -43.51 -13.28 8.56
C LEU E 102 -43.52 -12.17 9.62
N PRO E 103 -42.83 -11.06 9.37
CA PRO E 103 -42.80 -9.98 10.36
C PRO E 103 -43.98 -9.01 10.36
N ASN E 104 -44.36 -8.50 11.53
CA ASN E 104 -45.44 -7.51 11.57
C ASN E 104 -44.69 -6.20 11.27
N LYS E 105 -45.39 -5.07 11.14
CA LYS E 105 -44.71 -3.81 10.81
C LYS E 105 -43.57 -3.39 11.75
N ALA E 106 -43.78 -3.53 13.06
CA ALA E 106 -42.75 -3.15 14.02
C ALA E 106 -41.52 -4.05 13.89
N GLN E 107 -41.75 -5.35 13.78
CA GLN E 107 -40.66 -6.32 13.64
C GLN E 107 -39.91 -6.08 12.35
N TYR E 108 -40.65 -5.77 11.29
CA TYR E 108 -40.05 -5.52 10.00
C TYR E 108 -39.13 -4.29 10.04
N ASP E 109 -39.61 -3.20 10.63
CA ASP E 109 -38.82 -1.98 10.72
C ASP E 109 -37.55 -2.19 11.57
N THR E 110 -37.68 -2.94 12.65
CA THR E 110 -36.54 -3.20 13.52
C THR E 110 -35.51 -4.05 12.77
N PHE E 111 -36.01 -5.06 12.07
CA PHE E 111 -35.17 -5.97 11.29
C PHE E 111 -34.39 -5.24 10.20
N THR E 112 -35.09 -4.44 9.41
CA THR E 112 -34.41 -3.71 8.34
C THR E 112 -33.46 -2.67 8.91
N ASN E 113 -33.77 -2.11 10.08
CA ASN E 113 -32.86 -1.12 10.65
C ASN E 113 -31.57 -1.82 11.06
N THR E 114 -31.70 -3.03 11.61
CA THR E 114 -30.53 -3.79 12.03
C THR E 114 -29.66 -4.13 10.80
N LEU E 115 -30.29 -4.53 9.70
CA LEU E 115 -29.53 -4.83 8.50
C LEU E 115 -28.75 -3.61 7.99
N THR E 116 -29.41 -2.46 7.87
CA THR E 116 -28.70 -1.28 7.38
C THR E 116 -27.57 -0.85 8.31
N ASN E 117 -27.68 -1.21 9.59
CA ASN E 117 -26.67 -0.86 10.59
C ASN E 117 -25.42 -1.72 10.52
N HIS E 118 -25.44 -2.73 9.66
CA HIS E 118 -24.30 -3.65 9.54
C HIS E 118 -23.80 -3.87 8.11
N THR E 119 -24.29 -3.09 7.17
CA THR E 119 -23.91 -3.21 5.77
C THR E 119 -22.48 -2.74 5.48
N LEU E 120 -21.96 -1.84 6.31
CA LEU E 120 -20.59 -1.34 6.11
C LEU E 120 -19.54 -2.32 6.59
N LEU E 121 -18.46 -2.42 5.82
CA LEU E 121 -17.36 -3.33 6.13
C LEU E 121 -16.22 -2.59 6.83
N HIS E 122 -15.43 -3.31 7.62
CA HIS E 122 -14.29 -2.71 8.30
C HIS E 122 -13.33 -2.35 7.17
N GLU E 123 -12.88 -1.10 7.13
CA GLU E 123 -12.01 -0.64 6.05
C GLU E 123 -10.72 -1.44 5.78
N GLN E 124 -10.20 -2.14 6.77
CA GLN E 124 -8.99 -2.90 6.54
C GLN E 124 -9.25 -3.98 5.49
N ILE E 125 -10.51 -4.34 5.34
CA ILE E 125 -10.93 -5.36 4.38
C ILE E 125 -10.58 -4.97 2.93
N ARG E 126 -10.41 -3.68 2.66
CA ARG E 126 -10.05 -3.25 1.32
C ARG E 126 -8.75 -3.92 0.89
N ASN E 127 -7.83 -4.03 1.82
CA ASN E 127 -6.53 -4.63 1.54
C ASN E 127 -6.66 -6.06 1.03
N PHE E 128 -7.65 -6.79 1.52
CA PHE E 128 -7.79 -8.18 1.09
C PHE E 128 -8.08 -8.24 -0.41
N PHE E 129 -8.92 -7.35 -0.90
CA PHE E 129 -9.24 -7.36 -2.32
C PHE E 129 -7.96 -7.19 -3.14
N ASN E 130 -7.01 -6.42 -2.63
CA ASN E 130 -5.75 -6.19 -3.34
C ASN E 130 -4.86 -7.42 -3.45
N GLY E 131 -5.26 -8.50 -2.79
CA GLY E 131 -4.46 -9.72 -2.84
C GLY E 131 -4.82 -10.49 -4.10
N PHE E 132 -5.95 -10.11 -4.71
CA PHE E 132 -6.43 -10.78 -5.93
C PHE E 132 -5.97 -10.11 -7.22
N ARG E 133 -5.77 -10.92 -8.25
CA ARG E 133 -5.41 -10.36 -9.55
C ARG E 133 -6.76 -9.82 -10.01
N ARG E 134 -6.76 -8.84 -10.91
CA ARG E 134 -7.99 -8.25 -11.40
C ARG E 134 -8.84 -9.24 -12.23
N ASP E 135 -8.21 -10.29 -12.75
CA ASP E 135 -8.95 -11.28 -13.54
C ASP E 135 -9.46 -12.44 -12.68
N ALA E 136 -9.41 -12.25 -11.37
CA ALA E 136 -9.86 -13.27 -10.43
C ALA E 136 -11.36 -13.50 -10.58
N HIS E 137 -11.79 -14.75 -10.49
CA HIS E 137 -13.21 -15.05 -10.60
C HIS E 137 -13.86 -14.52 -9.34
N PRO E 138 -14.99 -13.79 -9.46
CA PRO E 138 -15.65 -13.25 -8.27
C PRO E 138 -16.01 -14.24 -7.16
N MET E 139 -16.26 -15.50 -7.53
CA MET E 139 -16.59 -16.48 -6.50
C MET E 139 -15.37 -16.74 -5.62
N ALA E 140 -14.17 -16.65 -6.19
CA ALA E 140 -12.96 -16.86 -5.40
C ALA E 140 -12.81 -15.69 -4.44
N ILE E 141 -13.04 -14.48 -4.95
CA ILE E 141 -12.94 -13.28 -4.12
C ILE E 141 -13.97 -13.36 -2.99
N LEU E 142 -15.17 -13.82 -3.32
CA LEU E 142 -16.22 -13.92 -2.30
C LEU E 142 -15.86 -14.97 -1.24
N CYS E 143 -15.39 -16.13 -1.69
CA CYS E 143 -15.02 -17.20 -0.77
C CYS E 143 -13.92 -16.73 0.18
N GLY E 144 -12.81 -16.30 -0.39
CA GLY E 144 -11.71 -15.85 0.43
C GLY E 144 -12.02 -14.69 1.36
N THR E 145 -12.71 -13.67 0.85
CA THR E 145 -13.02 -12.51 1.67
C THR E 145 -14.02 -12.79 2.80
N VAL E 146 -15.01 -13.64 2.56
CA VAL E 146 -15.97 -13.96 3.63
C VAL E 146 -15.21 -14.79 4.66
N GLY E 147 -14.36 -15.68 4.18
CA GLY E 147 -13.56 -16.48 5.11
C GLY E 147 -12.71 -15.57 5.96
N ALA E 148 -12.11 -14.55 5.33
CA ALA E 148 -11.28 -13.60 6.05
C ALA E 148 -12.09 -12.80 7.07
N LEU E 149 -13.35 -12.53 6.76
CA LEU E 149 -14.22 -11.77 7.64
C LEU E 149 -14.33 -12.42 9.02
N SER E 150 -14.15 -13.75 9.07
CA SER E 150 -14.25 -14.44 10.35
C SER E 150 -13.24 -13.91 11.36
N ALA E 151 -12.14 -13.33 10.87
CA ALA E 151 -11.10 -12.79 11.74
C ALA E 151 -11.60 -11.59 12.55
N PHE E 152 -12.50 -10.82 11.95
CA PHE E 152 -13.05 -9.63 12.59
C PHE E 152 -14.12 -9.89 13.64
N TYR E 153 -14.60 -11.12 13.70
CA TYR E 153 -15.63 -11.49 14.65
C TYR E 153 -15.20 -12.75 15.40
N PRO E 154 -14.16 -12.63 16.24
CA PRO E 154 -13.63 -13.75 17.02
C PRO E 154 -14.58 -14.29 18.09
N ASP E 155 -15.46 -13.42 18.59
CA ASP E 155 -16.39 -13.86 19.61
C ASP E 155 -17.30 -14.93 19.02
N ALA E 156 -17.40 -14.95 17.69
CA ALA E 156 -18.22 -15.93 17.00
C ALA E 156 -17.53 -17.30 16.91
N ASN E 157 -16.29 -17.40 17.39
CA ASN E 157 -15.59 -18.67 17.36
C ASN E 157 -16.30 -19.52 18.44
N ASP E 158 -17.24 -18.87 19.15
CA ASP E 158 -18.00 -19.48 20.25
C ASP E 158 -19.53 -19.51 20.03
N ILE E 159 -20.18 -20.61 20.45
CA ILE E 159 -21.64 -20.71 20.27
C ILE E 159 -22.46 -19.99 21.36
N ALA E 160 -22.16 -20.29 22.63
CA ALA E 160 -22.82 -19.72 23.82
C ALA E 160 -24.17 -18.96 23.80
N ILE E 161 -24.15 -17.66 23.56
CA ILE E 161 -25.39 -16.86 23.61
C ILE E 161 -26.27 -16.68 22.35
N PRO E 162 -27.56 -17.06 22.46
CA PRO E 162 -28.61 -17.00 21.43
C PRO E 162 -28.54 -15.71 20.61
N ALA E 163 -28.58 -14.59 21.31
CA ALA E 163 -28.54 -13.26 20.72
C ALA E 163 -27.29 -13.05 19.88
N ASN E 164 -26.19 -13.67 20.27
CA ASN E 164 -24.95 -13.52 19.53
C ASN E 164 -25.03 -14.30 18.21
N ARG E 165 -25.87 -15.33 18.16
CA ARG E 165 -26.02 -16.09 16.92
C ARG E 165 -26.87 -15.27 15.95
N ASP E 166 -27.82 -14.53 16.51
CA ASP E 166 -28.69 -13.69 15.69
C ASP E 166 -27.85 -12.59 15.05
N LEU E 167 -26.96 -12.01 15.86
CA LEU E 167 -26.08 -10.94 15.40
C LEU E 167 -25.13 -11.43 14.31
N ALA E 168 -24.59 -12.62 14.47
CA ALA E 168 -23.68 -13.16 13.46
C ALA E 168 -24.46 -13.34 12.15
N ALA E 169 -25.68 -13.86 12.25
CA ALA E 169 -26.50 -14.06 11.06
C ALA E 169 -26.82 -12.75 10.35
N MET E 170 -27.19 -11.74 11.13
CA MET E 170 -27.51 -10.43 10.58
C MET E 170 -26.27 -9.77 9.96
N ARG E 171 -25.11 -9.95 10.58
CA ARG E 171 -23.89 -9.37 10.01
C ARG E 171 -23.59 -10.03 8.67
N LEU E 172 -23.75 -11.35 8.59
CA LEU E 172 -23.48 -12.03 7.33
C LEU E 172 -24.46 -11.63 6.23
N ILE E 173 -25.74 -11.58 6.55
CA ILE E 173 -26.75 -11.19 5.57
C ILE E 173 -26.55 -9.74 5.12
N ALA E 174 -26.16 -8.87 6.05
CA ALA E 174 -25.96 -7.46 5.70
C ALA E 174 -24.65 -7.16 4.97
N LYS E 175 -23.61 -7.92 5.26
CA LYS E 175 -22.32 -7.67 4.63
C LYS E 175 -22.04 -8.38 3.31
N ILE E 176 -22.67 -9.53 3.08
CA ILE E 176 -22.41 -10.27 1.84
C ILE E 176 -22.68 -9.45 0.57
N PRO E 177 -23.74 -8.62 0.53
CA PRO E 177 -23.97 -7.85 -0.70
C PRO E 177 -22.84 -6.82 -0.93
N THR E 178 -22.33 -6.24 0.15
CA THR E 178 -21.26 -5.26 0.04
C THR E 178 -19.97 -5.91 -0.45
N ILE E 179 -19.64 -7.08 0.09
CA ILE E 179 -18.44 -7.81 -0.30
C ILE E 179 -18.58 -8.24 -1.77
N ALA E 180 -19.77 -8.71 -2.14
CA ALA E 180 -20.02 -9.15 -3.52
C ALA E 180 -19.89 -7.98 -4.50
N ALA E 181 -20.47 -6.84 -4.14
CA ALA E 181 -20.42 -5.65 -5.00
C ALA E 181 -18.99 -5.14 -5.12
N TRP E 182 -18.26 -5.12 -4.00
CA TRP E 182 -16.88 -4.65 -4.04
C TRP E 182 -16.03 -5.63 -4.87
N ALA E 183 -16.36 -6.91 -4.82
CA ALA E 183 -15.64 -7.90 -5.59
C ALA E 183 -15.84 -7.57 -7.07
N TYR E 184 -17.08 -7.27 -7.44
CA TYR E 184 -17.38 -6.94 -8.83
C TYR E 184 -16.62 -5.69 -9.25
N LYS E 185 -16.73 -4.63 -8.45
CA LYS E 185 -16.05 -3.38 -8.76
C LYS E 185 -14.56 -3.63 -8.92
N TYR E 186 -13.98 -4.43 -8.03
CA TYR E 186 -12.56 -4.72 -8.11
C TYR E 186 -12.20 -5.35 -9.46
N THR E 187 -12.98 -6.33 -9.92
CA THR E 187 -12.67 -6.97 -11.21
C THR E 187 -12.77 -6.00 -12.38
N GLN E 188 -13.59 -4.96 -12.23
CA GLN E 188 -13.79 -3.96 -13.28
C GLN E 188 -12.84 -2.76 -13.21
N GLY E 189 -12.08 -2.67 -12.13
CA GLY E 189 -11.17 -1.54 -11.99
C GLY E 189 -11.97 -0.29 -11.64
N GLU E 190 -13.15 -0.49 -11.06
CA GLU E 190 -14.03 0.61 -10.68
C GLU E 190 -13.99 0.94 -9.18
N ALA E 191 -14.20 2.20 -8.83
CA ALA E 191 -14.17 2.61 -7.43
C ALA E 191 -15.30 1.93 -6.64
N PHE E 192 -14.99 1.49 -5.43
CA PHE E 192 -15.96 0.84 -4.57
C PHE E 192 -17.08 1.82 -4.21
N ILE E 193 -18.32 1.34 -4.27
CA ILE E 193 -19.47 2.16 -3.94
C ILE E 193 -20.02 1.67 -2.61
N TYR E 194 -20.22 2.58 -1.68
CA TYR E 194 -20.72 2.25 -0.35
C TYR E 194 -22.21 1.99 -0.30
N PRO E 195 -22.66 1.25 0.73
CA PRO E 195 -24.08 0.95 0.90
C PRO E 195 -24.78 2.26 1.24
N ARG E 196 -26.06 2.38 0.88
CA ARG E 196 -26.83 3.59 1.17
C ARG E 196 -28.02 3.20 2.03
N ASN E 197 -28.18 3.85 3.18
CA ASN E 197 -29.28 3.53 4.08
C ASN E 197 -30.66 3.84 3.50
N ASP E 198 -30.72 4.75 2.53
CA ASP E 198 -32.00 5.10 1.95
C ASP E 198 -32.49 4.13 0.87
N LEU E 199 -31.72 3.07 0.60
CA LEU E 199 -32.11 2.07 -0.39
C LEU E 199 -32.41 0.73 0.28
N ASN E 200 -33.37 -0.03 -0.25
CA ASN E 200 -33.68 -1.33 0.34
C ASN E 200 -32.64 -2.36 -0.11
N TYR E 201 -32.73 -3.59 0.41
CA TYR E 201 -31.75 -4.64 0.08
C TYR E 201 -31.51 -4.82 -1.43
N ALA E 202 -32.56 -4.93 -2.25
CA ALA E 202 -32.38 -5.11 -3.70
C ALA E 202 -31.82 -3.87 -4.37
N GLU E 203 -32.42 -2.71 -4.07
CA GLU E 203 -31.95 -1.45 -4.65
C GLU E 203 -30.50 -1.21 -4.31
N ASN E 204 -30.16 -1.41 -3.04
CA ASN E 204 -28.80 -1.16 -2.61
C ASN E 204 -27.79 -2.03 -3.32
N PHE E 205 -28.15 -3.28 -3.59
CA PHE E 205 -27.20 -4.15 -4.29
C PHE E 205 -26.96 -3.65 -5.71
N LEU E 206 -28.02 -3.21 -6.40
CA LEU E 206 -27.87 -2.70 -7.76
C LEU E 206 -26.98 -1.44 -7.74
N SER E 207 -27.19 -0.58 -6.76
CA SER E 207 -26.41 0.63 -6.63
C SER E 207 -24.94 0.32 -6.36
N MET E 208 -24.67 -0.54 -5.38
CA MET E 208 -23.28 -0.88 -5.11
C MET E 208 -22.64 -1.55 -6.31
N MET E 209 -23.41 -2.28 -7.10
CA MET E 209 -22.82 -2.93 -8.26
C MET E 209 -22.58 -2.04 -9.47
N PHE E 210 -23.53 -1.15 -9.75
CA PHE E 210 -23.41 -0.31 -10.94
C PHE E 210 -23.23 1.22 -10.83
N ALA E 211 -23.25 1.78 -9.64
CA ALA E 211 -23.07 3.22 -9.51
C ALA E 211 -21.65 3.57 -9.95
N ARG E 212 -21.51 4.71 -10.62
CA ARG E 212 -20.20 5.15 -11.08
C ARG E 212 -19.90 6.46 -10.38
N MET E 213 -18.62 6.80 -10.29
CA MET E 213 -18.20 8.04 -9.62
C MET E 213 -18.48 9.33 -10.39
N SER E 214 -18.83 9.22 -11.66
CA SER E 214 -19.08 10.38 -12.51
C SER E 214 -20.49 10.96 -12.61
N GLU E 215 -21.48 10.31 -12.00
CA GLU E 215 -22.86 10.79 -12.05
C GLU E 215 -23.66 10.09 -10.98
N PRO E 216 -24.78 10.69 -10.57
CA PRO E 216 -25.56 9.98 -9.54
C PRO E 216 -26.24 8.79 -10.17
N TYR E 217 -26.34 7.71 -9.41
CA TYR E 217 -26.98 6.50 -9.92
C TYR E 217 -28.48 6.57 -9.74
N LYS E 218 -29.20 6.21 -10.79
CA LYS E 218 -30.66 6.21 -10.75
C LYS E 218 -31.12 4.75 -10.74
N VAL E 219 -31.66 4.30 -9.63
CA VAL E 219 -32.12 2.93 -9.54
C VAL E 219 -33.35 2.78 -10.43
N ASN E 220 -33.30 1.85 -11.38
CA ASN E 220 -34.41 1.58 -12.31
C ASN E 220 -35.37 0.68 -11.55
N PRO E 221 -36.60 1.15 -11.27
CA PRO E 221 -37.53 0.29 -10.53
C PRO E 221 -37.80 -1.08 -11.17
N VAL E 222 -37.70 -1.15 -12.49
CA VAL E 222 -37.92 -2.41 -13.21
C VAL E 222 -36.83 -3.39 -12.76
N LEU E 223 -35.60 -2.92 -12.69
CA LEU E 223 -34.51 -3.80 -12.26
C LEU E 223 -34.57 -4.07 -10.74
N ALA E 224 -35.07 -3.13 -9.96
CA ALA E 224 -35.17 -3.34 -8.52
C ALA E 224 -36.17 -4.44 -8.23
N ARG E 225 -37.31 -4.41 -8.92
CA ARG E 225 -38.31 -5.44 -8.71
C ARG E 225 -37.81 -6.80 -9.18
N ALA E 226 -37.04 -6.83 -10.28
CA ALA E 226 -36.49 -8.08 -10.78
C ALA E 226 -35.48 -8.65 -9.77
N MET E 227 -34.64 -7.78 -9.23
CA MET E 227 -33.64 -8.20 -8.25
C MET E 227 -34.32 -8.77 -7.01
N ASN E 228 -35.36 -8.09 -6.56
CA ASN E 228 -36.12 -8.52 -5.38
C ASN E 228 -36.60 -9.96 -5.59
N ARG E 229 -37.08 -10.25 -6.79
CA ARG E 229 -37.58 -11.60 -7.12
C ARG E 229 -36.49 -12.63 -7.17
N ILE E 230 -35.42 -12.25 -7.84
CA ILE E 230 -34.25 -13.10 -8.00
C ILE E 230 -33.71 -13.53 -6.62
N LEU E 231 -33.56 -12.56 -5.70
CA LEU E 231 -33.06 -12.89 -4.38
C LEU E 231 -34.00 -13.87 -3.64
N ILE E 232 -35.29 -13.61 -3.73
CA ILE E 232 -36.26 -14.49 -3.07
C ILE E 232 -36.17 -15.91 -3.66
N LEU E 233 -36.08 -16.02 -4.99
CA LEU E 233 -36.01 -17.32 -5.63
C LEU E 233 -34.76 -18.14 -5.31
N HIS E 234 -33.71 -17.49 -4.81
CA HIS E 234 -32.47 -18.20 -4.49
C HIS E 234 -32.14 -18.22 -3.01
N ALA E 235 -33.01 -17.64 -2.17
CA ALA E 235 -32.76 -17.57 -0.74
C ALA E 235 -32.48 -18.87 0.03
N ASP E 236 -33.27 -19.92 -0.21
CA ASP E 236 -33.05 -21.18 0.49
C ASP E 236 -33.59 -22.36 -0.29
N HIS E 237 -32.94 -23.51 -0.15
CA HIS E 237 -33.49 -24.67 -0.81
C HIS E 237 -33.22 -25.94 -0.04
N GLU E 238 -33.56 -25.91 1.23
CA GLU E 238 -33.46 -27.11 2.03
C GLU E 238 -32.02 -27.67 2.13
N GLN E 239 -31.87 -28.98 2.14
CA GLN E 239 -30.53 -29.57 2.29
C GLN E 239 -29.64 -29.79 1.05
N ASN E 240 -29.51 -28.76 0.22
CA ASN E 240 -28.69 -28.81 -0.99
C ASN E 240 -27.21 -28.93 -0.56
N ALA E 241 -26.31 -29.18 -1.52
CA ALA E 241 -24.89 -29.35 -1.20
C ALA E 241 -24.24 -28.23 -0.39
N SER E 242 -24.46 -26.97 -0.76
CA SER E 242 -23.83 -25.89 -0.02
C SER E 242 -24.39 -25.73 1.39
N THR E 243 -25.70 -25.85 1.55
CA THR E 243 -26.29 -25.74 2.88
C THR E 243 -25.80 -26.93 3.72
N SER E 244 -25.65 -28.08 3.10
CA SER E 244 -25.18 -29.26 3.83
C SER E 244 -23.73 -29.08 4.27
N THR E 245 -22.97 -28.34 3.46
CA THR E 245 -21.57 -28.05 3.76
C THR E 245 -21.55 -27.08 4.93
N VAL E 246 -22.44 -26.10 4.91
CA VAL E 246 -22.51 -25.13 5.99
C VAL E 246 -22.85 -25.83 7.30
N ARG E 247 -23.84 -26.73 7.27
CA ARG E 247 -24.22 -27.46 8.48
C ARG E 247 -23.12 -28.39 8.96
N LEU E 248 -22.42 -29.05 8.03
CA LEU E 248 -21.34 -29.95 8.43
C LEU E 248 -20.22 -29.19 9.13
N ALA E 249 -19.76 -28.12 8.52
CA ALA E 249 -18.70 -27.30 9.11
C ALA E 249 -19.16 -26.67 10.41
N GLY E 250 -20.39 -26.16 10.42
CA GLY E 250 -20.90 -25.54 11.63
C GLY E 250 -21.09 -26.51 12.78
N SER E 251 -21.31 -27.78 12.46
CA SER E 251 -21.54 -28.80 13.50
C SER E 251 -20.37 -28.99 14.45
N THR E 252 -19.18 -28.52 14.07
CA THR E 252 -17.99 -28.65 14.93
C THR E 252 -17.91 -27.45 15.87
N GLY E 253 -18.80 -26.48 15.69
CA GLY E 253 -18.78 -25.29 16.53
C GLY E 253 -18.00 -24.17 15.86
N ALA E 254 -17.63 -24.40 14.60
CA ALA E 254 -16.85 -23.43 13.84
C ALA E 254 -17.52 -22.06 13.64
N ASN E 255 -16.69 -21.04 13.57
CA ASN E 255 -17.11 -19.65 13.37
C ASN E 255 -18.07 -19.62 12.18
N PRO E 256 -19.28 -19.06 12.37
CA PRO E 256 -20.23 -19.02 11.24
C PRO E 256 -19.75 -18.29 9.98
N PHE E 257 -18.88 -17.29 10.13
CA PHE E 257 -18.39 -16.60 8.94
C PHE E 257 -17.58 -17.60 8.10
N ALA E 258 -16.75 -18.41 8.75
CA ALA E 258 -15.94 -19.41 8.05
C ALA E 258 -16.87 -20.44 7.41
N CYS E 259 -17.95 -20.78 8.11
CA CYS E 259 -18.90 -21.76 7.57
C CYS E 259 -19.55 -21.24 6.30
N ILE E 260 -19.85 -19.94 6.24
CA ILE E 260 -20.46 -19.40 5.03
C ILE E 260 -19.43 -19.48 3.89
N ALA E 261 -18.15 -19.25 4.19
CA ALA E 261 -17.13 -19.36 3.14
C ALA E 261 -17.14 -20.79 2.59
N ALA E 262 -17.37 -21.76 3.48
CA ALA E 262 -17.42 -23.16 3.08
C ALA E 262 -18.60 -23.38 2.14
N GLY E 263 -19.72 -22.75 2.46
CA GLY E 263 -20.91 -22.87 1.63
C GLY E 263 -20.67 -22.28 0.26
N ILE E 264 -19.98 -21.15 0.23
CA ILE E 264 -19.65 -20.47 -1.02
C ILE E 264 -18.79 -21.40 -1.88
N ALA E 265 -17.82 -22.05 -1.25
CA ALA E 265 -16.95 -22.97 -1.98
C ALA E 265 -17.79 -24.06 -2.65
N ALA E 266 -18.70 -24.67 -1.89
CA ALA E 266 -19.54 -25.73 -2.44
C ALA E 266 -20.47 -25.22 -3.54
N LEU E 267 -21.08 -24.06 -3.35
CA LEU E 267 -22.00 -23.50 -4.34
C LEU E 267 -21.32 -23.25 -5.69
N TRP E 268 -20.04 -22.89 -5.65
CA TRP E 268 -19.25 -22.59 -6.86
C TRP E 268 -19.16 -23.75 -7.86
N GLY E 269 -19.26 -24.99 -7.40
CA GLY E 269 -19.17 -26.13 -8.30
C GLY E 269 -20.21 -26.10 -9.42
N PRO E 270 -19.84 -26.49 -10.65
CA PRO E 270 -20.79 -26.47 -11.76
C PRO E 270 -22.01 -27.40 -11.62
N ALA E 271 -21.94 -28.38 -10.74
CA ALA E 271 -23.07 -29.28 -10.53
C ALA E 271 -24.05 -28.60 -9.55
N HIS E 272 -23.61 -27.54 -8.88
CA HIS E 272 -24.46 -26.80 -7.94
C HIS E 272 -24.72 -25.38 -8.52
N GLY E 273 -24.53 -24.33 -7.73
CA GLY E 273 -24.78 -22.98 -8.21
C GLY E 273 -24.01 -22.50 -9.44
N GLY E 274 -22.82 -23.09 -9.65
CA GLY E 274 -22.00 -22.72 -10.78
C GLY E 274 -22.68 -23.03 -12.10
N ALA E 275 -23.74 -23.82 -12.03
CA ALA E 275 -24.49 -24.20 -13.22
C ALA E 275 -25.13 -22.98 -13.88
N ASN E 276 -25.48 -21.95 -13.12
CA ASN E 276 -26.11 -20.81 -13.79
C ASN E 276 -25.15 -20.11 -14.76
N GLU E 277 -23.87 -20.06 -14.42
CA GLU E 277 -22.88 -19.46 -15.32
C GLU E 277 -22.69 -20.43 -16.50
N ALA E 278 -22.64 -21.72 -16.19
CA ALA E 278 -22.47 -22.75 -17.21
C ALA E 278 -23.62 -22.78 -18.21
N VAL E 279 -24.83 -22.53 -17.73
CA VAL E 279 -25.99 -22.54 -18.60
C VAL E 279 -25.88 -21.46 -19.69
N LEU E 280 -25.54 -20.23 -19.32
CA LEU E 280 -25.45 -19.20 -20.35
C LEU E 280 -24.31 -19.48 -21.32
N LYS E 281 -23.21 -20.08 -20.85
CA LYS E 281 -22.12 -20.38 -21.77
C LYS E 281 -22.55 -21.49 -22.74
N MET E 282 -23.30 -22.46 -22.23
CA MET E 282 -23.81 -23.57 -23.05
C MET E 282 -24.76 -23.02 -24.12
N LEU E 283 -25.66 -22.13 -23.72
CA LEU E 283 -26.61 -21.53 -24.65
C LEU E 283 -25.91 -20.71 -25.72
N ALA E 284 -24.88 -19.96 -25.32
CA ALA E 284 -24.13 -19.15 -26.26
C ALA E 284 -23.41 -20.03 -27.27
N ARG E 285 -22.88 -21.16 -26.82
CA ARG E 285 -22.16 -22.08 -27.70
C ARG E 285 -23.11 -22.74 -28.70
N ILE E 286 -24.32 -23.09 -28.26
CA ILE E 286 -25.29 -23.69 -29.17
C ILE E 286 -25.58 -22.59 -30.18
N GLY E 287 -25.66 -21.35 -29.67
CA GLY E 287 -25.90 -20.19 -30.51
C GLY E 287 -27.22 -20.02 -31.24
N LYS E 288 -27.63 -21.07 -31.95
CA LYS E 288 -28.88 -21.06 -32.71
C LYS E 288 -29.64 -22.38 -32.59
N LYS E 289 -30.95 -22.31 -32.69
CA LYS E 289 -31.81 -23.50 -32.58
C LYS E 289 -31.43 -24.63 -33.52
N GLU E 290 -30.88 -24.28 -34.68
CA GLU E 290 -30.48 -25.29 -35.65
C GLU E 290 -29.36 -26.17 -35.09
N ASN E 291 -28.66 -25.68 -34.09
CA ASN E 291 -27.57 -26.44 -33.50
C ASN E 291 -27.99 -27.29 -32.28
N ILE E 292 -29.25 -27.22 -31.89
CA ILE E 292 -29.69 -28.02 -30.74
C ILE E 292 -29.47 -29.53 -30.94
N PRO E 293 -29.91 -30.12 -32.08
CA PRO E 293 -29.71 -31.56 -32.26
C PRO E 293 -28.29 -32.06 -31.93
N ALA E 294 -27.28 -31.37 -32.44
CA ALA E 294 -25.90 -31.76 -32.20
C ALA E 294 -25.58 -31.77 -30.70
N PHE E 295 -26.12 -30.77 -29.98
CA PHE E 295 -25.89 -30.71 -28.54
C PHE E 295 -26.63 -31.82 -27.81
N ILE E 296 -27.91 -32.02 -28.12
CA ILE E 296 -28.67 -33.07 -27.44
C ILE E 296 -27.99 -34.44 -27.66
N ALA E 297 -27.41 -34.65 -28.84
CA ALA E 297 -26.74 -35.93 -29.11
C ALA E 297 -25.55 -36.16 -28.17
N GLN E 298 -24.78 -35.09 -27.92
CA GLN E 298 -23.62 -35.20 -27.02
C GLN E 298 -24.08 -35.50 -25.59
N VAL E 299 -25.19 -34.88 -25.19
CA VAL E 299 -25.75 -35.06 -23.86
C VAL E 299 -26.21 -36.52 -23.70
N LYS E 300 -26.84 -37.05 -24.75
CA LYS E 300 -27.32 -38.42 -24.73
C LYS E 300 -26.22 -39.46 -25.01
N ASP E 301 -25.03 -38.99 -25.39
CA ASP E 301 -23.88 -39.85 -25.68
C ASP E 301 -23.33 -40.38 -24.34
N LYS E 302 -23.49 -41.69 -24.09
CA LYS E 302 -23.08 -42.30 -22.83
C LYS E 302 -21.68 -42.06 -22.25
N ASN E 303 -20.63 -41.98 -23.06
CA ASN E 303 -19.30 -41.71 -22.50
C ASN E 303 -18.73 -40.34 -22.86
N SER E 304 -19.57 -39.31 -22.90
CA SER E 304 -19.09 -37.97 -23.24
C SER E 304 -19.06 -36.99 -22.04
N GLY E 305 -19.84 -37.29 -21.00
CA GLY E 305 -19.83 -36.42 -19.83
C GLY E 305 -20.50 -35.06 -19.96
N VAL E 306 -20.89 -34.70 -21.19
CA VAL E 306 -21.55 -33.42 -21.43
C VAL E 306 -22.97 -33.55 -20.89
N LYS E 307 -23.42 -32.52 -20.19
CA LYS E 307 -24.77 -32.54 -19.62
C LYS E 307 -25.60 -31.35 -20.06
N LEU E 308 -26.92 -31.47 -19.94
CA LEU E 308 -27.80 -30.36 -20.29
C LEU E 308 -27.80 -29.55 -19.02
N MET E 309 -26.93 -28.55 -18.94
CA MET E 309 -26.84 -27.73 -17.75
C MET E 309 -28.18 -27.04 -17.51
N GLY E 310 -28.59 -26.94 -16.25
CA GLY E 310 -29.86 -26.32 -15.97
C GLY E 310 -31.02 -27.29 -15.92
N PHE E 311 -30.75 -28.59 -16.13
CA PHE E 311 -31.78 -29.62 -16.08
C PHE E 311 -31.34 -30.61 -15.02
N GLY E 312 -32.31 -31.30 -14.43
CA GLY E 312 -31.99 -32.28 -13.41
C GLY E 312 -31.94 -31.74 -11.99
N HIS E 313 -32.20 -32.61 -11.03
CA HIS E 313 -32.18 -32.21 -9.62
C HIS E 313 -32.15 -33.47 -8.76
N ARG E 314 -31.56 -33.35 -7.58
CA ARG E 314 -31.49 -34.49 -6.70
C ARG E 314 -32.88 -34.78 -6.17
N VAL E 315 -33.63 -33.72 -5.88
CA VAL E 315 -34.97 -33.87 -5.33
C VAL E 315 -36.13 -33.75 -6.34
N TYR E 316 -36.19 -32.65 -7.09
CA TYR E 316 -37.26 -32.48 -8.08
C TYR E 316 -37.20 -33.55 -9.16
N LYS E 317 -38.33 -34.19 -9.39
CA LYS E 317 -38.49 -35.21 -10.41
C LYS E 317 -39.75 -34.74 -11.13
N ASN E 318 -39.79 -33.43 -11.32
CA ASN E 318 -40.90 -32.73 -11.93
C ASN E 318 -40.37 -31.30 -12.15
N PHE E 319 -41.23 -30.41 -12.61
CA PHE E 319 -40.82 -29.03 -12.82
C PHE E 319 -40.43 -28.38 -11.49
N ASP E 320 -39.37 -27.58 -11.52
CA ASP E 320 -38.87 -26.84 -10.36
C ASP E 320 -39.76 -25.62 -10.32
N PRO E 321 -40.54 -25.43 -9.25
CA PRO E 321 -41.42 -24.26 -9.18
C PRO E 321 -40.67 -22.94 -9.38
N ARG E 322 -39.39 -22.90 -9.00
CA ARG E 322 -38.59 -21.70 -9.17
C ARG E 322 -38.28 -21.44 -10.64
N ALA E 323 -38.09 -22.50 -11.42
CA ALA E 323 -37.80 -22.36 -12.84
C ALA E 323 -39.01 -21.81 -13.58
N LYS E 324 -40.21 -22.21 -13.16
CA LYS E 324 -41.42 -21.70 -13.80
C LYS E 324 -41.52 -20.21 -13.54
N ILE E 325 -41.29 -19.80 -12.29
CA ILE E 325 -41.36 -18.39 -11.96
C ILE E 325 -40.23 -17.63 -12.67
N MET E 326 -39.07 -18.28 -12.80
CA MET E 326 -37.92 -17.66 -13.45
C MET E 326 -38.20 -17.38 -14.93
N GLN E 327 -38.86 -18.33 -15.61
CA GLN E 327 -39.18 -18.16 -17.03
C GLN E 327 -40.15 -17.00 -17.21
N GLN E 328 -41.17 -17.00 -16.37
CA GLN E 328 -42.21 -15.98 -16.35
C GLN E 328 -41.58 -14.60 -16.10
N THR E 329 -40.63 -14.56 -15.17
CA THR E 329 -39.96 -13.31 -14.84
C THR E 329 -39.13 -12.80 -16.03
N CYS E 330 -38.52 -13.71 -16.79
CA CYS E 330 -37.73 -13.31 -17.96
C CYS E 330 -38.63 -12.52 -18.92
N HIS E 331 -39.79 -13.10 -19.22
CA HIS E 331 -40.75 -12.46 -20.12
C HIS E 331 -41.19 -11.11 -19.59
N GLU E 332 -41.61 -11.07 -18.32
CA GLU E 332 -42.05 -9.83 -17.70
C GLU E 332 -40.97 -8.74 -17.72
N VAL E 333 -39.74 -9.10 -17.34
CA VAL E 333 -38.65 -8.12 -17.32
C VAL E 333 -38.29 -7.62 -18.72
N LEU E 334 -38.11 -8.53 -19.66
CA LEU E 334 -37.77 -8.12 -21.02
C LEU E 334 -38.85 -7.17 -21.55
N THR E 335 -40.11 -7.50 -21.29
CA THR E 335 -41.25 -6.68 -21.71
C THR E 335 -41.20 -5.28 -21.08
N GLU E 336 -40.94 -5.21 -19.79
CA GLU E 336 -40.86 -3.93 -19.09
C GLU E 336 -39.66 -3.10 -19.54
N LEU E 337 -38.57 -3.75 -19.93
CA LEU E 337 -37.39 -3.02 -20.37
C LEU E 337 -37.55 -2.59 -21.83
N GLY E 338 -38.65 -3.03 -22.44
CA GLY E 338 -38.91 -2.67 -23.83
C GLY E 338 -38.16 -3.48 -24.85
N ILE E 339 -37.68 -4.65 -24.45
CA ILE E 339 -36.95 -5.52 -25.35
C ILE E 339 -37.97 -6.44 -26.02
N LYS E 340 -38.06 -6.34 -27.35
CA LYS E 340 -39.02 -7.14 -28.09
C LYS E 340 -38.55 -8.58 -28.30
N ASP E 341 -37.24 -8.79 -28.32
CA ASP E 341 -36.71 -10.14 -28.49
C ASP E 341 -35.40 -10.43 -27.79
N ASP E 342 -35.30 -11.65 -27.28
CA ASP E 342 -34.08 -12.10 -26.61
C ASP E 342 -33.78 -13.45 -27.24
N PRO E 343 -32.81 -13.49 -28.17
CA PRO E 343 -32.39 -14.71 -28.87
C PRO E 343 -32.10 -15.88 -27.94
N LEU E 344 -31.33 -15.61 -26.89
CA LEU E 344 -30.96 -16.63 -25.92
C LEU E 344 -32.18 -17.20 -25.17
N LEU E 345 -33.14 -16.34 -24.81
CA LEU E 345 -34.34 -16.84 -24.13
C LEU E 345 -35.11 -17.73 -25.09
N ASP E 346 -35.21 -17.29 -26.35
CA ASP E 346 -35.91 -18.08 -27.36
C ASP E 346 -35.28 -19.46 -27.52
N LEU E 347 -33.95 -19.49 -27.55
CA LEU E 347 -33.18 -20.72 -27.68
C LEU E 347 -33.42 -21.63 -26.48
N ALA E 348 -33.31 -21.06 -25.28
CA ALA E 348 -33.51 -21.83 -24.06
C ALA E 348 -34.90 -22.47 -24.01
N VAL E 349 -35.94 -21.71 -24.38
CA VAL E 349 -37.29 -22.25 -24.36
C VAL E 349 -37.43 -23.43 -25.34
N GLU E 350 -36.88 -23.27 -26.53
CA GLU E 350 -36.95 -24.32 -27.55
C GLU E 350 -36.14 -25.55 -27.07
N LEU E 351 -35.00 -25.30 -26.42
CA LEU E 351 -34.16 -26.39 -25.92
C LEU E 351 -34.94 -27.17 -24.85
N GLU E 352 -35.70 -26.45 -24.02
CA GLU E 352 -36.50 -27.10 -23.00
C GLU E 352 -37.54 -28.00 -23.64
N LYS E 353 -38.24 -27.48 -24.64
CA LYS E 353 -39.25 -28.29 -25.28
C LYS E 353 -38.69 -29.57 -25.93
N ILE E 354 -37.55 -29.45 -26.60
CA ILE E 354 -36.89 -30.59 -27.24
C ILE E 354 -36.47 -31.63 -26.19
N ALA E 355 -35.83 -31.18 -25.12
CA ALA E 355 -35.40 -32.09 -24.07
C ALA E 355 -36.61 -32.80 -23.44
N LEU E 356 -37.64 -32.02 -23.11
CA LEU E 356 -38.83 -32.59 -22.48
C LEU E 356 -39.65 -33.56 -23.32
N SER E 357 -39.38 -33.64 -24.61
CA SER E 357 -40.12 -34.56 -25.46
C SER E 357 -39.20 -35.68 -25.93
N ASP E 358 -38.02 -35.79 -25.33
CA ASP E 358 -37.06 -36.83 -25.70
C ASP E 358 -36.99 -37.87 -24.58
N ASP E 359 -37.18 -39.14 -24.93
CA ASP E 359 -37.18 -40.25 -23.96
C ASP E 359 -36.00 -40.28 -22.98
N TYR E 360 -34.82 -39.84 -23.42
CA TYR E 360 -33.67 -39.85 -22.52
C TYR E 360 -34.01 -39.03 -21.28
N PHE E 361 -34.55 -37.83 -21.49
CA PHE E 361 -34.89 -36.96 -20.37
C PHE E 361 -36.17 -37.37 -19.64
N VAL E 362 -37.17 -37.84 -20.38
CA VAL E 362 -38.42 -38.24 -19.76
C VAL E 362 -38.20 -39.41 -18.79
N GLN E 363 -37.52 -40.47 -19.24
CA GLN E 363 -37.27 -41.63 -18.38
C GLN E 363 -36.45 -41.27 -17.12
N ARG E 364 -35.59 -40.27 -17.23
CA ARG E 364 -34.77 -39.87 -16.10
C ARG E 364 -35.41 -38.78 -15.24
N LYS E 365 -36.61 -38.36 -15.63
CA LYS E 365 -37.34 -37.32 -14.92
C LYS E 365 -36.50 -36.04 -14.78
N LEU E 366 -35.90 -35.63 -15.88
CA LEU E 366 -35.07 -34.44 -15.91
C LEU E 366 -35.85 -33.26 -16.46
N TYR E 367 -35.93 -32.20 -15.65
CA TYR E 367 -36.66 -30.98 -15.98
C TYR E 367 -35.79 -29.76 -15.70
N PRO E 368 -36.20 -28.58 -16.20
CA PRO E 368 -35.41 -27.38 -15.93
C PRO E 368 -35.33 -27.11 -14.44
N ASN E 369 -34.18 -26.67 -13.96
CA ASN E 369 -34.05 -26.33 -12.55
C ASN E 369 -33.85 -24.81 -12.49
N VAL E 370 -33.74 -24.28 -11.28
CA VAL E 370 -33.58 -22.84 -11.05
C VAL E 370 -32.51 -22.12 -11.88
N ASP E 371 -31.45 -22.84 -12.28
CA ASP E 371 -30.37 -22.25 -13.05
C ASP E 371 -30.55 -22.15 -14.57
N PHE E 372 -31.61 -22.78 -15.10
CA PHE E 372 -31.84 -22.77 -16.54
C PHE E 372 -32.21 -21.40 -17.11
N TYR E 373 -33.08 -20.67 -16.41
CA TYR E 373 -33.54 -19.36 -16.87
C TYR E 373 -33.00 -18.15 -16.10
N SER E 374 -32.27 -18.40 -15.02
CA SER E 374 -31.75 -17.29 -14.22
C SER E 374 -30.73 -16.38 -14.92
N GLY E 375 -29.75 -16.98 -15.61
CA GLY E 375 -28.75 -16.18 -16.29
C GLY E 375 -29.33 -15.22 -17.32
N ILE E 376 -30.40 -15.63 -17.99
CA ILE E 376 -31.05 -14.78 -18.99
C ILE E 376 -31.55 -13.50 -18.33
N ILE E 377 -32.20 -13.61 -17.16
CA ILE E 377 -32.71 -12.44 -16.43
C ILE E 377 -31.54 -11.59 -15.95
N LEU E 378 -30.56 -12.23 -15.32
CA LEU E 378 -29.41 -11.50 -14.82
C LEU E 378 -28.71 -10.73 -15.92
N LYS E 379 -28.50 -11.37 -17.06
CA LYS E 379 -27.84 -10.69 -18.17
C LYS E 379 -28.66 -9.46 -18.59
N ALA E 380 -29.98 -9.61 -18.61
CA ALA E 380 -30.86 -8.50 -18.99
C ALA E 380 -30.80 -7.37 -17.98
N MET E 381 -30.38 -7.68 -16.76
CA MET E 381 -30.25 -6.69 -15.69
C MET E 381 -28.88 -6.05 -15.74
N GLY E 382 -28.08 -6.45 -16.71
CA GLY E 382 -26.75 -5.89 -16.82
C GLY E 382 -25.72 -6.60 -15.96
N ILE E 383 -26.10 -7.70 -15.33
CA ILE E 383 -25.13 -8.42 -14.50
C ILE E 383 -24.29 -9.32 -15.39
N PRO E 384 -22.96 -9.23 -15.28
CA PRO E 384 -22.13 -10.08 -16.13
C PRO E 384 -22.11 -11.53 -15.69
N THR E 385 -21.83 -12.40 -16.65
CA THR E 385 -21.79 -13.82 -16.41
C THR E 385 -20.88 -14.19 -15.23
N SER E 386 -19.78 -13.47 -15.05
CA SER E 386 -18.84 -13.74 -13.95
C SER E 386 -19.43 -13.51 -12.56
N MET E 387 -20.60 -12.90 -12.51
CA MET E 387 -21.26 -12.61 -11.25
C MET E 387 -22.53 -13.40 -10.97
N PHE E 388 -22.93 -14.28 -11.88
CA PHE E 388 -24.16 -15.05 -11.68
C PHE E 388 -24.16 -15.90 -10.42
N THR E 389 -23.09 -16.66 -10.20
CA THR E 389 -23.04 -17.51 -9.02
C THR E 389 -22.85 -16.67 -7.76
N VAL E 390 -22.16 -15.54 -7.88
CA VAL E 390 -21.98 -14.68 -6.71
C VAL E 390 -23.34 -14.10 -6.31
N LEU E 391 -24.20 -13.81 -7.29
CA LEU E 391 -25.51 -13.28 -6.97
C LEU E 391 -26.33 -14.34 -6.23
N PHE E 392 -26.17 -15.59 -6.66
CA PHE E 392 -26.84 -16.75 -6.06
C PHE E 392 -26.36 -16.81 -4.60
N ALA E 393 -25.04 -16.72 -4.40
CA ALA E 393 -24.47 -16.76 -3.06
C ALA E 393 -24.98 -15.65 -2.15
N VAL E 394 -25.15 -14.45 -2.69
CA VAL E 394 -25.65 -13.33 -1.88
C VAL E 394 -27.04 -13.68 -1.38
N ALA E 395 -27.90 -14.15 -2.27
CA ALA E 395 -29.25 -14.51 -1.87
C ALA E 395 -29.25 -15.70 -0.93
N ARG E 396 -28.52 -16.75 -1.29
CA ARG E 396 -28.48 -17.97 -0.49
C ARG E 396 -27.85 -17.81 0.91
N THR E 397 -27.06 -16.76 1.13
CA THR E 397 -26.46 -16.56 2.45
C THR E 397 -27.58 -16.54 3.49
N THR E 398 -28.73 -16.02 3.11
CA THR E 398 -29.88 -15.97 4.01
C THR E 398 -30.26 -17.38 4.44
N GLY E 399 -30.40 -18.27 3.46
CA GLY E 399 -30.75 -19.65 3.77
C GLY E 399 -29.63 -20.32 4.57
N TRP E 400 -28.38 -20.10 4.16
CA TRP E 400 -27.25 -20.72 4.88
C TRP E 400 -27.22 -20.33 6.35
N VAL E 401 -27.35 -19.05 6.67
CA VAL E 401 -27.31 -18.66 8.08
C VAL E 401 -28.57 -19.11 8.83
N SER E 402 -29.71 -19.19 8.13
CA SER E 402 -30.94 -19.64 8.78
C SER E 402 -30.80 -21.12 9.15
N GLN E 403 -30.22 -21.89 8.23
CA GLN E 403 -30.01 -23.33 8.43
C GLN E 403 -28.94 -23.54 9.51
N TRP E 404 -27.86 -22.75 9.45
CA TRP E 404 -26.82 -22.87 10.45
C TRP E 404 -27.40 -22.61 11.84
N LYS E 405 -28.17 -21.54 11.96
CA LYS E 405 -28.77 -21.15 13.25
C LYS E 405 -29.68 -22.25 13.79
N GLU E 406 -30.49 -22.85 12.93
CA GLU E 406 -31.39 -23.91 13.34
C GLU E 406 -30.58 -25.11 13.81
N MET E 407 -29.57 -25.48 13.04
CA MET E 407 -28.72 -26.62 13.36
C MET E 407 -28.03 -26.47 14.72
N ILE E 408 -27.35 -25.34 14.92
CA ILE E 408 -26.60 -25.08 16.13
C ILE E 408 -27.46 -24.84 17.39
N GLU E 409 -28.71 -24.40 17.23
CA GLU E 409 -29.58 -24.15 18.38
C GLU E 409 -30.46 -25.35 18.71
N GLU E 410 -30.44 -26.36 17.86
CA GLU E 410 -31.27 -27.55 18.10
C GLU E 410 -30.80 -28.37 19.29
N PRO E 411 -31.73 -28.69 20.20
CA PRO E 411 -31.37 -29.49 21.37
C PRO E 411 -30.84 -30.83 20.86
N GLY E 412 -29.74 -31.31 21.42
CA GLY E 412 -29.18 -32.58 20.99
C GLY E 412 -28.26 -32.51 19.79
N GLN E 413 -27.87 -31.31 19.37
CA GLN E 413 -26.99 -31.16 18.22
C GLN E 413 -25.67 -31.87 18.48
N ARG E 414 -25.20 -32.60 17.48
CA ARG E 414 -23.94 -33.33 17.58
C ARG E 414 -23.11 -33.06 16.35
N ILE E 415 -21.84 -33.39 16.41
CA ILE E 415 -20.95 -33.16 15.27
C ILE E 415 -21.38 -34.07 14.11
N SER E 416 -21.18 -33.60 12.87
CA SER E 416 -21.52 -34.40 11.70
C SER E 416 -20.23 -35.16 11.39
N ARG E 417 -20.30 -36.49 11.44
CA ARG E 417 -19.11 -37.30 11.21
C ARG E 417 -19.55 -38.68 10.74
N PRO E 418 -19.58 -38.89 9.41
CA PRO E 418 -20.01 -40.17 8.84
C PRO E 418 -18.94 -41.26 8.88
N ARG E 419 -19.31 -42.42 8.37
CA ARG E 419 -18.42 -43.56 8.31
C ARG E 419 -18.09 -43.81 6.84
N GLN E 420 -17.45 -44.93 6.55
CA GLN E 420 -17.08 -45.29 5.18
C GLN E 420 -17.03 -46.80 5.07
N LEU E 421 -16.81 -47.28 3.85
CA LEU E 421 -16.67 -48.70 3.59
C LEU E 421 -15.21 -48.77 3.16
N TYR E 422 -14.38 -49.37 3.99
CA TYR E 422 -12.96 -49.46 3.67
C TYR E 422 -12.73 -50.59 2.69
N ILE E 423 -12.20 -50.26 1.51
CA ILE E 423 -11.93 -51.28 0.50
C ILE E 423 -10.48 -51.20 0.03
N GLY E 424 -9.61 -50.73 0.92
CA GLY E 424 -8.19 -50.62 0.59
C GLY E 424 -7.36 -51.83 0.96
N ALA E 425 -6.06 -51.62 1.07
CA ALA E 425 -5.11 -52.68 1.40
C ALA E 425 -5.27 -53.23 2.80
N PRO E 426 -5.08 -54.54 2.99
CA PRO E 426 -5.22 -55.08 4.35
C PRO E 426 -3.95 -54.72 5.12
N GLN E 427 -3.89 -55.02 6.41
CA GLN E 427 -2.71 -54.66 7.20
C GLN E 427 -1.41 -55.20 6.63
N ARG E 428 -0.39 -54.34 6.65
CA ARG E 428 0.94 -54.67 6.16
C ARG E 428 1.99 -53.87 6.94
N ASP E 429 3.15 -54.49 7.15
CA ASP E 429 4.23 -53.84 7.89
C ASP E 429 5.06 -52.89 7.02
N TYR E 430 5.54 -51.82 7.64
CA TYR E 430 6.35 -50.81 6.97
C TYR E 430 7.58 -51.45 6.31
N VAL E 431 7.95 -50.98 5.12
CA VAL E 431 9.12 -51.50 4.41
C VAL E 431 10.14 -50.36 4.27
N PRO E 432 11.39 -50.58 4.68
CA PRO E 432 12.45 -49.57 4.58
C PRO E 432 12.64 -49.15 3.13
N LEU E 433 12.98 -47.89 2.89
CA LEU E 433 13.16 -47.38 1.53
C LEU E 433 13.98 -48.25 0.58
N ALA E 434 15.09 -48.81 1.04
CA ALA E 434 15.96 -49.62 0.20
C ALA E 434 15.36 -50.94 -0.32
N LYS E 435 14.28 -51.40 0.30
CA LYS E 435 13.65 -52.65 -0.09
C LYS E 435 12.32 -52.51 -0.84
N ARG E 436 11.98 -51.28 -1.25
CA ARG E 436 10.74 -51.00 -1.96
C ARG E 436 10.80 -51.17 -3.48
N SER F 11 -25.41 -61.65 -0.78
CA SER F 11 -25.94 -61.47 0.60
C SER F 11 -26.79 -60.21 0.66
N THR F 12 -27.99 -60.33 1.22
CA THR F 12 -28.88 -59.18 1.31
C THR F 12 -29.41 -59.00 2.73
N ALA F 13 -30.00 -57.83 2.96
CA ALA F 13 -30.60 -57.51 4.24
C ALA F 13 -32.03 -57.22 3.86
N THR F 14 -32.94 -57.32 4.81
CA THR F 14 -34.33 -57.06 4.53
C THR F 14 -34.83 -55.92 5.38
N ILE F 15 -35.48 -54.95 4.76
CA ILE F 15 -36.05 -53.83 5.50
C ILE F 15 -37.53 -53.91 5.21
N SER F 16 -38.34 -53.84 6.26
CA SER F 16 -39.77 -53.87 6.07
C SER F 16 -40.38 -52.75 6.89
N VAL F 17 -41.33 -52.05 6.27
CA VAL F 17 -42.01 -50.94 6.89
C VAL F 17 -43.34 -50.79 6.15
N ASP F 18 -44.41 -50.49 6.88
CA ASP F 18 -45.75 -50.31 6.29
C ASP F 18 -46.49 -51.58 5.86
N GLY F 19 -45.81 -52.71 5.92
CA GLY F 19 -46.43 -53.96 5.50
C GLY F 19 -45.84 -54.27 4.14
N LYS F 20 -44.60 -53.83 3.95
CA LYS F 20 -43.89 -54.06 2.69
C LYS F 20 -42.42 -54.31 3.00
N SER F 21 -41.84 -55.32 2.34
CA SER F 21 -40.44 -55.66 2.54
C SER F 21 -39.69 -55.45 1.25
N ALA F 22 -38.38 -55.27 1.36
CA ALA F 22 -37.52 -55.09 0.20
C ALA F 22 -36.11 -55.53 0.63
N GLU F 23 -35.39 -56.13 -0.31
CA GLU F 23 -34.03 -56.60 -0.07
C GLU F 23 -33.01 -55.54 -0.46
N MET F 24 -32.01 -55.36 0.38
CA MET F 24 -30.93 -54.39 0.13
C MET F 24 -29.62 -55.15 0.04
N PRO F 25 -28.74 -54.75 -0.88
CA PRO F 25 -27.46 -55.46 -0.96
C PRO F 25 -26.66 -55.23 0.32
N VAL F 26 -25.83 -56.19 0.70
CA VAL F 26 -24.97 -56.03 1.87
C VAL F 26 -23.58 -56.07 1.28
N LEU F 27 -22.80 -55.02 1.55
CA LEU F 27 -21.46 -54.97 1.01
C LEU F 27 -20.44 -55.17 2.12
N SER F 28 -19.32 -55.77 1.76
CA SER F 28 -18.29 -56.05 2.73
C SER F 28 -17.01 -55.31 2.32
N GLY F 29 -16.24 -54.87 3.30
CA GLY F 29 -15.02 -54.16 2.98
C GLY F 29 -13.83 -55.07 3.21
N THR F 30 -12.64 -54.51 3.10
CA THR F 30 -11.41 -55.26 3.32
C THR F 30 -11.36 -55.53 4.82
N LEU F 31 -11.77 -54.50 5.57
CA LEU F 31 -11.82 -54.55 7.03
C LEU F 31 -13.04 -53.73 7.43
N GLY F 32 -13.44 -53.83 8.69
CA GLY F 32 -14.58 -53.06 9.16
C GLY F 32 -15.95 -53.71 8.98
N PRO F 33 -17.00 -53.11 9.54
CA PRO F 33 -18.36 -53.65 9.43
C PRO F 33 -18.93 -53.71 8.02
N ASP F 34 -19.89 -54.61 7.86
CA ASP F 34 -20.59 -54.77 6.59
C ASP F 34 -21.51 -53.56 6.55
N VAL F 35 -22.00 -53.22 5.37
CA VAL F 35 -22.90 -52.09 5.22
C VAL F 35 -24.11 -52.47 4.36
N ILE F 36 -25.24 -51.85 4.64
CA ILE F 36 -26.47 -52.10 3.90
C ILE F 36 -26.64 -50.99 2.87
N ASP F 37 -26.63 -51.36 1.59
CA ASP F 37 -26.78 -50.42 0.50
C ASP F 37 -28.24 -49.96 0.40
N ILE F 38 -28.49 -48.70 0.77
CA ILE F 38 -29.83 -48.14 0.74
C ILE F 38 -30.10 -47.18 -0.42
N ARG F 39 -29.24 -47.19 -1.43
CA ARG F 39 -29.44 -46.28 -2.55
C ARG F 39 -30.79 -46.41 -3.27
N LYS F 40 -31.44 -47.57 -3.18
CA LYS F 40 -32.73 -47.73 -3.84
C LYS F 40 -33.89 -47.75 -2.84
N LEU F 41 -33.61 -47.45 -1.58
CA LEU F 41 -34.65 -47.46 -0.55
C LEU F 41 -35.91 -46.64 -0.86
N PRO F 42 -35.77 -45.38 -1.30
CA PRO F 42 -37.00 -44.62 -1.60
C PRO F 42 -37.85 -45.30 -2.67
N ALA F 43 -37.21 -45.78 -3.73
CA ALA F 43 -37.93 -46.43 -4.81
C ALA F 43 -38.63 -47.70 -4.32
N GLN F 44 -37.93 -48.46 -3.50
CA GLN F 44 -38.45 -49.73 -2.97
C GLN F 44 -39.49 -49.61 -1.86
N LEU F 45 -39.25 -48.73 -0.90
CA LEU F 45 -40.17 -48.62 0.22
C LEU F 45 -40.78 -47.23 0.51
N GLY F 46 -40.39 -46.21 -0.25
CA GLY F 46 -40.96 -44.89 -0.04
C GLY F 46 -40.54 -44.15 1.22
N VAL F 47 -39.37 -44.47 1.77
CA VAL F 47 -38.86 -43.80 2.97
C VAL F 47 -37.37 -43.51 2.81
N PHE F 48 -36.83 -42.72 3.72
CA PHE F 48 -35.40 -42.39 3.73
C PHE F 48 -34.99 -42.89 5.10
N THR F 49 -33.69 -42.97 5.36
CA THR F 49 -33.25 -43.36 6.69
C THR F 49 -33.18 -42.00 7.38
N PHE F 50 -33.02 -41.99 8.69
CA PHE F 50 -32.92 -40.75 9.46
C PHE F 50 -31.67 -40.95 10.31
N ASP F 51 -30.66 -40.11 10.08
CA ASP F 51 -29.42 -40.26 10.81
C ASP F 51 -28.68 -38.96 11.05
N PRO F 52 -29.26 -38.05 11.84
CA PRO F 52 -28.60 -36.77 12.12
C PRO F 52 -27.25 -37.07 12.77
N GLY F 53 -26.21 -36.44 12.27
CA GLY F 53 -24.87 -36.66 12.78
C GLY F 53 -24.10 -37.62 11.87
N TYR F 54 -24.84 -38.34 11.02
CA TYR F 54 -24.29 -39.31 10.06
C TYR F 54 -23.49 -40.48 10.65
N GLY F 55 -23.44 -40.60 11.96
CA GLY F 55 -22.64 -41.65 12.59
C GLY F 55 -22.87 -43.13 12.26
N GLU F 56 -24.02 -43.43 11.68
CA GLU F 56 -24.38 -44.80 11.35
C GLU F 56 -24.48 -44.98 9.83
N THR F 57 -24.00 -43.98 9.09
CA THR F 57 -24.05 -43.96 7.63
C THR F 57 -22.67 -43.95 6.95
N ALA F 58 -22.38 -44.96 6.13
CA ALA F 58 -21.11 -45.01 5.41
C ALA F 58 -21.34 -44.12 4.18
N ALA F 59 -20.63 -43.00 4.13
CA ALA F 59 -20.76 -42.02 3.05
C ALA F 59 -20.00 -42.26 1.76
N CYS F 60 -19.04 -43.17 1.79
CA CYS F 60 -18.25 -43.42 0.60
C CYS F 60 -17.41 -44.66 0.73
N ASN F 61 -16.77 -45.02 -0.37
CA ASN F 61 -15.86 -46.16 -0.38
C ASN F 61 -14.57 -45.41 -0.22
N SER F 62 -13.56 -46.03 0.39
CA SER F 62 -12.25 -45.42 0.49
C SER F 62 -11.20 -46.50 0.65
N LYS F 63 -10.03 -46.22 0.10
CA LYS F 63 -8.89 -47.14 0.15
C LYS F 63 -7.76 -46.42 0.88
N ILE F 64 -8.02 -45.20 1.34
CA ILE F 64 -6.99 -44.44 2.01
C ILE F 64 -6.60 -44.81 3.45
N THR F 65 -7.56 -44.71 4.36
CA THR F 65 -7.32 -44.97 5.78
C THR F 65 -8.37 -45.89 6.41
N PHE F 66 -7.95 -46.77 7.31
CA PHE F 66 -8.88 -47.65 8.01
C PHE F 66 -8.78 -47.40 9.51
N ILE F 67 -9.92 -47.36 10.18
CA ILE F 67 -9.98 -47.18 11.63
C ILE F 67 -10.91 -48.22 12.21
N ASP F 68 -10.49 -48.91 13.26
CA ASP F 68 -11.38 -49.84 13.96
C ASP F 68 -11.46 -49.10 15.28
N GLY F 69 -12.59 -48.41 15.49
CA GLY F 69 -12.75 -47.64 16.71
C GLY F 69 -12.83 -48.41 18.01
N ASP F 70 -13.43 -49.58 17.99
CA ASP F 70 -13.56 -50.38 19.18
C ASP F 70 -12.21 -50.97 19.60
N LYS F 71 -11.35 -51.26 18.62
CA LYS F 71 -10.04 -51.82 18.93
C LYS F 71 -8.91 -50.79 18.98
N GLY F 72 -9.20 -49.56 18.59
CA GLY F 72 -8.18 -48.53 18.62
C GLY F 72 -7.10 -48.74 17.57
N VAL F 73 -7.50 -49.16 16.39
CA VAL F 73 -6.58 -49.42 15.28
C VAL F 73 -6.65 -48.32 14.21
N LEU F 74 -5.49 -47.88 13.70
CA LEU F 74 -5.43 -46.87 12.64
C LEU F 74 -4.40 -47.28 11.59
N LEU F 75 -4.84 -47.45 10.34
CA LEU F 75 -3.95 -47.83 9.25
C LEU F 75 -4.03 -46.83 8.11
N HIS F 76 -2.90 -46.54 7.46
CA HIS F 76 -2.91 -45.66 6.31
C HIS F 76 -2.40 -46.55 5.19
N ARG F 77 -3.28 -46.81 4.22
CA ARG F 77 -2.97 -47.67 3.09
C ARG F 77 -2.47 -49.02 3.60
N GLY F 78 -3.04 -49.44 4.74
CA GLY F 78 -2.65 -50.72 5.33
C GLY F 78 -1.55 -50.70 6.37
N TYR F 79 -0.78 -49.64 6.40
CA TYR F 79 0.33 -49.51 7.34
C TYR F 79 -0.13 -48.93 8.69
N PRO F 80 0.24 -49.58 9.80
CA PRO F 80 -0.14 -49.11 11.14
C PRO F 80 0.45 -47.73 11.42
N ILE F 81 -0.31 -46.86 12.06
CA ILE F 81 0.19 -45.52 12.35
C ILE F 81 1.47 -45.51 13.18
N ALA F 82 1.63 -46.43 14.13
CA ALA F 82 2.85 -46.46 14.94
C ALA F 82 4.11 -46.70 14.11
N GLN F 83 4.03 -47.58 13.12
CA GLN F 83 5.20 -47.86 12.28
C GLN F 83 5.58 -46.67 11.41
N LEU F 84 4.58 -45.96 10.88
CA LEU F 84 4.84 -44.79 10.04
C LEU F 84 5.41 -43.65 10.89
N ALA F 85 4.82 -43.41 12.05
CA ALA F 85 5.29 -42.35 12.94
C ALA F 85 6.72 -42.63 13.41
N GLU F 86 7.05 -43.89 13.60
CA GLU F 86 8.37 -44.28 14.08
C GLU F 86 9.47 -44.23 13.02
N ASN F 87 9.13 -44.72 11.83
CA ASN F 87 10.10 -44.84 10.75
C ASN F 87 10.07 -43.93 9.52
N ALA F 88 8.89 -43.48 9.14
CA ALA F 88 8.77 -42.69 7.93
C ALA F 88 9.02 -41.19 8.03
N SER F 89 9.37 -40.59 6.89
CA SER F 89 9.58 -39.15 6.84
C SER F 89 8.18 -38.72 6.52
N TYR F 90 7.82 -37.48 6.83
CA TYR F 90 6.48 -37.03 6.54
C TYR F 90 6.21 -37.08 5.03
N GLU F 91 7.22 -36.76 4.22
CA GLU F 91 7.02 -36.78 2.78
C GLU F 91 6.64 -38.17 2.26
N GLU F 92 7.20 -39.21 2.89
CA GLU F 92 6.87 -40.58 2.48
C GLU F 92 5.40 -40.83 2.78
N VAL F 93 4.94 -40.32 3.93
CA VAL F 93 3.55 -40.48 4.33
C VAL F 93 2.63 -39.68 3.41
N ILE F 94 3.08 -38.52 2.95
CA ILE F 94 2.26 -37.73 2.05
C ILE F 94 2.13 -38.50 0.74
N TYR F 95 3.25 -39.02 0.25
CA TYR F 95 3.24 -39.79 -0.99
C TYR F 95 2.29 -40.98 -0.83
N LEU F 96 2.42 -41.69 0.28
CA LEU F 96 1.58 -42.85 0.59
C LEU F 96 0.07 -42.55 0.59
N LEU F 97 -0.35 -41.49 1.28
CA LEU F 97 -1.76 -41.17 1.33
C LEU F 97 -2.32 -40.72 -0.02
N LEU F 98 -1.52 -39.97 -0.77
CA LEU F 98 -1.94 -39.48 -2.09
C LEU F 98 -1.99 -40.56 -3.14
N ASN F 99 -0.95 -41.38 -3.16
CA ASN F 99 -0.80 -42.41 -4.17
C ASN F 99 -1.13 -43.88 -3.90
N GLY F 100 -1.13 -44.31 -2.64
CA GLY F 100 -1.46 -45.69 -2.34
C GLY F 100 -0.34 -46.61 -1.91
N GLU F 101 0.90 -46.23 -2.19
CA GLU F 101 2.07 -47.05 -1.85
C GLU F 101 3.22 -46.20 -1.31
N LEU F 102 4.15 -46.84 -0.61
CA LEU F 102 5.33 -46.13 -0.11
C LEU F 102 6.22 -45.97 -1.34
N PRO F 103 6.85 -44.80 -1.50
CA PRO F 103 7.70 -44.58 -2.67
C PRO F 103 9.11 -45.19 -2.66
N ASN F 104 9.60 -45.61 -3.81
CA ASN F 104 10.96 -46.13 -3.82
C ASN F 104 11.81 -44.89 -3.91
N LYS F 105 13.13 -45.05 -3.95
CA LYS F 105 14.02 -43.90 -3.99
C LYS F 105 13.78 -42.93 -5.16
N ALA F 106 13.62 -43.47 -6.37
CA ALA F 106 13.38 -42.64 -7.55
C ALA F 106 12.07 -41.87 -7.43
N GLN F 107 11.01 -42.57 -7.01
CA GLN F 107 9.71 -41.93 -6.87
C GLN F 107 9.74 -40.86 -5.78
N TYR F 108 10.44 -41.17 -4.69
CA TYR F 108 10.55 -40.23 -3.58
C TYR F 108 11.31 -38.95 -3.95
N ASP F 109 12.40 -39.10 -4.68
CA ASP F 109 13.18 -37.94 -5.08
C ASP F 109 12.38 -37.07 -6.05
N THR F 110 11.63 -37.70 -6.95
CA THR F 110 10.82 -36.96 -7.91
C THR F 110 9.70 -36.23 -7.18
N PHE F 111 9.13 -36.89 -6.18
CA PHE F 111 8.03 -36.33 -5.39
C PHE F 111 8.47 -35.11 -4.57
N THR F 112 9.58 -35.23 -3.86
CA THR F 112 10.05 -34.12 -3.05
C THR F 112 10.52 -32.97 -3.93
N ASN F 113 10.93 -33.27 -5.16
CA ASN F 113 11.37 -32.23 -6.08
C ASN F 113 10.16 -31.39 -6.47
N THR F 114 9.06 -32.07 -6.77
CA THR F 114 7.83 -31.41 -7.16
C THR F 114 7.34 -30.51 -6.02
N LEU F 115 7.34 -31.03 -4.80
CA LEU F 115 6.90 -30.23 -3.67
C LEU F 115 7.73 -28.97 -3.52
N THR F 116 9.07 -29.10 -3.52
CA THR F 116 9.90 -27.91 -3.36
C THR F 116 9.69 -26.93 -4.50
N ASN F 117 9.23 -27.43 -5.65
CA ASN F 117 8.99 -26.58 -6.81
C ASN F 117 7.74 -25.74 -6.71
N HIS F 118 6.95 -25.96 -5.66
CA HIS F 118 5.71 -25.23 -5.51
C HIS F 118 5.49 -24.59 -4.13
N THR F 119 6.54 -24.53 -3.32
CA THR F 119 6.42 -23.94 -1.98
C THR F 119 6.33 -22.42 -1.98
N LEU F 120 6.83 -21.77 -3.02
CA LEU F 120 6.78 -20.31 -3.11
C LEU F 120 5.39 -19.81 -3.50
N LEU F 121 4.96 -18.71 -2.88
CA LEU F 121 3.65 -18.13 -3.13
C LEU F 121 3.73 -16.97 -4.12
N HIS F 122 2.64 -16.70 -4.82
CA HIS F 122 2.60 -15.59 -5.76
C HIS F 122 2.68 -14.38 -4.85
N GLU F 123 3.62 -13.48 -5.10
CA GLU F 123 3.80 -12.31 -4.24
C GLU F 123 2.59 -11.40 -3.99
N GLN F 124 1.59 -11.41 -4.85
CA GLN F 124 0.44 -10.56 -4.62
C GLN F 124 -0.30 -11.03 -3.37
N ILE F 125 -0.09 -12.29 -3.03
CA ILE F 125 -0.69 -12.93 -1.85
C ILE F 125 -0.33 -12.12 -0.60
N ARG F 126 0.81 -11.45 -0.62
CA ARG F 126 1.22 -10.65 0.53
C ARG F 126 0.11 -9.68 0.91
N ASN F 127 -0.55 -9.11 -0.08
CA ASN F 127 -1.61 -8.14 0.18
C ASN F 127 -2.78 -8.69 1.01
N PHE F 128 -3.08 -9.97 0.83
CA PHE F 128 -4.17 -10.61 1.58
C PHE F 128 -3.96 -10.49 3.07
N PHE F 129 -2.73 -10.75 3.51
CA PHE F 129 -2.42 -10.70 4.93
C PHE F 129 -2.73 -9.31 5.51
N ASN F 130 -2.49 -8.25 4.74
CA ASN F 130 -2.75 -6.88 5.20
C ASN F 130 -4.24 -6.58 5.40
N GLY F 131 -5.09 -7.49 4.94
CA GLY F 131 -6.52 -7.29 5.09
C GLY F 131 -6.96 -7.66 6.50
N PHE F 132 -6.05 -8.29 7.24
CA PHE F 132 -6.31 -8.72 8.62
C PHE F 132 -5.73 -7.80 9.68
N ARG F 133 -6.36 -7.74 10.84
CA ARG F 133 -5.81 -6.97 11.93
C ARG F 133 -4.71 -7.89 12.43
N ARG F 134 -3.70 -7.33 13.08
CA ARG F 134 -2.59 -8.11 13.59
C ARG F 134 -3.02 -9.10 14.67
N ASP F 135 -4.16 -8.83 15.29
CA ASP F 135 -4.65 -9.71 16.34
C ASP F 135 -5.61 -10.80 15.84
N ALA F 136 -5.64 -11.01 14.53
CA ALA F 136 -6.52 -12.01 13.93
C ALA F 136 -6.05 -13.42 14.27
N HIS F 137 -7.00 -14.31 14.51
CA HIS F 137 -6.66 -15.68 14.83
C HIS F 137 -6.08 -16.30 13.56
N PRO F 138 -4.95 -16.99 13.68
CA PRO F 138 -4.32 -17.62 12.51
C PRO F 138 -5.21 -18.53 11.67
N MET F 139 -6.20 -19.18 12.29
CA MET F 139 -7.08 -20.06 11.52
C MET F 139 -7.93 -19.24 10.56
N ALA F 140 -8.29 -18.03 10.97
CA ALA F 140 -9.10 -17.16 10.12
C ALA F 140 -8.23 -16.73 8.94
N ILE F 141 -6.98 -16.39 9.22
CA ILE F 141 -6.06 -15.97 8.16
C ILE F 141 -5.88 -17.15 7.19
N LEU F 142 -5.68 -18.34 7.74
CA LEU F 142 -5.48 -19.53 6.91
C LEU F 142 -6.69 -19.82 6.03
N CYS F 143 -7.88 -19.80 6.62
CA CYS F 143 -9.11 -20.09 5.88
C CYS F 143 -9.30 -19.09 4.73
N GLY F 144 -9.31 -17.81 5.05
CA GLY F 144 -9.49 -16.80 4.03
C GLY F 144 -8.43 -16.81 2.94
N THR F 145 -7.17 -16.91 3.34
CA THR F 145 -6.06 -16.88 2.39
C THR F 145 -6.01 -18.11 1.47
N VAL F 146 -6.33 -19.30 1.99
CA VAL F 146 -6.33 -20.49 1.14
C VAL F 146 -7.54 -20.40 0.22
N GLY F 147 -8.64 -19.87 0.74
CA GLY F 147 -9.81 -19.71 -0.09
C GLY F 147 -9.49 -18.77 -1.24
N ALA F 148 -8.79 -17.70 -0.91
CA ALA F 148 -8.39 -16.69 -1.89
C ALA F 148 -7.47 -17.28 -2.97
N LEU F 149 -6.63 -18.22 -2.57
CA LEU F 149 -5.68 -18.84 -3.47
C LEU F 149 -6.37 -19.51 -4.67
N SER F 150 -7.63 -19.89 -4.49
CA SER F 150 -8.37 -20.53 -5.58
C SER F 150 -8.43 -19.61 -6.81
N ALA F 151 -8.32 -18.30 -6.56
CA ALA F 151 -8.38 -17.32 -7.64
C ALA F 151 -7.17 -17.42 -8.56
N PHE F 152 -6.04 -17.84 -8.01
CA PHE F 152 -4.82 -17.95 -8.80
C PHE F 152 -4.74 -19.23 -9.60
N TYR F 153 -5.64 -20.16 -9.33
CA TYR F 153 -5.66 -21.42 -10.06
C TYR F 153 -7.06 -21.74 -10.58
N PRO F 154 -7.53 -20.93 -11.54
CA PRO F 154 -8.86 -21.08 -12.13
C PRO F 154 -9.06 -22.37 -12.94
N ASP F 155 -7.97 -22.91 -13.47
CA ASP F 155 -8.07 -24.13 -14.27
C ASP F 155 -8.40 -25.38 -13.46
N PRO F 162 -6.43 -34.80 -14.27
CA PRO F 162 -5.84 -35.95 -13.56
C PRO F 162 -4.46 -35.56 -13.11
N ALA F 163 -3.64 -35.19 -14.08
CA ALA F 163 -2.30 -34.76 -13.79
C ALA F 163 -2.58 -33.37 -13.28
N ASN F 164 -3.74 -32.85 -13.65
CA ASN F 164 -4.10 -31.51 -13.18
C ASN F 164 -4.63 -31.65 -11.75
N ARG F 165 -5.16 -32.82 -11.43
CA ARG F 165 -5.64 -33.08 -10.09
C ARG F 165 -4.42 -33.27 -9.22
N ASP F 166 -3.45 -34.02 -9.73
CA ASP F 166 -2.23 -34.25 -8.99
C ASP F 166 -1.51 -32.94 -8.70
N LEU F 167 -1.47 -32.06 -9.69
CA LEU F 167 -0.81 -30.76 -9.55
C LEU F 167 -1.50 -29.86 -8.53
N ALA F 168 -2.83 -29.91 -8.50
CA ALA F 168 -3.60 -29.10 -7.54
C ALA F 168 -3.28 -29.61 -6.14
N ALA F 169 -3.26 -30.93 -6.00
CA ALA F 169 -2.95 -31.56 -4.73
C ALA F 169 -1.57 -31.16 -4.24
N MET F 170 -0.59 -31.27 -5.12
CA MET F 170 0.78 -30.94 -4.79
C MET F 170 0.93 -29.45 -4.45
N ARG F 171 0.21 -28.59 -5.17
CA ARG F 171 0.29 -27.16 -4.90
C ARG F 171 -0.25 -26.85 -3.50
N LEU F 172 -1.36 -27.48 -3.13
CA LEU F 172 -1.93 -27.25 -1.82
C LEU F 172 -1.01 -27.77 -0.70
N ILE F 173 -0.44 -28.95 -0.88
CA ILE F 173 0.46 -29.52 0.12
C ILE F 173 1.74 -28.69 0.27
N ALA F 174 2.26 -28.21 -0.86
CA ALA F 174 3.48 -27.41 -0.87
C ALA F 174 3.28 -25.99 -0.37
N LYS F 175 2.12 -25.42 -0.63
CA LYS F 175 1.85 -24.03 -0.24
C LYS F 175 1.26 -23.77 1.15
N ILE F 176 0.46 -24.68 1.67
CA ILE F 176 -0.15 -24.45 2.98
C ILE F 176 0.86 -24.17 4.09
N PRO F 177 2.05 -24.80 4.07
CA PRO F 177 2.97 -24.48 5.18
C PRO F 177 3.50 -23.04 5.06
N THR F 178 3.69 -22.57 3.84
CA THR F 178 4.19 -21.21 3.63
C THR F 178 3.12 -20.22 4.06
N ILE F 179 1.88 -20.49 3.69
CA ILE F 179 0.77 -19.62 4.07
C ILE F 179 0.64 -19.62 5.59
N ALA F 180 0.71 -20.81 6.19
CA ALA F 180 0.60 -20.92 7.64
C ALA F 180 1.71 -20.16 8.37
N ALA F 181 2.94 -20.27 7.89
CA ALA F 181 4.06 -19.57 8.52
C ALA F 181 3.94 -18.06 8.33
N TRP F 182 3.54 -17.64 7.15
CA TRP F 182 3.37 -16.22 6.90
C TRP F 182 2.25 -15.66 7.78
N ALA F 183 1.21 -16.45 8.02
CA ALA F 183 0.12 -15.99 8.88
C ALA F 183 0.68 -15.75 10.29
N TYR F 184 1.50 -16.68 10.76
CA TYR F 184 2.10 -16.54 12.08
C TYR F 184 2.95 -15.28 12.14
N LYS F 185 3.87 -15.15 11.19
CA LYS F 185 4.75 -13.99 11.15
C LYS F 185 3.95 -12.70 11.13
N TYR F 186 2.85 -12.68 10.38
CA TYR F 186 2.02 -11.49 10.31
C TYR F 186 1.50 -11.14 11.71
N THR F 187 0.99 -12.13 12.44
CA THR F 187 0.45 -11.84 13.78
C THR F 187 1.52 -11.30 14.74
N GLN F 188 2.78 -11.65 14.49
CA GLN F 188 3.89 -11.22 15.34
C GLN F 188 4.56 -9.91 14.89
N GLY F 189 4.18 -9.43 13.72
CA GLY F 189 4.80 -8.22 13.22
C GLY F 189 6.19 -8.53 12.73
N GLU F 190 6.44 -9.79 12.39
CA GLU F 190 7.76 -10.21 11.92
C GLU F 190 7.85 -10.37 10.39
N ALA F 191 9.05 -10.18 9.84
CA ALA F 191 9.23 -10.30 8.40
C ALA F 191 8.96 -11.72 7.93
N PHE F 192 8.33 -11.84 6.75
CA PHE F 192 8.02 -13.14 6.20
C PHE F 192 9.33 -13.84 5.80
N ILE F 193 9.43 -15.12 6.14
CA ILE F 193 10.61 -15.93 5.81
C ILE F 193 10.20 -16.87 4.69
N TYR F 194 11.04 -16.95 3.66
CA TYR F 194 10.78 -17.79 2.51
C TYR F 194 11.15 -19.25 2.70
N PRO F 195 10.49 -20.15 1.95
CA PRO F 195 10.82 -21.57 2.06
C PRO F 195 12.22 -21.77 1.51
N ARG F 196 12.90 -22.80 1.99
CA ARG F 196 14.27 -23.11 1.55
C ARG F 196 14.29 -24.50 0.93
N ASN F 197 14.81 -24.61 -0.30
CA ASN F 197 14.84 -25.92 -0.94
C ASN F 197 15.78 -26.91 -0.27
N ASP F 198 16.73 -26.43 0.52
CA ASP F 198 17.66 -27.34 1.17
C ASP F 198 17.10 -27.91 2.48
N LEU F 199 15.88 -27.53 2.86
CA LEU F 199 15.28 -28.06 4.07
C LEU F 199 14.11 -28.98 3.73
N ASN F 200 13.91 -30.04 4.51
CA ASN F 200 12.80 -30.94 4.23
C ASN F 200 11.51 -30.31 4.74
N TYR F 201 10.37 -30.97 4.52
CA TYR F 201 9.07 -30.44 4.93
C TYR F 201 8.99 -29.96 6.40
N ALA F 202 9.42 -30.79 7.35
CA ALA F 202 9.38 -30.43 8.76
C ALA F 202 10.35 -29.31 9.11
N GLU F 203 11.58 -29.40 8.60
CA GLU F 203 12.60 -28.38 8.86
C GLU F 203 12.21 -27.04 8.29
N ASN F 204 11.71 -27.06 7.07
CA ASN F 204 11.32 -25.83 6.42
C ASN F 204 10.20 -25.13 7.15
N PHE F 205 9.25 -25.89 7.67
CA PHE F 205 8.14 -25.26 8.39
C PHE F 205 8.69 -24.58 9.65
N LEU F 206 9.61 -25.23 10.36
CA LEU F 206 10.19 -24.62 11.56
C LEU F 206 10.96 -23.36 11.18
N SER F 207 11.71 -23.42 10.09
CA SER F 207 12.46 -22.25 9.64
C SER F 207 11.52 -21.11 9.29
N MET F 208 10.50 -21.38 8.49
CA MET F 208 9.57 -20.32 8.11
C MET F 208 8.84 -19.73 9.30
N MET F 209 8.58 -20.52 10.33
CA MET F 209 7.89 -19.96 11.48
C MET F 209 8.78 -19.20 12.44
N PHE F 210 10.00 -19.69 12.65
CA PHE F 210 10.88 -19.06 13.63
C PHE F 210 12.14 -18.28 13.22
N ALA F 211 12.54 -18.33 11.96
CA ALA F 211 13.73 -17.60 11.56
C ALA F 211 13.51 -16.09 11.74
N ARG F 212 14.58 -15.39 12.11
CA ARG F 212 14.52 -13.95 12.32
C ARG F 212 15.48 -13.29 11.34
N MET F 213 15.21 -12.02 11.02
CA MET F 213 16.05 -11.30 10.07
C MET F 213 17.40 -10.83 10.60
N SER F 214 17.63 -11.02 11.89
CA SER F 214 18.87 -10.59 12.52
C SER F 214 19.98 -11.63 12.65
N GLU F 215 19.71 -12.88 12.29
CA GLU F 215 20.72 -13.94 12.39
C GLU F 215 20.31 -15.18 11.61
N PRO F 216 21.28 -16.00 11.18
CA PRO F 216 20.91 -17.21 10.42
C PRO F 216 20.17 -18.15 11.34
N TYR F 217 19.11 -18.80 10.85
CA TYR F 217 18.36 -19.72 11.69
C TYR F 217 19.00 -21.09 11.69
N LYS F 218 19.15 -21.67 12.87
CA LYS F 218 19.72 -23.01 12.98
C LYS F 218 18.60 -23.96 13.38
N VAL F 219 18.26 -24.90 12.50
CA VAL F 219 17.21 -25.85 12.81
C VAL F 219 17.68 -26.82 13.87
N ASN F 220 16.92 -26.93 14.95
CA ASN F 220 17.26 -27.85 16.04
C ASN F 220 16.76 -29.21 15.60
N PRO F 221 17.67 -30.18 15.38
CA PRO F 221 17.27 -31.53 14.94
C PRO F 221 16.21 -32.20 15.82
N VAL F 222 16.27 -31.96 17.13
CA VAL F 222 15.29 -32.55 18.06
C VAL F 222 13.90 -32.05 17.68
N LEU F 223 13.80 -30.76 17.39
CA LEU F 223 12.52 -30.19 17.01
C LEU F 223 12.08 -30.68 15.63
N ALA F 224 13.03 -30.81 14.70
CA ALA F 224 12.71 -31.28 13.35
C ALA F 224 12.12 -32.68 13.42
N ARG F 225 12.74 -33.56 14.20
CA ARG F 225 12.24 -34.92 14.34
C ARG F 225 10.84 -34.92 14.98
N ALA F 226 10.65 -34.06 15.97
CA ALA F 226 9.34 -33.95 16.63
C ALA F 226 8.30 -33.46 15.62
N MET F 227 8.64 -32.42 14.88
CA MET F 227 7.75 -31.87 13.87
C MET F 227 7.37 -32.93 12.84
N ASN F 228 8.36 -33.69 12.40
CA ASN F 228 8.12 -34.75 11.42
C ASN F 228 7.05 -35.72 11.92
N ARG F 229 7.17 -36.12 13.18
CA ARG F 229 6.23 -37.05 13.76
C ARG F 229 4.83 -36.44 13.94
N ILE F 230 4.78 -35.19 14.37
CA ILE F 230 3.50 -34.52 14.57
C ILE F 230 2.74 -34.36 13.26
N LEU F 231 3.45 -34.06 12.19
CA LEU F 231 2.79 -33.91 10.88
C LEU F 231 2.18 -35.26 10.47
N ILE F 232 2.93 -36.34 10.65
CA ILE F 232 2.46 -37.69 10.31
C ILE F 232 1.21 -38.07 11.13
N LEU F 233 1.25 -37.78 12.42
CA LEU F 233 0.13 -38.09 13.31
C LEU F 233 -1.18 -37.36 13.00
N HIS F 234 -1.09 -36.24 12.28
CA HIS F 234 -2.27 -35.45 11.93
C HIS F 234 -2.61 -35.47 10.44
N ALA F 235 -1.83 -36.19 9.65
CA ALA F 235 -2.04 -36.22 8.19
C ALA F 235 -3.44 -36.60 7.67
N ASP F 236 -4.04 -37.67 8.20
CA ASP F 236 -5.36 -38.08 7.73
C ASP F 236 -6.09 -38.89 8.76
N HIS F 237 -7.41 -38.78 8.80
CA HIS F 237 -8.14 -39.62 9.72
C HIS F 237 -9.50 -39.98 9.20
N GLU F 238 -9.49 -40.55 8.01
CA GLU F 238 -10.70 -41.06 7.42
C GLU F 238 -11.83 -40.01 7.27
N GLN F 239 -13.08 -40.38 7.51
CA GLN F 239 -14.17 -39.42 7.32
C GLN F 239 -14.57 -38.47 8.46
N ASN F 240 -13.58 -37.79 9.03
CA ASN F 240 -13.83 -36.84 10.11
C ASN F 240 -14.62 -35.66 9.54
N ALA F 241 -15.07 -34.76 10.40
CA ALA F 241 -15.87 -33.64 9.93
C ALA F 241 -15.19 -32.76 8.87
N SER F 242 -13.92 -32.41 9.04
CA SER F 242 -13.28 -31.56 8.03
C SER F 242 -13.13 -32.28 6.68
N THR F 243 -12.67 -33.53 6.69
CA THR F 243 -12.53 -34.28 5.44
C THR F 243 -13.91 -34.45 4.80
N SER F 244 -14.93 -34.63 5.62
CA SER F 244 -16.29 -34.80 5.09
C SER F 244 -16.78 -33.50 4.43
N THR F 245 -16.37 -32.37 4.99
CA THR F 245 -16.75 -31.07 4.44
C THR F 245 -16.04 -30.87 3.10
N VAL F 246 -14.78 -31.25 3.04
CA VAL F 246 -13.99 -31.15 1.82
C VAL F 246 -14.62 -32.01 0.73
N ARG F 247 -15.02 -33.23 1.09
CA ARG F 247 -15.66 -34.14 0.15
C ARG F 247 -17.01 -33.63 -0.33
N LEU F 248 -17.78 -33.07 0.60
CA LEU F 248 -19.10 -32.56 0.24
C LEU F 248 -18.97 -31.36 -0.69
N ALA F 249 -18.14 -30.38 -0.34
CA ALA F 249 -17.99 -29.21 -1.20
C ALA F 249 -17.41 -29.65 -2.54
N GLY F 250 -16.44 -30.55 -2.48
CA GLY F 250 -15.82 -31.04 -3.69
C GLY F 250 -16.71 -31.83 -4.62
N SER F 251 -17.75 -32.46 -4.07
CA SER F 251 -18.66 -33.28 -4.88
C SER F 251 -19.45 -32.46 -5.91
N THR F 252 -19.44 -31.13 -5.79
CA THR F 252 -20.16 -30.28 -6.75
C THR F 252 -19.25 -29.91 -7.91
N GLY F 253 -17.99 -30.33 -7.83
CA GLY F 253 -17.03 -30.01 -8.87
C GLY F 253 -16.30 -28.73 -8.54
N ALA F 254 -16.42 -28.27 -7.31
CA ALA F 254 -15.78 -27.04 -6.88
C ALA F 254 -14.25 -27.07 -6.85
N ASN F 255 -13.67 -25.90 -7.11
CA ASN F 255 -12.23 -25.71 -7.11
C ASN F 255 -11.66 -26.32 -5.84
N PRO F 256 -10.65 -27.20 -5.96
CA PRO F 256 -10.08 -27.82 -4.76
C PRO F 256 -9.48 -26.86 -3.71
N PHE F 257 -8.96 -25.72 -4.14
CA PHE F 257 -8.39 -24.79 -3.19
C PHE F 257 -9.51 -24.25 -2.29
N ALA F 258 -10.68 -24.01 -2.88
CA ALA F 258 -11.82 -23.52 -2.12
C ALA F 258 -12.32 -24.63 -1.22
N CYS F 259 -12.22 -25.88 -1.68
CA CYS F 259 -12.66 -27.00 -0.86
C CYS F 259 -11.79 -27.14 0.38
N ILE F 260 -10.49 -26.86 0.24
CA ILE F 260 -9.59 -26.95 1.39
C ILE F 260 -9.92 -25.82 2.38
N ALA F 261 -10.33 -24.66 1.88
CA ALA F 261 -10.69 -23.58 2.79
C ALA F 261 -11.91 -24.05 3.59
N ALA F 262 -12.78 -24.82 2.93
CA ALA F 262 -13.98 -25.34 3.59
C ALA F 262 -13.56 -26.29 4.72
N GLY F 263 -12.57 -27.12 4.44
CA GLY F 263 -12.08 -28.05 5.44
C GLY F 263 -11.47 -27.31 6.62
N ILE F 264 -10.73 -26.25 6.33
CA ILE F 264 -10.09 -25.44 7.36
C ILE F 264 -11.19 -24.86 8.26
N ALA F 265 -12.28 -24.40 7.66
CA ALA F 265 -13.38 -23.84 8.43
C ALA F 265 -13.92 -24.88 9.41
N ALA F 266 -14.20 -26.09 8.90
CA ALA F 266 -14.73 -27.14 9.76
C ALA F 266 -13.75 -27.55 10.86
N LEU F 267 -12.47 -27.68 10.53
CA LEU F 267 -11.45 -28.07 11.50
C LEU F 267 -11.32 -27.10 12.67
N TRP F 268 -11.57 -25.82 12.40
CA TRP F 268 -11.44 -24.77 13.41
C TRP F 268 -12.37 -24.97 14.61
N GLY F 269 -13.53 -25.60 14.41
CA GLY F 269 -14.46 -25.82 15.49
C GLY F 269 -13.84 -26.54 16.68
N PRO F 270 -14.20 -26.14 17.91
CA PRO F 270 -13.65 -26.76 19.11
C PRO F 270 -14.01 -28.25 19.31
N ALA F 271 -15.03 -28.73 18.61
CA ALA F 271 -15.40 -30.14 18.74
C ALA F 271 -14.50 -30.94 17.79
N HIS F 272 -13.82 -30.25 16.90
CA HIS F 272 -12.92 -30.88 15.92
C HIS F 272 -11.47 -30.48 16.25
N GLY F 273 -10.73 -30.00 15.24
CA GLY F 273 -9.34 -29.62 15.45
C GLY F 273 -9.08 -28.52 16.47
N GLY F 274 -10.07 -27.65 16.64
CA GLY F 274 -9.94 -26.55 17.59
C GLY F 274 -9.80 -27.06 19.00
N ALA F 275 -10.04 -28.34 19.20
CA ALA F 275 -9.92 -28.93 20.53
C ALA F 275 -8.48 -28.86 21.03
N ASN F 276 -7.49 -28.88 20.15
CA ASN F 276 -6.11 -28.84 20.66
C ASN F 276 -5.77 -27.53 21.36
N GLU F 277 -6.30 -26.42 20.88
CA GLU F 277 -6.06 -25.13 21.52
C GLU F 277 -6.87 -25.10 22.81
N ALA F 278 -8.10 -25.60 22.73
CA ALA F 278 -8.99 -25.62 23.89
C ALA F 278 -8.42 -26.51 25.02
N VAL F 279 -7.68 -27.55 24.67
CA VAL F 279 -7.12 -28.42 25.69
C VAL F 279 -6.10 -27.65 26.55
N LEU F 280 -5.16 -26.96 25.91
CA LEU F 280 -4.16 -26.23 26.69
C LEU F 280 -4.78 -25.14 27.56
N LYS F 281 -5.87 -24.52 27.09
CA LYS F 281 -6.52 -23.48 27.89
C LYS F 281 -7.22 -24.12 29.09
N MET F 282 -7.82 -25.28 28.85
CA MET F 282 -8.49 -26.02 29.91
C MET F 282 -7.46 -26.41 30.98
N LEU F 283 -6.37 -27.03 30.54
CA LEU F 283 -5.31 -27.45 31.46
C LEU F 283 -4.74 -26.25 32.24
N ALA F 284 -4.54 -25.12 31.56
CA ALA F 284 -4.01 -23.93 32.21
C ALA F 284 -5.02 -23.38 33.23
N ARG F 285 -6.30 -23.47 32.91
CA ARG F 285 -7.33 -22.97 33.83
C ARG F 285 -7.42 -23.84 35.08
N ILE F 286 -7.21 -25.14 34.93
CA ILE F 286 -7.26 -26.06 36.07
C ILE F 286 -6.05 -25.71 36.93
N GLY F 287 -4.94 -25.41 36.27
CA GLY F 287 -3.73 -25.02 36.97
C GLY F 287 -2.94 -26.10 37.68
N LYS F 288 -3.57 -26.76 38.64
CA LYS F 288 -2.91 -27.81 39.41
C LYS F 288 -3.83 -28.99 39.69
N LYS F 289 -3.20 -30.13 39.97
CA LYS F 289 -3.89 -31.38 40.27
C LYS F 289 -5.01 -31.25 41.30
N GLU F 290 -4.80 -30.38 42.30
CA GLU F 290 -5.81 -30.18 43.34
C GLU F 290 -7.07 -29.52 42.83
N ASN F 291 -7.03 -29.03 41.59
CA ASN F 291 -8.20 -28.38 41.03
C ASN F 291 -8.96 -29.30 40.08
N ILE F 292 -8.46 -30.51 39.88
CA ILE F 292 -9.14 -31.44 38.97
C ILE F 292 -10.55 -31.82 39.45
N PRO F 293 -10.73 -32.12 40.75
CA PRO F 293 -12.09 -32.47 41.22
C PRO F 293 -13.18 -31.48 40.84
N ALA F 294 -12.92 -30.18 41.05
CA ALA F 294 -13.90 -29.16 40.71
C ALA F 294 -14.20 -29.20 39.21
N PHE F 295 -13.17 -29.38 38.39
CA PHE F 295 -13.37 -29.43 36.95
C PHE F 295 -14.19 -30.68 36.55
N ILE F 296 -13.79 -31.85 37.03
CA ILE F 296 -14.51 -33.09 36.71
C ILE F 296 -15.99 -32.98 37.09
N ALA F 297 -16.28 -32.33 38.21
CA ALA F 297 -17.67 -32.16 38.63
C ALA F 297 -18.43 -31.32 37.59
N GLN F 298 -17.78 -30.31 37.02
CA GLN F 298 -18.44 -29.49 36.00
C GLN F 298 -18.72 -30.34 34.78
N VAL F 299 -17.73 -31.13 34.37
CA VAL F 299 -17.90 -31.99 33.21
C VAL F 299 -19.07 -32.95 33.42
N LYS F 300 -19.22 -33.49 34.63
CA LYS F 300 -20.31 -34.42 34.91
C LYS F 300 -21.64 -33.70 35.17
N ASP F 301 -21.58 -32.39 35.42
CA ASP F 301 -22.78 -31.59 35.67
C ASP F 301 -23.48 -31.44 34.32
N LYS F 302 -24.37 -32.38 34.02
CA LYS F 302 -25.12 -32.40 32.77
C LYS F 302 -25.99 -31.13 32.63
N ASN F 303 -25.47 -30.15 31.89
CA ASN F 303 -26.13 -28.87 31.61
C ASN F 303 -25.12 -27.73 31.74
N SER F 304 -23.93 -28.05 32.25
CA SER F 304 -22.88 -27.06 32.45
C SER F 304 -22.29 -26.53 31.15
N GLY F 305 -22.32 -27.38 30.13
CA GLY F 305 -21.78 -27.01 28.84
C GLY F 305 -20.35 -27.48 28.77
N VAL F 306 -19.71 -27.59 29.93
CA VAL F 306 -18.31 -28.01 30.01
C VAL F 306 -18.01 -29.47 29.66
N LYS F 307 -17.02 -29.66 28.79
CA LYS F 307 -16.61 -31.00 28.35
C LYS F 307 -15.13 -31.18 28.67
N LEU F 308 -14.70 -32.43 28.75
CA LEU F 308 -13.29 -32.73 29.00
C LEU F 308 -12.72 -32.72 27.61
N MET F 309 -12.14 -31.58 27.24
CA MET F 309 -11.57 -31.42 25.93
C MET F 309 -10.41 -32.39 25.74
N GLY F 310 -10.28 -32.93 24.53
CA GLY F 310 -9.22 -33.88 24.27
C GLY F 310 -9.64 -35.30 24.62
N PHE F 311 -10.90 -35.50 24.98
CA PHE F 311 -11.43 -36.83 25.31
C PHE F 311 -12.64 -37.03 24.42
N GLY F 312 -12.89 -38.28 24.05
CA GLY F 312 -14.05 -38.55 23.22
C GLY F 312 -13.76 -38.61 21.74
N HIS F 313 -14.55 -39.40 21.03
CA HIS F 313 -14.38 -39.56 19.60
C HIS F 313 -15.63 -40.19 19.01
N ARG F 314 -15.94 -39.80 17.78
CA ARG F 314 -17.10 -40.37 17.12
C ARG F 314 -16.84 -41.84 16.83
N VAL F 315 -15.62 -42.18 16.44
CA VAL F 315 -15.26 -43.56 16.11
C VAL F 315 -14.55 -44.35 17.20
N TYR F 316 -13.47 -43.81 17.76
CA TYR F 316 -12.76 -44.54 18.82
C TYR F 316 -13.62 -44.67 20.06
N LYS F 317 -13.68 -45.89 20.59
CA LYS F 317 -14.41 -46.20 21.82
C LYS F 317 -13.37 -47.01 22.59
N ASN F 318 -12.13 -46.53 22.50
CA ASN F 318 -10.96 -47.14 23.12
C ASN F 318 -9.88 -46.09 22.95
N PHE F 319 -8.66 -46.35 23.43
CA PHE F 319 -7.59 -45.38 23.26
C PHE F 319 -7.31 -45.08 21.80
N ASP F 320 -7.07 -43.79 21.52
CA ASP F 320 -6.75 -43.31 20.18
C ASP F 320 -5.27 -43.66 20.06
N PRO F 321 -4.89 -44.50 19.09
CA PRO F 321 -3.47 -44.87 18.94
C PRO F 321 -2.53 -43.68 18.72
N ARG F 322 -3.09 -42.58 18.22
CA ARG F 322 -2.28 -41.39 17.98
C ARG F 322 -1.98 -40.70 19.31
N ALA F 323 -2.89 -40.83 20.28
CA ALA F 323 -2.71 -40.20 21.58
C ALA F 323 -1.58 -40.89 22.35
N LYS F 324 -1.48 -42.20 22.23
CA LYS F 324 -0.43 -42.94 22.91
C LYS F 324 0.92 -42.52 22.34
N ILE F 325 0.99 -42.36 21.02
CA ILE F 325 2.24 -41.94 20.38
C ILE F 325 2.53 -40.49 20.76
N MET F 326 1.48 -39.68 20.87
CA MET F 326 1.64 -38.27 21.22
C MET F 326 2.24 -38.14 22.62
N GLN F 327 1.76 -38.96 23.55
CA GLN F 327 2.26 -38.92 24.92
C GLN F 327 3.73 -39.39 24.98
N GLN F 328 4.05 -40.47 24.28
CA GLN F 328 5.44 -40.97 24.26
C GLN F 328 6.33 -39.86 23.73
N THR F 329 5.88 -39.23 22.66
CA THR F 329 6.64 -38.16 22.04
C THR F 329 6.83 -36.98 22.97
N CYS F 330 5.84 -36.68 23.81
CA CYS F 330 5.99 -35.57 24.75
C CYS F 330 7.19 -35.90 25.64
N HIS F 331 7.16 -37.10 26.20
CA HIS F 331 8.23 -37.57 27.08
C HIS F 331 9.61 -37.56 26.40
N GLU F 332 9.66 -38.12 25.19
CA GLU F 332 10.88 -38.20 24.40
C GLU F 332 11.49 -36.85 24.06
N VAL F 333 10.65 -35.90 23.64
CA VAL F 333 11.13 -34.58 23.29
C VAL F 333 11.62 -33.79 24.51
N LEU F 334 10.84 -33.80 25.58
CA LEU F 334 11.24 -33.09 26.79
C LEU F 334 12.59 -33.61 27.29
N THR F 335 12.77 -34.93 27.25
CA THR F 335 14.02 -35.54 27.69
C THR F 335 15.16 -35.03 26.80
N GLU F 336 14.96 -35.15 25.49
CA GLU F 336 15.97 -34.70 24.53
C GLU F 336 16.29 -33.21 24.61
N LEU F 337 15.34 -32.41 25.08
CA LEU F 337 15.55 -30.96 25.21
C LEU F 337 16.10 -30.65 26.60
N GLY F 338 16.37 -31.70 27.38
CA GLY F 338 16.91 -31.51 28.71
C GLY F 338 15.93 -30.99 29.75
N ILE F 339 14.64 -31.03 29.44
CA ILE F 339 13.61 -30.57 30.36
C ILE F 339 13.27 -31.74 31.29
N LYS F 340 13.54 -31.58 32.59
CA LYS F 340 13.28 -32.63 33.55
C LYS F 340 11.82 -32.72 33.96
N ASP F 341 11.13 -31.59 34.02
CA ASP F 341 9.72 -31.63 34.38
C ASP F 341 8.87 -30.65 33.60
N ASP F 342 7.68 -31.11 33.25
CA ASP F 342 6.70 -30.30 32.54
C ASP F 342 5.43 -30.47 33.35
N PRO F 343 5.11 -29.48 34.21
CA PRO F 343 3.93 -29.45 35.08
C PRO F 343 2.63 -29.67 34.34
N LEU F 344 2.57 -29.09 33.16
CA LEU F 344 1.40 -29.19 32.30
C LEU F 344 1.18 -30.63 31.85
N LEU F 345 2.26 -31.32 31.48
CA LEU F 345 2.16 -32.71 31.04
C LEU F 345 1.77 -33.56 32.25
N ASP F 346 2.39 -33.29 33.40
CA ASP F 346 2.08 -34.05 34.61
C ASP F 346 0.60 -33.91 34.96
N LEU F 347 0.08 -32.70 34.79
CA LEU F 347 -1.32 -32.39 35.06
C LEU F 347 -2.23 -33.17 34.12
N ALA F 348 -1.91 -33.13 32.82
CA ALA F 348 -2.69 -33.83 31.81
C ALA F 348 -2.75 -35.32 32.10
N VAL F 349 -1.59 -35.91 32.40
CA VAL F 349 -1.54 -37.34 32.69
C VAL F 349 -2.42 -37.70 33.90
N GLU F 350 -2.41 -36.86 34.93
CA GLU F 350 -3.22 -37.14 36.12
C GLU F 350 -4.71 -37.02 35.79
N LEU F 351 -5.06 -36.03 34.96
CA LEU F 351 -6.44 -35.82 34.55
C LEU F 351 -6.90 -37.04 33.77
N GLU F 352 -6.03 -37.55 32.91
CA GLU F 352 -6.38 -38.74 32.14
C GLU F 352 -6.67 -39.89 33.10
N LYS F 353 -5.81 -40.10 34.08
CA LYS F 353 -6.02 -41.18 35.04
C LYS F 353 -7.33 -41.05 35.79
N ILE F 354 -7.62 -39.85 36.28
CA ILE F 354 -8.84 -39.60 37.04
C ILE F 354 -10.10 -39.82 36.19
N ALA F 355 -10.12 -39.27 34.97
CA ALA F 355 -11.28 -39.46 34.12
C ALA F 355 -11.49 -40.94 33.77
N LEU F 356 -10.41 -41.64 33.42
CA LEU F 356 -10.52 -43.04 33.03
C LEU F 356 -10.99 -44.00 34.14
N SER F 357 -10.93 -43.57 35.40
CA SER F 357 -11.38 -44.40 36.50
C SER F 357 -12.72 -43.91 37.05
N ASP F 358 -13.36 -42.99 36.33
CA ASP F 358 -14.65 -42.47 36.77
C ASP F 358 -15.76 -43.03 35.87
N ASP F 359 -16.80 -43.61 36.49
CA ASP F 359 -17.91 -44.23 35.76
C ASP F 359 -18.53 -43.36 34.67
N TYR F 360 -18.55 -42.05 34.86
CA TYR F 360 -19.11 -41.18 33.83
C TYR F 360 -18.41 -41.40 32.51
N PHE F 361 -17.08 -41.41 32.54
CA PHE F 361 -16.31 -41.60 31.32
C PHE F 361 -16.25 -43.06 30.88
N VAL F 362 -16.14 -43.97 31.84
CA VAL F 362 -16.07 -45.38 31.50
C VAL F 362 -17.32 -45.82 30.73
N GLN F 363 -18.49 -45.48 31.27
CA GLN F 363 -19.78 -45.82 30.66
C GLN F 363 -19.91 -45.30 29.24
N ARG F 364 -19.39 -44.10 29.00
CA ARG F 364 -19.49 -43.47 27.67
C ARG F 364 -18.32 -43.79 26.73
N LYS F 365 -17.41 -44.65 27.18
CA LYS F 365 -16.25 -45.05 26.40
C LYS F 365 -15.47 -43.84 25.87
N LEU F 366 -15.21 -42.91 26.78
CA LEU F 366 -14.48 -41.69 26.47
C LEU F 366 -13.02 -41.87 26.88
N TYR F 367 -12.13 -41.68 25.92
CA TYR F 367 -10.68 -41.82 26.10
C TYR F 367 -9.95 -40.63 25.51
N PRO F 368 -8.65 -40.48 25.85
CA PRO F 368 -7.93 -39.36 25.26
C PRO F 368 -7.89 -39.49 23.75
N ASN F 369 -7.97 -38.38 23.03
CA ASN F 369 -7.87 -38.42 21.57
C ASN F 369 -6.61 -37.66 21.17
N VAL F 370 -6.33 -37.59 19.87
CA VAL F 370 -5.14 -36.93 19.36
C VAL F 370 -4.86 -35.51 19.92
N ASP F 371 -5.92 -34.78 20.27
CA ASP F 371 -5.73 -33.42 20.78
C ASP F 371 -5.36 -33.25 22.26
N PHE F 372 -5.47 -34.32 23.04
CA PHE F 372 -5.17 -34.23 24.47
C PHE F 372 -3.71 -33.90 24.81
N TYR F 373 -2.79 -34.48 24.06
CA TYR F 373 -1.35 -34.30 24.30
C TYR F 373 -0.58 -33.48 23.26
N SER F 374 -1.21 -33.16 22.14
CA SER F 374 -0.53 -32.43 21.10
C SER F 374 -0.07 -31.00 21.47
N GLY F 375 -0.95 -30.21 22.10
CA GLY F 375 -0.56 -28.86 22.47
C GLY F 375 0.67 -28.84 23.37
N ILE F 376 0.76 -29.80 24.28
CA ILE F 376 1.89 -29.89 25.19
C ILE F 376 3.20 -30.01 24.39
N ILE F 377 3.24 -30.91 23.40
CA ILE F 377 4.43 -31.09 22.56
C ILE F 377 4.69 -29.82 21.76
N LEU F 378 3.64 -29.32 21.12
CA LEU F 378 3.77 -28.13 20.30
C LEU F 378 4.31 -26.96 21.13
N LYS F 379 3.81 -26.79 22.35
CA LYS F 379 4.29 -25.70 23.20
C LYS F 379 5.78 -25.88 23.50
N ALA F 380 6.20 -27.12 23.72
CA ALA F 380 7.60 -27.41 24.00
C ALA F 380 8.50 -27.07 22.81
N MET F 381 7.90 -27.04 21.61
CA MET F 381 8.65 -26.72 20.39
C MET F 381 8.64 -25.23 20.12
N GLY F 382 8.05 -24.48 21.05
CA GLY F 382 7.99 -23.04 20.87
C GLY F 382 6.84 -22.55 20.01
N ILE F 383 5.91 -23.45 19.66
CA ILE F 383 4.78 -23.05 18.84
C ILE F 383 3.70 -22.49 19.77
N PRO F 384 3.21 -21.27 19.48
CA PRO F 384 2.18 -20.62 20.30
C PRO F 384 0.83 -21.28 20.18
N THR F 385 0.01 -21.17 21.22
CA THR F 385 -1.29 -21.80 21.21
C THR F 385 -2.16 -21.33 20.04
N SER F 386 -1.95 -20.10 19.58
CA SER F 386 -2.72 -19.55 18.46
C SER F 386 -2.43 -20.28 17.15
N MET F 387 -1.39 -21.10 17.15
CA MET F 387 -1.02 -21.84 15.94
C MET F 387 -1.24 -23.35 15.99
N PHE F 388 -1.74 -23.88 17.11
CA PHE F 388 -1.96 -25.31 17.22
C PHE F 388 -2.90 -25.87 16.14
N THR F 389 -4.09 -25.28 15.98
CA THR F 389 -5.02 -25.80 14.99
C THR F 389 -4.51 -25.58 13.57
N VAL F 390 -3.75 -24.51 13.36
CA VAL F 390 -3.19 -24.24 12.04
C VAL F 390 -2.18 -25.34 11.71
N LEU F 391 -1.38 -25.78 12.69
CA LEU F 391 -0.41 -26.86 12.45
C LEU F 391 -1.17 -28.12 12.08
N PHE F 392 -2.31 -28.31 12.72
CA PHE F 392 -3.17 -29.47 12.46
C PHE F 392 -3.59 -29.34 10.98
N ALA F 393 -4.06 -28.16 10.60
CA ALA F 393 -4.48 -27.93 9.21
C ALA F 393 -3.37 -28.15 8.18
N VAL F 394 -2.15 -27.76 8.51
CA VAL F 394 -1.04 -27.93 7.60
C VAL F 394 -0.84 -29.43 7.36
N ALA F 395 -0.83 -30.21 8.43
CA ALA F 395 -0.65 -31.64 8.31
C ALA F 395 -1.82 -32.31 7.60
N ARG F 396 -3.04 -31.97 8.04
CA ARG F 396 -4.25 -32.56 7.47
C ARG F 396 -4.52 -32.18 6.01
N THR F 397 -3.88 -31.13 5.51
CA THR F 397 -4.11 -30.77 4.11
C THR F 397 -3.75 -31.97 3.23
N THR F 398 -2.77 -32.76 3.66
CA THR F 398 -2.38 -33.94 2.89
C THR F 398 -3.57 -34.91 2.83
N GLY F 399 -4.19 -35.17 3.98
CA GLY F 399 -5.33 -36.06 3.99
C GLY F 399 -6.48 -35.50 3.18
N TRP F 400 -6.78 -34.22 3.38
CA TRP F 400 -7.87 -33.56 2.65
C TRP F 400 -7.72 -33.69 1.12
N VAL F 401 -6.55 -33.36 0.56
CA VAL F 401 -6.41 -33.47 -0.89
C VAL F 401 -6.40 -34.92 -1.36
N SER F 402 -5.90 -35.84 -0.53
CA SER F 402 -5.89 -37.26 -0.91
C SER F 402 -7.34 -37.75 -0.96
N GLN F 403 -8.14 -37.34 0.00
CA GLN F 403 -9.55 -37.73 0.07
C GLN F 403 -10.33 -37.08 -1.08
N TRP F 404 -10.07 -35.79 -1.32
CA TRP F 404 -10.74 -35.07 -2.41
C TRP F 404 -10.43 -35.74 -3.74
N LYS F 405 -9.15 -36.04 -3.98
CA LYS F 405 -8.73 -36.67 -5.23
C LYS F 405 -9.38 -38.05 -5.39
N GLU F 406 -9.43 -38.84 -4.32
CA GLU F 406 -10.04 -40.16 -4.41
C GLU F 406 -11.54 -40.01 -4.75
N MET F 407 -12.19 -39.08 -4.07
CA MET F 407 -13.61 -38.83 -4.28
C MET F 407 -13.94 -38.40 -5.71
N ILE F 408 -13.23 -37.39 -6.21
CA ILE F 408 -13.49 -36.85 -7.54
C ILE F 408 -13.06 -37.75 -8.72
N GLU F 409 -12.14 -38.69 -8.48
CA GLU F 409 -11.67 -39.60 -9.52
C GLU F 409 -12.43 -40.92 -9.54
N GLU F 410 -13.28 -41.12 -8.54
CA GLU F 410 -14.02 -42.36 -8.46
C GLU F 410 -15.14 -42.48 -9.50
N PRO F 411 -15.17 -43.62 -10.23
CA PRO F 411 -16.19 -43.85 -11.24
C PRO F 411 -17.56 -43.75 -10.57
N GLY F 412 -18.49 -43.08 -11.23
CA GLY F 412 -19.82 -42.94 -10.66
C GLY F 412 -19.97 -41.91 -9.57
N GLN F 413 -19.02 -40.99 -9.43
CA GLN F 413 -19.09 -39.96 -8.39
C GLN F 413 -20.31 -39.07 -8.64
N ARG F 414 -21.08 -38.82 -7.59
CA ARG F 414 -22.27 -37.98 -7.68
C ARG F 414 -22.22 -36.87 -6.65
N ILE F 415 -23.06 -35.86 -6.81
CA ILE F 415 -23.07 -34.75 -5.87
C ILE F 415 -23.59 -35.25 -4.51
N SER F 416 -23.09 -34.66 -3.43
CA SER F 416 -23.52 -35.03 -2.09
C SER F 416 -24.68 -34.10 -1.79
N ARG F 417 -25.86 -34.69 -1.60
CA ARG F 417 -27.06 -33.91 -1.36
C ARG F 417 -28.04 -34.78 -0.56
N PRO F 418 -28.04 -34.62 0.77
CA PRO F 418 -28.91 -35.39 1.66
C PRO F 418 -30.36 -34.91 1.68
N ARG F 419 -31.19 -35.61 2.45
CA ARG F 419 -32.60 -35.25 2.60
C ARG F 419 -32.78 -34.77 4.04
N GLN F 420 -34.03 -34.59 4.46
CA GLN F 420 -34.34 -34.14 5.81
C GLN F 420 -35.72 -34.63 6.18
N LEU F 421 -36.09 -34.39 7.43
CA LEU F 421 -37.41 -34.74 7.93
C LEU F 421 -37.99 -33.37 8.18
N TYR F 422 -38.98 -32.98 7.37
CA TYR F 422 -39.60 -31.68 7.55
C TYR F 422 -40.57 -31.71 8.72
N ILE F 423 -40.34 -30.88 9.73
CA ILE F 423 -41.25 -30.85 10.85
C ILE F 423 -41.78 -29.43 11.11
N GLY F 424 -41.79 -28.61 10.07
CA GLY F 424 -42.28 -27.24 10.20
C GLY F 424 -43.76 -27.05 9.98
N ALA F 425 -44.15 -25.81 9.68
CA ALA F 425 -45.54 -25.44 9.44
C ALA F 425 -46.15 -26.08 8.20
N PRO F 426 -47.46 -26.38 8.23
CA PRO F 426 -48.09 -26.97 7.04
C PRO F 426 -48.27 -25.86 6.03
N GLN F 427 -48.71 -26.18 4.82
CA GLN F 427 -48.87 -25.12 3.83
C GLN F 427 -49.84 -24.05 4.33
N ARG F 428 -49.49 -22.80 4.07
CA ARG F 428 -50.32 -21.67 4.46
C ARG F 428 -50.12 -20.54 3.46
N ASP F 429 -51.13 -19.68 3.34
CA ASP F 429 -51.06 -18.56 2.41
C ASP F 429 -50.41 -17.29 2.97
N TYR F 430 -49.72 -16.56 2.09
CA TYR F 430 -49.06 -15.33 2.45
C TYR F 430 -50.08 -14.24 2.79
N VAL F 431 -49.85 -13.52 3.88
CA VAL F 431 -50.74 -12.43 4.29
C VAL F 431 -49.90 -11.15 4.14
N PRO F 432 -50.45 -10.13 3.48
CA PRO F 432 -49.72 -8.87 3.27
C PRO F 432 -49.36 -8.11 4.56
N LEU F 433 -48.23 -7.40 4.51
CA LEU F 433 -47.73 -6.66 5.67
C LEU F 433 -48.78 -5.81 6.40
N ALA F 434 -49.64 -5.12 5.65
CA ALA F 434 -50.66 -4.28 6.24
C ALA F 434 -51.64 -5.06 7.14
N LYS F 435 -51.76 -6.36 6.87
CA LYS F 435 -52.66 -7.22 7.64
C LYS F 435 -51.94 -8.08 8.70
N ARG F 436 -50.67 -7.75 8.97
CA ARG F 436 -49.89 -8.47 9.98
C ARG F 436 -49.65 -7.58 11.18
O1 OAA G . 4.62 23.65 -34.91
O2 OAA G . 6.82 23.38 -34.82
O4 OAA G . 3.49 22.36 -31.86
O5 OAA G . 2.21 24.11 -31.40
O3 OAA G . 4.14 25.74 -32.43
C1 OAA G . 5.72 23.64 -34.30
C2 OAA G . 5.70 23.96 -32.80
C3 OAA G . 4.35 24.53 -32.37
C4 OAA G . 3.26 23.59 -31.84
S SO4 H . -12.78 1.94 -20.76
O1 SO4 H . -11.57 1.05 -20.61
O2 SO4 H . -12.36 3.24 -21.36
O3 SO4 H . -13.79 1.27 -21.65
O4 SO4 H . -13.39 2.18 -19.41
S SO4 I . 5.75 28.35 -45.67
O1 SO4 I . 4.69 27.77 -44.78
O2 SO4 I . 7.07 27.70 -45.36
O3 SO4 I . 5.40 28.10 -47.10
O4 SO4 I . 5.85 29.83 -45.44
S SO4 J . -18.90 4.17 -26.41
O1 SO4 J . -17.44 3.96 -26.63
O2 SO4 J . -19.49 4.89 -27.59
O3 SO4 J . -19.60 2.86 -26.25
O4 SO4 J . -19.10 4.99 -25.16
S SO4 K . -25.56 8.17 -28.52
O1 SO4 K . -24.63 7.19 -29.19
O2 SO4 K . -26.12 9.10 -29.56
O3 SO4 K . -26.69 7.42 -27.87
O4 SO4 K . -24.81 8.94 -27.49
S SO4 L . -12.19 -3.14 -25.56
O1 SO4 L . -10.89 -2.84 -26.23
O2 SO4 L . -13.31 -2.55 -26.36
O3 SO4 L . -12.39 -4.63 -25.47
O4 SO4 L . -12.19 -2.57 -24.18
S SO4 M . -21.03 34.78 -16.99
O1 SO4 M . -21.49 34.58 -15.57
O2 SO4 M . -19.56 35.10 -17.00
O3 SO4 M . -21.28 33.53 -17.77
O4 SO4 M . -21.76 35.93 -17.61
S SO4 N . 15.92 15.91 -1.60
O1 SO4 N . 15.67 15.53 -0.17
O2 SO4 N . 17.13 16.80 -1.66
O3 SO4 N . 16.15 14.67 -2.42
O4 SO4 N . 14.73 16.65 -2.15
N1A CMX O . 15.87 33.62 -29.62
C2A CMX O . 16.99 34.04 -30.19
N3A CMX O . 17.41 33.56 -31.34
C4A CMX O . 16.71 32.62 -31.99
C5A CMX O . 15.53 32.15 -31.43
C6A CMX O . 15.12 32.69 -30.21
N6A CMX O . 13.98 32.29 -29.67
N7A CMX O . 15.02 31.25 -32.26
C8A CMX O . 15.85 31.15 -33.30
N9A CMX O . 16.86 31.99 -33.15
C1B CMX O . 17.90 32.24 -34.17
C2B CMX O . 18.80 31.02 -34.38
O2B CMX O . 19.87 31.06 -33.44
C3B CMX O . 19.36 31.41 -35.75
O3B CMX O . 20.29 32.49 -35.59
P3B CMX O . 21.70 32.46 -36.37
O7A CMX O . 22.42 33.75 -36.26
O8A CMX O . 22.54 31.22 -35.75
O9A CMX O . 21.38 32.07 -37.90
C4B CMX O . 18.12 31.93 -36.48
O4B CMX O . 17.28 32.48 -35.43
C5B CMX O . 17.38 30.74 -37.10
O5B CMX O . 17.05 29.81 -36.07
P1A CMX O . 16.71 28.27 -36.39
O1A CMX O . 17.87 27.35 -35.75
O2A CMX O . 16.64 28.01 -37.97
O3A CMX O . 15.28 27.99 -35.70
P2A CMX O . 14.60 26.54 -35.64
O4A CMX O . 13.45 26.45 -36.77
O5A CMX O . 15.68 25.38 -35.88
O6A CMX O . 13.93 26.40 -34.17
CBP CMX O . 12.51 27.14 -32.38
CCP CMX O . 12.66 26.98 -33.90
CDP CMX O . 11.06 27.46 -32.04
CEP CMX O . 12.91 25.82 -31.72
CAP CMX O . 13.44 28.25 -31.92
OAP CMX O . 12.98 29.50 -32.46
C9P CMX O . 13.50 28.36 -30.40
O9P CMX O . 14.30 27.68 -29.76
N8P CMX O . 12.67 29.23 -29.85
C7P CMX O . 12.64 29.43 -28.40
C6P CMX O . 11.93 28.25 -27.73
C5P CMX O . 10.41 28.32 -27.93
O5P CMX O . 9.78 29.35 -27.73
N4P CMX O . 9.83 27.19 -28.36
C3P CMX O . 8.38 27.11 -28.55
C2P CMX O . 8.02 26.94 -30.03
C1 CMX O . 6.53 26.58 -30.16
C2 CMX O . 6.26 25.23 -29.47
O21 CMX O . 6.85 24.23 -29.94
O22 CMX O . 5.49 25.22 -28.49
O1 OAA P . 17.78 -0.81 -38.50
O2 OAA P . 15.82 -0.26 -39.40
O4 OAA P . 16.86 -1.53 -35.10
O5 OAA P . 18.10 -3.38 -35.09
O3 OAA P . 17.31 -3.87 -37.65
C1 OAA P . 16.53 -0.93 -38.63
C2 OAA P . 15.84 -1.98 -37.76
C3 OAA P . 16.86 -2.88 -37.07
C4 OAA P . 17.32 -2.57 -35.65
S SO4 Q . 22.99 1.25 -48.78
O1 SO4 Q . 21.56 1.69 -48.94
O2 SO4 Q . 23.30 1.10 -47.32
O3 SO4 Q . 23.19 -0.06 -49.47
O4 SO4 Q . 23.89 2.29 -49.39
S SO4 R . 21.50 7.23 -8.50
O1 SO4 R . 21.44 6.23 -7.40
O2 SO4 R . 22.74 8.06 -8.34
O3 SO4 R . 21.54 6.53 -9.82
O4 SO4 R . 20.30 8.12 -8.46
S SO4 S . -22.77 28.20 -32.98
O1 SO4 S . -22.25 28.20 -31.58
O2 SO4 S . -22.39 29.46 -33.67
O3 SO4 S . -22.21 27.02 -33.71
O4 SO4 S . -24.27 28.11 -32.94
S SO4 T . 30.08 7.30 -10.31
O1 SO4 T . 29.76 5.92 -9.82
O2 SO4 T . 30.68 8.11 -9.21
O3 SO4 T . 31.06 7.21 -11.46
O4 SO4 T . 28.82 7.97 -10.79
S SO4 U . 37.41 4.32 -10.67
O1 SO4 U . 36.05 3.76 -10.37
O2 SO4 U . 37.99 4.93 -9.43
O3 SO4 U . 38.31 3.22 -11.16
O4 SO4 U . 37.29 5.39 -11.72
S SO4 V . 21.81 14.09 -9.59
O1 SO4 V . 22.11 13.05 -8.55
O2 SO4 V . 21.84 15.44 -8.95
O3 SO4 V . 22.86 14.02 -10.68
O4 SO4 V . 20.47 13.85 -10.20
S SO4 W . -8.14 35.47 -43.35
O1 SO4 W . -9.21 34.90 -42.46
O2 SO4 W . -6.84 34.79 -43.05
O3 SO4 W . -8.50 35.22 -44.79
O4 SO4 W . -8.03 36.94 -43.12
S SO4 X . 32.19 -23.59 -19.20
O1 SO4 X . 30.87 -23.95 -19.84
O2 SO4 X . 33.25 -24.53 -19.70
O3 SO4 X . 32.55 -22.17 -19.59
O4 SO4 X . 32.07 -23.69 -17.72
S SO4 Y . -10.04 -9.81 -17.83
O1 SO4 Y . -8.77 -10.53 -18.19
O2 SO4 Y . -10.24 -8.65 -18.76
O3 SO4 Y . -11.21 -10.75 -17.92
O4 SO4 Y . -9.93 -9.31 -16.42
N1A CMX Z . 7.35 -10.34 -45.98
C2A CMX Z . 6.82 -10.25 -47.19
N3A CMX Z . 7.01 -9.19 -47.96
C4A CMX Z . 7.75 -8.16 -47.52
C5A CMX Z . 8.33 -8.22 -46.25
C6A CMX Z . 8.12 -9.34 -45.49
N6A CMX Z . 8.66 -9.46 -44.28
N7A CMX Z . 9.01 -7.09 -46.08
C8A CMX Z . 8.88 -6.35 -47.17
N9A CMX Z . 8.13 -7.01 -48.06
C1B CMX Z . 7.86 -6.53 -49.43
C2B CMX Z . 6.98 -5.28 -49.45
O2B CMX Z . 5.61 -5.71 -49.53
C3B CMX Z . 7.38 -4.70 -50.81
O3B CMX Z . 6.78 -5.50 -51.84
P3B CMX Z . 6.14 -4.75 -53.12
O7A CMX Z . 5.79 -5.70 -54.21
O8A CMX Z . 4.86 -3.93 -52.58
O9A CMX Z . 7.20 -3.64 -53.61
C4B CMX Z . 8.89 -4.94 -50.82
O4B CMX Z . 9.10 -6.13 -50.03
C5B CMX Z . 9.56 -3.75 -50.11
O5B CMX Z . 8.97 -3.54 -48.84
P1A CMX Z . 9.11 -2.13 -48.08
O1A CMX Z . 7.64 -1.60 -47.69
O2A CMX Z . 9.81 -1.04 -49.03
O3A CMX Z . 10.01 -2.40 -46.77
P2A CMX Z . 10.25 -1.31 -45.61
O4A CMX Z . 11.76 -0.77 -45.72
O5A CMX Z . 9.22 -0.08 -45.75
O6A CMX Z . 10.05 -2.06 -44.21
CBP CMX Z . 10.48 -3.87 -42.67
CCP CMX Z . 11.09 -2.87 -43.66
CDP CMX Z . 11.58 -4.52 -41.84
CEP CMX Z . 9.51 -3.11 -41.75
CAP CMX Z . 9.70 -4.90 -43.48
OAP CMX Z . 10.63 -5.71 -44.22
C9P CMX Z . 8.85 -5.78 -42.57
O9P CMX Z . 7.71 -5.45 -42.26
N8P CMX Z . 9.42 -6.91 -42.16
C7P CMX Z . 8.69 -7.83 -41.28
C6P CMX Z . 8.74 -7.30 -39.84
C5P CMX Z . 10.12 -7.49 -39.23
O5P CMX Z . 10.72 -8.55 -39.34
N4P CMX Z . 10.63 -6.42 -38.61
C3P CMX Z . 11.94 -6.46 -37.95
C2P CMX Z . 12.96 -5.58 -38.67
C1 CMX Z . 14.22 -5.44 -37.81
C2 CMX Z . 13.89 -4.72 -36.50
O21 CMX Z . 13.50 -3.55 -36.58
O22 CMX Z . 14.03 -5.37 -35.43
O1 OAA AA . -3.15 23.30 35.41
O2 OAA AA . -1.68 21.88 36.28
O4 OAA AA . -3.89 21.56 32.29
O5 OAA AA . -6.09 21.80 32.47
O3 OAA AA . -5.87 21.53 35.17
C1 OAA AA . -2.72 22.15 35.65
C2 OAA AA . -3.53 20.96 35.10
C3 OAA AA . -4.86 21.39 34.48
C4 OAA AA . -4.96 21.60 32.96
S SO4 BA . -1.69 23.69 3.96
O1 SO4 BA . -2.15 23.80 5.38
O2 SO4 BA . -1.45 25.05 3.40
O3 SO4 BA . -0.43 22.89 3.91
O4 SO4 BA . -2.75 22.99 3.14
S SO4 CA . -2.20 30.83 44.26
O1 SO4 CA . -2.61 30.67 42.82
O2 SO4 CA . -3.37 30.55 45.16
O3 SO4 CA . -1.08 29.88 44.57
O4 SO4 CA . -1.73 32.24 44.47
S SO4 DA . 38.45 -3.36 29.69
O1 SO4 DA . 38.99 -4.65 30.26
O2 SO4 DA . 38.39 -3.47 28.19
O3 SO4 DA . 37.07 -3.10 30.22
O4 SO4 DA . 39.36 -2.24 30.07
S SO4 EA . -4.98 31.84 4.68
O1 SO4 EA . -3.84 31.28 5.48
O2 SO4 EA . -5.51 33.06 5.38
O3 SO4 EA . -4.51 32.20 3.31
O4 SO4 EA . -6.07 30.82 4.57
S SO4 FA . 4.10 26.75 3.01
O1 SO4 FA . 3.01 26.01 3.73
O2 SO4 FA . 3.74 28.20 2.87
O3 SO4 FA . 5.36 26.60 3.80
O4 SO4 FA . 4.27 26.15 1.64
S SO4 GA . -32.22 23.44 18.78
O1 SO4 GA . -30.79 23.69 18.39
O2 SO4 GA . -32.71 24.59 19.61
O3 SO4 GA . -33.06 23.32 17.55
O4 SO4 GA . -32.30 22.16 19.56
N1A CMX HA . -6.12 11.59 45.88
C2A CMX HA . -5.60 11.36 47.08
N3A CMX HA . -4.62 12.10 47.56
C4A CMX HA . -4.13 13.12 46.84
C5A CMX HA . -4.64 13.38 45.57
C6A CMX HA . -5.67 12.58 45.11
N6A CMX HA . -6.23 12.81 43.92
N7A CMX HA . -3.98 14.42 45.08
C8A CMX HA . -3.08 14.80 45.99
N9A CMX HA . -3.17 14.02 47.06
C1B CMX HA . -2.43 14.24 48.33
C2B CMX HA . -0.92 13.97 48.17
O2B CMX HA . -0.68 12.58 48.44
C3B CMX HA . -0.41 14.78 49.36
O3B CMX HA . -0.70 14.08 50.58
P3B CMX HA . 0.42 13.97 51.74
O7A CMX HA . -0.08 13.22 52.91
O8A CMX HA . 1.72 13.31 51.06
O9A CMX HA . 0.84 15.48 52.13
C4B CMX HA . -1.29 16.04 49.29
O4B CMX HA . -2.53 15.62 48.70
C5B CMX HA . -0.63 17.06 48.38
O5B CMX HA . -0.44 16.47 47.09
P1A CMX HA . 0.65 17.01 46.05
O1A CMX HA . 1.78 15.88 45.85
O2A CMX HA . 1.34 18.37 46.55
O3A CMX HA . -0.15 17.28 44.67
P2A CMX HA . 0.54 17.70 43.29
O4A CMX HA . 0.41 19.29 43.10
O5A CMX HA . 2.10 17.26 43.27
O6A CMX HA . -0.26 16.95 42.12
CBP CMX HA . -2.21 16.31 40.91
CCP CMX HA . -1.48 17.46 41.61
CDP CMX HA . -3.39 16.83 40.10
CEP CMX HA . -1.21 15.61 39.98
CAP CMX HA . -2.68 15.33 41.98
OAP CMX HA . -3.70 15.92 42.77
C9P CMX HA . -3.19 14.04 41.33
O9P CMX HA . -2.43 13.16 40.98
N8P CMX HA . -4.52 14.00 41.20
C7P CMX HA . -5.16 12.83 40.59
C6P CMX HA . -4.91 12.83 39.09
C5P CMX HA . -5.74 13.88 38.35
O5P CMX HA . -6.94 14.02 38.60
N4P CMX HA . -5.08 14.62 37.46
C3P CMX HA . -5.77 15.65 36.66
C2P CMX HA . -5.32 17.06 37.03
C1 CMX HA . -5.89 18.05 36.01
C2 CMX HA . -5.30 17.82 34.62
O21 CMX HA . -4.06 17.90 34.51
O22 CMX HA . -6.09 17.55 33.68
O1 OAA IA . 23.96 20.27 28.62
O2 OAA IA . 22.75 22.11 28.31
O4 OAA IA . 22.85 18.15 25.98
O5 OAA IA . 24.91 17.59 25.36
O3 OAA IA . 25.71 20.15 25.90
C1 OAA IA . 23.40 21.12 27.90
C2 OAA IA . 23.48 20.93 26.37
C3 OAA IA . 24.50 19.86 26.02
C4 OAA IA . 24.06 18.41 25.78
S SO4 JA . 28.91 25.17 38.10
O1 SO4 JA . 27.80 26.09 37.69
O2 SO4 JA . 29.03 25.15 39.60
O3 SO4 JA . 28.62 23.78 37.60
O4 SO4 JA . 30.20 25.65 37.52
S SO4 KA . 9.73 -6.59 21.23
O1 SO4 KA . 9.78 -7.52 22.40
O2 SO4 KA . 10.76 -5.51 21.41
O3 SO4 KA . 10.03 -7.35 19.97
O4 SO4 KA . 8.37 -5.95 21.13
S SO4 LA . -22.45 37.65 21.39
O1 SO4 LA . -20.99 37.88 21.14
O2 SO4 LA . -23.27 38.58 20.53
O3 SO4 LA . -22.81 36.23 21.05
O4 SO4 LA . -22.76 37.91 22.84
S SO4 MA . 15.11 -10.23 27.04
O1 SO4 MA . 14.30 -11.47 27.31
O2 SO4 MA . 16.15 -10.09 28.11
O3 SO4 MA . 15.79 -10.36 25.71
O4 SO4 MA . 14.22 -9.03 27.04
S SO4 NA . 5.71 -6.97 26.88
O1 SO4 NA . 6.81 -7.75 27.54
O2 SO4 NA . 5.87 -5.52 27.20
O3 SO4 NA . 5.77 -7.18 25.39
O4 SO4 NA . 4.38 -7.44 27.38
S SO4 OA . 41.83 -2.57 12.68
O1 SO4 OA . 42.41 -3.74 11.94
O2 SO4 OA . 41.63 -1.43 11.73
O3 SO4 OA . 40.52 -2.96 13.30
O4 SO4 OA . 42.79 -2.14 13.76
N1A CMX PA . 27.49 33.33 20.03
C2A CMX PA . 27.43 34.60 20.37
N3A CMX PA . 26.98 35.00 21.55
C4A CMX PA . 26.56 34.09 22.45
C5A CMX PA . 26.62 32.74 22.13
C6A CMX PA . 27.10 32.37 20.88
N6A CMX PA . 27.17 31.09 20.54
N7A CMX PA . 26.16 32.07 23.18
C8A CMX PA . 25.83 32.95 24.13
N9A CMX PA . 26.09 34.18 23.69
C1B CMX PA . 25.98 35.40 24.52
C2B CMX PA . 24.54 35.74 24.90
O2B CMX PA . 23.98 36.57 23.87
C3B CMX PA . 24.82 36.61 26.12
O3B CMX PA . 25.36 37.86 25.67
P3B CMX PA . 24.73 39.27 26.17
O7A CMX PA . 25.63 40.41 25.89
O8A CMX PA . 23.30 39.39 25.44
O9A CMX PA . 24.42 39.13 27.75
C4B CMX PA . 25.93 35.83 26.82
O4B CMX PA . 26.65 35.16 25.78
C5B CMX PA . 25.31 34.80 27.76
O5B CMX PA . 24.42 33.97 27.01
P1A CMX PA . 23.24 33.15 27.72
O1A CMX PA . 21.83 33.75 27.22
O2A CMX PA . 23.32 33.26 29.32
O3A CMX PA . 23.44 31.63 27.24
P2A CMX PA . 22.37 30.46 27.48
O4A CMX PA . 22.86 29.58 28.74
O5A CMX PA . 20.90 31.04 27.78
O6A CMX PA . 22.36 29.55 26.16
CBP CMX PA . 23.42 28.21 24.46
CCP CMX PA . 23.37 28.55 25.95
CDP CMX PA . 24.28 26.97 24.22
CEP CMX PA . 22.00 27.96 23.96
CAP CMX PA . 24.02 29.41 23.71
OAP CMX PA . 25.37 29.60 24.10
C9P CMX PA . 23.95 29.21 22.20
O9P CMX PA . 22.92 29.47 21.56
N8P CMX PA . 25.04 28.72 21.63
C7P CMX PA . 25.09 28.49 20.18
C6P CMX PA . 24.23 27.27 19.85
C5P CMX PA . 24.91 25.96 20.25
O5P CMX PA . 26.10 25.77 20.01
N4P CMX PA . 24.13 25.07 20.85
C3P CMX PA . 24.64 23.75 21.25
C2P CMX PA . 24.80 23.67 22.78
C1 CMX PA . 25.08 22.22 23.19
C2 CMX PA . 23.89 21.33 22.85
O21 CMX PA . 22.82 21.56 23.46
O22 CMX PA . 24.05 20.46 21.96
O1 OAA QA . -31.60 -28.33 -3.88
O2 OAA QA . -30.00 -29.81 -4.35
O4 OAA QA . -29.68 -25.20 -3.83
O5 OAA QA . -31.13 -24.13 -5.09
O3 OAA QA . -31.66 -26.46 -6.42
C1 OAA QA . -30.55 -28.68 -4.46
C2 OAA QA . -29.85 -27.66 -5.36
C3 OAA QA . -30.75 -26.44 -5.59
C4 OAA QA . -30.50 -25.16 -4.77
S SO4 RA . -20.31 -4.25 12.81
O1 SO4 RA . -21.09 -4.16 14.09
O2 SO4 RA . -20.10 -2.87 12.25
O3 SO4 RA . -18.98 -4.90 13.06
O4 SO4 RA . -21.09 -5.06 11.82
S SO4 SA . 14.00 -46.42 6.13
O1 SO4 SA . 15.20 -46.81 5.34
O2 SO4 SA . 12.84 -46.17 5.21
O3 SO4 SA . 13.64 -47.54 7.07
O4 SO4 SA . 14.29 -45.17 6.91
S SO4 TA . -39.82 -36.49 -2.62
O1 SO4 TA . -38.57 -37.29 -2.86
O2 SO4 TA . -39.44 -35.09 -2.25
O3 SO4 TA . -40.65 -36.48 -3.86
O4 SO4 TA . -40.60 -37.12 -1.50
S SO4 UA . -28.53 -3.31 15.78
O1 SO4 UA . -28.41 -2.41 16.97
O2 SO4 UA . -28.36 -2.50 14.53
O3 SO4 UA . -27.46 -4.37 15.85
O4 SO4 UA . -29.88 -3.96 15.77
S SO4 VA . -35.78 -0.18 15.70
O1 SO4 VA . -35.05 0.66 16.71
O2 SO4 VA . -34.88 -0.44 14.53
O3 SO4 VA . -36.18 -1.48 16.34
O4 SO4 VA . -37.00 0.54 15.22
S SO4 WA . -18.47 -7.79 18.83
O1 SO4 WA . -18.03 -7.97 20.25
O2 SO4 WA . -18.06 -6.42 18.34
O3 SO4 WA . -17.81 -8.84 17.97
O4 SO4 WA . -19.96 -7.93 18.73
S SO4 XA . -42.33 1.96 -12.47
O1 SO4 XA . -41.69 1.22 -13.61
O2 SO4 XA . -43.78 2.18 -12.79
O3 SO4 XA . -42.22 1.14 -11.22
O4 SO4 XA . -41.64 3.27 -12.28
N1A CMX YA . -28.13 -33.90 -18.40
C2A CMX YA . -28.07 -35.15 -18.85
N3A CMX YA . -28.18 -36.19 -18.04
C4A CMX YA . -28.36 -36.00 -16.73
C5A CMX YA . -28.43 -34.71 -16.22
C6A CMX YA . -28.31 -33.64 -17.10
N6A CMX YA . -28.39 -32.39 -16.66
N7A CMX YA . -28.61 -34.80 -14.90
C8A CMX YA . -28.66 -36.09 -14.59
N9A CMX YA . -28.54 -36.82 -15.70
C1B CMX YA . -28.71 -38.30 -15.75
C2B CMX YA . -27.57 -39.06 -15.05
O2B CMX YA . -26.53 -39.30 -16.01
C3B CMX YA . -28.30 -40.38 -14.82
O3B CMX YA . -28.38 -41.10 -16.05
P3B CMX YA . -27.91 -42.65 -16.10
O7A CMX YA . -28.25 -43.30 -17.40
O8A CMX YA . -26.33 -42.63 -15.78
O9A CMX YA . -28.62 -43.40 -14.86
C4B CMX YA . -29.70 -39.92 -14.41
O4B CMX YA . -29.91 -38.66 -15.06
C5B CMX YA . -29.76 -39.70 -12.90
O5B CMX YA . -28.79 -38.73 -12.52
P1A CMX YA . -28.24 -38.58 -11.01
O1A CMX YA . -26.66 -38.92 -11.00
O2A CMX YA . -28.99 -39.57 -10.00
O3A CMX YA . -28.51 -37.05 -10.61
P2A CMX YA . -27.99 -36.39 -9.24
O4A CMX YA . -29.21 -36.29 -8.20
O5A CMX YA . -26.79 -37.24 -8.60
O6A CMX YA . -27.48 -34.90 -9.60
CBP CMX YA . -27.77 -32.74 -10.56
CCP CMX YA . -28.42 -33.82 -9.70
CDP CMX YA . -28.58 -31.45 -10.48
CEP CMX YA . -26.35 -32.50 -10.03
CAP CMX YA . -27.68 -33.25 -12.00
OAP CMX YA . -28.99 -33.38 -12.54
C9P CMX YA . -26.83 -32.32 -12.86
O9P CMX YA . -25.62 -32.42 -12.92
N8P CMX YA . -27.52 -31.38 -13.52
C7P CMX YA . -26.82 -30.43 -14.39
C6P CMX YA . -26.11 -29.38 -13.53
C5P CMX YA . -27.10 -28.38 -12.94
O5P CMX YA . -28.01 -27.91 -13.63
N4P CMX YA . -26.91 -28.07 -11.66
C3P CMX YA . -27.76 -27.11 -10.96
C2P CMX YA . -28.76 -27.83 -10.04
C1 CMX YA . -29.49 -26.81 -9.16
C2 CMX YA . -28.50 -26.02 -8.30
O21 CMX YA . -27.83 -26.68 -7.47
O22 CMX YA . -28.41 -24.79 -8.50
O1 OAA ZA . -11.80 -38.69 13.14
O2 OAA ZA . -13.76 -37.79 13.70
O4 OAA ZA . -9.97 -35.72 12.33
O5 OAA ZA . -8.15 -36.43 13.40
O3 OAA ZA . -9.76 -37.52 15.32
C1 OAA ZA . -12.51 -37.81 13.69
C2 OAA ZA . -11.80 -36.64 14.36
C3 OAA ZA . -10.28 -36.88 14.40
C4 OAA ZA . -9.39 -36.30 13.29
S SO4 AB . -15.95 -49.41 14.67
O1 SO4 AB . -14.86 -48.67 13.97
O2 SO4 AB . -17.16 -48.52 14.83
O3 SO4 AB . -16.34 -50.62 13.86
O4 SO4 AB . -15.47 -49.85 16.02
S SO4 BB . 3.07 -22.50 -9.08
O1 SO4 BB . 2.77 -23.42 -7.93
O2 SO4 BB . 4.18 -21.56 -8.69
O3 SO4 BB . 3.50 -23.30 -10.26
O4 SO4 BB . 1.84 -21.71 -9.42
S SO4 CB . 6.85 -30.12 -11.16
O1 SO4 CB . 6.73 -31.61 -10.93
O2 SO4 CB . 7.84 -29.56 -10.17
O3 SO4 CB . 7.33 -29.87 -12.56
O4 SO4 CB . 5.52 -29.48 -10.95
S SO4 DB . 12.52 -35.45 -11.16
O1 SO4 DB . 11.57 -36.45 -11.76
O2 SO4 DB . 13.63 -36.18 -10.46
O3 SO4 DB . 13.09 -34.58 -12.23
O4 SO4 DB . 11.79 -34.60 -10.16
S SO4 EB . -1.47 -24.12 -14.26
O1 SO4 EB . -2.50 -24.86 -13.47
O2 SO4 EB . -1.22 -22.77 -13.66
O3 SO4 EB . -0.19 -24.90 -14.27
O4 SO4 EB . -1.96 -23.96 -15.67
S SO4 FB . 21.25 -34.81 16.47
O1 SO4 FB . 21.93 -36.04 17.02
O2 SO4 FB . 20.65 -35.14 15.13
O3 SO4 FB . 20.17 -34.40 17.42
O4 SO4 FB . 22.25 -33.71 16.31
N1A CMX GB . -16.56 -34.68 27.94
C2A CMX GB . -17.65 -34.99 28.60
N3A CMX GB . -18.64 -35.66 28.04
C4A CMX GB . -18.55 -36.06 26.77
C5A CMX GB . -17.41 -35.76 26.03
C6A CMX GB . -16.40 -35.05 26.65
N6A CMX GB . -15.28 -34.77 26.00
N7A CMX GB . -17.57 -36.27 24.82
C8A CMX GB . -18.76 -36.87 24.77
N9A CMX GB . -19.35 -36.76 25.96
C1B CMX GB . -20.61 -37.45 26.33
C2B CMX GB . -21.81 -36.92 25.55
O2B CMX GB . -22.37 -35.81 26.27
C3B CMX GB . -22.75 -38.12 25.73
O3B CMX GB . -23.21 -38.13 27.08
P3B CMX GB . -24.79 -38.32 27.38
O7A CMX GB . -25.08 -38.38 28.85
O8A CMX GB . -25.54 -37.10 26.64
O9A CMX GB . -25.27 -39.67 26.63
C4B CMX GB . -21.80 -39.30 25.52
O4B CMX GB . -20.50 -38.84 25.96
C5B CMX GB . -21.72 -39.66 24.04
O5B CMX GB . -21.24 -38.52 23.31
P1A CMX GB . -21.55 -38.33 21.74
O1A CMX GB . -22.58 -37.11 21.54
O2A CMX GB . -22.19 -39.66 21.10
O3A CMX GB . -20.13 -38.02 21.04
P2A CMX GB . -19.99 -37.51 19.52
O4A CMX GB . -19.54 -38.74 18.60
O5A CMX GB . -21.39 -36.90 18.99
O6A CMX GB . -18.84 -36.38 19.51
CBP CMX GB . -16.64 -35.58 20.04
CCP CMX GB . -17.47 -36.76 19.51
CDP CMX GB . -15.15 -35.84 19.82
CEP CMX GB . -17.05 -34.32 19.27
CAP CMX GB . -16.94 -35.39 21.52
OAP CMX GB . -16.44 -36.51 22.26
C9P CMX GB . -16.32 -34.10 22.05
O9P CMX GB . -16.89 -33.03 21.92
N8P CMX GB . -15.13 -34.24 22.65
C7P CMX GB . -14.45 -33.07 23.20
C6P CMX GB . -13.92 -32.21 22.04
C5P CMX GB . -12.68 -32.83 21.41
O5P CMX GB . -11.78 -33.29 22.11
N4P CMX GB . -12.66 -32.87 20.08
C3P CMX GB . -11.51 -33.42 19.34
C2P CMX GB . -11.85 -34.77 18.70
C1 CMX GB . -10.73 -35.18 17.74
C2 CMX GB . -10.58 -34.12 16.65
O21 CMX GB . -11.57 -33.91 15.93
O22 CMX GB . -9.47 -33.54 16.57
#